data_4U0G
#
_entry.id   4U0G
#
_cell.length_a   154.748
_cell.length_b   187.673
_cell.length_c   294.029
_cell.angle_alpha   90.000
_cell.angle_beta   90.000
_cell.angle_gamma   90.000
#
_symmetry.space_group_name_H-M   'P 21 21 21'
#
loop_
_entity.id
_entity.type
_entity.pdbx_description
1 polymer 'ATP-dependent Clp protease proteolytic subunit 2'
2 polymer 'ATP-dependent Clp protease proteolytic subunit 1'
3 polymer ADEP-2B5Me
4 non-polymer N-[(benzyloxy)carbonyl]-L-isoleucyl-L-leucine
5 non-polymer 'SULFATE ION'
6 non-polymer 'DIMETHYL SULFOXIDE'
7 non-polymer '(2E,5S)-5-methylhept-2-enoic acid'
8 water water
#
loop_
_entity_poly.entity_id
_entity_poly.type
_entity_poly.pdbx_seq_one_letter_code
_entity_poly.pdbx_strand_id
1 'polypeptide(L)'
;RYILPSFIEHSSFGVKESNPYNKLFEERIIFLGVQVDDASANDIMAQLLVLESLDPDRDITMYINSPGGGFTSLMAIYDT
MQYVRADIQTVCLGQAASAAAVLLAAGTPGKRMALPNARVLIHQPSLSGVIQGQFSDLEIQAAEIERMRTLMETTLARHT
GKDAGVIRKDTDRDKILTAEEAKDYGIIDTVLEYRKLSAQTA
;
A,B,C,D,E,F,G,O,P,Q,R,S,T,U
2 'polypeptide(L)'
;(MSE)RSNSQGLSLTDSVYERLLSERIIFLGSEVNDEIANRLCAQILLLAAEDASKDISLYINSPGGSISAG(MSE)AIY
DT(MSE)VLAPCDIATYA(MSE)G(MSE)AAS(MSE)GEFLLAAGTKGKRYALPHARIL(MSE)HQPLGGVTGSAADIAI
QAEQFAVIKKE(MSE)FRLNAEFTGQPIERIEADSDRDRWFTAAEALEYGFVDHIITRAHVNGEAQ
;
H,I,J,K,L,M,N,V,W,X,Y,Z,a,b
3 'polypeptide(L)' (WFP)TP(3A0)AP c,i,d,e,f,g,h,j,k,l,m,n,o,p
#
# COMPACT_ATOMS: atom_id res chain seq x y z
N ILE A 3 15.65 -49.83 22.26
CA ILE A 3 17.01 -50.32 22.40
C ILE A 3 17.59 -50.70 21.04
N LEU A 4 18.73 -50.11 20.72
CA LEU A 4 19.38 -50.32 19.42
C LEU A 4 20.72 -51.03 19.60
N PRO A 5 20.85 -52.26 19.09
CA PRO A 5 22.09 -52.99 19.33
C PRO A 5 23.25 -52.50 18.47
N SER A 6 24.46 -52.54 19.03
CA SER A 6 25.66 -52.23 18.28
C SER A 6 26.36 -53.53 17.91
N PHE A 7 26.93 -53.57 16.72
CA PHE A 7 27.58 -54.78 16.24
C PHE A 7 29.08 -54.55 16.12
N ILE A 8 29.80 -55.60 15.73
CA ILE A 8 31.26 -55.58 15.73
C ILE A 8 31.81 -56.14 14.42
N GLU A 9 32.78 -55.44 13.86
CA GLU A 9 33.44 -55.84 12.62
C GLU A 9 34.93 -55.90 12.84
N HIS A 10 35.60 -56.76 12.07
CA HIS A 10 37.03 -56.97 12.27
C HIS A 10 37.80 -57.19 10.98
N SER A 11 38.99 -56.62 10.93
CA SER A 11 39.91 -56.79 9.82
C SER A 11 41.32 -56.92 10.39
N SER A 12 42.27 -57.28 9.53
CA SER A 12 43.66 -57.41 9.93
C SER A 12 44.22 -56.13 10.58
N PHE A 13 43.60 -55.00 10.29
CA PHE A 13 44.03 -53.71 10.84
C PHE A 13 43.50 -53.42 12.24
N GLY A 14 42.41 -54.08 12.63
CA GLY A 14 41.83 -53.85 13.94
C GLY A 14 40.38 -54.24 14.06
N VAL A 15 39.79 -53.94 15.21
CA VAL A 15 38.39 -54.22 15.48
C VAL A 15 37.61 -52.92 15.58
N LYS A 16 36.39 -52.92 15.04
CA LYS A 16 35.55 -51.74 15.04
C LYS A 16 34.16 -52.08 15.56
N GLU A 17 33.78 -51.46 16.66
CA GLU A 17 32.43 -51.56 17.20
C GLU A 17 31.64 -50.35 16.75
N SER A 18 30.52 -50.58 16.09
CA SER A 18 29.76 -49.48 15.49
C SER A 18 28.25 -49.63 15.61
N ASN A 19 27.59 -48.48 15.49
CA ASN A 19 26.14 -48.37 15.55
C ASN A 19 25.58 -48.55 14.13
N PRO A 20 24.43 -49.22 14.00
CA PRO A 20 23.82 -49.38 12.66
C PRO A 20 23.75 -48.11 11.84
N TYR A 21 23.40 -46.99 12.47
CA TYR A 21 23.28 -45.72 11.75
C TYR A 21 24.64 -45.19 11.32
N ASN A 22 25.68 -45.54 12.07
CA ASN A 22 27.04 -45.17 11.70
C ASN A 22 27.49 -45.95 10.47
N LYS A 23 27.08 -47.20 10.40
CA LYS A 23 27.40 -48.06 9.26
C LYS A 23 26.72 -47.54 8.00
N LEU A 24 25.52 -47.02 8.16
CA LEU A 24 24.79 -46.44 7.04
C LEU A 24 25.51 -45.20 6.54
N PHE A 25 25.95 -44.35 7.46
CA PHE A 25 26.65 -43.12 7.10
C PHE A 25 28.02 -43.43 6.51
N GLU A 26 28.59 -44.56 6.92
CA GLU A 26 29.85 -45.02 6.36
C GLU A 26 29.69 -45.38 4.88
N GLU A 27 28.47 -45.79 4.54
CA GLU A 27 28.11 -46.16 3.17
C GLU A 27 27.51 -44.97 2.41
N ARG A 28 27.61 -43.78 3.01
CA ARG A 28 27.11 -42.54 2.42
C ARG A 28 25.59 -42.49 2.40
N ILE A 29 24.97 -43.01 3.46
CA ILE A 29 23.51 -42.99 3.60
C ILE A 29 23.09 -42.10 4.75
N ILE A 30 22.43 -40.99 4.43
CA ILE A 30 21.83 -40.12 5.43
C ILE A 30 20.40 -40.57 5.67
N PHE A 31 20.02 -40.68 6.94
CA PHE A 31 18.71 -41.17 7.31
C PHE A 31 17.87 -40.06 7.92
N LEU A 32 16.80 -39.68 7.22
CA LEU A 32 15.82 -38.77 7.77
C LEU A 32 14.62 -39.57 8.21
N GLY A 33 14.52 -39.78 9.53
CA GLY A 33 13.49 -40.63 10.12
C GLY A 33 12.46 -39.88 10.90
N VAL A 34 12.61 -38.56 10.97
CA VAL A 34 11.86 -37.73 11.88
C VAL A 34 11.28 -36.51 11.19
N GLN A 35 10.41 -35.79 11.90
CA GLN A 35 9.85 -34.55 11.40
C GLN A 35 10.96 -33.56 11.08
N VAL A 36 10.74 -32.74 10.07
CA VAL A 36 11.72 -31.74 9.68
C VAL A 36 11.61 -30.52 10.59
N ASP A 37 12.68 -30.21 11.29
CA ASP A 37 12.74 -29.02 12.13
C ASP A 37 14.15 -28.47 12.10
N ASP A 38 14.39 -27.38 12.81
CA ASP A 38 15.71 -26.76 12.82
C ASP A 38 16.76 -27.75 13.31
N ALA A 39 16.41 -28.55 14.30
CA ALA A 39 17.33 -29.54 14.83
C ALA A 39 17.65 -30.59 13.77
N SER A 40 16.61 -31.19 13.20
CA SER A 40 16.77 -32.21 12.18
C SER A 40 17.45 -31.64 10.95
N ALA A 41 17.09 -30.40 10.61
CA ALA A 41 17.65 -29.74 9.43
C ALA A 41 19.15 -29.51 9.59
N ASN A 42 19.54 -28.95 10.72
CA ASN A 42 20.94 -28.67 10.99
C ASN A 42 21.78 -29.95 10.95
N ASP A 43 21.23 -31.03 11.49
CA ASP A 43 21.93 -32.31 11.50
C ASP A 43 22.10 -32.87 10.09
N ILE A 44 21.06 -32.73 9.27
CA ILE A 44 21.10 -33.25 7.90
C ILE A 44 22.05 -32.44 7.03
N MET A 45 22.04 -31.12 7.19
CA MET A 45 22.94 -30.26 6.42
C MET A 45 24.38 -30.58 6.77
N ALA A 46 24.65 -30.77 8.05
CA ALA A 46 25.99 -31.14 8.50
C ALA A 46 26.42 -32.45 7.86
N GLN A 47 25.54 -33.44 7.86
CA GLN A 47 25.84 -34.72 7.26
C GLN A 47 26.12 -34.61 5.77
N LEU A 48 25.32 -33.81 5.07
CA LEU A 48 25.50 -33.63 3.63
C LEU A 48 26.83 -32.99 3.31
N LEU A 49 27.18 -31.93 4.02
CA LEU A 49 28.42 -31.20 3.77
C LEU A 49 29.65 -32.02 4.13
N VAL A 50 29.49 -32.96 5.04
CA VAL A 50 30.60 -33.84 5.40
C VAL A 50 30.87 -34.82 4.26
N LEU A 51 29.84 -35.49 3.79
CA LEU A 51 29.99 -36.44 2.70
C LEU A 51 30.51 -35.74 1.45
N GLU A 52 30.19 -34.47 1.33
CA GLU A 52 30.76 -33.62 0.28
C GLU A 52 32.26 -33.53 0.46
N SER A 53 32.69 -33.25 1.68
CA SER A 53 34.10 -33.06 1.98
C SER A 53 34.91 -34.33 1.75
N LEU A 54 34.37 -35.46 2.21
CA LEU A 54 35.10 -36.72 2.15
C LEU A 54 35.30 -37.21 0.71
N ASP A 55 34.20 -37.36 -0.03
CA ASP A 55 34.27 -37.80 -1.41
C ASP A 55 33.23 -37.08 -2.27
N PRO A 56 33.56 -35.89 -2.78
CA PRO A 56 32.58 -35.10 -3.54
C PRO A 56 32.11 -35.76 -4.83
N ASP A 57 32.84 -36.75 -5.33
CA ASP A 57 32.50 -37.40 -6.58
C ASP A 57 31.50 -38.54 -6.43
N ARG A 58 31.34 -39.02 -5.19
CA ARG A 58 30.48 -40.17 -4.93
C ARG A 58 29.07 -39.75 -4.53
N ASP A 59 28.08 -40.47 -5.02
CA ASP A 59 26.68 -40.18 -4.74
C ASP A 59 26.38 -40.25 -3.26
N ILE A 60 25.45 -39.40 -2.82
CA ILE A 60 24.95 -39.41 -1.45
C ILE A 60 23.54 -39.97 -1.46
N THR A 61 23.21 -40.77 -0.45
CA THR A 61 21.91 -41.40 -0.38
C THR A 61 21.12 -40.88 0.80
N MET A 62 19.85 -40.54 0.55
CA MET A 62 18.95 -40.07 1.59
C MET A 62 17.75 -40.98 1.71
N TYR A 63 17.66 -41.68 2.85
CA TYR A 63 16.47 -42.47 3.17
C TYR A 63 15.49 -41.58 3.90
N ILE A 64 14.26 -41.53 3.41
CA ILE A 64 13.26 -40.62 3.93
C ILE A 64 12.05 -41.37 4.47
N ASN A 65 11.89 -41.30 5.78
CA ASN A 65 10.60 -41.59 6.40
C ASN A 65 10.29 -40.42 7.33
N SER A 66 9.35 -39.57 6.92
CA SER A 66 9.08 -38.35 7.68
C SER A 66 7.64 -37.87 7.57
N PRO A 67 7.09 -37.29 8.65
CA PRO A 67 5.79 -36.61 8.57
C PRO A 67 5.83 -35.30 7.80
N GLY A 68 7.04 -34.77 7.59
CA GLY A 68 7.19 -33.43 7.06
C GLY A 68 7.57 -32.48 8.17
N GLY A 69 7.51 -31.18 7.90
CA GLY A 69 7.88 -30.21 8.90
C GLY A 69 7.89 -28.78 8.41
N GLY A 70 8.62 -27.92 9.13
CA GLY A 70 8.63 -26.49 8.86
C GLY A 70 9.15 -26.17 7.47
N PHE A 71 8.77 -25.01 6.97
CA PHE A 71 9.14 -24.59 5.62
C PHE A 71 10.59 -24.15 5.55
N THR A 72 11.00 -23.29 6.47
CA THR A 72 12.38 -22.80 6.51
C THR A 72 13.34 -23.96 6.72
N SER A 73 12.95 -24.92 7.55
CA SER A 73 13.79 -26.08 7.81
C SER A 73 13.92 -26.91 6.54
N LEU A 74 12.85 -26.98 5.77
CA LEU A 74 12.87 -27.72 4.51
C LEU A 74 13.79 -27.08 3.49
N MET A 75 13.71 -25.77 3.34
CA MET A 75 14.49 -25.08 2.34
C MET A 75 15.97 -25.09 2.73
N ALA A 76 16.24 -25.23 4.01
CA ALA A 76 17.61 -25.38 4.48
C ALA A 76 18.19 -26.67 3.95
N ILE A 77 17.43 -27.75 4.10
CA ILE A 77 17.84 -29.06 3.61
C ILE A 77 17.85 -29.08 2.08
N TYR A 78 16.84 -28.47 1.47
CA TYR A 78 16.72 -28.48 0.02
C TYR A 78 17.92 -27.82 -0.66
N ASP A 79 18.25 -26.61 -0.23
CA ASP A 79 19.38 -25.88 -0.80
C ASP A 79 20.69 -26.66 -0.67
N THR A 80 20.88 -27.29 0.48
CA THR A 80 22.09 -28.04 0.73
C THR A 80 22.16 -29.26 -0.19
N MET A 81 21.03 -29.92 -0.40
CA MET A 81 20.99 -31.05 -1.31
C MET A 81 21.42 -30.63 -2.71
N GLN A 82 20.86 -29.52 -3.18
CA GLN A 82 21.12 -29.03 -4.52
C GLN A 82 22.50 -28.41 -4.65
N TYR A 83 23.01 -27.85 -3.56
CA TYR A 83 24.32 -27.20 -3.59
C TYR A 83 25.44 -28.21 -3.79
N VAL A 84 25.39 -29.28 -3.00
CA VAL A 84 26.45 -30.28 -3.00
C VAL A 84 26.77 -30.76 -4.40
N ARG A 85 28.07 -30.88 -4.67
CA ARG A 85 28.58 -31.22 -5.99
C ARG A 85 28.16 -32.66 -6.34
N ALA A 86 28.13 -33.54 -5.36
CA ALA A 86 27.69 -34.93 -5.53
C ALA A 86 26.19 -35.07 -5.84
N ASP A 87 25.83 -36.05 -6.66
CA ASP A 87 24.44 -36.39 -6.91
C ASP A 87 23.79 -36.93 -5.65
N ILE A 88 22.47 -36.79 -5.53
CA ILE A 88 21.74 -37.26 -4.36
C ILE A 88 20.62 -38.23 -4.74
N GLN A 89 20.69 -39.43 -4.18
CA GLN A 89 19.66 -40.44 -4.35
C GLN A 89 18.69 -40.35 -3.19
N THR A 90 17.40 -40.34 -3.49
CA THR A 90 16.37 -40.29 -2.46
C THR A 90 15.52 -41.56 -2.48
N VAL A 91 15.32 -42.13 -1.30
CA VAL A 91 14.52 -43.34 -1.14
C VAL A 91 13.48 -43.14 -0.05
N CYS A 92 12.22 -43.46 -0.34
CA CYS A 92 11.14 -43.26 0.61
C CYS A 92 10.73 -44.57 1.27
N LEU A 93 10.77 -44.59 2.60
CA LEU A 93 10.34 -45.75 3.38
C LEU A 93 9.14 -45.45 4.26
N GLY A 94 7.99 -45.99 3.85
CA GLY A 94 6.80 -45.99 4.68
C GLY A 94 5.99 -44.72 4.56
N GLN A 95 6.67 -43.60 4.29
CA GLN A 95 6.02 -42.37 3.86
C GLN A 95 7.00 -41.23 3.64
N ALA A 96 6.57 -40.27 2.82
CA ALA A 96 7.17 -38.95 2.79
C ALA A 96 6.02 -37.97 2.67
N ALA A 97 5.84 -37.12 3.68
CA ALA A 97 4.66 -36.28 3.75
C ALA A 97 5.01 -34.81 3.82
N SER A 98 4.21 -34.00 3.15
CA SER A 98 4.37 -32.55 3.17
C SER A 98 5.78 -32.16 2.76
N ALA A 99 6.52 -31.54 3.67
CA ALA A 99 7.89 -31.12 3.40
C ALA A 99 8.75 -32.26 2.88
N ALA A 100 8.60 -33.44 3.47
CA ALA A 100 9.43 -34.59 3.13
C ALA A 100 9.20 -35.05 1.69
N ALA A 101 7.99 -34.82 1.18
CA ALA A 101 7.66 -35.19 -0.18
C ALA A 101 8.43 -34.35 -1.17
N VAL A 102 8.67 -33.10 -0.80
CA VAL A 102 9.46 -32.20 -1.63
C VAL A 102 10.91 -32.64 -1.65
N LEU A 103 11.43 -33.01 -0.49
CA LEU A 103 12.81 -33.48 -0.37
C LEU A 103 12.98 -34.78 -1.15
N LEU A 104 11.96 -35.63 -1.11
CA LEU A 104 11.98 -36.88 -1.85
C LEU A 104 12.09 -36.59 -3.34
N ALA A 105 11.32 -35.60 -3.79
CA ALA A 105 11.28 -35.22 -5.20
C ALA A 105 12.49 -34.40 -5.61
N ALA A 106 13.22 -33.85 -4.63
CA ALA A 106 14.32 -32.95 -4.91
C ALA A 106 15.62 -33.68 -5.23
N GLY A 107 15.60 -35.00 -5.16
CA GLY A 107 16.75 -35.79 -5.53
C GLY A 107 17.08 -35.61 -7.00
N THR A 108 18.30 -35.96 -7.39
CA THR A 108 18.70 -35.78 -8.78
C THR A 108 17.92 -36.76 -9.65
N PRO A 109 17.51 -36.34 -10.86
CA PRO A 109 16.69 -37.16 -11.75
C PRO A 109 17.23 -38.56 -12.00
N GLY A 110 16.33 -39.53 -11.94
CA GLY A 110 16.64 -40.93 -12.20
C GLY A 110 17.02 -41.68 -10.94
N LYS A 111 17.49 -40.93 -9.94
CA LYS A 111 17.92 -41.52 -8.68
C LYS A 111 16.87 -41.44 -7.57
N ARG A 112 15.68 -40.91 -7.88
CA ARG A 112 14.58 -40.85 -6.92
C ARG A 112 13.73 -42.12 -6.98
N MET A 113 13.59 -42.80 -5.84
CA MET A 113 12.87 -44.06 -5.79
C MET A 113 12.14 -44.24 -4.45
N ALA A 114 11.27 -45.25 -4.39
CA ALA A 114 10.54 -45.57 -3.16
C ALA A 114 10.24 -47.05 -3.09
N LEU A 115 9.92 -47.53 -1.88
CA LEU A 115 9.51 -48.91 -1.68
C LEU A 115 8.04 -49.03 -2.07
N PRO A 116 7.61 -50.25 -2.45
CA PRO A 116 6.28 -50.42 -3.05
C PRO A 116 5.11 -49.97 -2.17
N ASN A 117 5.15 -50.28 -0.88
CA ASN A 117 4.05 -49.94 0.01
C ASN A 117 4.22 -48.59 0.70
N ALA A 118 5.29 -47.88 0.34
CA ALA A 118 5.46 -46.52 0.83
C ALA A 118 4.41 -45.63 0.19
N ARG A 119 4.08 -44.52 0.85
CA ARG A 119 3.10 -43.57 0.34
C ARG A 119 3.60 -42.14 0.42
N VAL A 120 3.01 -41.25 -0.36
CA VAL A 120 3.45 -39.85 -0.40
C VAL A 120 2.29 -38.87 -0.28
N LEU A 121 2.44 -37.92 0.62
CA LEU A 121 1.42 -36.90 0.84
C LEU A 121 1.90 -35.54 0.33
N ILE A 122 1.01 -34.85 -0.39
CA ILE A 122 1.24 -33.49 -0.82
C ILE A 122 0.05 -32.63 -0.41
N HIS A 123 0.32 -31.54 0.29
CA HIS A 123 -0.72 -30.56 0.53
C HIS A 123 -0.11 -29.18 0.64
N GLN A 124 -0.97 -28.17 0.54
CA GLN A 124 -0.52 -26.79 0.63
C GLN A 124 -0.11 -26.51 2.06
N PRO A 125 0.78 -25.52 2.26
CA PRO A 125 1.18 -25.14 3.61
C PRO A 125 0.00 -24.81 4.50
N SER A 126 0.06 -25.28 5.75
CA SER A 126 -1.02 -25.05 6.70
C SER A 126 -0.48 -24.53 8.01
N LEU A 127 -1.32 -23.81 8.73
CA LEU A 127 -0.98 -23.30 10.04
C LEU A 127 -1.95 -23.90 11.05
N SER A 128 -1.42 -24.74 11.93
CA SER A 128 -2.26 -25.49 12.87
C SER A 128 -2.81 -24.59 13.97
N GLY A 129 -1.96 -23.72 14.49
CA GLY A 129 -2.35 -22.81 15.56
C GLY A 129 -3.00 -21.55 15.03
N VAL A 130 -3.11 -20.55 15.89
CA VAL A 130 -3.65 -19.26 15.52
C VAL A 130 -2.65 -18.17 15.86
N ILE A 131 -2.37 -17.32 14.88
CA ILE A 131 -1.50 -16.17 15.09
C ILE A 131 -2.35 -14.90 15.09
N GLN A 132 -2.14 -14.06 16.10
CA GLN A 132 -2.97 -12.88 16.31
C GLN A 132 -2.16 -11.60 16.24
N GLY A 133 -2.85 -10.49 15.96
CA GLY A 133 -2.22 -9.19 15.89
C GLY A 133 -3.08 -8.21 15.13
N GLN A 134 -2.56 -7.00 14.94
CA GLN A 134 -3.25 -5.99 14.16
C GLN A 134 -3.31 -6.45 12.71
N PHE A 135 -4.29 -5.95 11.97
CA PHE A 135 -4.47 -6.37 10.58
C PHE A 135 -3.21 -6.14 9.76
N SER A 136 -2.45 -5.11 10.12
CA SER A 136 -1.20 -4.82 9.42
C SER A 136 -0.22 -5.98 9.55
N ASP A 137 -0.16 -6.58 10.75
CA ASP A 137 0.73 -7.70 10.99
C ASP A 137 0.22 -8.93 10.25
N LEU A 138 -1.07 -9.17 10.33
CA LEU A 138 -1.69 -10.32 9.67
C LEU A 138 -1.61 -10.20 8.17
N GLU A 139 -1.71 -8.97 7.67
CA GLU A 139 -1.62 -8.71 6.24
C GLU A 139 -0.27 -9.17 5.72
N ILE A 140 0.76 -8.98 6.53
CA ILE A 140 2.12 -9.37 6.18
C ILE A 140 2.30 -10.87 6.29
N GLN A 141 1.76 -11.45 7.36
CA GLN A 141 1.85 -12.89 7.55
C GLN A 141 1.13 -13.61 6.43
N ALA A 142 -0.06 -13.13 6.09
CA ALA A 142 -0.84 -13.73 5.02
C ALA A 142 -0.09 -13.62 3.70
N ALA A 143 0.61 -12.51 3.52
CA ALA A 143 1.40 -12.29 2.31
C ALA A 143 2.57 -13.26 2.24
N GLU A 144 3.24 -13.45 3.36
CA GLU A 144 4.38 -14.35 3.44
C GLU A 144 3.95 -15.79 3.21
N ILE A 145 2.83 -16.16 3.83
CA ILE A 145 2.31 -17.51 3.70
C ILE A 145 2.00 -17.84 2.24
N GLU A 146 1.52 -16.85 1.50
CA GLU A 146 1.22 -17.06 0.09
C GLU A 146 2.51 -17.23 -0.69
N ARG A 147 3.56 -16.54 -0.29
CA ARG A 147 4.86 -16.66 -0.94
C ARG A 147 5.41 -18.07 -0.77
N MET A 148 5.28 -18.58 0.46
CA MET A 148 5.79 -19.91 0.77
C MET A 148 4.97 -20.99 0.07
N ARG A 149 3.67 -20.76 -0.06
CA ARG A 149 2.83 -21.67 -0.81
C ARG A 149 3.30 -21.72 -2.24
N THR A 150 3.35 -20.56 -2.88
CA THR A 150 3.77 -20.47 -4.27
C THR A 150 5.19 -20.97 -4.48
N LEU A 151 6.05 -20.77 -3.48
CA LEU A 151 7.44 -21.21 -3.58
C LEU A 151 7.53 -22.72 -3.50
N MET A 152 6.64 -23.33 -2.74
CA MET A 152 6.57 -24.78 -2.67
C MET A 152 6.09 -25.34 -4.00
N GLU A 153 5.19 -24.60 -4.64
CA GLU A 153 4.63 -25.02 -5.92
C GLU A 153 5.66 -24.98 -7.04
N THR A 154 6.48 -23.93 -7.08
CA THR A 154 7.50 -23.83 -8.12
C THR A 154 8.54 -24.93 -7.99
N THR A 155 9.00 -25.19 -6.78
CA THR A 155 10.01 -26.22 -6.55
C THR A 155 9.49 -27.60 -6.91
N LEU A 156 8.27 -27.90 -6.49
CA LEU A 156 7.64 -29.17 -6.83
C LEU A 156 7.42 -29.26 -8.33
N ALA A 157 7.17 -28.12 -8.95
CA ALA A 157 6.84 -28.08 -10.38
C ALA A 157 8.03 -28.51 -11.24
N ARG A 158 9.21 -27.98 -10.95
CA ARG A 158 10.37 -28.22 -11.81
C ARG A 158 10.97 -29.60 -11.59
N HIS A 159 10.81 -30.13 -10.38
CA HIS A 159 11.33 -31.46 -10.08
C HIS A 159 10.40 -32.56 -10.58
N THR A 160 9.09 -32.32 -10.48
CA THR A 160 8.11 -33.27 -10.99
C THR A 160 7.92 -33.14 -12.49
N GLY A 161 8.11 -31.93 -13.00
CA GLY A 161 7.90 -31.65 -14.42
C GLY A 161 6.54 -31.06 -14.69
N LYS A 162 5.66 -31.12 -13.69
CA LYS A 162 4.32 -30.56 -13.81
C LYS A 162 4.38 -29.04 -13.81
N ASP A 163 3.33 -28.40 -14.31
CA ASP A 163 3.23 -26.95 -14.27
C ASP A 163 2.88 -26.48 -12.86
N ALA A 164 3.36 -25.29 -12.50
CA ALA A 164 3.11 -24.73 -11.18
C ALA A 164 1.63 -24.61 -10.89
N GLY A 165 0.85 -24.34 -11.92
CA GLY A 165 -0.59 -24.20 -11.79
C GLY A 165 -1.26 -25.52 -11.42
N VAL A 166 -0.76 -26.60 -11.98
CA VAL A 166 -1.30 -27.93 -11.72
C VAL A 166 -1.05 -28.35 -10.29
N ILE A 167 0.18 -28.11 -9.82
CA ILE A 167 0.56 -28.43 -8.45
C ILE A 167 -0.39 -27.72 -7.49
N ARG A 168 -0.60 -26.43 -7.72
CA ARG A 168 -1.46 -25.62 -6.87
C ARG A 168 -2.86 -26.22 -6.82
N LYS A 169 -3.33 -26.75 -7.95
CA LYS A 169 -4.66 -27.33 -8.02
C LYS A 169 -4.71 -28.64 -7.24
N ASP A 170 -3.68 -29.45 -7.40
CA ASP A 170 -3.63 -30.75 -6.75
C ASP A 170 -3.39 -30.63 -5.25
N THR A 171 -2.66 -29.60 -4.84
CA THR A 171 -2.32 -29.43 -3.43
C THR A 171 -3.39 -28.69 -2.63
N ASP A 172 -4.41 -28.19 -3.31
CA ASP A 172 -5.51 -27.50 -2.63
C ASP A 172 -6.10 -28.39 -1.55
N ARG A 173 -6.24 -29.67 -1.87
CA ARG A 173 -6.64 -30.68 -0.89
C ARG A 173 -5.53 -31.71 -0.77
N ASP A 174 -5.44 -32.35 0.39
CA ASP A 174 -4.42 -33.37 0.61
C ASP A 174 -4.52 -34.46 -0.44
N LYS A 175 -3.40 -34.78 -1.08
CA LYS A 175 -3.36 -35.82 -2.09
C LYS A 175 -2.40 -36.92 -1.67
N ILE A 176 -2.95 -38.09 -1.38
CA ILE A 176 -2.15 -39.23 -0.98
C ILE A 176 -1.81 -40.04 -2.22
N LEU A 177 -0.54 -40.42 -2.35
CA LEU A 177 -0.05 -41.15 -3.50
C LEU A 177 0.65 -42.43 -3.08
N THR A 178 0.32 -43.54 -3.74
CA THR A 178 1.04 -44.78 -3.55
C THR A 178 2.39 -44.67 -4.25
N ALA A 179 3.19 -45.72 -4.18
CA ALA A 179 4.49 -45.70 -4.82
C ALA A 179 4.34 -45.49 -6.32
N GLU A 180 3.50 -46.30 -6.96
CA GLU A 180 3.28 -46.19 -8.40
C GLU A 180 2.66 -44.86 -8.77
N GLU A 181 1.73 -44.39 -7.95
CA GLU A 181 1.07 -43.11 -8.21
C GLU A 181 2.05 -41.96 -8.08
N ALA A 182 3.04 -42.10 -7.21
CA ALA A 182 4.05 -41.08 -7.03
C ALA A 182 5.00 -41.07 -8.21
N LYS A 183 5.21 -42.25 -8.80
CA LYS A 183 6.06 -42.37 -9.98
C LYS A 183 5.42 -41.68 -11.17
N ASP A 184 4.11 -41.90 -11.34
CA ASP A 184 3.36 -41.30 -12.44
C ASP A 184 3.32 -39.79 -12.28
N TYR A 185 3.28 -39.34 -11.03
CA TYR A 185 3.19 -37.92 -10.75
C TYR A 185 4.51 -37.23 -11.06
N GLY A 186 5.60 -38.00 -10.97
CA GLY A 186 6.93 -37.49 -11.26
C GLY A 186 7.73 -37.17 -10.01
N ILE A 187 7.22 -37.61 -8.86
CA ILE A 187 7.91 -37.39 -7.59
C ILE A 187 9.07 -38.36 -7.43
N ILE A 188 8.89 -39.60 -7.87
CA ILE A 188 9.97 -40.58 -7.89
C ILE A 188 10.11 -41.17 -9.28
N ASP A 189 11.32 -41.60 -9.61
CA ASP A 189 11.60 -42.18 -10.92
C ASP A 189 11.23 -43.64 -11.03
N THR A 190 11.47 -44.40 -9.97
CA THR A 190 11.22 -45.84 -9.98
C THR A 190 10.72 -46.36 -8.64
N VAL A 191 10.16 -47.57 -8.67
CA VAL A 191 9.69 -48.25 -7.46
C VAL A 191 10.53 -49.50 -7.24
N LEU A 192 11.16 -49.60 -6.09
CA LEU A 192 12.03 -50.73 -5.80
C LEU A 192 11.24 -52.03 -5.78
N GLU A 193 11.83 -53.07 -6.37
CA GLU A 193 11.23 -54.39 -6.38
C GLU A 193 11.97 -55.27 -5.39
N TYR A 194 11.26 -56.18 -4.74
CA TYR A 194 11.87 -57.07 -3.76
C TYR A 194 12.99 -57.89 -4.37
N ARG A 195 14.13 -57.90 -3.69
CA ARG A 195 15.34 -58.56 -4.16
C ARG A 195 15.50 -59.98 -3.62
N LYS A 196 14.48 -60.50 -2.94
CA LYS A 196 14.64 -61.77 -2.24
C LYS A 196 14.96 -62.95 -3.14
N LEU A 197 15.73 -63.88 -2.58
CA LEU A 197 16.21 -65.07 -3.28
C LEU A 197 15.13 -66.15 -3.33
N SER A 198 14.48 -66.37 -2.19
CA SER A 198 13.44 -67.39 -2.10
C SER A 198 12.26 -67.09 -3.03
N ALA A 199 12.04 -65.80 -3.29
CA ALA A 199 10.99 -65.39 -4.22
C ALA A 199 11.56 -65.20 -5.63
N TYR B 2 16.31 -37.73 15.76
CA TYR B 2 17.05 -37.15 16.86
C TYR B 2 18.36 -37.90 17.08
N ILE B 3 18.95 -38.37 16.00
CA ILE B 3 20.18 -39.17 16.05
C ILE B 3 21.16 -38.70 14.98
N LEU B 4 22.38 -38.36 15.41
CA LEU B 4 23.41 -37.84 14.50
C LEU B 4 24.57 -38.82 14.39
N PRO B 5 24.82 -39.37 13.20
CA PRO B 5 25.87 -40.38 13.11
C PRO B 5 27.26 -39.79 13.17
N SER B 6 28.19 -40.51 13.78
CA SER B 6 29.59 -40.13 13.81
C SER B 6 30.33 -40.96 12.77
N PHE B 7 31.30 -40.34 12.11
CA PHE B 7 32.04 -41.00 11.05
C PHE B 7 33.48 -41.22 11.48
N ILE B 8 34.26 -41.85 10.61
CA ILE B 8 35.61 -42.26 10.96
C ILE B 8 36.59 -41.89 9.85
N GLU B 9 37.72 -41.34 10.27
CA GLU B 9 38.79 -40.94 9.36
C GLU B 9 40.08 -41.60 9.80
N HIS B 10 40.96 -41.85 8.84
CA HIS B 10 42.20 -42.57 9.14
C HIS B 10 43.36 -42.05 8.31
N SER B 11 44.51 -41.95 8.95
CA SER B 11 45.75 -41.55 8.31
C SER B 11 46.88 -42.41 8.86
N SER B 12 48.05 -42.31 8.23
CA SER B 12 49.22 -43.04 8.69
C SER B 12 49.55 -42.73 10.14
N PHE B 13 49.09 -41.58 10.62
CA PHE B 13 49.34 -41.16 11.99
C PHE B 13 48.36 -41.75 13.00
N GLY B 14 47.20 -42.19 12.53
CA GLY B 14 46.22 -42.78 13.43
C GLY B 14 44.80 -42.76 12.90
N VAL B 15 43.86 -43.18 13.74
CA VAL B 15 42.44 -43.19 13.40
C VAL B 15 41.69 -42.17 14.25
N LYS B 16 40.74 -41.48 13.62
CA LYS B 16 39.98 -40.41 14.27
C LYS B 16 38.48 -40.59 14.09
N GLU B 17 37.76 -40.76 15.21
CA GLU B 17 36.31 -40.79 15.20
C GLU B 17 35.74 -39.44 15.62
N SER B 18 34.92 -38.82 14.77
CA SER B 18 34.40 -37.48 15.04
C SER B 18 32.97 -37.30 14.54
N ASN B 19 32.26 -36.35 15.15
CA ASN B 19 30.90 -36.00 14.74
C ASN B 19 30.95 -34.92 13.66
N PRO B 20 29.92 -34.84 12.81
CA PRO B 20 29.89 -33.80 11.78
C PRO B 20 30.22 -32.40 12.30
N TYR B 21 29.71 -32.04 13.47
CA TYR B 21 29.93 -30.68 13.99
C TYR B 21 31.36 -30.40 14.40
N ASN B 22 32.10 -31.44 14.82
CA ASN B 22 33.52 -31.26 15.12
C ASN B 22 34.32 -31.03 13.86
N LYS B 23 33.93 -31.74 12.81
CA LYS B 23 34.58 -31.60 11.51
C LYS B 23 34.34 -30.20 10.96
N LEU B 24 33.16 -29.65 11.20
CA LEU B 24 32.86 -28.30 10.78
C LEU B 24 33.74 -27.31 11.54
N PHE B 25 33.84 -27.50 12.85
CA PHE B 25 34.65 -26.62 13.67
C PHE B 25 36.13 -26.78 13.34
N GLU B 26 36.50 -27.97 12.88
CA GLU B 26 37.87 -28.25 12.43
C GLU B 26 38.19 -27.42 11.20
N GLU B 27 37.15 -27.11 10.42
CA GLU B 27 37.27 -26.31 9.21
C GLU B 27 37.00 -24.82 9.49
N ARG B 28 36.93 -24.46 10.76
CA ARG B 28 36.69 -23.08 11.18
C ARG B 28 35.27 -22.63 10.88
N ILE B 29 34.31 -23.54 11.07
CA ILE B 29 32.89 -23.23 10.87
C ILE B 29 32.11 -23.30 12.18
N ILE B 30 31.64 -22.15 12.63
CA ILE B 30 30.74 -22.08 13.78
C ILE B 30 29.30 -22.14 13.28
N PHE B 31 28.49 -22.98 13.93
CA PHE B 31 27.11 -23.19 13.51
C PHE B 31 26.14 -22.62 14.53
N LEU B 32 25.39 -21.60 14.12
CA LEU B 32 24.31 -21.09 14.95
C LEU B 32 23.00 -21.61 14.38
N GLY B 33 22.44 -22.62 15.04
CA GLY B 33 21.26 -23.32 14.57
C GLY B 33 20.02 -23.09 15.41
N VAL B 34 20.16 -22.32 16.47
CA VAL B 34 19.13 -22.21 17.50
C VAL B 34 18.85 -20.76 17.84
N GLN B 35 17.81 -20.54 18.62
CA GLN B 35 17.49 -19.19 19.10
C GLN B 35 18.66 -18.62 19.88
N VAL B 36 18.86 -17.32 19.77
CA VAL B 36 19.94 -16.67 20.48
C VAL B 36 19.53 -16.44 21.93
N ASP B 37 20.27 -17.04 22.85
CA ASP B 37 20.02 -16.87 24.28
C ASP B 37 21.34 -16.87 25.03
N ASP B 38 21.28 -16.76 26.35
CA ASP B 38 22.48 -16.71 27.17
C ASP B 38 23.33 -17.95 26.94
N ALA B 39 22.67 -19.09 26.80
CA ALA B 39 23.37 -20.35 26.56
C ALA B 39 24.06 -20.35 25.20
N SER B 40 23.29 -20.05 24.16
CA SER B 40 23.81 -20.03 22.80
C SER B 40 24.88 -18.97 22.59
N ALA B 41 24.70 -17.81 23.21
CA ALA B 41 25.64 -16.71 23.07
C ALA B 41 26.99 -17.07 23.63
N ASN B 42 27.00 -17.57 24.85
CA ASN B 42 28.25 -17.94 25.52
C ASN B 42 29.01 -19.00 24.73
N ASP B 43 28.28 -19.95 24.15
CA ASP B 43 28.89 -21.02 23.36
C ASP B 43 29.55 -20.49 22.10
N ILE B 44 28.89 -19.56 21.43
CA ILE B 44 29.42 -19.00 20.19
C ILE B 44 30.63 -18.11 20.47
N MET B 45 30.57 -17.33 21.53
CA MET B 45 31.69 -16.47 21.90
C MET B 45 32.91 -17.32 22.20
N ALA B 46 32.70 -18.42 22.93
CA ALA B 46 33.77 -19.34 23.25
C ALA B 46 34.40 -19.86 21.97
N GLN B 47 33.55 -20.29 21.03
CA GLN B 47 34.01 -20.81 19.76
C GLN B 47 34.77 -19.75 18.98
N LEU B 48 34.27 -18.52 18.99
CA LEU B 48 34.92 -17.43 18.28
C LEU B 48 36.31 -17.16 18.85
N LEU B 49 36.41 -17.08 20.17
CA LEU B 49 37.68 -16.79 20.82
C LEU B 49 38.69 -17.92 20.68
N VAL B 50 38.19 -19.15 20.52
CA VAL B 50 39.08 -20.28 20.30
C VAL B 50 39.68 -20.22 18.91
N LEU B 51 38.83 -20.05 17.90
CA LEU B 51 39.30 -19.97 16.53
C LEU B 51 40.23 -18.77 16.37
N GLU B 52 40.03 -17.75 17.20
CA GLU B 52 40.95 -16.63 17.28
C GLU B 52 42.31 -17.12 17.76
N SER B 53 42.28 -17.91 18.83
CA SER B 53 43.51 -18.41 19.45
C SER B 53 44.30 -19.32 18.52
N LEU B 54 43.60 -20.22 17.86
CA LEU B 54 44.26 -21.22 17.02
C LEU B 54 44.96 -20.61 15.82
N ASP B 55 44.22 -19.86 15.01
CA ASP B 55 44.79 -19.22 13.82
C ASP B 55 44.20 -17.82 13.60
N PRO B 56 44.76 -16.79 14.25
CA PRO B 56 44.15 -15.45 14.15
C PRO B 56 44.14 -14.86 12.74
N ASP B 57 44.96 -15.38 11.84
CA ASP B 57 45.04 -14.85 10.48
C ASP B 57 44.02 -15.48 9.53
N ARG B 58 43.43 -16.60 9.93
CA ARG B 58 42.48 -17.32 9.07
C ARG B 58 41.05 -16.88 9.35
N ASP B 59 40.26 -16.74 8.30
CA ASP B 59 38.87 -16.33 8.42
C ASP B 59 38.06 -17.32 9.24
N ILE B 60 37.06 -16.80 9.94
CA ILE B 60 36.10 -17.61 10.68
C ILE B 60 34.77 -17.59 9.95
N THR B 61 34.09 -18.73 9.92
CA THR B 61 32.83 -18.86 9.20
C THR B 61 31.68 -19.11 10.17
N MET B 62 30.60 -18.38 9.98
CA MET B 62 29.39 -18.54 10.80
C MET B 62 28.20 -18.93 9.94
N TYR B 63 27.70 -20.15 10.14
CA TYR B 63 26.48 -20.60 9.51
C TYR B 63 25.29 -20.24 10.39
N ILE B 64 24.33 -19.53 9.81
CA ILE B 64 23.19 -19.03 10.58
C ILE B 64 21.87 -19.57 10.08
N ASN B 65 21.24 -20.39 10.90
CA ASN B 65 19.82 -20.67 10.79
C ASN B 65 19.19 -20.46 12.15
N SER B 66 18.43 -19.38 12.32
CA SER B 66 17.91 -19.03 13.64
C SER B 66 16.57 -18.29 13.62
N PRO B 67 15.71 -18.54 14.63
CA PRO B 67 14.52 -17.72 14.84
C PRO B 67 14.83 -16.32 15.35
N GLY B 68 16.06 -16.12 15.83
CA GLY B 68 16.43 -14.89 16.51
C GLY B 68 16.49 -15.08 18.00
N GLY B 69 16.58 -13.99 18.76
CA GLY B 69 16.66 -14.11 20.20
C GLY B 69 16.88 -12.80 20.94
N GLY B 70 17.36 -12.93 22.18
CA GLY B 70 17.52 -11.79 23.08
C GLY B 70 18.48 -10.73 22.59
N PHE B 71 18.31 -9.52 23.11
CA PHE B 71 19.11 -8.38 22.70
C PHE B 71 20.53 -8.42 23.28
N THR B 72 20.63 -8.63 24.58
CA THR B 72 21.93 -8.68 25.23
C THR B 72 22.76 -9.84 24.68
N SER B 73 22.10 -10.95 24.42
CA SER B 73 22.77 -12.12 23.87
C SER B 73 23.28 -11.82 22.48
N LEU B 74 22.51 -11.04 21.72
CA LEU B 74 22.91 -10.66 20.38
C LEU B 74 24.15 -9.77 20.40
N MET B 75 24.16 -8.77 21.26
CA MET B 75 25.26 -7.83 21.31
C MET B 75 26.52 -8.49 21.88
N ALA B 76 26.32 -9.55 22.66
CA ALA B 76 27.44 -10.32 23.16
C ALA B 76 28.14 -10.99 21.98
N ILE B 77 27.35 -11.63 21.12
CA ILE B 77 27.87 -12.27 19.94
C ILE B 77 28.40 -11.22 18.96
N TYR B 78 27.66 -10.14 18.80
CA TYR B 78 28.02 -9.10 17.84
C TYR B 78 29.37 -8.48 18.15
N ASP B 79 29.57 -8.03 19.38
CA ASP B 79 30.83 -7.41 19.79
C ASP B 79 32.00 -8.36 19.58
N THR B 80 31.79 -9.63 19.90
CA THR B 80 32.85 -10.62 19.77
C THR B 80 33.23 -10.81 18.31
N MET B 81 32.22 -10.82 17.44
CA MET B 81 32.47 -10.94 16.01
C MET B 81 33.36 -9.80 15.52
N GLN B 82 33.02 -8.58 15.92
CA GLN B 82 33.74 -7.40 15.47
C GLN B 82 35.10 -7.30 16.14
N TYR B 83 35.23 -7.83 17.35
CA TYR B 83 36.48 -7.75 18.09
C TYR B 83 37.56 -8.62 17.48
N VAL B 84 37.23 -9.88 17.20
CA VAL B 84 38.19 -10.86 16.71
C VAL B 84 38.96 -10.33 15.50
N ARG B 85 40.26 -10.59 15.47
CA ARG B 85 41.12 -10.10 14.40
C ARG B 85 40.78 -10.72 13.05
N ALA B 86 40.42 -11.99 13.07
CA ALA B 86 40.04 -12.69 11.85
C ALA B 86 38.77 -12.11 11.25
N ASP B 87 38.71 -12.08 9.93
CA ASP B 87 37.49 -11.70 9.24
C ASP B 87 36.46 -12.77 9.52
N ILE B 88 35.18 -12.38 9.46
CA ILE B 88 34.10 -13.32 9.73
C ILE B 88 33.15 -13.40 8.54
N GLN B 89 33.02 -14.60 8.00
CA GLN B 89 32.11 -14.86 6.89
C GLN B 89 30.80 -15.38 7.47
N THR B 90 29.69 -14.83 6.99
CA THR B 90 28.38 -15.26 7.44
C THR B 90 27.60 -15.89 6.30
N VAL B 91 27.02 -17.07 6.56
CA VAL B 91 26.23 -17.77 5.56
C VAL B 91 24.89 -18.13 6.18
N CYS B 92 23.81 -17.80 5.49
CA CYS B 92 22.46 -18.01 6.00
C CYS B 92 21.76 -19.20 5.36
N LEU B 93 21.30 -20.13 6.20
CA LEU B 93 20.58 -21.30 5.74
C LEU B 93 19.14 -21.35 6.23
N GLY B 94 18.21 -21.12 5.31
CA GLY B 94 16.80 -21.37 5.55
C GLY B 94 16.07 -20.23 6.23
N GLN B 95 16.78 -19.46 7.05
CA GLN B 95 16.30 -18.17 7.55
C GLN B 95 17.30 -17.52 8.49
N ALA B 96 17.19 -16.20 8.61
CA ALA B 96 17.79 -15.46 9.71
C ALA B 96 16.79 -14.39 10.13
N ALA B 97 16.31 -14.46 11.36
CA ALA B 97 15.21 -13.60 11.80
C ALA B 97 15.59 -12.77 13.02
N SER B 98 15.11 -11.54 13.05
CA SER B 98 15.32 -10.66 14.19
C SER B 98 16.80 -10.52 14.52
N ALA B 99 17.19 -10.96 15.70
CA ALA B 99 18.58 -10.89 16.13
C ALA B 99 19.53 -11.54 15.14
N ALA B 100 19.14 -12.69 14.60
CA ALA B 100 20.01 -13.42 13.69
C ALA B 100 20.25 -12.65 12.40
N ALA B 101 19.27 -11.85 11.99
CA ALA B 101 19.40 -11.06 10.78
C ALA B 101 20.47 -9.98 10.95
N VAL B 102 20.57 -9.47 12.17
CA VAL B 102 21.58 -8.48 12.48
C VAL B 102 22.97 -9.12 12.48
N LEU B 103 23.06 -10.32 13.04
CA LEU B 103 24.32 -11.05 13.06
C LEU B 103 24.76 -11.40 11.65
N LEU B 104 23.79 -11.72 10.80
CA LEU B 104 24.07 -12.02 9.40
C LEU B 104 24.69 -10.81 8.72
N ALA B 105 24.13 -9.64 9.01
CA ALA B 105 24.61 -8.40 8.43
C ALA B 105 25.90 -7.93 9.08
N ALA B 106 26.19 -8.47 10.26
CA ALA B 106 27.33 -8.02 11.03
C ALA B 106 28.63 -8.67 10.58
N GLY B 107 28.55 -9.57 9.61
CA GLY B 107 29.73 -10.17 9.03
C GLY B 107 30.57 -9.12 8.35
N THR B 108 31.84 -9.42 8.12
CA THR B 108 32.72 -8.45 7.48
C THR B 108 32.30 -8.25 6.03
N PRO B 109 32.40 -7.00 5.53
CA PRO B 109 31.95 -6.67 4.17
C PRO B 109 32.51 -7.57 3.09
N GLY B 110 31.64 -8.01 2.18
CA GLY B 110 32.03 -8.82 1.04
C GLY B 110 31.95 -10.30 1.34
N LYS B 111 32.04 -10.63 2.63
CA LYS B 111 32.02 -12.01 3.08
C LYS B 111 30.65 -12.47 3.59
N ARG B 112 29.65 -11.60 3.50
CA ARG B 112 28.28 -11.95 3.89
C ARG B 112 27.53 -12.55 2.72
N MET B 113 26.99 -13.76 2.90
CA MET B 113 26.29 -14.47 1.83
C MET B 113 25.13 -15.31 2.36
N ALA B 114 24.29 -15.79 1.45
CA ALA B 114 23.17 -16.65 1.83
C ALA B 114 22.83 -17.63 0.72
N LEU B 115 22.11 -18.69 1.07
CA LEU B 115 21.64 -19.65 0.08
C LEU B 115 20.37 -19.09 -0.56
N PRO B 116 20.06 -19.51 -1.79
CA PRO B 116 19.01 -18.88 -2.59
C PRO B 116 17.61 -18.88 -1.96
N ASN B 117 17.20 -19.99 -1.36
CA ASN B 117 15.86 -20.11 -0.80
C ASN B 117 15.78 -19.71 0.68
N ALA B 118 16.89 -19.24 1.24
CA ALA B 118 16.89 -18.70 2.59
C ALA B 118 16.10 -17.40 2.62
N ARG B 119 15.64 -17.01 3.80
CA ARG B 119 14.89 -15.77 3.96
C ARG B 119 15.47 -14.96 5.11
N VAL B 120 15.14 -13.68 5.14
CA VAL B 120 15.61 -12.82 6.22
C VAL B 120 14.45 -11.99 6.74
N LEU B 121 14.26 -12.04 8.05
CA LEU B 121 13.22 -11.27 8.72
C LEU B 121 13.85 -10.16 9.54
N ILE B 122 13.30 -8.96 9.43
CA ILE B 122 13.71 -7.83 10.24
C ILE B 122 12.50 -7.22 10.88
N HIS B 123 12.50 -7.07 12.19
CA HIS B 123 11.48 -6.28 12.86
C HIS B 123 12.05 -5.65 14.11
N GLN B 124 11.34 -4.66 14.64
CA GLN B 124 11.80 -3.97 15.84
C GLN B 124 11.67 -4.88 17.04
N PRO B 125 12.44 -4.60 18.09
CA PRO B 125 12.36 -5.37 19.33
C PRO B 125 10.95 -5.39 19.93
N SER B 126 10.52 -6.55 20.41
CA SER B 126 9.20 -6.70 21.00
C SER B 126 9.27 -7.38 22.36
N LEU B 127 8.26 -7.13 23.18
CA LEU B 127 8.14 -7.78 24.48
C LEU B 127 6.85 -8.57 24.54
N SER B 128 6.97 -9.90 24.57
CA SER B 128 5.81 -10.78 24.52
C SER B 128 5.02 -10.75 25.82
N GLY B 129 5.74 -10.77 26.94
CA GLY B 129 5.10 -10.77 28.24
C GLY B 129 4.76 -9.36 28.69
N VAL B 130 4.42 -9.21 29.97
CA VAL B 130 4.12 -7.92 30.55
C VAL B 130 4.99 -7.64 31.77
N ILE B 131 5.60 -6.47 31.79
CA ILE B 131 6.35 -6.01 32.95
C ILE B 131 5.57 -4.89 33.62
N GLN B 132 5.39 -5.01 34.93
CA GLN B 132 4.53 -4.10 35.70
C GLN B 132 5.33 -3.39 36.77
N GLY B 133 4.83 -2.25 37.23
CA GLY B 133 5.49 -1.49 38.28
C GLY B 133 5.01 -0.05 38.34
N GLN B 134 5.63 0.72 39.23
CA GLN B 134 5.32 2.14 39.35
C GLN B 134 5.75 2.85 38.06
N PHE B 135 5.12 3.98 37.76
CA PHE B 135 5.44 4.72 36.54
C PHE B 135 6.91 5.07 36.48
N SER B 136 7.52 5.31 37.63
CA SER B 136 8.94 5.64 37.68
C SER B 136 9.78 4.50 37.12
N ASP B 137 9.42 3.27 37.45
CA ASP B 137 10.13 2.10 36.97
C ASP B 137 9.87 1.89 35.49
N LEU B 138 8.60 2.01 35.09
CA LEU B 138 8.22 1.81 33.71
C LEU B 138 8.81 2.89 32.81
N GLU B 139 8.92 4.10 33.35
CA GLU B 139 9.52 5.21 32.63
C GLU B 139 10.96 4.89 32.29
N ILE B 140 11.63 4.18 33.19
CA ILE B 140 13.02 3.77 32.99
C ILE B 140 13.12 2.61 32.01
N GLN B 141 12.22 1.64 32.15
CA GLN B 141 12.19 0.51 31.25
C GLN B 141 11.89 0.93 29.82
N ALA B 142 10.89 1.78 29.65
CA ALA B 142 10.50 2.27 28.33
C ALA B 142 11.64 3.04 27.69
N ALA B 143 12.40 3.77 28.51
CA ALA B 143 13.54 4.52 28.02
C ALA B 143 14.63 3.58 27.52
N GLU B 144 14.86 2.51 28.28
CA GLU B 144 15.85 1.52 27.92
C GLU B 144 15.45 0.81 26.64
N ILE B 145 14.17 0.45 26.56
CA ILE B 145 13.64 -0.24 25.39
C ILE B 145 13.84 0.59 24.13
N GLU B 146 13.69 1.91 24.27
CA GLU B 146 13.88 2.81 23.16
C GLU B 146 15.35 2.86 22.77
N ARG B 147 16.24 2.77 23.76
CA ARG B 147 17.68 2.77 23.51
C ARG B 147 18.07 1.54 22.71
N MET B 148 17.50 0.40 23.09
CA MET B 148 17.80 -0.87 22.44
C MET B 148 17.24 -0.88 21.01
N ARG B 149 16.07 -0.29 20.83
CA ARG B 149 15.48 -0.15 19.51
C ARG B 149 16.41 0.63 18.60
N THR B 150 16.74 1.85 19.02
CA THR B 150 17.60 2.72 18.23
C THR B 150 18.97 2.10 17.99
N LEU B 151 19.46 1.35 18.96
CA LEU B 151 20.77 0.74 18.85
C LEU B 151 20.76 -0.37 17.81
N MET B 152 19.64 -1.07 17.70
CA MET B 152 19.48 -2.08 16.66
C MET B 152 19.42 -1.39 15.30
N GLU B 153 18.79 -0.23 15.28
CA GLU B 153 18.63 0.53 14.05
C GLU B 153 19.97 1.07 13.55
N THR B 154 20.77 1.62 14.46
CA THR B 154 22.07 2.17 14.09
C THR B 154 23.02 1.07 13.62
N THR B 155 23.04 -0.06 14.32
CA THR B 155 23.92 -1.16 13.95
C THR B 155 23.54 -1.71 12.57
N LEU B 156 22.25 -1.89 12.33
CA LEU B 156 21.79 -2.34 11.02
C LEU B 156 22.09 -1.29 9.96
N ALA B 157 22.03 -0.02 10.36
CA ALA B 157 22.18 1.08 9.42
C ALA B 157 23.58 1.10 8.83
N ARG B 158 24.60 0.94 9.67
CA ARG B 158 25.97 1.09 9.20
C ARG B 158 26.42 -0.12 8.41
N HIS B 159 25.85 -1.29 8.70
CA HIS B 159 26.20 -2.51 7.98
C HIS B 159 25.49 -2.59 6.63
N THR B 160 24.24 -2.17 6.58
CA THR B 160 23.49 -2.14 5.33
C THR B 160 23.82 -0.91 4.50
N GLY B 161 24.17 0.19 5.17
CA GLY B 161 24.46 1.44 4.50
C GLY B 161 23.28 2.39 4.50
N LYS B 162 22.10 1.88 4.85
CA LYS B 162 20.89 2.67 4.91
C LYS B 162 20.95 3.64 6.09
N ASP B 163 20.17 4.72 6.05
CA ASP B 163 20.06 5.61 7.18
C ASP B 163 19.21 4.98 8.27
N ALA B 164 19.49 5.33 9.52
CA ALA B 164 18.77 4.78 10.65
C ALA B 164 17.27 5.02 10.52
N GLY B 165 16.91 6.15 9.90
CA GLY B 165 15.51 6.49 9.72
C GLY B 165 14.81 5.51 8.81
N VAL B 166 15.52 5.03 7.79
CA VAL B 166 14.96 4.06 6.87
C VAL B 166 14.76 2.72 7.56
N ILE B 167 15.76 2.28 8.31
CA ILE B 167 15.70 1.03 9.05
C ILE B 167 14.51 1.03 10.00
N ARG B 168 14.38 2.12 10.76
CA ARG B 168 13.32 2.27 11.73
C ARG B 168 11.95 2.14 11.08
N LYS B 169 11.83 2.68 9.88
CA LYS B 169 10.57 2.66 9.17
C LYS B 169 10.28 1.26 8.64
N ASP B 170 11.30 0.60 8.13
CA ASP B 170 11.13 -0.74 7.54
C ASP B 170 10.90 -1.80 8.60
N THR B 171 11.50 -1.63 9.77
CA THR B 171 11.43 -2.62 10.84
C THR B 171 10.20 -2.44 11.73
N ASP B 172 9.46 -1.35 11.52
CA ASP B 172 8.25 -1.08 12.31
C ASP B 172 7.30 -2.27 12.23
N ARG B 173 7.18 -2.83 11.04
CA ARG B 173 6.41 -4.05 10.82
C ARG B 173 7.38 -5.10 10.29
N ASP B 174 7.06 -6.38 10.49
CA ASP B 174 7.90 -7.45 10.01
C ASP B 174 8.16 -7.32 8.52
N LYS B 175 9.44 -7.35 8.13
CA LYS B 175 9.81 -7.29 6.73
C LYS B 175 10.60 -8.52 6.34
N ILE B 176 9.99 -9.35 5.50
CA ILE B 176 10.62 -10.56 5.01
C ILE B 176 11.33 -10.29 3.70
N LEU B 177 12.55 -10.79 3.58
CA LEU B 177 13.37 -10.59 2.40
C LEU B 177 13.85 -11.93 1.85
N THR B 178 13.75 -12.10 0.55
CA THR B 178 14.32 -13.27 -0.10
C THR B 178 15.84 -13.12 -0.11
N ALA B 179 16.54 -14.10 -0.66
CA ALA B 179 17.99 -14.02 -0.74
C ALA B 179 18.40 -12.78 -1.54
N GLU B 180 17.86 -12.65 -2.74
CA GLU B 180 18.19 -11.53 -3.61
C GLU B 180 17.75 -10.20 -3.01
N GLU B 181 16.58 -10.19 -2.37
CA GLU B 181 16.08 -8.97 -1.77
C GLU B 181 16.95 -8.52 -0.59
N ALA B 182 17.54 -9.48 0.10
CA ALA B 182 18.42 -9.18 1.22
C ALA B 182 19.75 -8.63 0.68
N LYS B 183 20.13 -9.08 -0.50
CA LYS B 183 21.35 -8.61 -1.14
C LYS B 183 21.20 -7.14 -1.50
N ASP B 184 20.06 -6.79 -2.07
CA ASP B 184 19.78 -5.41 -2.44
C ASP B 184 19.68 -4.52 -1.23
N TYR B 185 19.15 -5.08 -0.14
CA TYR B 185 18.96 -4.31 1.09
C TYR B 185 20.30 -4.01 1.75
N GLY B 186 21.29 -4.86 1.49
CA GLY B 186 22.62 -4.68 2.05
C GLY B 186 22.92 -5.57 3.24
N ILE B 187 22.05 -6.54 3.48
CA ILE B 187 22.25 -7.48 4.58
C ILE B 187 23.29 -8.54 4.19
N ILE B 188 23.25 -9.00 2.95
CA ILE B 188 24.25 -9.92 2.43
C ILE B 188 24.87 -9.38 1.16
N ASP B 189 26.11 -9.77 0.89
CA ASP B 189 26.82 -9.29 -0.29
C ASP B 189 26.49 -10.10 -1.55
N THR B 190 26.38 -11.42 -1.41
CA THR B 190 26.14 -12.29 -2.56
C THR B 190 25.24 -13.48 -2.21
N VAL B 191 24.72 -14.14 -3.24
CA VAL B 191 23.89 -15.32 -3.07
C VAL B 191 24.60 -16.54 -3.67
N LEU B 192 24.81 -17.56 -2.85
CA LEU B 192 25.53 -18.76 -3.29
C LEU B 192 24.76 -19.51 -4.37
N GLU B 193 25.50 -20.01 -5.36
CA GLU B 193 24.92 -20.77 -6.45
C GLU B 193 25.25 -22.25 -6.27
N TYR B 194 24.33 -23.12 -6.69
CA TYR B 194 24.52 -24.55 -6.58
C TYR B 194 25.77 -25.01 -7.34
N ARG B 195 26.59 -25.82 -6.68
CA ARG B 195 27.84 -26.28 -7.26
C ARG B 195 27.69 -27.62 -7.98
N LYS B 196 26.46 -28.11 -8.07
CA LYS B 196 26.22 -29.45 -8.60
C LYS B 196 26.67 -29.54 -10.06
N LEU B 197 27.07 -30.74 -10.47
CA LEU B 197 27.60 -30.95 -11.81
C LEU B 197 26.46 -31.03 -12.82
N SER B 198 25.55 -31.98 -12.61
CA SER B 198 24.39 -32.16 -13.47
C SER B 198 23.43 -30.97 -13.38
N ILE C 3 24.32 -27.32 21.12
CA ILE C 3 25.43 -28.19 20.75
C ILE C 3 26.74 -27.42 20.68
N LEU C 4 27.73 -27.89 21.43
CA LEU C 4 29.04 -27.25 21.51
C LEU C 4 30.13 -28.18 20.96
N PRO C 5 30.77 -27.79 19.85
CA PRO C 5 31.76 -28.71 19.27
C PRO C 5 33.07 -28.73 20.04
N SER C 6 33.71 -29.90 20.10
CA SER C 6 35.02 -30.03 20.72
C SER C 6 36.08 -30.12 19.63
N PHE C 7 37.24 -29.50 19.88
CA PHE C 7 38.32 -29.46 18.90
C PHE C 7 39.53 -30.26 19.36
N ILE C 8 40.55 -30.30 18.52
CA ILE C 8 41.70 -31.16 18.76
C ILE C 8 43.02 -30.45 18.52
N GLU C 9 43.96 -30.66 19.44
CA GLU C 9 45.30 -30.08 19.34
C GLU C 9 46.34 -31.18 19.47
N HIS C 10 47.50 -30.98 18.87
CA HIS C 10 48.53 -32.00 18.83
C HIS C 10 49.93 -31.40 18.95
N SER C 11 50.78 -32.09 19.70
CA SER C 11 52.18 -31.73 19.85
C SER C 11 53.00 -33.00 19.84
N SER C 12 54.33 -32.84 19.78
CA SER C 12 55.23 -33.98 19.78
C SER C 12 55.01 -34.88 21.00
N PHE C 13 54.43 -34.32 22.05
CA PHE C 13 54.17 -35.08 23.27
C PHE C 13 52.87 -35.89 23.24
N GLY C 14 51.95 -35.53 22.35
CA GLY C 14 50.69 -36.25 22.25
C GLY C 14 49.57 -35.47 21.60
N VAL C 15 48.38 -36.07 21.59
CA VAL C 15 47.18 -35.43 21.06
C VAL C 15 46.21 -35.11 22.19
N LYS C 16 45.57 -33.96 22.10
CA LYS C 16 44.64 -33.50 23.13
C LYS C 16 43.31 -33.08 22.53
N GLU C 17 42.25 -33.77 22.94
CA GLU C 17 40.89 -33.40 22.57
C GLU C 17 40.28 -32.62 23.73
N SER C 18 39.81 -31.41 23.45
CA SER C 18 39.34 -30.53 24.52
C SER C 18 38.10 -29.70 24.17
N ASN C 19 37.41 -29.28 25.22
CA ASN C 19 36.21 -28.46 25.13
C ASN C 19 36.60 -26.98 25.12
N PRO C 20 35.89 -26.15 24.34
CA PRO C 20 36.19 -24.70 24.34
C PRO C 20 36.34 -24.08 25.73
N TYR C 21 35.47 -24.45 26.66
CA TYR C 21 35.52 -23.88 27.99
C TYR C 21 36.73 -24.38 28.77
N ASN C 22 37.22 -25.57 28.42
CA ASN C 22 38.45 -26.09 29.02
C ASN C 22 39.64 -25.29 28.55
N LYS C 23 39.62 -24.93 27.27
CA LYS C 23 40.68 -24.14 26.67
C LYS C 23 40.72 -22.75 27.29
N LEU C 24 39.55 -22.20 27.60
CA LEU C 24 39.48 -20.91 28.27
C LEU C 24 40.07 -21.00 29.67
N PHE C 25 39.71 -22.06 30.40
CA PHE C 25 40.18 -22.26 31.76
C PHE C 25 41.67 -22.54 31.77
N GLU C 26 42.18 -23.14 30.70
CA GLU C 26 43.61 -23.37 30.54
C GLU C 26 44.34 -22.04 30.42
N GLU C 27 43.63 -21.03 29.91
CA GLU C 27 44.16 -19.70 29.75
C GLU C 27 43.82 -18.83 30.96
N ARG C 28 43.32 -19.47 32.01
CA ARG C 28 42.96 -18.80 33.26
C ARG C 28 41.75 -17.90 33.11
N ILE C 29 40.78 -18.35 32.33
CA ILE C 29 39.54 -17.62 32.12
C ILE C 29 38.35 -18.37 32.72
N ILE C 30 37.77 -17.78 33.76
CA ILE C 30 36.54 -18.28 34.36
C ILE C 30 35.38 -17.60 33.66
N PHE C 31 34.37 -18.37 33.28
CA PHE C 31 33.23 -17.84 32.55
C PHE C 31 31.98 -17.86 33.42
N LEU C 32 31.48 -16.68 33.76
CA LEU C 32 30.20 -16.56 34.44
C LEU C 32 29.15 -16.14 33.42
N GLY C 33 28.34 -17.11 33.01
CA GLY C 33 27.36 -16.90 31.95
C GLY C 33 25.92 -16.96 32.42
N VAL C 34 25.73 -17.20 33.72
CA VAL C 34 24.41 -17.54 34.25
C VAL C 34 24.08 -16.70 35.48
N GLN C 35 22.83 -16.78 35.92
CA GLN C 35 22.42 -16.10 37.14
C GLN C 35 23.28 -16.60 38.30
N VAL C 36 23.56 -15.71 39.25
CA VAL C 36 24.37 -16.07 40.39
C VAL C 36 23.51 -16.80 41.42
N ASP C 37 23.87 -18.04 41.73
CA ASP C 37 23.17 -18.81 42.75
C ASP C 37 24.17 -19.70 43.47
N ASP C 38 23.67 -20.49 44.43
CA ASP C 38 24.54 -21.35 45.22
C ASP C 38 25.31 -22.30 44.32
N ALA C 39 24.63 -22.80 43.29
CA ALA C 39 25.26 -23.72 42.35
C ALA C 39 26.37 -23.03 41.57
N SER C 40 26.03 -21.91 40.95
CA SER C 40 26.98 -21.14 40.14
C SER C 40 28.11 -20.58 40.99
N ALA C 41 27.78 -20.14 42.20
CA ALA C 41 28.77 -19.54 43.10
C ALA C 41 29.85 -20.54 43.50
N ASN C 42 29.43 -21.71 43.96
CA ASN C 42 30.37 -22.74 44.38
C ASN C 42 31.31 -23.14 43.25
N ASP C 43 30.79 -23.20 42.02
CA ASP C 43 31.61 -23.56 40.88
C ASP C 43 32.67 -22.50 40.63
N ILE C 44 32.29 -21.24 40.76
CA ILE C 44 33.22 -20.15 40.52
C ILE C 44 34.27 -20.09 41.62
N MET C 45 33.84 -20.30 42.86
CA MET C 45 34.78 -20.30 43.98
C MET C 45 35.80 -21.42 43.81
N ALA C 46 35.32 -22.59 43.42
CA ALA C 46 36.21 -23.71 43.17
C ALA C 46 37.23 -23.36 42.08
N GLN C 47 36.75 -22.78 40.99
CA GLN C 47 37.60 -22.39 39.87
C GLN C 47 38.64 -21.36 40.29
N LEU C 48 38.23 -20.38 41.08
CA LEU C 48 39.14 -19.33 41.54
C LEU C 48 40.25 -19.92 42.40
N LEU C 49 39.88 -20.78 43.34
CA LEU C 49 40.85 -21.37 44.26
C LEU C 49 41.81 -22.30 43.53
N VAL C 50 41.37 -22.87 42.42
CA VAL C 50 42.23 -23.73 41.62
C VAL C 50 43.28 -22.89 40.91
N LEU C 51 42.84 -21.85 40.21
CA LEU C 51 43.76 -20.99 39.49
C LEU C 51 44.75 -20.32 40.44
N GLU C 52 44.31 -20.11 41.69
CA GLU C 52 45.20 -19.65 42.75
C GLU C 52 46.27 -20.69 43.00
N SER C 53 45.85 -21.95 43.12
CA SER C 53 46.76 -23.04 43.43
C SER C 53 47.79 -23.26 42.33
N LEU C 54 47.34 -23.22 41.09
CA LEU C 54 48.21 -23.52 39.96
C LEU C 54 49.31 -22.46 39.79
N ASP C 55 48.90 -21.20 39.66
CA ASP C 55 49.84 -20.10 39.50
C ASP C 55 49.39 -18.85 40.25
N PRO C 56 49.72 -18.75 41.54
CA PRO C 56 49.25 -17.60 42.32
C PRO C 56 49.79 -16.26 41.80
N ASP C 57 50.86 -16.30 41.00
CA ASP C 57 51.49 -15.09 40.51
C ASP C 57 50.85 -14.56 39.22
N ARG C 58 50.06 -15.40 38.54
CA ARG C 58 49.45 -15.03 37.27
C ARG C 58 48.02 -14.54 37.45
N ASP C 59 47.65 -13.52 36.68
CA ASP C 59 46.31 -12.94 36.76
C ASP C 59 45.22 -13.95 36.40
N ILE C 60 44.07 -13.80 37.04
CA ILE C 60 42.87 -14.59 36.73
C ILE C 60 41.88 -13.71 36.02
N THR C 61 41.20 -14.27 35.01
CA THR C 61 40.25 -13.51 34.21
C THR C 61 38.83 -14.03 34.41
N MET C 62 37.89 -13.10 34.61
CA MET C 62 36.48 -13.43 34.76
C MET C 62 35.64 -12.77 33.67
N TYR C 63 35.07 -13.59 32.79
CA TYR C 63 34.12 -13.09 31.80
C TYR C 63 32.73 -13.13 32.38
N ILE C 64 32.03 -12.00 32.32
CA ILE C 64 30.74 -11.85 32.96
C ILE C 64 29.63 -11.50 31.98
N ASN C 65 28.71 -12.44 31.76
CA ASN C 65 27.42 -12.14 31.21
C ASN C 65 26.36 -12.76 32.11
N SER C 66 25.66 -11.94 32.87
CA SER C 66 24.73 -12.46 33.87
C SER C 66 23.55 -11.53 34.15
N PRO C 67 22.38 -12.10 34.45
CA PRO C 67 21.25 -11.29 34.94
C PRO C 67 21.46 -10.78 36.36
N GLY C 68 22.42 -11.38 37.06
CA GLY C 68 22.59 -11.14 38.49
C GLY C 68 22.08 -12.33 39.28
N GLY C 69 21.93 -12.17 40.59
CA GLY C 69 21.48 -13.26 41.41
C GLY C 69 21.48 -12.99 42.91
N GLY C 70 21.50 -14.05 43.70
CA GLY C 70 21.37 -13.95 45.14
C GLY C 70 22.49 -13.18 45.82
N PHE C 71 22.19 -12.66 47.01
CA PHE C 71 23.15 -11.83 47.74
C PHE C 71 24.25 -12.66 48.38
N THR C 72 23.88 -13.71 49.10
CA THR C 72 24.86 -14.56 49.75
C THR C 72 25.79 -15.19 48.73
N SER C 73 25.22 -15.60 47.60
CA SER C 73 25.99 -16.22 46.54
C SER C 73 26.96 -15.20 45.94
N LEU C 74 26.54 -13.96 45.84
CA LEU C 74 27.39 -12.89 45.34
C LEU C 74 28.56 -12.63 46.25
N MET C 75 28.29 -12.53 47.55
CA MET C 75 29.34 -12.21 48.51
C MET C 75 30.28 -13.39 48.66
N ALA C 76 29.79 -14.59 48.34
CA ALA C 76 30.63 -15.76 48.33
C ALA C 76 31.68 -15.62 47.25
N ILE C 77 31.24 -15.22 46.06
CA ILE C 77 32.14 -15.00 44.93
C ILE C 77 33.04 -13.81 45.20
N TYR C 78 32.48 -12.74 45.75
CA TYR C 78 33.20 -11.52 46.00
C TYR C 78 34.38 -11.73 46.94
N ASP C 79 34.12 -12.33 48.10
CA ASP C 79 35.17 -12.58 49.08
C ASP C 79 36.29 -13.42 48.49
N THR C 80 35.92 -14.42 47.69
CA THR C 80 36.91 -15.29 47.10
C THR C 80 37.77 -14.52 46.10
N MET C 81 37.15 -13.63 45.34
CA MET C 81 37.88 -12.78 44.40
C MET C 81 38.91 -11.94 45.14
N GLN C 82 38.47 -11.33 46.24
CA GLN C 82 39.33 -10.45 47.01
C GLN C 82 40.38 -11.22 47.81
N TYR C 83 40.06 -12.45 48.19
CA TYR C 83 40.98 -13.26 48.98
C TYR C 83 42.21 -13.67 48.17
N VAL C 84 41.97 -14.20 46.98
CA VAL C 84 43.02 -14.74 46.13
C VAL C 84 44.16 -13.75 45.92
N ARG C 85 45.39 -14.25 46.01
CA ARG C 85 46.58 -13.41 45.90
C ARG C 85 46.72 -12.83 44.50
N ALA C 86 46.37 -13.61 43.49
CA ALA C 86 46.44 -13.17 42.10
C ALA C 86 45.46 -12.05 41.81
N ASP C 87 45.87 -11.12 40.94
CA ASP C 87 44.98 -10.06 40.46
C ASP C 87 43.84 -10.66 39.65
N ILE C 88 42.72 -9.96 39.62
CA ILE C 88 41.54 -10.43 38.90
C ILE C 88 41.06 -9.43 37.86
N GLN C 89 41.03 -9.87 36.61
CA GLN C 89 40.52 -9.08 35.50
C GLN C 89 39.06 -9.43 35.23
N THR C 90 38.21 -8.41 35.08
CA THR C 90 36.80 -8.62 34.79
C THR C 90 36.44 -8.05 33.43
N VAL C 91 35.73 -8.84 32.63
CA VAL C 91 35.29 -8.42 31.31
C VAL C 91 33.79 -8.68 31.15
N CYS C 92 33.05 -7.67 30.70
CA CYS C 92 31.61 -7.77 30.58
C CYS C 92 31.16 -7.97 29.14
N LEU C 93 30.40 -9.04 28.90
CA LEU C 93 29.86 -9.33 27.57
C LEU C 93 28.34 -9.29 27.54
N GLY C 94 27.81 -8.24 26.93
CA GLY C 94 26.39 -8.17 26.60
C GLY C 94 25.55 -7.65 27.75
N GLN C 95 25.99 -7.91 28.98
CA GLN C 95 25.44 -7.25 30.17
C GLN C 95 26.08 -7.73 31.46
N ALA C 96 26.00 -6.90 32.49
CA ALA C 96 26.20 -7.32 33.86
C ALA C 96 25.16 -6.60 34.71
N ALA C 97 24.27 -7.35 35.33
CA ALA C 97 23.11 -6.75 35.99
C ALA C 97 23.03 -7.14 37.46
N SER C 98 22.61 -6.17 38.27
CA SER C 98 22.41 -6.39 39.70
C SER C 98 23.68 -6.94 40.36
N ALA C 99 23.59 -8.15 40.90
CA ALA C 99 24.72 -8.79 41.54
C ALA C 99 25.94 -8.81 40.64
N ALA C 100 25.72 -9.11 39.37
CA ALA C 100 26.82 -9.23 38.42
C ALA C 100 27.56 -7.92 38.22
N ALA C 101 26.85 -6.81 38.35
CA ALA C 101 27.46 -5.49 38.18
C ALA C 101 28.43 -5.20 39.31
N VAL C 102 28.13 -5.72 40.48
CA VAL C 102 29.00 -5.56 41.63
C VAL C 102 30.28 -6.37 41.43
N LEU C 103 30.13 -7.59 40.94
CA LEU C 103 31.28 -8.45 40.67
C LEU C 103 32.17 -7.83 39.62
N LEU C 104 31.56 -7.20 38.63
CA LEU C 104 32.29 -6.53 37.57
C LEU C 104 33.17 -5.42 38.16
N ALA C 105 32.61 -4.67 39.10
CA ALA C 105 33.32 -3.57 39.72
C ALA C 105 34.34 -4.07 40.75
N ALA C 106 34.18 -5.31 41.17
CA ALA C 106 35.00 -5.86 42.24
C ALA C 106 36.35 -6.36 41.73
N GLY C 107 36.56 -6.29 40.43
CA GLY C 107 37.84 -6.65 39.86
C GLY C 107 38.92 -5.72 40.36
N THR C 108 40.18 -6.14 40.24
CA THR C 108 41.27 -5.31 40.72
C THR C 108 41.40 -4.08 39.84
N PRO C 109 41.71 -2.91 40.44
CA PRO C 109 41.75 -1.65 39.69
C PRO C 109 42.60 -1.68 38.42
N GLY C 110 42.04 -1.12 37.35
CA GLY C 110 42.73 -1.00 36.07
C GLY C 110 42.48 -2.18 35.16
N LYS C 111 42.12 -3.31 35.76
CA LYS C 111 41.89 -4.54 35.01
C LYS C 111 40.41 -4.81 34.73
N ARG C 112 39.53 -3.89 35.14
CA ARG C 112 38.10 -4.00 34.85
C ARG C 112 37.76 -3.36 33.52
N MET C 113 37.14 -4.13 32.62
CA MET C 113 36.82 -3.64 31.28
C MET C 113 35.52 -4.24 30.76
N ALA C 114 35.01 -3.68 29.68
CA ALA C 114 33.79 -4.19 29.06
C ALA C 114 33.78 -3.95 27.55
N LEU C 115 32.95 -4.69 26.85
CA LEU C 115 32.78 -4.51 25.42
C LEU C 115 31.83 -3.34 25.18
N PRO C 116 31.95 -2.67 24.01
CA PRO C 116 31.25 -1.41 23.76
C PRO C 116 29.73 -1.48 23.85
N ASN C 117 29.10 -2.53 23.31
CA ASN C 117 27.65 -2.62 23.28
C ASN C 117 27.07 -3.35 24.49
N ALA C 118 27.93 -3.73 25.43
CA ALA C 118 27.48 -4.30 26.69
C ALA C 118 26.78 -3.24 27.51
N ARG C 119 25.95 -3.66 28.46
CA ARG C 119 25.24 -2.73 29.33
C ARG C 119 25.42 -3.13 30.79
N VAL C 120 25.18 -2.20 31.70
CA VAL C 120 25.32 -2.49 33.12
C VAL C 120 24.11 -1.97 33.88
N LEU C 121 23.51 -2.84 34.69
CA LEU C 121 22.36 -2.50 35.51
C LEU C 121 22.74 -2.45 36.98
N ILE C 122 22.32 -1.40 37.65
CA ILE C 122 22.49 -1.26 39.09
C ILE C 122 21.15 -0.93 39.71
N HIS C 123 20.72 -1.71 40.70
CA HIS C 123 19.57 -1.36 41.49
C HIS C 123 19.69 -1.91 42.90
N GLN C 124 18.88 -1.41 43.81
CA GLN C 124 18.90 -1.89 45.17
C GLN C 124 18.35 -3.30 45.21
N PRO C 125 18.73 -4.09 46.23
CA PRO C 125 18.18 -5.44 46.39
C PRO C 125 16.66 -5.47 46.49
N SER C 126 16.04 -6.44 45.83
CA SER C 126 14.60 -6.56 45.82
C SER C 126 14.16 -7.97 46.15
N LEU C 127 12.93 -8.09 46.64
CA LEU C 127 12.34 -9.39 46.93
C LEU C 127 11.09 -9.58 46.08
N SER C 128 11.15 -10.52 45.15
CA SER C 128 10.07 -10.73 44.19
C SER C 128 8.86 -11.38 44.85
N GLY C 129 9.10 -12.37 45.70
CA GLY C 129 8.03 -13.06 46.38
C GLY C 129 7.60 -12.32 47.64
N VAL C 130 6.83 -13.02 48.48
CA VAL C 130 6.39 -12.47 49.75
C VAL C 130 6.76 -13.39 50.90
N ILE C 131 7.38 -12.83 51.93
CA ILE C 131 7.67 -13.58 53.16
C ILE C 131 6.75 -13.08 54.25
N GLN C 132 6.11 -14.03 54.93
CA GLN C 132 5.09 -13.71 55.93
C GLN C 132 5.50 -14.22 57.30
N GLY C 133 4.90 -13.64 58.33
CA GLY C 133 5.17 -14.05 59.69
C GLY C 133 4.76 -12.98 60.68
N GLN C 134 5.01 -13.24 61.95
CA GLN C 134 4.72 -12.26 62.99
C GLN C 134 5.62 -11.05 62.82
N PHE C 135 5.18 -9.89 63.33
CA PHE C 135 5.93 -8.66 63.18
C PHE C 135 7.35 -8.79 63.73
N SER C 136 7.52 -9.59 64.77
CA SER C 136 8.84 -9.80 65.36
C SER C 136 9.81 -10.41 64.35
N ASP C 137 9.33 -11.38 63.58
CA ASP C 137 10.15 -12.03 62.57
C ASP C 137 10.41 -11.09 61.40
N LEU C 138 9.36 -10.40 60.96
CA LEU C 138 9.46 -9.47 59.85
C LEU C 138 10.37 -8.30 60.20
N GLU C 139 10.32 -7.89 61.48
CA GLU C 139 11.15 -6.81 61.96
C GLU C 139 12.62 -7.19 61.82
N ILE C 140 12.91 -8.47 62.04
CA ILE C 140 14.28 -8.97 61.92
C ILE C 140 14.68 -9.09 60.46
N GLN C 141 13.77 -9.60 59.64
CA GLN C 141 14.03 -9.73 58.22
C GLN C 141 14.24 -8.35 57.61
N ALA C 142 13.37 -7.42 57.95
CA ALA C 142 13.47 -6.06 57.43
C ALA C 142 14.77 -5.41 57.86
N ALA C 143 15.21 -5.72 59.07
CA ALA C 143 16.47 -5.19 59.59
C ALA C 143 17.65 -5.73 58.80
N GLU C 144 17.62 -7.03 58.52
CA GLU C 144 18.67 -7.67 57.76
C GLU C 144 18.72 -7.14 56.33
N ILE C 145 17.55 -7.01 55.73
CA ILE C 145 17.44 -6.54 54.36
C ILE C 145 18.06 -5.17 54.19
N GLU C 146 17.91 -4.31 55.19
CA GLU C 146 18.51 -2.99 55.13
C GLU C 146 20.03 -3.08 55.23
N ARG C 147 20.50 -4.05 56.01
CA ARG C 147 21.94 -4.27 56.16
C ARG C 147 22.52 -4.70 54.83
N MET C 148 21.82 -5.58 54.13
CA MET C 148 22.28 -6.09 52.84
C MET C 148 22.27 -4.98 51.80
N ARG C 149 21.27 -4.11 51.87
CA ARG C 149 21.20 -2.96 50.99
C ARG C 149 22.43 -2.08 51.18
N THR C 150 22.64 -1.64 52.42
CA THR C 150 23.77 -0.76 52.74
C THR C 150 25.11 -1.42 52.43
N LEU C 151 25.18 -2.74 52.61
CA LEU C 151 26.43 -3.45 52.39
C LEU C 151 26.77 -3.47 50.91
N MET C 152 25.74 -3.55 50.08
CA MET C 152 25.92 -3.48 48.64
C MET C 152 26.36 -2.09 48.25
N GLU C 153 25.84 -1.08 48.95
CA GLU C 153 26.18 0.30 48.67
C GLU C 153 27.62 0.64 49.02
N THR C 154 28.08 0.18 50.17
CA THR C 154 29.45 0.41 50.60
C THR C 154 30.41 -0.27 49.63
N THR C 155 30.06 -1.50 49.27
CA THR C 155 30.90 -2.30 48.37
C THR C 155 31.00 -1.61 47.01
N LEU C 156 29.88 -1.15 46.50
CA LEU C 156 29.86 -0.42 45.24
C LEU C 156 30.62 0.89 45.38
N ALA C 157 30.52 1.49 46.56
CA ALA C 157 31.11 2.81 46.79
C ALA C 157 32.62 2.81 46.70
N ARG C 158 33.27 1.84 47.33
CA ARG C 158 34.73 1.84 47.40
C ARG C 158 35.37 1.40 46.09
N HIS C 159 34.67 0.56 45.34
CA HIS C 159 35.17 0.10 44.06
C HIS C 159 34.95 1.12 42.94
N THR C 160 33.82 1.80 42.96
CA THR C 160 33.54 2.84 41.97
C THR C 160 34.22 4.16 42.33
N GLY C 161 34.39 4.40 43.62
CA GLY C 161 34.97 5.64 44.11
C GLY C 161 33.91 6.64 44.54
N LYS C 162 32.66 6.37 44.17
CA LYS C 162 31.55 7.24 44.56
C LYS C 162 31.26 7.13 46.05
N ASP C 163 30.60 8.14 46.59
CA ASP C 163 30.17 8.10 47.99
C ASP C 163 28.96 7.19 48.14
N ALA C 164 28.85 6.55 49.31
CA ALA C 164 27.75 5.63 49.58
C ALA C 164 26.39 6.31 49.40
N GLY C 165 26.33 7.60 49.73
CA GLY C 165 25.10 8.36 49.59
C GLY C 165 24.70 8.48 48.15
N VAL C 166 25.69 8.65 47.28
CA VAL C 166 25.44 8.76 45.84
C VAL C 166 24.95 7.44 45.28
N ILE C 167 25.61 6.35 45.66
CA ILE C 167 25.21 5.02 45.24
C ILE C 167 23.77 4.75 45.67
N ARG C 168 23.49 5.02 46.93
CA ARG C 168 22.16 4.79 47.49
C ARG C 168 21.12 5.59 46.71
N LYS C 169 21.47 6.81 46.31
CA LYS C 169 20.55 7.66 45.59
C LYS C 169 20.35 7.13 44.16
N ASP C 170 21.44 6.71 43.53
CA ASP C 170 21.38 6.24 42.15
C ASP C 170 20.72 4.88 42.02
N THR C 171 20.89 4.03 43.04
CA THR C 171 20.37 2.66 42.98
C THR C 171 18.93 2.54 43.45
N ASP C 172 18.37 3.64 43.96
CA ASP C 172 16.98 3.64 44.41
C ASP C 172 16.08 3.17 43.26
N ARG C 173 16.41 3.62 42.06
CA ARG C 173 15.74 3.15 40.84
C ARG C 173 16.77 2.49 39.94
N ASP C 174 16.33 1.58 39.09
CA ASP C 174 17.23 0.91 38.16
C ASP C 174 17.99 1.92 37.30
N LYS C 175 19.30 1.79 37.27
CA LYS C 175 20.14 2.65 36.45
C LYS C 175 20.90 1.82 35.43
N ILE C 176 20.53 1.95 34.16
CA ILE C 176 21.22 1.22 33.10
C ILE C 176 22.34 2.08 32.55
N LEU C 177 23.50 1.44 32.38
CA LEU C 177 24.69 2.13 31.91
C LEU C 177 25.27 1.41 30.70
N THR C 178 25.64 2.19 29.68
CA THR C 178 26.37 1.65 28.55
C THR C 178 27.80 1.40 29.00
N ALA C 179 28.64 0.93 28.08
CA ALA C 179 30.04 0.69 28.42
C ALA C 179 30.70 1.99 28.89
N GLU C 180 30.58 3.04 28.09
CA GLU C 180 31.20 4.32 28.42
C GLU C 180 30.60 4.94 29.68
N GLU C 181 29.30 4.82 29.85
CA GLU C 181 28.66 5.37 31.03
C GLU C 181 29.12 4.64 32.28
N ALA C 182 29.41 3.35 32.14
CA ALA C 182 29.90 2.54 33.24
C ALA C 182 31.34 2.90 33.57
N LYS C 183 32.08 3.31 32.54
CA LYS C 183 33.46 3.74 32.73
C LYS C 183 33.47 5.02 33.55
N ASP C 184 32.57 5.93 33.21
CA ASP C 184 32.47 7.21 33.90
C ASP C 184 32.00 7.01 35.34
N TYR C 185 31.16 6.01 35.55
CA TYR C 185 30.62 5.74 36.87
C TYR C 185 31.68 5.14 37.79
N GLY C 186 32.67 4.48 37.18
CA GLY C 186 33.76 3.88 37.92
C GLY C 186 33.62 2.37 38.12
N ILE C 187 32.68 1.78 37.41
CA ILE C 187 32.45 0.33 37.49
C ILE C 187 33.50 -0.42 36.67
N ILE C 188 33.85 0.12 35.51
CA ILE C 188 34.92 -0.45 34.69
C ILE C 188 35.94 0.63 34.37
N ASP C 189 37.18 0.21 34.15
CA ASP C 189 38.27 1.13 33.88
C ASP C 189 38.34 1.55 32.40
N THR C 190 38.12 0.61 31.50
CA THR C 190 38.24 0.88 30.07
C THR C 190 37.21 0.13 29.25
N VAL C 191 37.05 0.54 28.00
CA VAL C 191 36.15 -0.13 27.06
C VAL C 191 36.97 -0.73 25.93
N LEU C 192 36.86 -2.04 25.75
CA LEU C 192 37.64 -2.73 24.72
C LEU C 192 37.26 -2.24 23.34
N GLU C 193 38.27 -2.05 22.50
CA GLU C 193 38.09 -1.62 21.13
C GLU C 193 38.31 -2.79 20.21
N TYR C 194 37.58 -2.82 19.09
CA TYR C 194 37.71 -3.91 18.13
C TYR C 194 39.14 -4.00 17.63
N ARG C 195 39.67 -5.22 17.66
CA ARG C 195 41.05 -5.49 17.27
C ARG C 195 41.16 -5.91 15.81
N LYS C 196 40.06 -5.83 15.08
CA LYS C 196 40.01 -6.37 13.72
C LYS C 196 41.03 -5.71 12.80
N LEU C 197 41.53 -6.51 11.85
CA LEU C 197 42.52 -6.06 10.89
C LEU C 197 41.85 -5.26 9.79
N SER C 198 40.75 -5.80 9.28
CA SER C 198 39.99 -5.15 8.23
C SER C 198 39.39 -3.83 8.72
N ILE D 3 27.80 -25.26 33.69
CA ILE D 3 28.95 -25.91 33.07
C ILE D 3 30.23 -25.62 33.87
N LEU D 4 30.91 -26.68 34.26
CA LEU D 4 32.13 -26.59 35.06
C LEU D 4 33.34 -27.11 34.29
N PRO D 5 34.32 -26.25 34.00
CA PRO D 5 35.42 -26.73 33.17
C PRO D 5 36.39 -27.62 33.94
N SER D 6 36.95 -28.62 33.25
CA SER D 6 37.97 -29.48 33.83
C SER D 6 39.33 -29.07 33.30
N PHE D 7 40.34 -29.15 34.15
CA PHE D 7 41.68 -28.74 33.78
C PHE D 7 42.60 -29.95 33.74
N ILE D 8 43.85 -29.71 33.38
CA ILE D 8 44.80 -30.79 33.14
C ILE D 8 46.13 -30.52 33.82
N GLU D 9 46.66 -31.55 34.46
CA GLU D 9 47.95 -31.46 35.16
C GLU D 9 48.87 -32.55 34.64
N HIS D 10 50.17 -32.30 34.68
CA HIS D 10 51.14 -33.23 34.13
C HIS D 10 52.41 -33.28 34.96
N SER D 11 52.93 -34.49 35.11
CA SER D 11 54.19 -34.75 35.81
C SER D 11 54.96 -35.83 35.06
N SER D 12 56.21 -36.03 35.46
CA SER D 12 57.05 -37.05 34.84
C SER D 12 56.40 -38.44 34.89
N PHE D 13 55.47 -38.63 35.82
CA PHE D 13 54.79 -39.91 35.95
C PHE D 13 53.59 -40.07 35.01
N GLY D 14 53.04 -38.96 34.51
CA GLY D 14 51.90 -39.02 33.61
C GLY D 14 51.08 -37.74 33.54
N VAL D 15 49.97 -37.82 32.82
CA VAL D 15 49.05 -36.70 32.67
C VAL D 15 47.74 -37.00 33.40
N LYS D 16 47.20 -36.00 34.08
CA LYS D 16 45.98 -36.15 34.87
C LYS D 16 44.98 -35.06 34.53
N GLU D 17 43.83 -35.48 34.04
CA GLU D 17 42.70 -34.59 33.80
C GLU D 17 41.77 -34.70 35.00
N SER D 18 41.46 -33.58 35.64
CA SER D 18 40.69 -33.60 36.87
C SER D 18 39.69 -32.46 37.00
N ASN D 19 38.69 -32.70 37.84
CA ASN D 19 37.62 -31.76 38.11
C ASN D 19 38.01 -30.85 39.28
N PRO D 20 37.64 -29.56 39.23
CA PRO D 20 37.96 -28.66 40.34
C PRO D 20 37.61 -29.21 41.72
N TYR D 21 36.45 -29.85 41.85
CA TYR D 21 36.04 -30.38 43.14
C TYR D 21 36.89 -31.58 43.55
N ASN D 22 37.42 -32.29 42.56
CA ASN D 22 38.32 -33.40 42.84
C ASN D 22 39.65 -32.90 43.37
N LYS D 23 40.11 -31.78 42.82
CA LYS D 23 41.35 -31.16 43.25
C LYS D 23 41.22 -30.68 44.69
N LEU D 24 40.03 -30.18 45.03
CA LEU D 24 39.77 -29.75 46.41
C LEU D 24 39.82 -30.93 47.35
N PHE D 25 39.19 -32.03 46.95
CA PHE D 25 39.16 -33.24 47.78
C PHE D 25 40.55 -33.87 47.88
N GLU D 26 41.37 -33.69 46.85
CA GLU D 26 42.74 -34.17 46.86
C GLU D 26 43.53 -33.44 47.95
N GLU D 27 43.10 -32.22 48.23
CA GLU D 27 43.70 -31.37 49.26
C GLU D 27 42.99 -31.52 50.61
N ARG D 28 42.12 -32.52 50.69
CA ARG D 28 41.38 -32.84 51.92
C ARG D 28 40.33 -31.77 52.24
N ILE D 29 39.68 -31.27 51.20
CA ILE D 29 38.62 -30.27 51.35
C ILE D 29 37.27 -30.84 50.93
N ILE D 30 36.38 -31.00 51.91
CA ILE D 30 35.01 -31.39 51.63
C ILE D 30 34.16 -30.14 51.46
N PHE D 31 33.34 -30.11 50.41
CA PHE D 31 32.54 -28.94 50.10
C PHE D 31 31.06 -29.23 50.33
N LEU D 32 30.46 -28.56 51.31
CA LEU D 32 29.02 -28.63 51.49
C LEU D 32 28.40 -27.35 50.95
N GLY D 33 27.80 -27.47 49.76
CA GLY D 33 27.27 -26.32 49.03
C GLY D 33 25.76 -26.28 48.96
N VAL D 34 25.12 -27.29 49.54
CA VAL D 34 23.70 -27.52 49.33
C VAL D 34 23.00 -27.74 50.67
N GLN D 35 21.67 -27.76 50.63
CA GLN D 35 20.88 -28.03 51.83
C GLN D 35 21.26 -29.39 52.39
N VAL D 36 21.22 -29.50 53.71
CA VAL D 36 21.57 -30.75 54.37
C VAL D 36 20.37 -31.70 54.31
N ASP D 37 20.56 -32.84 53.68
CA ASP D 37 19.52 -33.85 53.60
C ASP D 37 20.14 -35.25 53.65
N ASP D 38 19.30 -36.27 53.53
CA ASP D 38 19.76 -37.64 53.60
C ASP D 38 20.81 -37.91 52.53
N ALA D 39 20.60 -37.34 51.35
CA ALA D 39 21.57 -37.49 50.26
C ALA D 39 22.89 -36.81 50.59
N SER D 40 22.82 -35.53 50.94
CA SER D 40 24.00 -34.74 51.25
C SER D 40 24.73 -35.26 52.47
N ALA D 41 23.98 -35.71 53.47
CA ALA D 41 24.58 -36.21 54.70
C ALA D 41 25.40 -37.46 54.41
N ASN D 42 24.80 -38.41 53.71
CA ASN D 42 25.47 -39.66 53.39
C ASN D 42 26.76 -39.45 52.60
N ASP D 43 26.74 -38.49 51.67
CA ASP D 43 27.91 -38.18 50.87
C ASP D 43 29.03 -37.58 51.72
N ILE D 44 28.68 -36.70 52.64
CA ILE D 44 29.67 -36.04 53.47
C ILE D 44 30.28 -37.05 54.45
N MET D 45 29.44 -37.92 55.00
CA MET D 45 29.92 -38.94 55.91
C MET D 45 30.90 -39.87 55.19
N ALA D 46 30.55 -40.25 53.98
CA ALA D 46 31.43 -41.08 53.17
C ALA D 46 32.75 -40.38 52.94
N GLN D 47 32.71 -39.12 52.56
CA GLN D 47 33.92 -38.34 52.30
C GLN D 47 34.78 -38.23 53.55
N LEU D 48 34.16 -37.98 54.70
CA LEU D 48 34.90 -37.84 55.95
C LEU D 48 35.62 -39.12 56.30
N LEU D 49 34.93 -40.25 56.19
CA LEU D 49 35.49 -41.54 56.54
C LEU D 49 36.61 -41.94 55.56
N VAL D 50 36.54 -41.45 54.34
CA VAL D 50 37.58 -41.72 53.37
C VAL D 50 38.84 -40.94 53.73
N LEU D 51 38.70 -39.64 53.96
CA LEU D 51 39.82 -38.80 54.34
C LEU D 51 40.43 -39.31 55.65
N GLU D 52 39.59 -39.92 56.47
CA GLU D 52 40.04 -40.61 57.68
C GLU D 52 40.95 -41.78 57.30
N SER D 53 40.49 -42.57 56.34
CA SER D 53 41.21 -43.77 55.91
C SER D 53 42.56 -43.45 55.30
N LEU D 54 42.59 -42.44 54.42
CA LEU D 54 43.80 -42.13 53.69
C LEU D 54 44.90 -41.62 54.61
N ASP D 55 44.61 -40.56 55.36
CA ASP D 55 45.58 -39.97 56.29
C ASP D 55 44.90 -39.52 57.58
N PRO D 56 44.74 -40.43 58.55
CA PRO D 56 44.01 -40.07 59.77
C PRO D 56 44.69 -38.98 60.59
N ASP D 57 45.97 -38.74 60.34
CA ASP D 57 46.72 -37.75 61.12
C ASP D 57 46.59 -36.33 60.56
N ARG D 58 46.14 -36.21 59.31
CA ARG D 58 46.05 -34.90 58.66
C ARG D 58 44.66 -34.29 58.79
N ASP D 59 44.63 -32.99 59.01
CA ASP D 59 43.37 -32.26 59.19
C ASP D 59 42.46 -32.38 57.98
N ILE D 60 41.16 -32.36 58.25
CA ILE D 60 40.14 -32.31 57.20
C ILE D 60 39.52 -30.92 57.17
N THR D 61 39.25 -30.43 55.97
CA THR D 61 38.70 -29.10 55.80
C THR D 61 37.28 -29.17 55.24
N MET D 62 36.37 -28.41 55.84
CA MET D 62 34.99 -28.34 55.36
C MET D 62 34.61 -26.93 54.96
N TYR D 63 34.37 -26.74 53.68
CA TYR D 63 33.84 -25.46 53.19
C TYR D 63 32.32 -25.54 53.23
N ILE D 64 31.71 -24.55 53.88
CA ILE D 64 30.27 -24.55 54.10
C ILE D 64 29.58 -23.35 53.50
N ASN D 65 28.78 -23.59 52.47
CA ASN D 65 27.75 -22.64 52.06
C ASN D 65 26.44 -23.39 51.97
N SER D 66 25.53 -23.15 52.92
CA SER D 66 24.32 -23.95 52.99
C SER D 66 23.11 -23.21 53.56
N PRO D 67 21.89 -23.52 53.07
CA PRO D 67 20.65 -23.04 53.68
C PRO D 67 20.34 -23.71 55.02
N GLY D 68 21.00 -24.82 55.30
CA GLY D 68 20.66 -25.64 56.46
C GLY D 68 19.90 -26.88 56.01
N GLY D 69 19.31 -27.60 56.96
CA GLY D 69 18.56 -28.80 56.61
C GLY D 69 18.04 -29.61 57.77
N GLY D 70 17.73 -30.87 57.51
CA GLY D 70 17.10 -31.75 58.48
C GLY D 70 17.93 -32.00 59.72
N PHE D 71 17.27 -32.37 60.80
CA PHE D 71 17.94 -32.56 62.08
C PHE D 71 18.72 -33.86 62.12
N THR D 72 18.08 -34.97 61.72
CA THR D 72 18.75 -36.27 61.71
C THR D 72 19.95 -36.24 60.79
N SER D 73 19.82 -35.58 59.65
CA SER D 73 20.91 -35.48 58.70
C SER D 73 22.06 -34.68 59.29
N LEU D 74 21.72 -33.66 60.07
CA LEU D 74 22.73 -32.84 60.71
C LEU D 74 23.52 -33.62 61.75
N MET D 75 22.82 -34.38 62.59
CA MET D 75 23.49 -35.11 63.65
C MET D 75 24.28 -36.28 63.07
N ALA D 76 23.89 -36.74 61.89
CA ALA D 76 24.64 -37.77 61.19
C ALA D 76 25.99 -37.23 60.79
N ILE D 77 26.00 -36.04 60.21
CA ILE D 77 27.24 -35.37 59.81
C ILE D 77 28.03 -34.99 61.05
N TYR D 78 27.33 -34.47 62.05
CA TYR D 78 27.96 -33.98 63.27
C TYR D 78 28.74 -35.08 63.97
N ASP D 79 28.09 -36.20 64.25
CA ASP D 79 28.76 -37.30 64.94
C ASP D 79 29.98 -37.77 64.17
N THR D 80 29.86 -37.82 62.85
CA THR D 80 30.96 -38.27 62.01
C THR D 80 32.13 -37.30 62.11
N MET D 81 31.83 -36.01 62.13
CA MET D 81 32.86 -35.00 62.29
C MET D 81 33.61 -35.23 63.60
N GLN D 82 32.86 -35.43 64.66
CA GLN D 82 33.45 -35.58 65.99
C GLN D 82 34.14 -36.93 66.14
N TYR D 83 33.67 -37.93 65.41
CA TYR D 83 34.26 -39.28 65.52
C TYR D 83 35.66 -39.32 64.94
N VAL D 84 35.81 -38.80 63.73
CA VAL D 84 37.06 -38.88 62.97
C VAL D 84 38.24 -38.39 63.80
N ARG D 85 39.34 -39.13 63.72
CA ARG D 85 40.53 -38.84 64.51
C ARG D 85 41.16 -37.50 64.13
N ALA D 86 41.14 -37.20 62.83
CA ALA D 86 41.69 -35.96 62.33
C ALA D 86 40.90 -34.76 62.83
N ASP D 87 41.61 -33.66 63.09
CA ASP D 87 40.95 -32.41 63.41
C ASP D 87 40.17 -31.96 62.20
N ILE D 88 39.12 -31.18 62.42
CA ILE D 88 38.29 -30.71 61.32
C ILE D 88 38.21 -29.19 61.31
N GLN D 89 38.65 -28.61 60.19
CA GLN D 89 38.56 -27.17 59.98
C GLN D 89 37.28 -26.87 59.22
N THR D 90 36.54 -25.88 59.70
CA THR D 90 35.32 -25.46 59.03
C THR D 90 35.46 -24.03 58.53
N VAL D 91 35.09 -23.82 57.27
CA VAL D 91 35.15 -22.50 56.66
C VAL D 91 33.81 -22.17 56.03
N CYS D 92 33.29 -20.99 56.34
CA CYS D 92 31.97 -20.57 55.87
C CYS D 92 32.06 -19.56 54.72
N LEU D 93 31.42 -19.89 53.60
CA LEU D 93 31.38 -19.02 52.43
C LEU D 93 29.98 -18.52 52.11
N GLY D 94 29.74 -17.25 52.39
CA GLY D 94 28.53 -16.57 51.93
C GLY D 94 27.34 -16.75 52.84
N GLN D 95 27.29 -17.90 53.52
CA GLN D 95 26.35 -18.11 54.65
C GLN D 95 26.48 -19.51 55.24
N ALA D 96 26.07 -19.64 56.49
CA ALA D 96 25.75 -20.92 57.09
C ALA D 96 24.51 -20.73 57.95
N ALA D 97 23.43 -21.42 57.60
CA ALA D 97 22.13 -21.15 58.23
C ALA D 97 21.54 -22.39 58.89
N SER D 98 20.90 -22.18 60.03
CA SER D 98 20.22 -23.25 60.74
C SER D 98 21.16 -24.41 61.03
N ALA D 99 20.89 -25.57 60.45
CA ALA D 99 21.71 -26.75 60.62
C ALA D 99 23.17 -26.47 60.30
N ALA D 100 23.41 -25.72 59.23
CA ALA D 100 24.76 -25.46 58.77
C ALA D 100 25.56 -24.65 59.76
N ALA D 101 24.89 -23.80 60.53
CA ALA D 101 25.57 -22.96 61.52
C ALA D 101 26.13 -23.83 62.64
N VAL D 102 25.40 -24.90 62.95
CA VAL D 102 25.83 -25.85 63.97
C VAL D 102 27.05 -26.61 63.49
N LEU D 103 27.02 -27.04 62.23
CA LEU D 103 28.15 -27.77 61.65
C LEU D 103 29.38 -26.88 61.58
N LEU D 104 29.17 -25.60 61.30
CA LEU D 104 30.26 -24.64 61.28
C LEU D 104 30.91 -24.53 62.65
N ALA D 105 30.07 -24.49 63.67
CA ALA D 105 30.55 -24.35 65.05
C ALA D 105 31.11 -25.67 65.58
N ALA D 106 30.79 -26.77 64.90
CA ALA D 106 31.17 -28.09 65.38
C ALA D 106 32.60 -28.46 64.99
N GLY D 107 33.26 -27.59 64.24
CA GLY D 107 34.65 -27.80 63.91
C GLY D 107 35.48 -27.80 65.16
N THR D 108 36.68 -28.36 65.11
CA THR D 108 37.51 -28.43 66.30
C THR D 108 37.94 -27.01 66.69
N PRO D 109 38.01 -26.73 68.00
CA PRO D 109 38.32 -25.37 68.48
C PRO D 109 39.59 -24.76 67.87
N GLY D 110 39.47 -23.51 67.47
CA GLY D 110 40.58 -22.75 66.92
C GLY D 110 40.67 -22.85 65.40
N LYS D 111 40.08 -23.91 64.85
CA LYS D 111 40.10 -24.14 63.41
C LYS D 111 38.81 -23.71 62.70
N ARG D 112 37.87 -23.13 63.45
CA ARG D 112 36.62 -22.63 62.87
C ARG D 112 36.75 -21.19 62.40
N MET D 113 36.48 -20.94 61.13
CA MET D 113 36.63 -19.61 60.55
C MET D 113 35.59 -19.31 59.48
N ALA D 114 35.51 -18.05 59.07
CA ALA D 114 34.58 -17.63 58.02
C ALA D 114 35.13 -16.45 57.23
N LEU D 115 34.59 -16.24 56.04
CA LEU D 115 34.98 -15.10 55.21
C LEU D 115 34.24 -13.85 55.68
N PRO D 116 34.81 -12.66 55.43
CA PRO D 116 34.33 -11.41 56.02
C PRO D 116 32.87 -11.07 55.72
N ASN D 117 32.44 -11.27 54.48
CA ASN D 117 31.07 -10.90 54.09
C ASN D 117 30.08 -12.06 54.23
N ALA D 118 30.55 -13.19 54.73
CA ALA D 118 29.68 -14.31 55.04
C ALA D 118 28.77 -13.94 56.21
N ARG D 119 27.64 -14.64 56.32
CA ARG D 119 26.71 -14.41 57.42
C ARG D 119 26.37 -15.73 58.08
N VAL D 120 25.85 -15.67 59.30
CA VAL D 120 25.45 -16.86 60.02
C VAL D 120 24.07 -16.68 60.63
N LEU D 121 23.19 -17.64 60.36
CA LEU D 121 21.85 -17.63 60.88
C LEU D 121 21.69 -18.73 61.92
N ILE D 122 21.09 -18.39 63.05
CA ILE D 122 20.76 -19.37 64.07
C ILE D 122 19.30 -19.23 64.45
N HIS D 123 18.54 -20.31 64.39
CA HIS D 123 17.19 -20.29 64.93
C HIS D 123 16.79 -21.67 65.43
N GLN D 124 15.73 -21.72 66.21
CA GLN D 124 15.23 -22.99 66.73
C GLN D 124 14.62 -23.79 65.59
N PRO D 125 14.58 -25.11 65.74
CA PRO D 125 13.94 -25.97 64.75
C PRO D 125 12.48 -25.60 64.46
N SER D 126 12.09 -25.63 63.20
CA SER D 126 10.73 -25.30 62.81
C SER D 126 10.16 -26.38 61.89
N LEU D 127 8.83 -26.46 61.87
CA LEU D 127 8.13 -27.38 60.99
C LEU D 127 7.25 -26.58 60.03
N SER D 128 7.60 -26.60 58.75
CA SER D 128 6.90 -25.79 57.76
C SER D 128 5.52 -26.33 57.45
N GLY D 129 5.42 -27.64 57.31
CA GLY D 129 4.16 -28.30 57.02
C GLY D 129 3.35 -28.55 58.26
N VAL D 130 2.33 -29.39 58.13
CA VAL D 130 1.48 -29.78 59.26
C VAL D 130 1.42 -31.30 59.38
N ILE D 131 1.65 -31.81 60.59
CA ILE D 131 1.50 -33.23 60.86
C ILE D 131 0.26 -33.43 61.72
N GLN D 132 -0.59 -34.38 61.32
CA GLN D 132 -1.88 -34.59 61.95
C GLN D 132 -1.98 -35.98 62.56
N GLY D 133 -2.89 -36.12 63.53
CA GLY D 133 -3.10 -37.39 64.19
C GLY D 133 -3.81 -37.22 65.52
N GLN D 134 -3.99 -38.34 66.22
CA GLN D 134 -4.60 -38.33 67.54
C GLN D 134 -3.69 -37.58 68.50
N PHE D 135 -4.25 -37.01 69.56
CA PHE D 135 -3.47 -36.23 70.52
C PHE D 135 -2.32 -37.05 71.09
N SER D 136 -2.53 -38.36 71.22
CA SER D 136 -1.49 -39.25 71.73
C SER D 136 -0.28 -39.21 70.82
N ASP D 137 -0.52 -39.19 69.51
CA ASP D 137 0.57 -39.16 68.54
C ASP D 137 1.29 -37.81 68.54
N LEU D 138 0.52 -36.74 68.55
CA LEU D 138 1.08 -35.39 68.54
C LEU D 138 1.84 -35.11 69.82
N GLU D 139 1.36 -35.68 70.93
CA GLU D 139 2.01 -35.53 72.21
C GLU D 139 3.43 -36.09 72.15
N ILE D 140 3.58 -37.18 71.40
CA ILE D 140 4.88 -37.83 71.24
C ILE D 140 5.75 -37.02 70.28
N GLN D 141 5.16 -36.56 69.19
CA GLN D 141 5.89 -35.76 68.21
C GLN D 141 6.36 -34.46 68.86
N ALA D 142 5.44 -33.79 69.57
CA ALA D 142 5.76 -32.54 70.23
C ALA D 142 6.83 -32.74 71.28
N ALA D 143 6.81 -33.89 71.94
CA ALA D 143 7.81 -34.23 72.94
C ALA D 143 9.17 -34.40 72.31
N GLU D 144 9.21 -35.08 71.17
CA GLU D 144 10.45 -35.31 70.45
C GLU D 144 11.00 -33.99 69.93
N ILE D 145 10.11 -33.16 69.39
CA ILE D 145 10.49 -31.87 68.84
C ILE D 145 11.15 -30.99 69.88
N GLU D 146 10.66 -31.05 71.11
CA GLU D 146 11.26 -30.27 72.20
C GLU D 146 12.62 -30.85 72.55
N ARG D 147 12.76 -32.16 72.45
CA ARG D 147 14.04 -32.82 72.72
C ARG D 147 15.08 -32.39 71.71
N MET D 148 14.66 -32.34 70.45
CA MET D 148 15.56 -31.94 69.37
C MET D 148 15.93 -30.47 69.50
N ARG D 149 14.98 -29.66 69.95
CA ARG D 149 15.25 -28.25 70.21
C ARG D 149 16.34 -28.11 71.26
N THR D 150 16.12 -28.71 72.43
CA THR D 150 17.07 -28.64 73.52
C THR D 150 18.41 -29.23 73.13
N LEU D 151 18.37 -30.25 72.28
CA LEU D 151 19.60 -30.92 71.86
C LEU D 151 20.42 -30.02 70.94
N MET D 152 19.76 -29.21 70.13
CA MET D 152 20.48 -28.25 69.30
C MET D 152 21.07 -27.17 70.19
N GLU D 153 20.34 -26.83 71.24
CA GLU D 153 20.77 -25.81 72.19
C GLU D 153 21.98 -26.29 72.98
N THR D 154 21.96 -27.56 73.38
CA THR D 154 23.07 -28.14 74.12
C THR D 154 24.33 -28.20 73.25
N THR D 155 24.18 -28.63 72.01
CA THR D 155 25.30 -28.75 71.09
C THR D 155 25.94 -27.41 70.78
N LEU D 156 25.11 -26.40 70.54
CA LEU D 156 25.61 -25.06 70.29
C LEU D 156 26.30 -24.51 71.53
N ALA D 157 25.80 -24.90 72.70
CA ALA D 157 26.28 -24.35 73.96
C ALA D 157 27.73 -24.72 74.24
N ARG D 158 28.09 -25.97 74.05
CA ARG D 158 29.43 -26.43 74.41
C ARG D 158 30.47 -25.96 73.42
N HIS D 159 30.06 -25.78 72.17
CA HIS D 159 30.98 -25.32 71.13
C HIS D 159 31.17 -23.81 71.17
N THR D 160 30.11 -23.06 71.43
CA THR D 160 30.19 -21.61 71.53
C THR D 160 30.73 -21.16 72.88
N GLY D 161 30.44 -21.94 73.90
CA GLY D 161 30.85 -21.60 75.26
C GLY D 161 29.73 -20.91 76.03
N LYS D 162 28.71 -20.47 75.31
CA LYS D 162 27.56 -19.82 75.92
C LYS D 162 26.73 -20.83 76.69
N ASP D 163 25.93 -20.34 77.63
CA ASP D 163 25.02 -21.20 78.38
C ASP D 163 23.83 -21.58 77.52
N ALA D 164 23.28 -22.77 77.75
CA ALA D 164 22.14 -23.27 77.00
C ALA D 164 20.96 -22.30 77.08
N GLY D 165 20.83 -21.63 78.22
CA GLY D 165 19.76 -20.68 78.42
C GLY D 165 19.90 -19.48 77.51
N VAL D 166 21.14 -19.05 77.29
CA VAL D 166 21.41 -17.92 76.41
C VAL D 166 21.09 -18.29 74.97
N ILE D 167 21.55 -19.48 74.57
CA ILE D 167 21.27 -19.99 73.23
C ILE D 167 19.77 -20.06 73.01
N ARG D 168 19.08 -20.64 73.98
CA ARG D 168 17.63 -20.80 73.89
C ARG D 168 16.95 -19.44 73.72
N LYS D 169 17.47 -18.44 74.40
CA LYS D 169 16.89 -17.11 74.33
C LYS D 169 17.16 -16.46 72.98
N ASP D 170 18.40 -16.61 72.49
CA ASP D 170 18.80 -15.99 71.24
C ASP D 170 18.18 -16.68 70.02
N THR D 171 17.96 -17.98 70.11
CA THR D 171 17.46 -18.76 68.98
C THR D 171 15.93 -18.76 68.90
N ASP D 172 15.26 -18.20 69.90
CA ASP D 172 13.80 -18.12 69.89
C ASP D 172 13.34 -17.42 68.61
N ARG D 173 14.08 -16.38 68.23
CA ARG D 173 13.88 -15.69 66.96
C ARG D 173 15.14 -15.79 66.12
N ASP D 174 15.00 -15.70 64.81
CA ASP D 174 16.15 -15.75 63.92
C ASP D 174 17.18 -14.71 64.28
N LYS D 175 18.43 -15.13 64.45
CA LYS D 175 19.52 -14.23 64.77
C LYS D 175 20.59 -14.28 63.68
N ILE D 176 20.72 -13.20 62.93
CA ILE D 176 21.71 -13.10 61.88
C ILE D 176 22.99 -12.47 62.42
N LEU D 177 24.11 -13.09 62.09
CA LEU D 177 25.42 -12.63 62.54
C LEU D 177 26.36 -12.44 61.37
N THR D 178 27.09 -11.33 61.37
CA THR D 178 28.16 -11.13 60.39
C THR D 178 29.32 -12.02 60.78
N ALA D 179 30.41 -11.97 60.01
CA ALA D 179 31.58 -12.76 60.32
C ALA D 179 32.10 -12.40 61.72
N GLU D 180 32.31 -11.11 61.95
CA GLU D 180 32.83 -10.64 63.23
C GLU D 180 31.85 -10.93 64.36
N GLU D 181 30.55 -10.79 64.10
CA GLU D 181 29.55 -11.05 65.11
C GLU D 181 29.51 -12.54 65.49
N ALA D 182 29.80 -13.39 64.51
CA ALA D 182 29.83 -14.83 64.75
C ALA D 182 31.05 -15.19 65.57
N LYS D 183 32.12 -14.43 65.38
CA LYS D 183 33.36 -14.66 66.12
C LYS D 183 33.14 -14.33 67.58
N ASP D 184 32.45 -13.22 67.83
CA ASP D 184 32.17 -12.78 69.18
C ASP D 184 31.20 -13.73 69.87
N TYR D 185 30.29 -14.31 69.10
CA TYR D 185 29.29 -15.23 69.65
C TYR D 185 29.93 -16.56 70.03
N GLY D 186 31.03 -16.90 69.38
CA GLY D 186 31.75 -18.13 69.67
C GLY D 186 31.49 -19.23 68.66
N ILE D 187 30.86 -18.89 67.54
CA ILE D 187 30.60 -19.86 66.49
C ILE D 187 31.85 -20.15 65.67
N ILE D 188 32.61 -19.09 65.39
CA ILE D 188 33.88 -19.22 64.70
C ILE D 188 34.99 -18.58 65.52
N ASP D 189 36.21 -19.08 65.35
CA ASP D 189 37.35 -18.56 66.09
C ASP D 189 37.95 -17.33 65.44
N THR D 190 38.01 -17.33 64.11
CA THR D 190 38.67 -16.25 63.37
C THR D 190 37.96 -15.91 62.07
N VAL D 191 38.29 -14.75 61.52
CA VAL D 191 37.77 -14.31 60.24
C VAL D 191 38.91 -14.21 59.24
N LEU D 192 38.81 -14.93 58.14
CA LEU D 192 39.86 -14.90 57.14
C LEU D 192 39.95 -13.52 56.54
N GLU D 193 41.18 -13.04 56.39
CA GLU D 193 41.43 -11.74 55.79
C GLU D 193 41.98 -11.92 54.39
N TYR D 194 41.66 -11.00 53.51
CA TYR D 194 42.12 -11.05 52.14
C TYR D 194 43.65 -11.07 52.12
N ARG D 195 44.23 -11.96 51.32
CA ARG D 195 45.67 -12.08 51.27
C ARG D 195 46.25 -11.16 50.19
N LYS D 196 45.36 -10.41 49.54
CA LYS D 196 45.72 -9.52 48.44
C LYS D 196 46.50 -8.31 48.92
N LEU D 197 46.81 -7.41 48.00
CA LEU D 197 47.56 -6.20 48.32
C LEU D 197 46.64 -5.14 48.92
N ILE E 3 26.91 -33.07 44.18
CA ILE E 3 28.18 -33.43 43.55
C ILE E 3 29.07 -34.20 44.52
N LEU E 4 29.50 -35.39 44.10
CA LEU E 4 30.32 -36.26 44.93
C LEU E 4 31.71 -36.43 44.32
N PRO E 5 32.76 -35.94 44.99
CA PRO E 5 34.07 -36.02 44.34
C PRO E 5 34.67 -37.43 44.37
N SER E 6 35.40 -37.77 43.32
CA SER E 6 36.13 -39.02 43.25
C SER E 6 37.59 -38.74 43.50
N PHE E 7 38.26 -39.67 44.20
CA PHE E 7 39.66 -39.51 44.56
C PHE E 7 40.50 -40.54 43.82
N ILE E 8 41.81 -40.49 44.05
CA ILE E 8 42.74 -41.33 43.30
C ILE E 8 43.75 -41.97 44.26
N GLU E 9 44.00 -43.26 44.06
CA GLU E 9 44.96 -44.01 44.87
C GLU E 9 45.98 -44.65 43.95
N HIS E 10 47.19 -44.86 44.47
CA HIS E 10 48.27 -45.39 43.64
C HIS E 10 49.17 -46.34 44.41
N SER E 11 49.58 -47.40 43.71
CA SER E 11 50.54 -48.36 44.23
C SER E 11 51.47 -48.77 43.09
N SER E 12 52.53 -49.49 43.44
CA SER E 12 53.47 -49.98 42.44
C SER E 12 52.81 -50.80 41.35
N PHE E 13 51.62 -51.33 41.63
CA PHE E 13 50.89 -52.13 40.66
C PHE E 13 50.07 -51.30 39.68
N GLY E 14 49.75 -50.07 40.03
CA GLY E 14 48.97 -49.21 39.15
C GLY E 14 48.28 -48.06 39.86
N VAL E 15 47.49 -47.32 39.11
CA VAL E 15 46.70 -46.21 39.65
C VAL E 15 45.22 -46.54 39.62
N LYS E 16 44.52 -46.15 40.68
CA LYS E 16 43.11 -46.44 40.83
C LYS E 16 42.32 -45.19 41.20
N GLU E 17 41.40 -44.79 40.32
CA GLU E 17 40.46 -43.72 40.61
C GLU E 17 39.14 -44.34 41.04
N SER E 18 38.65 -43.96 42.21
CA SER E 18 37.47 -44.60 42.79
C SER E 18 36.54 -43.63 43.53
N ASN E 19 35.30 -44.08 43.67
CA ASN E 19 34.23 -43.36 44.35
C ASN E 19 34.22 -43.68 45.84
N PRO E 20 33.93 -42.69 46.71
CA PRO E 20 33.85 -42.98 48.14
C PRO E 20 33.03 -44.21 48.50
N TYR E 21 31.89 -44.41 47.85
CA TYR E 21 31.04 -45.54 48.17
C TYR E 21 31.67 -46.85 47.71
N ASN E 22 32.49 -46.77 46.67
CA ASN E 22 33.24 -47.95 46.20
C ASN E 22 34.32 -48.32 47.19
N LYS E 23 34.96 -47.30 47.76
CA LYS E 23 36.00 -47.52 48.77
C LYS E 23 35.40 -48.15 50.02
N LEU E 24 34.19 -47.74 50.36
CA LEU E 24 33.50 -48.32 51.51
C LEU E 24 33.18 -49.80 51.25
N PHE E 25 32.68 -50.09 50.06
CA PHE E 25 32.33 -51.46 49.70
C PHE E 25 33.58 -52.32 49.56
N GLU E 26 34.68 -51.69 49.19
CA GLU E 26 35.97 -52.37 49.11
C GLU E 26 36.39 -52.82 50.51
N GLU E 27 35.92 -52.08 51.50
CA GLU E 27 36.18 -52.36 52.90
C GLU E 27 35.07 -53.19 53.54
N ARG E 28 34.17 -53.70 52.71
CA ARG E 28 33.05 -54.54 53.15
C ARG E 28 32.00 -53.75 53.92
N ILE E 29 31.75 -52.52 53.49
CA ILE E 29 30.75 -51.67 54.11
C ILE E 29 29.59 -51.39 53.16
N ILE E 30 28.42 -51.92 53.48
CA ILE E 30 27.20 -51.63 52.74
C ILE E 30 26.50 -50.43 53.36
N PHE E 31 26.07 -49.50 52.52
CA PHE E 31 25.47 -48.26 53.00
C PHE E 31 23.98 -48.22 52.65
N LEU E 32 23.13 -48.26 53.68
CA LEU E 32 21.70 -48.04 53.47
C LEU E 32 21.35 -46.63 53.92
N GLY E 33 21.17 -45.74 52.94
CA GLY E 33 20.96 -44.33 53.21
C GLY E 33 19.57 -43.83 52.90
N VAL E 34 18.73 -44.72 52.37
CA VAL E 34 17.45 -44.34 51.80
C VAL E 34 16.35 -45.24 52.31
N GLN E 35 15.10 -44.87 52.03
CA GLN E 35 13.96 -45.69 52.40
C GLN E 35 14.08 -47.08 51.81
N VAL E 36 13.59 -48.07 52.54
CA VAL E 36 13.64 -49.45 52.08
C VAL E 36 12.52 -49.70 51.08
N ASP E 37 12.90 -50.08 49.86
CA ASP E 37 11.94 -50.43 48.83
C ASP E 37 12.49 -51.55 47.97
N ASP E 38 11.74 -51.97 46.96
CA ASP E 38 12.17 -53.07 46.10
C ASP E 38 13.51 -52.73 45.45
N ALA E 39 13.67 -51.47 45.06
CA ALA E 39 14.92 -51.03 44.46
C ALA E 39 16.07 -51.13 45.43
N SER E 40 15.91 -50.50 46.59
CA SER E 40 16.95 -50.48 47.61
C SER E 40 17.22 -51.88 48.17
N ALA E 41 16.17 -52.67 48.32
CA ALA E 41 16.29 -54.00 48.89
C ALA E 41 17.10 -54.91 47.97
N ASN E 42 16.75 -54.92 46.70
CA ASN E 42 17.45 -55.75 45.72
C ASN E 42 18.93 -55.41 45.66
N ASP E 43 19.24 -54.11 45.76
CA ASP E 43 20.62 -53.66 45.73
C ASP E 43 21.39 -54.15 46.94
N ILE E 44 20.75 -54.10 48.12
CA ILE E 44 21.41 -54.53 49.35
C ILE E 44 21.58 -56.04 49.36
N MET E 45 20.59 -56.77 48.90
CA MET E 45 20.69 -58.22 48.84
C MET E 45 21.83 -58.62 47.91
N ALA E 46 21.91 -57.95 46.77
CA ALA E 46 22.98 -58.20 45.82
C ALA E 46 24.33 -57.94 46.46
N GLN E 47 24.45 -56.82 47.14
CA GLN E 47 25.70 -56.45 47.80
C GLN E 47 26.09 -57.47 48.87
N LEU E 48 25.10 -57.93 49.64
CA LEU E 48 25.37 -58.91 50.69
C LEU E 48 25.87 -60.22 50.10
N LEU E 49 25.20 -60.68 49.05
CA LEU E 49 25.55 -61.95 48.44
C LEU E 49 26.91 -61.90 47.76
N VAL E 50 27.31 -60.70 47.34
CA VAL E 50 28.62 -60.53 46.72
C VAL E 50 29.72 -60.65 47.78
N LEU E 51 29.59 -59.89 48.86
CA LEU E 51 30.57 -59.92 49.93
C LEU E 51 30.66 -61.31 50.53
N GLU E 52 29.55 -62.06 50.43
CA GLU E 52 29.53 -63.46 50.80
C GLU E 52 30.48 -64.27 49.92
N SER E 53 30.38 -64.03 48.62
CA SER E 53 31.18 -64.77 47.64
C SER E 53 32.68 -64.53 47.78
N LEU E 54 33.05 -63.26 47.94
CA LEU E 54 34.46 -62.88 47.95
C LEU E 54 35.19 -63.43 49.18
N ASP E 55 34.68 -63.11 50.37
CA ASP E 55 35.28 -63.56 51.62
C ASP E 55 34.22 -63.93 52.65
N PRO E 56 33.68 -65.16 52.58
CA PRO E 56 32.60 -65.55 53.48
C PRO E 56 32.99 -65.56 54.96
N ASP E 57 34.28 -65.58 55.25
CA ASP E 57 34.75 -65.66 56.64
C ASP E 57 34.87 -64.29 57.31
N ARG E 58 34.87 -63.23 56.50
CA ARG E 58 35.06 -61.88 57.04
C ARG E 58 33.73 -61.18 57.31
N ASP E 59 33.68 -60.45 58.42
CA ASP E 59 32.47 -59.73 58.82
C ASP E 59 32.04 -58.72 57.77
N ILE E 60 30.73 -58.52 57.66
CA ILE E 60 30.15 -57.49 56.80
C ILE E 60 29.60 -56.37 57.66
N THR E 61 29.77 -55.13 57.21
CA THR E 61 29.34 -53.96 57.96
C THR E 61 28.20 -53.24 57.22
N MET E 62 27.16 -52.89 57.97
CA MET E 62 26.03 -52.15 57.42
C MET E 62 25.84 -50.81 58.11
N TYR E 63 26.05 -49.73 57.38
CA TYR E 63 25.76 -48.39 57.87
C TYR E 63 24.32 -48.04 57.51
N ILE E 64 23.55 -47.64 58.53
CA ILE E 64 22.13 -47.38 58.35
C ILE E 64 21.76 -45.95 58.72
N ASN E 65 21.35 -45.17 57.73
CA ASN E 65 20.58 -43.96 57.99
C ASN E 65 19.34 -44.03 57.12
N SER E 66 18.19 -44.30 57.71
CA SER E 66 16.98 -44.54 56.92
C SER E 66 15.68 -44.12 57.61
N PRO E 67 14.69 -43.67 56.82
CA PRO E 67 13.33 -43.46 57.33
C PRO E 67 12.58 -44.78 57.57
N GLY E 68 13.06 -45.87 57.01
CA GLY E 68 12.34 -47.13 57.02
C GLY E 68 11.73 -47.38 55.66
N GLY E 69 10.83 -48.36 55.56
CA GLY E 69 10.22 -48.68 54.29
C GLY E 69 9.30 -49.89 54.30
N GLY E 70 9.08 -50.45 53.12
CA GLY E 70 8.12 -51.53 52.94
C GLY E 70 8.43 -52.79 53.74
N PHE E 71 7.39 -53.58 53.99
CA PHE E 71 7.53 -54.78 54.81
C PHE E 71 8.20 -55.92 54.06
N THR E 72 7.72 -56.20 52.85
CA THR E 72 8.29 -57.28 52.04
C THR E 72 9.76 -56.98 51.75
N SER E 73 10.05 -55.71 51.50
CA SER E 73 11.41 -55.28 51.23
C SER E 73 12.30 -55.46 52.45
N LEU E 74 11.74 -55.21 53.63
CA LEU E 74 12.48 -55.38 54.88
C LEU E 74 12.83 -56.83 55.13
N MET E 75 11.85 -57.72 54.96
CA MET E 75 12.06 -59.14 55.23
C MET E 75 12.96 -59.76 54.18
N ALA E 76 13.03 -59.16 53.01
CA ALA E 76 13.95 -59.60 51.97
C ALA E 76 15.38 -59.39 52.44
N ILE E 77 15.66 -58.20 52.95
CA ILE E 77 16.99 -57.88 53.48
C ILE E 77 17.28 -58.69 54.72
N TYR E 78 16.29 -58.82 55.59
CA TYR E 78 16.47 -59.50 56.86
C TYR E 78 16.91 -60.93 56.63
N ASP E 79 16.16 -61.65 55.81
CA ASP E 79 16.48 -63.04 55.51
C ASP E 79 17.88 -63.18 54.94
N THR E 80 18.25 -62.24 54.07
CA THR E 80 19.55 -62.29 53.43
C THR E 80 20.65 -62.05 54.46
N MET E 81 20.41 -61.11 55.37
CA MET E 81 21.36 -60.84 56.44
C MET E 81 21.60 -62.08 57.28
N GLN E 82 20.52 -62.74 57.66
CA GLN E 82 20.61 -63.91 58.53
C GLN E 82 21.15 -65.12 57.79
N TYR E 83 20.91 -65.19 56.49
CA TYR E 83 21.36 -66.33 55.71
C TYR E 83 22.88 -66.36 55.57
N VAL E 84 23.44 -65.21 55.22
CA VAL E 84 24.88 -65.09 54.96
C VAL E 84 25.71 -65.64 56.12
N ARG E 85 26.74 -66.40 55.77
CA ARG E 85 27.59 -67.07 56.74
C ARG E 85 28.38 -66.10 57.61
N ALA E 86 28.83 -65.01 56.99
CA ALA E 86 29.59 -63.99 57.70
C ALA E 86 28.73 -63.26 58.72
N ASP E 87 29.32 -62.89 59.85
CA ASP E 87 28.63 -62.07 60.83
C ASP E 87 28.36 -60.71 60.22
N ILE E 88 27.33 -60.03 60.70
CA ILE E 88 26.94 -58.73 60.17
C ILE E 88 26.93 -57.67 61.27
N GLN E 89 27.74 -56.64 61.08
CA GLN E 89 27.79 -55.50 61.99
C GLN E 89 26.90 -54.39 61.48
N THR E 90 26.08 -53.83 62.37
CA THR E 90 25.18 -52.74 62.00
C THR E 90 25.54 -51.46 62.74
N VAL E 91 25.59 -50.36 62.01
CA VAL E 91 25.89 -49.05 62.57
C VAL E 91 24.83 -48.04 62.15
N CYS E 92 24.29 -47.31 63.13
CA CYS E 92 23.22 -46.35 62.86
C CYS E 92 23.75 -44.92 62.88
N LEU E 93 23.52 -44.20 61.79
CA LEU E 93 23.92 -42.80 61.67
C LEU E 93 22.72 -41.87 61.52
N GLY E 94 22.42 -41.12 62.58
CA GLY E 94 21.48 -40.02 62.50
C GLY E 94 20.03 -40.44 62.69
N GLN E 95 19.72 -41.67 62.29
CA GLN E 95 18.46 -42.33 62.65
C GLN E 95 18.34 -43.71 62.04
N ALA E 96 17.52 -44.55 62.67
CA ALA E 96 16.99 -45.75 62.05
C ALA E 96 15.55 -45.88 62.48
N ALA E 97 14.62 -45.81 61.53
CA ALA E 97 13.20 -45.71 61.87
C ALA E 97 12.37 -46.83 61.29
N SER E 98 11.40 -47.30 62.07
CA SER E 98 10.47 -48.32 61.62
C SER E 98 11.22 -49.55 61.11
N ALA E 99 11.06 -49.85 59.83
CA ALA E 99 11.72 -51.00 59.21
C ALA E 99 13.22 -50.98 59.46
N ALA E 100 13.82 -49.80 59.34
CA ALA E 100 15.27 -49.67 59.47
C ALA E 100 15.73 -50.04 60.88
N ALA E 101 14.86 -49.78 61.86
CA ALA E 101 15.20 -50.09 63.25
C ALA E 101 15.30 -51.59 63.44
N VAL E 102 14.49 -52.34 62.70
CA VAL E 102 14.54 -53.80 62.77
C VAL E 102 15.83 -54.32 62.16
N LEU E 103 16.23 -53.76 61.03
CA LEU E 103 17.47 -54.16 60.37
C LEU E 103 18.65 -53.86 61.29
N LEU E 104 18.56 -52.74 61.99
CA LEU E 104 19.59 -52.36 62.95
C LEU E 104 19.69 -53.41 64.05
N ALA E 105 18.55 -53.87 64.53
CA ALA E 105 18.50 -54.86 65.59
C ALA E 105 18.80 -56.25 65.07
N ALA E 106 18.73 -56.42 63.76
CA ALA E 106 18.88 -57.73 63.15
C ALA E 106 20.36 -58.09 62.96
N GLY E 107 21.24 -57.16 63.30
CA GLY E 107 22.66 -57.44 63.25
C GLY E 107 23.01 -58.54 64.25
N THR E 108 24.14 -59.19 64.05
CA THR E 108 24.54 -60.28 64.95
C THR E 108 24.86 -59.70 66.33
N PRO E 109 24.50 -60.43 67.40
CA PRO E 109 24.70 -59.94 68.76
C PRO E 109 26.12 -59.46 69.07
N GLY E 110 26.20 -58.31 69.72
CA GLY E 110 27.46 -57.73 70.14
C GLY E 110 28.05 -56.80 69.10
N LYS E 111 27.65 -57.01 67.85
CA LYS E 111 28.16 -56.21 66.74
C LYS E 111 27.18 -55.10 66.31
N ARG E 112 26.08 -54.95 67.02
CA ARG E 112 25.12 -53.88 66.75
C ARG E 112 25.48 -52.62 67.55
N MET E 113 25.67 -51.51 66.86
CA MET E 113 26.09 -50.27 67.50
C MET E 113 25.48 -49.04 66.83
N ALA E 114 25.62 -47.89 67.47
CA ALA E 114 25.12 -46.63 66.93
C ALA E 114 25.97 -45.45 67.37
N LEU E 115 25.84 -44.34 66.65
CA LEU E 115 26.52 -43.10 67.02
C LEU E 115 25.70 -42.40 68.10
N PRO E 116 26.35 -41.58 68.93
CA PRO E 116 25.71 -41.02 70.13
C PRO E 116 24.44 -40.20 69.86
N ASN E 117 24.45 -39.36 68.84
CA ASN E 117 23.31 -38.49 68.56
C ASN E 117 22.32 -39.08 67.58
N ALA E 118 22.56 -40.33 67.16
CA ALA E 118 21.61 -41.04 66.34
C ALA E 118 20.36 -41.32 67.16
N ARG E 119 19.24 -41.56 66.49
CA ARG E 119 17.98 -41.86 67.17
C ARG E 119 17.37 -43.11 66.57
N VAL E 120 16.46 -43.74 67.31
CA VAL E 120 15.79 -44.94 66.82
C VAL E 120 14.29 -44.83 67.04
N LEU E 121 13.53 -45.07 65.99
CA LEU E 121 12.08 -45.03 66.04
C LEU E 121 11.51 -46.44 65.89
N ILE E 122 10.55 -46.78 66.75
CA ILE E 122 9.83 -48.04 66.63
C ILE E 122 8.33 -47.75 66.67
N HIS E 123 7.61 -48.23 65.68
CA HIS E 123 6.15 -48.20 65.74
C HIS E 123 5.57 -49.38 64.97
N GLN E 124 4.31 -49.65 65.20
CA GLN E 124 3.66 -50.75 64.51
C GLN E 124 3.47 -50.37 63.05
N PRO E 125 3.34 -51.38 62.18
CA PRO E 125 3.09 -51.13 60.76
C PRO E 125 1.84 -50.28 60.52
N SER E 126 1.94 -49.34 59.59
CA SER E 126 0.83 -48.44 59.27
C SER E 126 0.59 -48.39 57.77
N LEU E 127 -0.64 -48.03 57.40
CA LEU E 127 -1.01 -47.85 56.00
C LEU E 127 -1.47 -46.41 55.79
N SER E 128 -0.69 -45.65 55.01
CA SER E 128 -0.96 -44.24 54.82
C SER E 128 -2.18 -44.01 53.94
N GLY E 129 -2.28 -44.80 52.86
CA GLY E 129 -3.39 -44.66 51.93
C GLY E 129 -4.61 -45.45 52.36
N VAL E 130 -5.55 -45.62 51.45
CA VAL E 130 -6.75 -46.40 51.69
C VAL E 130 -6.89 -47.47 50.62
N ILE E 131 -7.11 -48.72 51.05
CA ILE E 131 -7.40 -49.81 50.12
C ILE E 131 -8.86 -50.19 50.27
N GLN E 132 -9.56 -50.30 49.14
CA GLN E 132 -11.00 -50.52 49.14
C GLN E 132 -11.37 -51.82 48.45
N GLY E 133 -12.54 -52.33 48.78
CA GLY E 133 -13.04 -53.57 48.20
C GLY E 133 -14.15 -54.17 49.04
N GLN E 134 -14.63 -55.34 48.63
CA GLN E 134 -15.65 -56.05 49.38
C GLN E 134 -15.10 -56.51 50.72
N PHE E 135 -15.99 -56.70 51.69
CA PHE E 135 -15.58 -57.09 53.04
C PHE E 135 -14.77 -58.38 53.02
N SER E 136 -15.05 -59.27 52.08
CA SER E 136 -14.31 -60.51 51.97
C SER E 136 -12.84 -60.25 51.70
N ASP E 137 -12.57 -59.29 50.83
CA ASP E 137 -11.20 -58.92 50.48
C ASP E 137 -10.52 -58.20 51.64
N LEU E 138 -11.24 -57.27 52.26
CA LEU E 138 -10.67 -56.49 53.36
C LEU E 138 -10.40 -57.40 54.55
N GLU E 139 -11.25 -58.40 54.73
CA GLU E 139 -11.09 -59.35 55.82
C GLU E 139 -9.78 -60.10 55.66
N ILE E 140 -9.40 -60.37 54.42
CA ILE E 140 -8.15 -61.09 54.13
C ILE E 140 -6.95 -60.17 54.32
N GLN E 141 -7.07 -58.94 53.85
CA GLN E 141 -6.01 -57.96 53.99
C GLN E 141 -5.75 -57.67 55.47
N ALA E 142 -6.82 -57.44 56.22
CA ALA E 142 -6.70 -57.15 57.64
C ALA E 142 -6.06 -58.32 58.39
N ALA E 143 -6.34 -59.54 57.93
CA ALA E 143 -5.76 -60.73 58.55
C ALA E 143 -4.26 -60.76 58.29
N GLU E 144 -3.88 -60.43 57.06
CA GLU E 144 -2.47 -60.38 56.68
C GLU E 144 -1.76 -59.27 57.45
N ILE E 145 -2.42 -58.13 57.55
CA ILE E 145 -1.85 -56.97 58.24
C ILE E 145 -1.52 -57.30 59.69
N GLU E 146 -2.37 -58.09 60.33
CA GLU E 146 -2.14 -58.49 61.70
C GLU E 146 -0.96 -59.46 61.77
N ARG E 147 -0.82 -60.31 60.76
CA ARG E 147 0.28 -61.26 60.71
C ARG E 147 1.59 -60.50 60.59
N MET E 148 1.60 -59.47 59.75
CA MET E 148 2.80 -58.68 59.52
C MET E 148 3.14 -57.91 60.79
N ARG E 149 2.12 -57.44 61.49
CA ARG E 149 2.31 -56.76 62.76
C ARG E 149 2.97 -57.70 63.75
N THR E 150 2.33 -58.85 63.99
CA THR E 150 2.83 -59.83 64.94
C THR E 150 4.21 -60.35 64.56
N LEU E 151 4.47 -60.46 63.26
CA LEU E 151 5.75 -60.97 62.79
C LEU E 151 6.86 -59.99 63.07
N MET E 152 6.55 -58.70 62.98
CA MET E 152 7.53 -57.68 63.31
C MET E 152 7.81 -57.72 64.81
N GLU E 153 6.77 -58.02 65.59
CA GLU E 153 6.90 -58.08 67.03
C GLU E 153 7.72 -59.28 67.48
N THR E 154 7.49 -60.44 66.87
CA THR E 154 8.25 -61.64 67.20
C THR E 154 9.72 -61.48 66.83
N THR E 155 9.97 -60.94 65.64
CA THR E 155 11.35 -60.74 65.18
C THR E 155 12.08 -59.74 66.06
N LEU E 156 11.41 -58.65 66.42
CA LEU E 156 12.01 -57.66 67.33
C LEU E 156 12.24 -58.27 68.70
N ALA E 157 11.36 -59.17 69.11
CA ALA E 157 11.41 -59.74 70.44
C ALA E 157 12.68 -60.56 70.66
N ARG E 158 13.02 -61.40 69.70
CA ARG E 158 14.13 -62.33 69.88
C ARG E 158 15.47 -61.62 69.76
N HIS E 159 15.51 -60.55 68.97
CA HIS E 159 16.73 -59.79 68.78
C HIS E 159 16.97 -58.81 69.93
N THR E 160 15.91 -58.21 70.44
CA THR E 160 16.03 -57.29 71.58
C THR E 160 16.13 -58.01 72.91
N GLY E 161 15.54 -59.19 73.00
CA GLY E 161 15.52 -59.95 74.23
C GLY E 161 14.25 -59.72 75.01
N LYS E 162 13.50 -58.70 74.62
CA LYS E 162 12.21 -58.40 75.24
C LYS E 162 11.19 -59.46 74.86
N ASP E 163 10.14 -59.57 75.67
CA ASP E 163 9.04 -60.47 75.34
C ASP E 163 8.20 -59.82 74.24
N ALA E 164 7.60 -60.63 73.39
CA ALA E 164 6.80 -60.13 72.28
C ALA E 164 5.67 -59.22 72.76
N GLY E 165 5.15 -59.51 73.94
CA GLY E 165 4.07 -58.72 74.51
C GLY E 165 4.50 -57.30 74.84
N VAL E 166 5.73 -57.16 75.32
CA VAL E 166 6.27 -55.86 75.67
C VAL E 166 6.46 -55.03 74.42
N ILE E 167 7.00 -55.66 73.38
CA ILE E 167 7.20 -55.02 72.09
C ILE E 167 5.88 -54.49 71.55
N ARG E 168 4.86 -55.33 71.57
CA ARG E 168 3.54 -54.96 71.07
C ARG E 168 3.00 -53.73 71.79
N LYS E 169 3.25 -53.66 73.09
CA LYS E 169 2.76 -52.56 73.90
C LYS E 169 3.53 -51.27 73.61
N ASP E 170 4.85 -51.39 73.47
CA ASP E 170 5.70 -50.23 73.23
C ASP E 170 5.53 -49.68 71.82
N THR E 171 5.24 -50.58 70.88
CA THR E 171 5.14 -50.18 69.47
C THR E 171 3.74 -49.69 69.08
N ASP E 172 2.79 -49.81 69.99
CA ASP E 172 1.43 -49.33 69.73
C ASP E 172 1.45 -47.86 69.30
N ARG E 173 2.29 -47.09 69.98
CA ARG E 173 2.55 -45.70 69.62
C ARG E 173 4.02 -45.54 69.27
N ASP E 174 4.34 -44.54 68.47
CA ASP E 174 5.72 -44.28 68.09
C ASP E 174 6.59 -44.11 69.33
N LYS E 175 7.70 -44.85 69.38
CA LYS E 175 8.64 -44.77 70.49
C LYS E 175 9.99 -44.34 69.98
N ILE E 176 10.41 -43.14 70.33
CA ILE E 176 11.72 -42.63 69.92
C ILE E 176 12.73 -42.95 71.00
N LEU E 177 13.88 -43.46 70.58
CA LEU E 177 14.95 -43.85 71.48
C LEU E 177 16.25 -43.18 71.09
N THR E 178 16.96 -42.63 72.08
CA THR E 178 18.29 -42.12 71.84
C THR E 178 19.24 -43.29 71.67
N ALA E 179 20.51 -43.00 71.44
CA ALA E 179 21.50 -44.05 71.31
C ALA E 179 21.53 -44.88 72.58
N GLU E 180 21.67 -44.19 73.72
CA GLU E 180 21.74 -44.85 75.01
C GLU E 180 20.44 -45.59 75.32
N GLU E 181 19.31 -44.98 75.00
CA GLU E 181 18.01 -45.59 75.24
C GLU E 181 17.82 -46.83 74.38
N ALA E 182 18.38 -46.79 73.17
CA ALA E 182 18.29 -47.92 72.25
C ALA E 182 19.16 -49.06 72.75
N LYS E 183 20.25 -48.71 73.42
CA LYS E 183 21.16 -49.70 73.99
C LYS E 183 20.47 -50.43 75.13
N ASP E 184 19.77 -49.68 75.97
CA ASP E 184 19.06 -50.25 77.11
C ASP E 184 17.90 -51.13 76.65
N TYR E 185 17.29 -50.78 75.53
CA TYR E 185 16.15 -51.52 75.00
C TYR E 185 16.59 -52.87 74.45
N GLY E 186 17.84 -52.95 74.01
CA GLY E 186 18.39 -54.18 73.46
C GLY E 186 18.44 -54.18 71.95
N ILE E 187 18.22 -53.01 71.35
CA ILE E 187 18.27 -52.88 69.89
C ILE E 187 19.72 -52.82 69.41
N ILE E 188 20.56 -52.11 70.16
CA ILE E 188 21.99 -52.06 69.88
C ILE E 188 22.78 -52.46 71.11
N ASP E 189 23.98 -52.99 70.89
CA ASP E 189 24.82 -53.44 71.99
C ASP E 189 25.63 -52.32 72.63
N THR E 190 26.18 -51.43 71.81
CA THR E 190 27.04 -50.36 72.32
C THR E 190 26.86 -49.07 71.54
N VAL E 191 27.35 -47.97 72.13
CA VAL E 191 27.32 -46.66 71.48
C VAL E 191 28.75 -46.21 71.21
N LEU E 192 29.05 -45.92 69.95
CA LEU E 192 30.38 -45.53 69.55
C LEU E 192 30.80 -44.22 70.21
N GLU E 193 32.05 -44.15 70.65
CA GLU E 193 32.60 -42.96 71.26
C GLU E 193 33.53 -42.27 70.27
N TYR E 194 33.57 -40.95 70.33
CA TYR E 194 34.42 -40.18 69.45
C TYR E 194 35.89 -40.57 69.62
N ARG E 195 36.54 -40.84 68.49
CA ARG E 195 37.92 -41.30 68.47
C ARG E 195 38.93 -40.17 68.31
N LYS E 196 38.45 -38.92 68.38
CA LYS E 196 39.31 -37.79 68.04
C LYS E 196 40.53 -37.67 68.95
N LEU E 197 41.61 -37.15 68.36
CA LEU E 197 42.89 -37.03 69.04
C LEU E 197 42.94 -35.83 69.98
N SER E 198 42.47 -34.68 69.51
CA SER E 198 42.51 -33.46 70.31
C SER E 198 41.66 -33.62 71.56
N ALA E 199 40.62 -34.44 71.48
CA ALA E 199 39.77 -34.73 72.63
C ALA E 199 40.23 -36.00 73.33
N ILE F 3 22.06 -45.45 44.97
CA ILE F 3 23.45 -45.60 44.54
C ILE F 3 23.96 -47.02 44.80
N LEU F 4 24.45 -47.66 43.74
CA LEU F 4 24.93 -49.04 43.81
C LEU F 4 26.43 -49.10 43.55
N PRO F 5 27.22 -49.52 44.56
CA PRO F 5 28.67 -49.49 44.35
C PRO F 5 29.17 -50.62 43.47
N SER F 6 30.21 -50.35 42.69
CA SER F 6 30.86 -51.37 41.89
C SER F 6 32.16 -51.77 42.57
N PHE F 7 32.49 -53.05 42.49
CA PHE F 7 33.68 -53.58 43.15
C PHE F 7 34.70 -54.03 42.13
N ILE F 8 35.85 -54.52 42.61
CA ILE F 8 36.98 -54.83 41.74
C ILE F 8 37.57 -56.20 42.08
N GLU F 9 37.86 -56.97 41.03
CA GLU F 9 38.45 -58.30 41.17
C GLU F 9 39.72 -58.37 40.34
N HIS F 10 40.66 -59.21 40.76
CA HIS F 10 41.95 -59.30 40.10
C HIS F 10 42.50 -60.72 40.06
N SER F 11 43.11 -61.06 38.93
CA SER F 11 43.77 -62.34 38.75
C SER F 11 45.05 -62.12 37.96
N SER F 12 45.89 -63.15 37.87
CA SER F 12 47.13 -63.08 37.13
C SER F 12 46.91 -62.66 35.68
N PHE F 13 45.69 -62.88 35.17
CA PHE F 13 45.36 -62.54 33.80
C PHE F 13 44.97 -61.08 33.61
N GLY F 14 44.56 -60.42 34.69
CA GLY F 14 44.16 -59.02 34.61
C GLY F 14 43.27 -58.56 35.76
N VAL F 15 42.82 -57.32 35.67
CA VAL F 15 41.92 -56.73 36.66
C VAL F 15 40.54 -56.51 36.06
N LYS F 16 39.51 -56.76 36.85
CA LYS F 16 38.13 -56.64 36.39
C LYS F 16 37.30 -55.80 37.34
N GLU F 17 36.77 -54.70 36.83
CA GLU F 17 35.83 -53.87 37.57
C GLU F 17 34.43 -54.26 37.13
N SER F 18 33.59 -54.64 38.09
CA SER F 18 32.27 -55.17 37.77
C SER F 18 31.16 -54.71 38.72
N ASN F 19 29.94 -54.79 38.20
CA ASN F 19 28.73 -54.43 38.92
C ASN F 19 28.19 -55.65 39.67
N PRO F 20 27.65 -55.46 40.89
CA PRO F 20 27.09 -56.60 41.63
C PRO F 20 26.15 -57.49 40.81
N TYR F 21 25.28 -56.89 40.01
CA TYR F 21 24.33 -57.68 39.22
C TYR F 21 25.05 -58.43 38.10
N ASN F 22 26.16 -57.90 37.65
CA ASN F 22 26.97 -58.58 36.63
C ASN F 22 27.63 -59.81 37.21
N LYS F 23 28.07 -59.72 38.46
CA LYS F 23 28.68 -60.84 39.15
C LYS F 23 27.68 -61.96 39.34
N LEU F 24 26.44 -61.59 39.59
CA LEU F 24 25.37 -62.58 39.72
C LEU F 24 25.15 -63.29 38.40
N PHE F 25 25.11 -62.53 37.31
CA PHE F 25 24.88 -63.11 35.99
C PHE F 25 26.05 -63.98 35.57
N GLU F 26 27.24 -63.66 36.06
CA GLU F 26 28.41 -64.47 35.81
C GLU F 26 28.25 -65.83 36.46
N GLU F 27 27.49 -65.86 37.55
CA GLU F 27 27.20 -67.08 38.29
C GLU F 27 25.90 -67.73 37.83
N ARG F 28 25.36 -67.24 36.72
CA ARG F 28 24.14 -67.78 36.12
C ARG F 28 22.91 -67.46 36.97
N ILE F 29 22.90 -66.27 37.55
CA ILE F 29 21.78 -65.81 38.36
C ILE F 29 21.06 -64.62 37.71
N ILE F 30 19.84 -64.86 37.26
CA ILE F 30 18.99 -63.79 36.75
C ILE F 30 18.15 -63.23 37.88
N PHE F 31 18.10 -61.90 37.98
CA PHE F 31 17.39 -61.25 39.08
C PHE F 31 16.15 -60.55 38.58
N LEU F 32 14.97 -61.04 38.99
CA LEU F 32 13.72 -60.35 38.72
C LEU F 32 13.30 -59.62 39.98
N GLY F 33 13.52 -58.30 39.98
CA GLY F 33 13.28 -57.46 41.15
C GLY F 33 12.12 -56.52 40.98
N VAL F 34 11.49 -56.55 39.81
CA VAL F 34 10.52 -55.54 39.43
C VAL F 34 9.24 -56.16 38.90
N GLN F 35 8.21 -55.34 38.73
CA GLN F 35 6.96 -55.81 38.16
C GLN F 35 7.21 -56.37 36.78
N VAL F 36 6.46 -57.40 36.41
CA VAL F 36 6.62 -58.03 35.11
C VAL F 36 5.91 -57.21 34.04
N ASP F 37 6.68 -56.76 33.05
CA ASP F 37 6.12 -56.04 31.92
C ASP F 37 6.90 -56.40 30.67
N ASP F 38 6.54 -55.80 29.55
CA ASP F 38 7.18 -56.11 28.28
C ASP F 38 8.68 -55.84 28.36
N ALA F 39 9.07 -54.76 29.04
CA ALA F 39 10.47 -54.42 29.21
C ALA F 39 11.19 -55.47 30.03
N SER F 40 10.65 -55.76 31.21
CA SER F 40 11.25 -56.74 32.11
C SER F 40 11.26 -58.13 31.49
N ALA F 41 10.19 -58.46 30.78
CA ALA F 41 10.08 -59.78 30.16
C ALA F 41 11.14 -59.96 29.10
N ASN F 42 11.25 -58.99 28.19
CA ASN F 42 12.24 -59.06 27.12
C ASN F 42 13.64 -59.18 27.68
N ASP F 43 13.91 -58.46 28.76
CA ASP F 43 15.23 -58.51 29.39
C ASP F 43 15.51 -59.89 29.96
N ILE F 44 14.50 -60.50 30.59
CA ILE F 44 14.67 -61.81 31.19
C ILE F 44 14.81 -62.88 30.11
N MET F 45 14.02 -62.77 29.05
CA MET F 45 14.10 -63.73 27.96
C MET F 45 15.47 -63.68 27.31
N ALA F 46 15.98 -62.47 27.11
CA ALA F 46 17.31 -62.29 26.54
C ALA F 46 18.35 -62.96 27.41
N GLN F 47 18.27 -62.72 28.72
CA GLN F 47 19.22 -63.27 29.67
C GLN F 47 19.18 -64.80 29.70
N LEU F 48 17.98 -65.37 29.63
CA LEU F 48 17.84 -66.82 29.65
C LEU F 48 18.49 -67.44 28.44
N LEU F 49 18.23 -66.87 27.27
CA LEU F 49 18.75 -67.40 26.03
C LEU F 49 20.26 -67.24 25.95
N VAL F 50 20.80 -66.25 26.66
CA VAL F 50 22.24 -66.07 26.71
C VAL F 50 22.86 -67.18 27.54
N LEU F 51 22.36 -67.37 28.76
CA LEU F 51 22.87 -68.41 29.63
C LEU F 51 22.66 -69.78 28.99
N GLU F 52 21.65 -69.88 28.15
CA GLU F 52 21.43 -71.07 27.33
C GLU F 52 22.60 -71.23 26.37
N SER F 53 22.95 -70.15 25.69
CA SER F 53 23.99 -70.17 24.68
C SER F 53 25.35 -70.49 25.25
N LEU F 54 25.68 -69.86 26.37
CA LEU F 54 26.99 -70.00 26.97
C LEU F 54 27.26 -71.42 27.49
N ASP F 55 26.38 -71.91 28.35
CA ASP F 55 26.52 -73.25 28.92
C ASP F 55 25.16 -73.94 29.07
N PRO F 56 24.66 -74.59 28.00
CA PRO F 56 23.32 -75.18 28.07
C PRO F 56 23.16 -76.30 29.10
N ASP F 57 24.27 -76.88 29.54
CA ASP F 57 24.21 -78.00 30.48
C ASP F 57 24.16 -77.57 31.94
N ARG F 58 24.47 -76.30 32.21
CA ARG F 58 24.51 -75.80 33.59
C ARG F 58 23.19 -75.14 33.97
N ASP F 59 22.76 -75.37 35.21
CA ASP F 59 21.51 -74.83 35.71
C ASP F 59 21.50 -73.30 35.70
N ILE F 60 20.32 -72.73 35.48
CA ILE F 60 20.11 -71.29 35.55
C ILE F 60 19.32 -70.96 36.81
N THR F 61 19.68 -69.86 37.45
CA THR F 61 19.03 -69.45 38.70
C THR F 61 18.24 -68.16 38.51
N MET F 62 17.01 -68.16 39.03
CA MET F 62 16.17 -66.98 38.99
C MET F 62 15.80 -66.52 40.39
N TYR F 63 16.28 -65.35 40.78
CA TYR F 63 15.89 -64.73 42.05
C TYR F 63 14.67 -63.85 41.83
N ILE F 64 13.63 -64.07 42.62
CA ILE F 64 12.35 -63.40 42.43
C ILE F 64 11.93 -62.56 43.63
N ASN F 65 11.91 -61.25 43.44
CA ASN F 65 11.13 -60.37 44.29
C ASN F 65 10.29 -59.48 43.40
N SER F 66 8.98 -59.73 43.36
CA SER F 66 8.11 -59.04 42.41
C SER F 66 6.68 -58.84 42.89
N PRO F 67 6.05 -57.71 42.52
CA PRO F 67 4.62 -57.54 42.71
C PRO F 67 3.77 -58.40 41.77
N GLY F 68 4.41 -58.90 40.72
CA GLY F 68 3.69 -59.58 39.64
C GLY F 68 3.60 -58.66 38.45
N GLY F 69 2.77 -59.00 37.48
CA GLY F 69 2.64 -58.18 36.29
C GLY F 69 1.75 -58.75 35.21
N GLY F 70 1.93 -58.26 33.99
CA GLY F 70 1.07 -58.60 32.87
C GLY F 70 1.07 -60.07 32.52
N PHE F 71 0.00 -60.51 31.88
CA PHE F 71 -0.18 -61.92 31.53
C PHE F 71 0.67 -62.33 30.34
N THR F 72 0.61 -61.56 29.27
CA THR F 72 1.38 -61.87 28.07
C THR F 72 2.86 -61.85 28.40
N SER F 73 3.25 -60.89 29.23
CA SER F 73 4.64 -60.76 29.66
C SER F 73 5.06 -61.96 30.50
N LEU F 74 4.14 -62.45 31.31
CA LEU F 74 4.42 -63.62 32.14
C LEU F 74 4.62 -64.88 31.31
N MET F 75 3.73 -65.10 30.34
CA MET F 75 3.81 -66.30 29.53
C MET F 75 5.00 -66.26 28.58
N ALA F 76 5.46 -65.05 28.28
CA ALA F 76 6.66 -64.88 27.49
C ALA F 76 7.86 -65.43 28.26
N ILE F 77 7.95 -65.04 29.53
CA ILE F 77 9.00 -65.51 30.41
C ILE F 77 8.85 -66.99 30.69
N TYR F 78 7.60 -67.43 30.92
CA TYR F 78 7.33 -68.81 31.26
C TYR F 78 7.81 -69.76 30.17
N ASP F 79 7.40 -69.50 28.93
CA ASP F 79 7.78 -70.34 27.82
C ASP F 79 9.29 -70.43 27.66
N THR F 80 9.97 -69.31 27.85
CA THR F 80 11.42 -69.28 27.70
C THR F 80 12.06 -70.13 28.79
N MET F 81 11.53 -70.04 30.01
CA MET F 81 12.04 -70.85 31.11
C MET F 81 11.93 -72.33 30.78
N GLN F 82 10.76 -72.74 30.30
CA GLN F 82 10.50 -74.13 30.00
C GLN F 82 11.23 -74.59 28.74
N TYR F 83 11.48 -73.67 27.82
CA TYR F 83 12.15 -74.02 26.56
C TYR F 83 13.61 -74.41 26.80
N VAL F 84 14.30 -73.57 27.55
CA VAL F 84 15.73 -73.73 27.78
C VAL F 84 16.08 -75.13 28.27
N ARG F 85 17.15 -75.69 27.72
CA ARG F 85 17.57 -77.06 28.03
C ARG F 85 18.02 -77.19 29.48
N ALA F 86 18.66 -76.15 29.99
CA ALA F 86 19.15 -76.14 31.36
C ALA F 86 18.00 -76.15 32.36
N ASP F 87 18.20 -76.83 33.49
CA ASP F 87 17.25 -76.79 34.59
C ASP F 87 17.22 -75.36 35.13
N ILE F 88 16.10 -74.98 35.72
CA ILE F 88 15.95 -73.63 36.26
C ILE F 88 15.58 -73.67 37.73
N GLN F 89 16.42 -73.05 38.55
CA GLN F 89 16.18 -72.92 39.98
C GLN F 89 15.54 -71.58 40.26
N THR F 90 14.47 -71.58 41.06
CA THR F 90 13.78 -70.36 41.42
C THR F 90 13.88 -70.10 42.92
N VAL F 91 14.24 -68.87 43.28
CA VAL F 91 14.36 -68.48 44.68
C VAL F 91 13.57 -67.20 44.91
N CYS F 92 12.73 -67.21 45.94
CA CYS F 92 11.87 -66.07 46.24
C CYS F 92 12.39 -65.25 47.41
N LEU F 93 12.59 -63.95 47.18
CA LEU F 93 13.04 -63.05 48.23
C LEU F 93 12.00 -61.98 48.56
N GLY F 94 11.38 -62.13 49.72
CA GLY F 94 10.55 -61.07 50.29
C GLY F 94 9.14 -61.08 49.78
N GLN F 95 8.94 -61.55 48.55
CA GLN F 95 7.61 -61.89 48.03
C GLN F 95 7.66 -62.39 46.59
N ALA F 96 6.65 -63.15 46.20
CA ALA F 96 6.33 -63.39 44.81
C ALA F 96 4.81 -63.36 44.68
N ALA F 97 4.30 -62.41 43.93
CA ALA F 97 2.85 -62.17 43.91
C ALA F 97 2.28 -62.27 42.51
N SER F 98 1.07 -62.82 42.42
CA SER F 98 0.35 -62.91 41.17
C SER F 98 1.19 -63.63 40.11
N ALA F 99 1.54 -62.91 39.04
CA ALA F 99 2.34 -63.46 37.96
C ALA F 99 3.64 -64.08 38.47
N ALA F 100 4.28 -63.40 39.41
CA ALA F 100 5.56 -63.84 39.95
C ALA F 100 5.44 -65.17 40.69
N ALA F 101 4.27 -65.39 41.29
CA ALA F 101 4.02 -66.63 42.02
C ALA F 101 3.99 -67.82 41.07
N VAL F 102 3.49 -67.58 39.86
CA VAL F 102 3.46 -68.61 38.85
C VAL F 102 4.87 -68.92 38.36
N LEU F 103 5.67 -67.88 38.16
CA LEU F 103 7.04 -68.05 37.72
C LEU F 103 7.86 -68.78 38.77
N LEU F 104 7.59 -68.49 40.02
CA LEU F 104 8.27 -69.17 41.13
C LEU F 104 7.96 -70.66 41.07
N ALA F 105 6.70 -70.99 40.81
CA ALA F 105 6.25 -72.37 40.74
C ALA F 105 6.66 -73.04 39.43
N ALA F 106 7.01 -72.23 38.44
CA ALA F 106 7.30 -72.76 37.10
C ALA F 106 8.74 -73.28 37.00
N GLY F 107 9.51 -73.14 38.07
CA GLY F 107 10.85 -73.69 38.12
C GLY F 107 10.82 -75.19 38.01
N THR F 108 11.94 -75.81 37.66
CA THR F 108 11.99 -77.24 37.53
C THR F 108 11.84 -77.90 38.90
N PRO F 109 11.13 -79.04 38.98
CA PRO F 109 10.84 -79.71 40.25
C PRO F 109 12.06 -79.98 41.12
N GLY F 110 11.92 -79.68 42.41
CA GLY F 110 12.96 -79.93 43.39
C GLY F 110 13.91 -78.76 43.57
N LYS F 111 13.99 -77.90 42.56
CA LYS F 111 14.88 -76.75 42.58
C LYS F 111 14.17 -75.44 42.93
N ARG F 112 12.88 -75.51 43.22
CA ARG F 112 12.12 -74.33 43.63
C ARG F 112 12.18 -74.14 45.14
N MET F 113 12.61 -72.96 45.58
CA MET F 113 12.77 -72.69 47.00
C MET F 113 12.47 -71.24 47.34
N ALA F 114 12.36 -70.95 48.63
CA ALA F 114 12.12 -69.58 49.09
C ALA F 114 12.75 -69.33 50.45
N LEU F 115 12.93 -68.06 50.79
CA LEU F 115 13.44 -67.67 52.10
C LEU F 115 12.31 -67.69 53.11
N PRO F 116 12.63 -67.88 54.40
CA PRO F 116 11.62 -68.13 55.44
C PRO F 116 10.57 -67.03 55.59
N ASN F 117 10.98 -65.76 55.54
CA ASN F 117 10.07 -64.65 55.75
C ASN F 117 9.48 -64.11 54.45
N ALA F 118 9.79 -64.77 53.34
CA ALA F 118 9.16 -64.44 52.06
C ALA F 118 7.68 -64.80 52.12
N ARG F 119 6.88 -64.20 51.25
CA ARG F 119 5.46 -64.51 51.17
C ARG F 119 5.08 -64.79 49.73
N VAL F 120 3.95 -65.47 49.52
CA VAL F 120 3.48 -65.77 48.19
C VAL F 120 2.00 -65.44 48.06
N LEU F 121 1.67 -64.66 47.03
CA LEU F 121 0.30 -64.27 46.76
C LEU F 121 -0.21 -64.95 45.50
N ILE F 122 -1.42 -65.50 45.58
CA ILE F 122 -2.07 -66.07 44.42
C ILE F 122 -3.47 -65.49 44.31
N HIS F 123 -3.80 -64.92 43.16
CA HIS F 123 -5.17 -64.52 42.90
C HIS F 123 -5.49 -64.60 41.42
N GLN F 124 -6.77 -64.56 41.10
CA GLN F 124 -7.20 -64.60 39.72
C GLN F 124 -6.84 -63.29 39.04
N PRO F 125 -6.70 -63.32 37.71
CA PRO F 125 -6.42 -62.10 36.95
C PRO F 125 -7.44 -61.00 37.18
N SER F 126 -6.97 -59.77 37.31
CA SER F 126 -7.85 -58.63 37.55
C SER F 126 -7.54 -57.49 36.59
N LEU F 127 -8.54 -56.64 36.36
CA LEU F 127 -8.39 -55.46 35.53
C LEU F 127 -8.68 -54.23 36.37
N SER F 128 -7.64 -53.42 36.62
CA SER F 128 -7.76 -52.28 37.51
C SER F 128 -8.57 -51.15 36.88
N GLY F 129 -8.31 -50.88 35.60
CA GLY F 129 -9.01 -49.83 34.89
C GLY F 129 -10.33 -50.32 34.32
N VAL F 130 -10.89 -49.52 33.41
CA VAL F 130 -12.12 -49.89 32.72
C VAL F 130 -11.91 -49.84 31.22
N ILE F 131 -12.29 -50.90 30.53
CA ILE F 131 -12.26 -50.92 29.07
C ILE F 131 -13.69 -50.89 28.54
N GLN F 132 -13.93 -50.00 27.59
CA GLN F 132 -15.27 -49.73 27.09
C GLN F 132 -15.37 -50.07 25.60
N GLY F 133 -16.59 -50.27 25.13
CA GLY F 133 -16.83 -50.58 23.74
C GLY F 133 -18.19 -51.21 23.55
N GLN F 134 -18.49 -51.60 22.32
CA GLN F 134 -19.74 -52.28 22.01
C GLN F 134 -19.74 -53.63 22.71
N PHE F 135 -20.93 -54.17 22.99
CA PHE F 135 -21.03 -55.44 23.70
C PHE F 135 -20.30 -56.56 22.97
N SER F 136 -20.25 -56.49 21.64
CA SER F 136 -19.55 -57.49 20.85
C SER F 136 -18.07 -57.51 21.17
N ASP F 137 -17.50 -56.32 21.35
CA ASP F 137 -16.08 -56.20 21.68
C ASP F 137 -15.83 -56.67 23.11
N LEU F 138 -16.68 -56.26 24.02
CA LEU F 138 -16.55 -56.65 25.43
C LEU F 138 -16.77 -58.15 25.60
N GLU F 139 -17.66 -58.71 24.79
CA GLU F 139 -17.94 -60.13 24.81
C GLU F 139 -16.68 -60.92 24.47
N ILE F 140 -15.88 -60.37 23.57
CA ILE F 140 -14.63 -61.00 23.14
C ILE F 140 -13.55 -60.83 24.19
N GLN F 141 -13.46 -59.64 24.75
CA GLN F 141 -12.48 -59.36 25.79
C GLN F 141 -12.74 -60.24 27.00
N ALA F 142 -14.00 -60.30 27.41
CA ALA F 142 -14.40 -61.11 28.55
C ALA F 142 -14.10 -62.59 28.29
N ALA F 143 -14.27 -63.00 27.03
CA ALA F 143 -13.99 -64.38 26.64
C ALA F 143 -12.50 -64.66 26.78
N GLU F 144 -11.68 -63.73 26.34
CA GLU F 144 -10.24 -63.85 26.43
C GLU F 144 -9.81 -63.86 27.89
N ILE F 145 -10.40 -62.97 28.67
CA ILE F 145 -10.06 -62.86 30.09
C ILE F 145 -10.32 -64.17 30.83
N GLU F 146 -11.39 -64.86 30.48
CA GLU F 146 -11.70 -66.13 31.12
C GLU F 146 -10.69 -67.18 30.69
N ARG F 147 -10.24 -67.09 29.44
CA ARG F 147 -9.24 -68.02 28.92
C ARG F 147 -7.93 -67.84 29.66
N MET F 148 -7.55 -66.60 29.90
CA MET F 148 -6.30 -66.28 30.58
C MET F 148 -6.38 -66.72 32.04
N ARG F 149 -7.55 -66.57 32.65
CA ARG F 149 -7.77 -67.04 34.00
C ARG F 149 -7.58 -68.55 34.06
N THR F 150 -8.32 -69.28 33.23
CA THR F 150 -8.26 -70.73 33.20
C THR F 150 -6.87 -71.23 32.87
N LEU F 151 -6.17 -70.50 32.01
CA LEU F 151 -4.83 -70.89 31.60
C LEU F 151 -3.84 -70.74 32.76
N MET F 152 -4.05 -69.72 33.58
CA MET F 152 -3.21 -69.52 34.75
C MET F 152 -3.49 -70.64 35.75
N GLU F 153 -4.74 -71.06 35.81
CA GLU F 153 -5.15 -72.13 36.72
C GLU F 153 -4.57 -73.47 36.30
N THR F 154 -4.58 -73.76 35.01
CA THR F 154 -4.02 -75.01 34.51
C THR F 154 -2.51 -75.07 34.71
N THR F 155 -1.81 -73.98 34.42
CA THR F 155 -0.35 -73.95 34.57
C THR F 155 0.06 -74.11 36.03
N LEU F 156 -0.64 -73.41 36.92
CA LEU F 156 -0.37 -73.55 38.34
C LEU F 156 -0.68 -74.96 38.82
N ALA F 157 -1.70 -75.57 38.21
CA ALA F 157 -2.16 -76.87 38.65
C ALA F 157 -1.11 -77.95 38.43
N ARG F 158 -0.48 -77.95 37.27
CA ARG F 158 0.45 -79.02 36.93
C ARG F 158 1.77 -78.86 37.66
N HIS F 159 2.14 -77.63 37.97
CA HIS F 159 3.38 -77.37 38.70
C HIS F 159 3.22 -77.60 40.20
N THR F 160 2.07 -77.24 40.75
CA THR F 160 1.79 -77.47 42.17
C THR F 160 1.33 -78.90 42.45
N GLY F 161 0.69 -79.52 41.45
CA GLY F 161 0.17 -80.86 41.60
C GLY F 161 -1.29 -80.86 41.98
N LYS F 162 -1.80 -79.71 42.40
CA LYS F 162 -3.21 -79.57 42.74
C LYS F 162 -4.06 -79.63 41.48
N ASP F 163 -5.34 -79.95 41.64
CA ASP F 163 -6.27 -79.91 40.52
C ASP F 163 -6.64 -78.47 40.19
N ALA F 164 -6.91 -78.22 38.91
CA ALA F 164 -7.27 -76.89 38.44
C ALA F 164 -8.49 -76.35 39.17
N GLY F 165 -9.40 -77.24 39.53
CA GLY F 165 -10.60 -76.85 40.23
C GLY F 165 -10.29 -76.30 41.62
N VAL F 166 -9.29 -76.90 42.26
CA VAL F 166 -8.87 -76.47 43.59
C VAL F 166 -8.22 -75.10 43.50
N ILE F 167 -7.35 -74.91 42.52
CA ILE F 167 -6.68 -73.64 42.31
C ILE F 167 -7.73 -72.54 42.10
N ARG F 168 -8.70 -72.82 41.24
CA ARG F 168 -9.74 -71.85 40.91
C ARG F 168 -10.47 -71.37 42.16
N LYS F 169 -10.71 -72.29 43.09
CA LYS F 169 -11.42 -71.96 44.32
C LYS F 169 -10.53 -71.10 45.22
N ASP F 170 -9.26 -71.46 45.30
CA ASP F 170 -8.32 -70.75 46.16
C ASP F 170 -7.99 -69.37 45.61
N THR F 171 -7.97 -69.25 44.29
CA THR F 171 -7.59 -67.99 43.65
C THR F 171 -8.76 -67.03 43.48
N ASP F 172 -9.98 -67.49 43.80
CA ASP F 172 -11.16 -66.65 43.70
C ASP F 172 -10.96 -65.38 44.52
N ARG F 173 -10.37 -65.55 45.70
CA ARG F 173 -9.96 -64.45 46.54
C ARG F 173 -8.45 -64.54 46.75
N ASP F 174 -7.82 -63.40 47.03
CA ASP F 174 -6.38 -63.39 47.27
C ASP F 174 -6.01 -64.35 48.40
N LYS F 175 -5.03 -65.20 48.13
CA LYS F 175 -4.55 -66.14 49.13
C LYS F 175 -3.07 -65.90 49.41
N ILE F 176 -2.78 -65.40 50.61
CA ILE F 176 -1.40 -65.14 51.02
C ILE F 176 -0.83 -66.38 51.70
N LEU F 177 0.38 -66.74 51.30
CA LEU F 177 1.04 -67.92 51.82
C LEU F 177 2.42 -67.56 52.34
N THR F 178 2.76 -68.06 53.53
CA THR F 178 4.12 -67.92 54.02
C THR F 178 5.00 -68.89 53.26
N ALA F 179 6.29 -68.89 53.58
CA ALA F 179 7.21 -69.81 52.91
C ALA F 179 6.77 -71.25 53.11
N GLU F 180 6.53 -71.62 54.36
CA GLU F 180 6.13 -72.99 54.69
C GLU F 180 4.77 -73.32 54.09
N GLU F 181 3.85 -72.37 54.12
CA GLU F 181 2.52 -72.58 53.57
C GLU F 181 2.62 -72.78 52.06
N ALA F 182 3.60 -72.12 51.45
CA ALA F 182 3.83 -72.23 50.02
C ALA F 182 4.45 -73.59 49.68
N LYS F 183 5.22 -74.14 50.61
CA LYS F 183 5.82 -75.44 50.41
C LYS F 183 4.75 -76.53 50.38
N ASP F 184 3.81 -76.44 51.32
CA ASP F 184 2.72 -77.41 51.39
C ASP F 184 1.80 -77.32 50.19
N TYR F 185 1.63 -76.10 49.67
CA TYR F 185 0.73 -75.89 48.55
C TYR F 185 1.31 -76.49 47.28
N GLY F 186 2.63 -76.62 47.24
CA GLY F 186 3.31 -77.20 46.09
C GLY F 186 3.93 -76.17 45.18
N ILE F 187 4.00 -74.92 45.64
CA ILE F 187 4.61 -73.86 44.86
C ILE F 187 6.14 -73.94 44.93
N ILE F 188 6.68 -74.24 46.12
CA ILE F 188 8.11 -74.45 46.28
C ILE F 188 8.38 -75.80 46.94
N ASP F 189 9.56 -76.35 46.64
CA ASP F 189 9.95 -77.64 47.16
C ASP F 189 10.54 -77.57 48.56
N THR F 190 11.34 -76.54 48.84
CA THR F 190 12.00 -76.41 50.13
C THR F 190 12.10 -74.95 50.58
N VAL F 191 12.40 -74.76 51.87
CA VAL F 191 12.60 -73.44 52.44
C VAL F 191 14.04 -73.32 52.93
N LEU F 192 14.76 -72.33 52.42
CA LEU F 192 16.16 -72.16 52.77
C LEU F 192 16.33 -71.84 54.25
N GLU F 193 17.33 -72.46 54.87
CA GLU F 193 17.63 -72.21 56.27
C GLU F 193 18.89 -71.38 56.37
N TYR F 194 18.96 -70.52 57.39
CA TYR F 194 20.11 -69.66 57.58
C TYR F 194 21.40 -70.45 57.75
N ARG F 195 22.43 -70.04 57.02
CA ARG F 195 23.72 -70.72 57.05
C ARG F 195 24.70 -70.13 58.06
N LYS F 196 24.24 -69.16 58.84
CA LYS F 196 25.14 -68.47 59.76
C LYS F 196 25.63 -69.45 60.83
N LEU F 197 26.87 -69.26 61.28
CA LEU F 197 27.45 -70.13 62.30
C LEU F 197 26.99 -69.73 63.70
N SER F 198 27.05 -68.43 63.98
CA SER F 198 26.65 -67.92 65.28
C SER F 198 25.16 -68.12 65.53
N ILE G 3 16.95 -53.16 35.16
CA ILE G 3 18.41 -53.32 35.13
C ILE G 3 18.80 -54.55 34.32
N LEU G 4 19.66 -54.33 33.31
CA LEU G 4 20.10 -55.39 32.41
C LEU G 4 21.60 -55.64 32.55
N PRO G 5 21.98 -56.84 33.03
CA PRO G 5 23.41 -57.08 33.26
C PRO G 5 24.18 -57.36 31.98
N SER G 6 25.43 -56.92 31.93
CA SER G 6 26.31 -57.23 30.81
C SER G 6 27.25 -58.36 31.20
N PHE G 7 27.52 -59.24 30.24
CA PHE G 7 28.38 -60.39 30.51
C PHE G 7 29.68 -60.28 29.73
N ILE G 8 30.55 -61.26 29.92
CA ILE G 8 31.91 -61.19 29.39
C ILE G 8 32.30 -62.50 28.70
N GLU G 9 32.91 -62.37 27.52
CA GLU G 9 33.35 -63.52 26.76
C GLU G 9 34.83 -63.36 26.44
N HIS G 10 35.55 -64.47 26.30
CA HIS G 10 36.98 -64.42 26.07
C HIS G 10 37.48 -65.53 25.15
N SER G 11 38.43 -65.16 24.30
CA SER G 11 39.10 -66.08 23.40
C SER G 11 40.57 -65.70 23.34
N SER G 12 41.37 -66.56 22.70
CA SER G 12 42.79 -66.30 22.54
C SER G 12 43.09 -64.97 21.86
N PHE G 13 42.10 -64.43 21.13
CA PHE G 13 42.26 -63.17 20.43
C PHE G 13 42.00 -61.94 21.30
N GLY G 14 41.27 -62.12 22.40
CA GLY G 14 40.97 -60.99 23.28
C GLY G 14 39.76 -61.22 24.16
N VAL G 15 39.39 -60.18 24.91
CA VAL G 15 38.23 -60.22 25.79
C VAL G 15 37.13 -59.31 25.26
N LYS G 16 35.89 -59.75 25.38
CA LYS G 16 34.73 -59.02 24.88
C LYS G 16 33.65 -58.86 25.94
N GLU G 17 33.35 -57.62 26.28
CA GLU G 17 32.22 -57.30 27.15
C GLU G 17 31.06 -56.89 26.26
N SER G 18 29.93 -57.57 26.39
CA SER G 18 28.81 -57.34 25.49
C SER G 18 27.45 -57.40 26.18
N ASN G 19 26.48 -56.77 25.53
CA ASN G 19 25.10 -56.70 26.00
C ASN G 19 24.32 -57.89 25.45
N PRO G 20 23.40 -58.47 26.26
CA PRO G 20 22.58 -59.57 25.74
C PRO G 20 21.95 -59.31 24.38
N TYR G 21 21.44 -58.10 24.16
CA TYR G 21 20.79 -57.78 22.91
C TYR G 21 21.80 -57.70 21.78
N ASN G 22 23.04 -57.33 22.13
CA ASN G 22 24.12 -57.30 21.17
C ASN G 22 24.53 -58.71 20.77
N LYS G 23 24.50 -59.62 21.74
CA LYS G 23 24.83 -61.02 21.49
C LYS G 23 23.79 -61.64 20.57
N LEU G 24 22.53 -61.22 20.72
CA LEU G 24 21.47 -61.70 19.85
C LEU G 24 21.70 -61.21 18.43
N PHE G 25 22.05 -59.94 18.29
CA PHE G 25 22.28 -59.36 16.96
C PHE G 25 23.52 -59.97 16.32
N GLU G 26 24.48 -60.39 17.14
CA GLU G 26 25.67 -61.07 16.65
C GLU G 26 25.26 -62.41 16.04
N GLU G 27 24.18 -62.96 16.55
CA GLU G 27 23.63 -64.24 16.08
C GLU G 27 22.57 -64.02 15.01
N ARG G 28 22.45 -62.78 14.53
CA ARG G 28 21.49 -62.41 13.49
C ARG G 28 20.05 -62.42 13.99
N ILE G 29 19.85 -61.99 15.23
CA ILE G 29 18.53 -61.91 15.83
C ILE G 29 18.13 -60.47 16.09
N ILE G 30 17.13 -60.00 15.36
CA ILE G 30 16.53 -58.69 15.59
C ILE G 30 15.36 -58.86 16.55
N PHE G 31 15.30 -58.00 17.56
CA PHE G 31 14.28 -58.10 18.58
C PHE G 31 13.31 -56.94 18.50
N LEU G 32 12.06 -57.24 18.16
CA LEU G 32 11.00 -56.25 18.21
C LEU G 32 10.18 -56.50 19.47
N GLY G 33 10.43 -55.68 20.48
CA GLY G 33 9.83 -55.87 21.79
C GLY G 33 8.82 -54.81 22.16
N VAL G 34 8.62 -53.86 21.27
CA VAL G 34 7.87 -52.65 21.59
C VAL G 34 6.82 -52.35 20.52
N GLN G 35 5.94 -51.40 20.81
CA GLN G 35 4.95 -50.99 19.83
C GLN G 35 5.68 -50.48 18.59
N VAL G 36 5.09 -50.72 17.42
CA VAL G 36 5.70 -50.30 16.17
C VAL G 36 5.43 -48.82 15.93
N ASP G 37 6.50 -48.04 15.83
CA ASP G 37 6.38 -46.62 15.53
C ASP G 37 7.55 -46.17 14.66
N ASP G 38 7.60 -44.89 14.33
CA ASP G 38 8.63 -44.36 13.46
C ASP G 38 10.01 -44.63 14.05
N ALA G 39 10.13 -44.49 15.36
CA ALA G 39 11.39 -44.75 16.04
C ALA G 39 11.79 -46.20 15.93
N SER G 40 10.87 -47.08 16.33
CA SER G 40 11.12 -48.52 16.30
C SER G 40 11.30 -49.02 14.87
N ALA G 41 10.53 -48.48 13.94
CA ALA G 41 10.59 -48.91 12.55
C ALA G 41 11.95 -48.59 11.94
N ASN G 42 12.39 -47.36 12.11
CA ASN G 42 13.67 -46.92 11.57
C ASN G 42 14.82 -47.77 12.10
N ASP G 43 14.75 -48.14 13.38
CA ASP G 43 15.77 -48.97 14.00
C ASP G 43 15.78 -50.36 13.42
N ILE G 44 14.60 -50.92 13.19
CA ILE G 44 14.49 -52.27 12.65
C ILE G 44 14.94 -52.33 11.20
N MET G 45 14.56 -51.33 10.41
CA MET G 45 14.98 -51.28 9.02
C MET G 45 16.50 -51.18 8.95
N ALA G 46 17.07 -50.35 9.81
CA ALA G 46 18.52 -50.20 9.88
C ALA G 46 19.18 -51.52 10.20
N GLN G 47 18.66 -52.22 11.20
CA GLN G 47 19.21 -53.52 11.60
C GLN G 47 19.10 -54.54 10.49
N LEU G 48 17.98 -54.52 9.77
CA LEU G 48 17.76 -55.46 8.68
C LEU G 48 18.79 -55.26 7.58
N LEU G 49 19.00 -54.00 7.21
CA LEU G 49 19.93 -53.67 6.13
C LEU G 49 21.38 -53.97 6.51
N VAL G 50 21.68 -53.94 7.81
CA VAL G 50 23.02 -54.24 8.27
C VAL G 50 23.28 -55.74 8.10
N LEU G 51 22.36 -56.55 8.61
CA LEU G 51 22.49 -57.99 8.51
C LEU G 51 22.50 -58.41 7.04
N GLU G 52 21.84 -57.62 6.20
CA GLU G 52 21.90 -57.80 4.76
C GLU G 52 23.33 -57.59 4.28
N SER G 53 23.93 -56.51 4.75
CA SER G 53 25.28 -56.13 4.33
C SER G 53 26.32 -57.15 4.77
N LEU G 54 26.23 -57.58 6.03
CA LEU G 54 27.24 -58.46 6.60
C LEU G 54 27.23 -59.84 5.93
N ASP G 55 26.08 -60.50 5.92
CA ASP G 55 25.96 -61.83 5.31
C ASP G 55 24.62 -61.99 4.60
N PRO G 56 24.53 -61.55 3.33
CA PRO G 56 23.25 -61.59 2.62
C PRO G 56 22.68 -62.99 2.41
N ASP G 57 23.53 -64.01 2.49
CA ASP G 57 23.11 -65.39 2.23
C ASP G 57 22.55 -66.11 3.46
N ARG G 58 22.79 -65.55 4.65
CA ARG G 58 22.36 -66.18 5.90
C ARG G 58 21.01 -65.64 6.35
N ASP G 59 20.18 -66.53 6.90
CA ASP G 59 18.85 -66.16 7.36
C ASP G 59 18.90 -65.11 8.47
N ILE G 60 17.89 -64.25 8.50
CA ILE G 60 17.73 -63.28 9.57
C ILE G 60 16.56 -63.71 10.45
N THR G 61 16.71 -63.52 11.76
CA THR G 61 15.69 -63.93 12.72
C THR G 61 15.06 -62.72 13.40
N MET G 62 13.73 -62.72 13.48
CA MET G 62 13.00 -61.66 14.14
C MET G 62 12.17 -62.21 15.31
N TYR G 63 12.53 -61.83 16.52
CA TYR G 63 11.74 -62.17 17.69
C TYR G 63 10.71 -61.07 17.93
N ILE G 64 9.44 -61.46 18.03
CA ILE G 64 8.36 -60.49 18.14
C ILE G 64 7.56 -60.65 19.42
N ASN G 65 7.65 -59.64 20.28
CA ASN G 65 6.66 -59.42 21.32
C ASN G 65 6.21 -57.97 21.23
N SER G 66 5.01 -57.73 20.74
CA SER G 66 4.57 -56.36 20.48
C SER G 66 3.06 -56.14 20.63
N PRO G 67 2.66 -54.95 21.11
CA PRO G 67 1.26 -54.56 21.08
C PRO G 67 0.74 -54.24 19.68
N GLY G 68 1.66 -54.03 18.73
CA GLY G 68 1.32 -53.54 17.41
C GLY G 68 1.67 -52.08 17.28
N GLY G 69 1.20 -51.43 16.21
CA GLY G 69 1.52 -50.03 16.02
C GLY G 69 1.03 -49.43 14.70
N GLY G 70 1.66 -48.32 14.32
CA GLY G 70 1.26 -47.55 13.16
C GLY G 70 1.34 -48.28 11.83
N PHE G 71 0.58 -47.79 10.86
CA PHE G 71 0.50 -48.42 9.55
C PHE G 71 1.74 -48.16 8.70
N THR G 72 2.16 -46.90 8.61
CA THR G 72 3.34 -46.56 7.83
C THR G 72 4.56 -47.27 8.37
N SER G 73 4.64 -47.34 9.70
CA SER G 73 5.74 -48.02 10.35
C SER G 73 5.72 -49.51 10.04
N LEU G 74 4.52 -50.07 9.97
CA LEU G 74 4.38 -51.49 9.65
C LEU G 74 4.83 -51.81 8.24
N MET G 75 4.38 -51.01 7.28
CA MET G 75 4.70 -51.25 5.89
C MET G 75 6.16 -50.92 5.59
N ALA G 76 6.75 -50.05 6.38
CA ALA G 76 8.16 -49.75 6.25
C ALA G 76 8.97 -50.99 6.58
N ILE G 77 8.64 -51.62 7.71
CA ILE G 77 9.30 -52.84 8.13
C ILE G 77 9.00 -53.96 7.17
N TYR G 78 7.74 -54.05 6.75
CA TYR G 78 7.29 -55.12 5.88
C TYR G 78 8.07 -55.13 4.58
N ASP G 79 8.13 -53.98 3.91
CA ASP G 79 8.85 -53.86 2.65
C ASP G 79 10.32 -54.21 2.80
N THR G 80 10.92 -53.78 3.89
CA THR G 80 12.32 -54.05 4.14
C THR G 80 12.56 -55.54 4.35
N MET G 81 11.65 -56.19 5.08
CA MET G 81 11.74 -57.63 5.29
C MET G 81 11.73 -58.37 3.96
N GLN G 82 10.78 -57.99 3.10
CA GLN G 82 10.61 -58.65 1.81
C GLN G 82 11.72 -58.28 0.83
N TYR G 83 12.28 -57.10 0.98
CA TYR G 83 13.33 -56.64 0.08
C TYR G 83 14.61 -57.43 0.25
N VAL G 84 15.04 -57.57 1.49
CA VAL G 84 16.30 -58.24 1.82
C VAL G 84 16.40 -59.62 1.18
N ARG G 85 17.58 -59.92 0.66
CA ARG G 85 17.82 -61.19 -0.05
C ARG G 85 17.70 -62.39 0.87
N ALA G 86 18.15 -62.24 2.10
CA ALA G 86 18.08 -63.31 3.09
C ALA G 86 16.66 -63.66 3.49
N ASP G 87 16.42 -64.93 3.74
CA ASP G 87 15.13 -65.38 4.28
C ASP G 87 14.99 -64.81 5.68
N ILE G 88 13.74 -64.63 6.11
CA ILE G 88 13.48 -64.08 7.44
C ILE G 88 12.62 -65.02 8.27
N GLN G 89 13.15 -65.41 9.42
CA GLN G 89 12.44 -66.23 10.37
C GLN G 89 11.76 -65.34 11.40
N THR G 90 10.49 -65.59 11.68
CA THR G 90 9.76 -64.80 12.67
C THR G 90 9.34 -65.69 13.84
N VAL G 91 9.59 -65.21 15.05
CA VAL G 91 9.23 -65.93 16.27
C VAL G 91 8.45 -65.03 17.21
N CYS G 92 7.32 -65.53 17.70
CA CYS G 92 6.44 -64.75 18.56
C CYS G 92 6.55 -65.16 20.03
N LEU G 93 6.86 -64.20 20.89
CA LEU G 93 6.94 -64.44 22.34
C LEU G 93 5.90 -63.65 23.12
N GLY G 94 4.90 -64.35 23.62
CA GLY G 94 3.96 -63.79 24.58
C GLY G 94 2.80 -63.06 23.92
N GLN G 95 3.05 -62.48 22.75
CA GLN G 95 1.98 -61.98 21.88
C GLN G 95 2.52 -61.34 20.60
N ALA G 96 1.67 -61.30 19.57
CA ALA G 96 1.87 -60.41 18.44
C ALA G 96 0.50 -59.87 18.06
N ALA G 97 0.31 -58.56 18.16
CA ALA G 97 -1.02 -57.97 18.03
C ALA G 97 -1.08 -56.92 16.94
N SER G 98 -2.20 -56.89 16.22
CA SER G 98 -2.45 -55.89 15.20
C SER G 98 -1.33 -55.87 14.15
N ALA G 99 -0.62 -54.75 14.07
CA ALA G 99 0.47 -54.60 13.12
C ALA G 99 1.51 -55.72 13.27
N ALA G 100 1.83 -56.06 14.50
CA ALA G 100 2.86 -57.06 14.77
C ALA G 100 2.44 -58.43 14.26
N ALA G 101 1.14 -58.69 14.25
CA ALA G 101 0.62 -59.97 13.79
C ALA G 101 0.87 -60.12 12.29
N VAL G 102 0.82 -59.00 11.57
CA VAL G 102 1.08 -59.01 10.14
C VAL G 102 2.56 -59.28 9.88
N LEU G 103 3.43 -58.65 10.67
CA LEU G 103 4.86 -58.85 10.53
C LEU G 103 5.22 -60.29 10.83
N LEU G 104 4.52 -60.87 11.80
CA LEU G 104 4.74 -62.28 12.15
C LEU G 104 4.43 -63.18 10.96
N ALA G 105 3.34 -62.87 10.27
CA ALA G 105 2.91 -63.65 9.12
C ALA G 105 3.76 -63.36 7.89
N ALA G 106 4.49 -62.25 7.92
CA ALA G 106 5.24 -61.80 6.76
C ALA G 106 6.58 -62.49 6.63
N GLY G 107 6.91 -63.35 7.59
CA GLY G 107 8.12 -64.14 7.52
C GLY G 107 8.06 -65.07 6.32
N THR G 108 9.22 -65.54 5.87
CA THR G 108 9.26 -66.43 4.71
C THR G 108 8.60 -67.76 5.07
N PRO G 109 7.88 -68.37 4.12
CA PRO G 109 7.14 -69.61 4.39
C PRO G 109 7.97 -70.71 5.04
N GLY G 110 7.39 -71.31 6.07
CA GLY G 110 8.02 -72.43 6.78
C GLY G 110 8.86 -71.99 7.95
N LYS G 111 9.32 -70.73 7.91
CA LYS G 111 10.18 -70.19 8.95
C LYS G 111 9.43 -69.34 9.97
N ARG G 112 8.10 -69.26 9.85
CA ARG G 112 7.27 -68.56 10.83
C ARG G 112 6.85 -69.49 11.96
N MET G 113 7.17 -69.12 13.20
CA MET G 113 6.88 -69.97 14.35
C MET G 113 6.53 -69.14 15.60
N ALA G 114 6.02 -69.82 16.62
CA ALA G 114 5.69 -69.16 17.88
C ALA G 114 5.83 -70.12 19.05
N LEU G 115 5.92 -69.55 20.26
CA LEU G 115 5.97 -70.32 21.49
C LEU G 115 4.55 -70.73 21.88
N PRO G 116 4.42 -71.83 22.63
CA PRO G 116 3.10 -72.42 22.88
C PRO G 116 2.08 -71.50 23.54
N ASN G 117 2.51 -70.73 24.55
CA ASN G 117 1.58 -69.86 25.28
C ASN G 117 1.50 -68.45 24.72
N ALA G 118 2.19 -68.21 23.61
CA ALA G 118 2.08 -66.94 22.92
C ALA G 118 0.69 -66.84 22.33
N ARG G 119 0.24 -65.62 22.05
CA ARG G 119 -1.07 -65.40 21.45
C ARG G 119 -0.94 -64.47 20.25
N VAL G 120 -1.93 -64.46 19.39
CA VAL G 120 -1.93 -63.58 18.23
C VAL G 120 -3.26 -62.88 18.10
N LEU G 121 -3.21 -61.56 17.99
CA LEU G 121 -4.41 -60.75 17.83
C LEU G 121 -4.46 -60.18 16.42
N ILE G 122 -5.63 -60.26 15.79
CA ILE G 122 -5.85 -59.64 14.49
C ILE G 122 -7.12 -58.81 14.55
N HIS G 123 -7.04 -57.55 14.14
CA HIS G 123 -8.23 -56.75 13.94
C HIS G 123 -8.00 -55.73 12.84
N GLN G 124 -9.08 -55.13 12.35
CA GLN G 124 -8.95 -54.14 11.31
C GLN G 124 -8.31 -52.89 11.89
N PRO G 125 -7.69 -52.07 11.03
CA PRO G 125 -7.10 -50.81 11.46
C PRO G 125 -8.10 -49.90 12.17
N SER G 126 -7.66 -49.25 13.24
CA SER G 126 -8.53 -48.37 14.03
C SER G 126 -7.90 -47.00 14.28
N LEU G 127 -8.75 -46.02 14.52
CA LEU G 127 -8.32 -44.67 14.87
C LEU G 127 -8.85 -44.30 16.25
N SER G 128 -7.96 -44.15 17.22
CA SER G 128 -8.36 -43.92 18.60
C SER G 128 -8.90 -42.51 18.82
N GLY G 129 -8.23 -41.52 18.24
CA GLY G 129 -8.64 -40.13 18.39
C GLY G 129 -9.70 -39.74 17.37
N VAL G 130 -9.91 -38.44 17.23
CA VAL G 130 -10.84 -37.89 16.25
C VAL G 130 -10.12 -36.90 15.36
N ILE G 131 -10.27 -37.06 14.05
CA ILE G 131 -9.73 -36.12 13.08
C ILE G 131 -10.88 -35.34 12.48
N GLN G 132 -10.74 -34.01 12.46
CA GLN G 132 -11.82 -33.12 12.06
C GLN G 132 -11.45 -32.29 10.84
N GLY G 133 -12.46 -31.81 10.13
CA GLY G 133 -12.25 -30.99 8.96
C GLY G 133 -13.48 -30.94 8.08
N GLN G 134 -13.35 -30.26 6.95
CA GLN G 134 -14.44 -30.19 5.98
C GLN G 134 -14.70 -31.57 5.39
N PHE G 135 -15.92 -31.79 4.91
CA PHE G 135 -16.28 -33.09 4.36
C PHE G 135 -15.36 -33.50 3.23
N SER G 136 -14.87 -32.52 2.47
CA SER G 136 -13.96 -32.79 1.37
C SER G 136 -12.69 -33.43 1.87
N ASP G 137 -12.18 -32.94 2.99
CA ASP G 137 -10.97 -33.47 3.59
C ASP G 137 -11.22 -34.84 4.19
N LEU G 138 -12.33 -35.00 4.91
CA LEU G 138 -12.66 -36.27 5.54
C LEU G 138 -12.93 -37.32 4.47
N GLU G 139 -13.51 -36.89 3.36
CA GLU G 139 -13.78 -37.77 2.24
C GLU G 139 -12.48 -38.36 1.71
N ILE G 140 -11.41 -37.58 1.75
CA ILE G 140 -10.10 -38.03 1.29
C ILE G 140 -9.44 -38.94 2.31
N GLN G 141 -9.55 -38.57 3.58
CA GLN G 141 -8.99 -39.38 4.65
C GLN G 141 -9.69 -40.72 4.70
N ALA G 142 -11.02 -40.69 4.60
CA ALA G 142 -11.83 -41.91 4.62
C ALA G 142 -11.48 -42.82 3.46
N ALA G 143 -11.18 -42.22 2.31
CA ALA G 143 -10.83 -42.98 1.13
C ALA G 143 -9.52 -43.71 1.34
N GLU G 144 -8.54 -43.02 1.92
CA GLU G 144 -7.25 -43.62 2.19
C GLU G 144 -7.38 -44.73 3.22
N ILE G 145 -8.17 -44.47 4.26
CA ILE G 145 -8.36 -45.44 5.34
C ILE G 145 -8.92 -46.75 4.81
N GLU G 146 -9.80 -46.69 3.83
CA GLU G 146 -10.35 -47.89 3.24
C GLU G 146 -9.29 -48.62 2.45
N ARG G 147 -8.40 -47.88 1.80
CA ARG G 147 -7.31 -48.49 1.05
C ARG G 147 -6.37 -49.22 2.01
N MET G 148 -6.10 -48.60 3.15
CA MET G 148 -5.22 -49.18 4.14
C MET G 148 -5.85 -50.43 4.75
N ARG G 149 -7.16 -50.38 4.94
CA ARG G 149 -7.90 -51.53 5.44
C ARG G 149 -7.76 -52.69 4.46
N THR G 150 -8.15 -52.45 3.21
CA THR G 150 -8.10 -53.47 2.18
C THR G 150 -6.68 -53.99 1.97
N LEU G 151 -5.70 -53.10 2.12
CA LEU G 151 -4.31 -53.47 1.90
C LEU G 151 -3.78 -54.40 2.99
N MET G 152 -4.25 -54.20 4.22
CA MET G 152 -3.89 -55.09 5.31
C MET G 152 -4.53 -56.45 5.08
N GLU G 153 -5.73 -56.44 4.53
CA GLU G 153 -6.46 -57.66 4.25
C GLU G 153 -5.78 -58.45 3.14
N THR G 154 -5.33 -57.74 2.11
CA THR G 154 -4.63 -58.37 1.01
C THR G 154 -3.31 -58.95 1.49
N THR G 155 -2.60 -58.18 2.30
CA THR G 155 -1.30 -58.60 2.80
C THR G 155 -1.41 -59.84 3.67
N LEU G 156 -2.39 -59.83 4.58
CA LEU G 156 -2.61 -60.98 5.42
C LEU G 156 -3.07 -62.17 4.59
N ALA G 157 -3.81 -61.89 3.52
CA ALA G 157 -4.40 -62.94 2.72
C ALA G 157 -3.36 -63.80 2.03
N ARG G 158 -2.35 -63.18 1.42
CA ARG G 158 -1.39 -63.94 0.63
C ARG G 158 -0.40 -64.70 1.50
N HIS G 159 -0.13 -64.17 2.69
CA HIS G 159 0.78 -64.82 3.62
C HIS G 159 0.11 -65.96 4.38
N THR G 160 -1.14 -65.77 4.76
CA THR G 160 -1.89 -66.80 5.46
C THR G 160 -2.45 -67.84 4.51
N GLY G 161 -2.73 -67.42 3.27
CA GLY G 161 -3.30 -68.31 2.27
C GLY G 161 -4.81 -68.19 2.18
N LYS G 162 -5.41 -67.53 3.18
CA LYS G 162 -6.85 -67.32 3.21
C LYS G 162 -7.24 -66.31 2.14
N ASP G 163 -8.51 -66.29 1.75
CA ASP G 163 -9.01 -65.30 0.82
C ASP G 163 -9.16 -63.97 1.54
N ALA G 164 -8.97 -62.87 0.81
CA ALA G 164 -9.06 -61.54 1.39
C ALA G 164 -10.43 -61.33 2.05
N GLY G 165 -11.45 -61.95 1.47
CA GLY G 165 -12.80 -61.82 1.98
C GLY G 165 -12.95 -62.43 3.36
N VAL G 166 -12.25 -63.55 3.58
CA VAL G 166 -12.29 -64.22 4.87
C VAL G 166 -11.59 -63.37 5.92
N ILE G 167 -10.44 -62.82 5.56
CA ILE G 167 -9.68 -61.94 6.43
C ILE G 167 -10.53 -60.76 6.86
N ARG G 168 -11.19 -60.13 5.89
CA ARG G 168 -12.02 -58.96 6.15
C ARG G 168 -13.11 -59.26 7.18
N LYS G 169 -13.67 -60.46 7.09
CA LYS G 169 -14.74 -60.88 7.98
C LYS G 169 -14.24 -61.17 9.39
N ASP G 170 -13.11 -61.85 9.49
CA ASP G 170 -12.57 -62.25 10.79
C ASP G 170 -11.99 -61.07 11.56
N THR G 171 -11.46 -60.09 10.83
CA THR G 171 -10.80 -58.95 11.44
C THR G 171 -11.77 -57.83 11.81
N ASP G 172 -13.02 -57.94 11.41
CA ASP G 172 -14.02 -56.93 11.74
C ASP G 172 -14.06 -56.70 13.24
N ARG G 173 -13.94 -57.80 13.97
CA ARG G 173 -13.80 -57.77 15.42
C ARG G 173 -12.47 -58.39 15.78
N ASP G 174 -11.93 -58.00 16.93
CA ASP G 174 -10.66 -58.55 17.39
C ASP G 174 -10.75 -60.06 17.47
N LYS G 175 -9.79 -60.74 16.86
CA LYS G 175 -9.75 -62.20 16.90
C LYS G 175 -8.45 -62.66 17.54
N ILE G 176 -8.57 -63.25 18.73
CA ILE G 176 -7.42 -63.75 19.46
C ILE G 176 -7.18 -65.20 19.10
N LEU G 177 -5.92 -65.53 18.84
CA LEU G 177 -5.53 -66.87 18.45
C LEU G 177 -4.42 -67.38 19.36
N THR G 178 -4.55 -68.62 19.81
CA THR G 178 -3.48 -69.27 20.54
C THR G 178 -2.39 -69.64 19.53
N ALA G 179 -1.32 -70.26 20.00
CA ALA G 179 -0.25 -70.67 19.12
C ALA G 179 -0.77 -71.62 18.06
N GLU G 180 -1.45 -72.68 18.49
CA GLU G 180 -2.01 -73.66 17.56
C GLU G 180 -3.08 -73.06 16.66
N GLU G 181 -3.90 -72.17 17.21
CA GLU G 181 -4.95 -71.55 16.42
C GLU G 181 -4.34 -70.66 15.34
N ALA G 182 -3.19 -70.07 15.65
CA ALA G 182 -2.50 -69.23 14.68
C ALA G 182 -1.88 -70.08 13.58
N LYS G 183 -1.47 -71.29 13.93
CA LYS G 183 -0.90 -72.21 12.97
C LYS G 183 -1.95 -72.64 11.96
N ASP G 184 -3.13 -72.98 12.47
CA ASP G 184 -4.23 -73.40 11.62
C ASP G 184 -4.70 -72.25 10.73
N TYR G 185 -4.63 -71.04 11.26
CA TYR G 185 -5.07 -69.86 10.52
C TYR G 185 -4.10 -69.56 9.39
N GLY G 186 -2.85 -69.98 9.55
CA GLY G 186 -1.83 -69.77 8.54
C GLY G 186 -0.89 -68.62 8.83
N ILE G 187 -0.94 -68.09 10.05
CA ILE G 187 -0.06 -67.00 10.44
C ILE G 187 1.35 -67.50 10.75
N ILE G 188 1.44 -68.66 11.39
CA ILE G 188 2.73 -69.30 11.65
C ILE G 188 2.72 -70.72 11.13
N ASP G 189 3.90 -71.21 10.77
CA ASP G 189 4.05 -72.54 10.21
C ASP G 189 4.13 -73.63 11.28
N THR G 190 4.82 -73.37 12.39
CA THR G 190 5.01 -74.37 13.42
C THR G 190 4.98 -73.77 14.82
N VAL G 191 4.81 -74.63 15.83
CA VAL G 191 4.84 -74.21 17.22
C VAL G 191 6.01 -74.91 17.92
N LEU G 192 6.91 -74.10 18.49
CA LEU G 192 8.08 -74.64 19.16
C LEU G 192 7.68 -75.45 20.38
N GLU G 193 8.36 -76.58 20.57
CA GLU G 193 8.14 -77.44 21.72
C GLU G 193 9.31 -77.27 22.69
N TYR G 194 9.04 -77.40 23.98
CA TYR G 194 10.07 -77.25 25.00
C TYR G 194 11.23 -78.21 24.76
N ARG G 195 12.44 -77.67 24.79
CA ARG G 195 13.65 -78.42 24.49
C ARG G 195 14.30 -78.99 25.75
N LYS G 196 13.63 -78.83 26.90
CA LYS G 196 14.26 -79.19 28.16
C LYS G 196 14.60 -80.67 28.23
N LEU G 197 15.69 -80.96 28.92
CA LEU G 197 16.19 -82.32 29.06
C LEU G 197 15.44 -83.08 30.12
N SER G 198 15.25 -82.44 31.27
CA SER G 198 14.54 -83.04 32.39
C SER G 198 13.07 -83.33 32.05
N THR H 11 -28.36 -3.87 43.82
CA THR H 11 -27.13 -3.50 43.12
C THR H 11 -27.32 -3.63 41.61
N ASP H 12 -27.90 -4.75 41.20
CA ASP H 12 -28.20 -4.99 39.79
C ASP H 12 -29.49 -4.27 39.39
N SER H 13 -30.30 -3.96 40.40
CA SER H 13 -31.60 -3.32 40.19
C SER H 13 -31.52 -1.88 39.71
N VAL H 14 -30.36 -1.25 39.82
CA VAL H 14 -30.23 0.15 39.42
C VAL H 14 -30.35 0.26 37.90
N TYR H 15 -29.87 -0.76 37.19
CA TYR H 15 -29.95 -0.78 35.73
C TYR H 15 -31.39 -0.76 35.27
N GLU H 16 -32.28 -1.37 36.05
CA GLU H 16 -33.70 -1.36 35.75
C GLU H 16 -34.25 0.04 35.91
N ARG H 17 -33.76 0.76 36.91
CA ARG H 17 -34.18 2.13 37.15
C ARG H 17 -33.69 3.05 36.04
N LEU H 18 -32.53 2.73 35.47
CA LEU H 18 -31.98 3.51 34.38
C LEU H 18 -32.77 3.27 33.10
N LEU H 19 -33.23 2.05 32.91
CA LEU H 19 -33.99 1.68 31.73
C LEU H 19 -35.29 2.48 31.68
N SER H 20 -35.87 2.73 32.84
CA SER H 20 -37.09 3.54 32.95
C SER H 20 -36.81 4.97 32.49
N GLU H 21 -35.56 5.39 32.63
CA GLU H 21 -35.14 6.73 32.22
C GLU H 21 -34.65 6.74 30.78
N ARG H 22 -34.81 5.61 30.09
CA ARG H 22 -34.32 5.44 28.71
C ARG H 22 -32.81 5.59 28.65
N ILE H 23 -32.14 5.02 29.66
CA ILE H 23 -30.69 4.94 29.67
C ILE H 23 -30.28 3.47 29.63
N ILE H 24 -29.51 3.12 28.60
CA ILE H 24 -28.90 1.80 28.50
C ILE H 24 -27.41 1.97 28.75
N PHE H 25 -26.80 0.97 29.38
CA PHE H 25 -25.42 1.09 29.83
C PHE H 25 -24.55 -0.02 29.25
N LEU H 26 -23.49 0.37 28.55
CA LEU H 26 -22.48 -0.58 28.11
C LEU H 26 -21.27 -0.43 29.02
N GLY H 27 -21.10 -1.39 29.93
CA GLY H 27 -20.10 -1.28 30.98
C GLY H 27 -18.92 -2.22 30.86
N SER H 28 -18.95 -3.08 29.85
CA SER H 28 -17.93 -4.12 29.69
C SER H 28 -17.54 -4.27 28.24
N GLU H 29 -16.67 -5.23 27.95
CA GLU H 29 -16.24 -5.45 26.58
C GLU H 29 -17.42 -5.87 25.74
N VAL H 30 -17.41 -5.47 24.47
CA VAL H 30 -18.51 -5.77 23.57
C VAL H 30 -18.41 -7.20 23.06
N ASN H 31 -19.47 -7.97 23.30
CA ASN H 31 -19.58 -9.32 22.75
C ASN H 31 -20.98 -9.56 22.23
N ASP H 32 -21.23 -10.75 21.70
CA ASP H 32 -22.52 -11.05 21.11
C ASP H 32 -23.64 -10.98 22.14
N GLU H 33 -23.38 -11.44 23.35
CA GLU H 33 -24.41 -11.47 24.38
C GLU H 33 -24.90 -10.08 24.74
N ILE H 34 -23.97 -9.17 24.99
CA ILE H 34 -24.32 -7.80 25.38
C ILE H 34 -24.97 -7.09 24.21
N ALA H 35 -24.45 -7.31 23.01
CA ALA H 35 -24.97 -6.66 21.81
C ALA H 35 -26.44 -7.03 21.61
N ASN H 36 -26.74 -8.32 21.69
CA ASN H 36 -28.11 -8.80 21.52
C ASN H 36 -29.04 -8.13 22.53
N ARG H 37 -28.59 -8.06 23.78
CA ARG H 37 -29.36 -7.43 24.83
C ARG H 37 -29.52 -5.94 24.58
N LEU H 38 -28.44 -5.29 24.14
CA LEU H 38 -28.48 -3.86 23.87
C LEU H 38 -29.42 -3.56 22.71
N CYS H 39 -29.30 -4.34 21.64
CA CYS H 39 -30.17 -4.17 20.48
C CYS H 39 -31.63 -4.32 20.87
N ALA H 40 -31.93 -5.35 21.65
CA ALA H 40 -33.29 -5.60 22.09
C ALA H 40 -33.85 -4.41 22.86
N GLN H 41 -33.08 -3.92 23.83
CA GLN H 41 -33.51 -2.79 24.64
C GLN H 41 -33.80 -1.58 23.77
N ILE H 42 -32.96 -1.35 22.76
CA ILE H 42 -33.17 -0.23 21.85
C ILE H 42 -34.48 -0.39 21.09
N LEU H 43 -34.74 -1.60 20.61
CA LEU H 43 -35.97 -1.88 19.88
C LEU H 43 -37.18 -1.72 20.78
N LEU H 44 -37.06 -2.19 22.01
CA LEU H 44 -38.14 -2.09 22.97
C LEU H 44 -38.41 -0.65 23.38
N LEU H 45 -37.35 0.11 23.61
CA LEU H 45 -37.49 1.52 23.98
C LEU H 45 -38.09 2.33 22.84
N ALA H 46 -37.69 2.01 21.61
CA ALA H 46 -38.21 2.70 20.44
C ALA H 46 -39.68 2.34 20.23
N ALA H 47 -40.04 1.12 20.64
CA ALA H 47 -41.41 0.65 20.52
C ALA H 47 -42.33 1.36 21.50
N GLU H 48 -41.86 1.54 22.73
CA GLU H 48 -42.64 2.25 23.75
C GLU H 48 -42.89 3.70 23.34
N ASP H 49 -41.81 4.44 23.12
CA ASP H 49 -41.89 5.82 22.68
C ASP H 49 -40.84 6.09 21.61
N ALA H 50 -41.27 6.46 20.41
CA ALA H 50 -40.36 6.72 19.30
C ALA H 50 -39.91 8.17 19.23
N SER H 51 -40.56 9.05 19.98
CA SER H 51 -40.20 10.47 19.97
C SER H 51 -39.01 10.76 20.87
N LYS H 52 -39.01 10.17 22.06
CA LYS H 52 -37.99 10.45 23.06
C LYS H 52 -36.66 9.80 22.72
N ASP H 53 -35.57 10.50 23.02
CA ASP H 53 -34.23 10.02 22.75
C ASP H 53 -33.86 8.84 23.64
N ILE H 54 -32.88 8.06 23.18
CA ILE H 54 -32.29 6.99 23.97
C ILE H 54 -30.85 7.36 24.29
N SER H 55 -30.46 7.19 25.55
CA SER H 55 -29.11 7.51 25.98
C SER H 55 -28.30 6.24 26.21
N LEU H 56 -27.12 6.17 25.60
CA LEU H 56 -26.20 5.06 25.83
C LEU H 56 -24.98 5.53 26.61
N TYR H 57 -24.87 5.10 27.85
CA TYR H 57 -23.68 5.38 28.66
C TYR H 57 -22.64 4.33 28.35
N ILE H 58 -21.44 4.77 28.00
CA ILE H 58 -20.38 3.87 27.57
C ILE H 58 -19.15 3.97 28.46
N ASN H 59 -18.89 2.90 29.21
CA ASN H 59 -17.56 2.65 29.71
C ASN H 59 -17.15 1.27 29.21
N SER H 60 -16.25 1.23 28.22
CA SER H 60 -15.89 -0.04 27.61
C SER H 60 -14.45 -0.10 27.11
N PRO H 61 -13.80 -1.27 27.24
CA PRO H 61 -12.49 -1.55 26.63
C PRO H 61 -12.57 -1.79 25.14
N GLY H 62 -13.78 -2.08 24.63
CA GLY H 62 -13.94 -2.50 23.26
C GLY H 62 -14.32 -3.96 23.16
N GLY H 63 -14.40 -4.49 21.95
CA GLY H 63 -14.84 -5.85 21.78
C GLY H 63 -14.90 -6.28 20.33
N SER H 64 -15.69 -7.33 20.06
CA SER H 64 -15.80 -7.87 18.71
C SER H 64 -16.46 -6.85 17.80
N ILE H 65 -16.05 -6.83 16.54
CA ILE H 65 -16.60 -5.89 15.58
C ILE H 65 -18.02 -6.28 15.21
N SER H 66 -18.22 -7.56 14.91
CA SER H 66 -19.51 -8.04 14.43
C SER H 66 -20.63 -7.70 15.42
N ALA H 67 -20.39 -7.91 16.70
CA ALA H 67 -21.35 -7.58 17.73
C ALA H 67 -21.54 -6.08 17.80
N GLY H 68 -20.45 -5.35 17.59
CA GLY H 68 -20.49 -3.90 17.65
C GLY H 68 -21.33 -3.30 16.54
N ALA H 70 -23.95 -4.80 15.09
CA ALA H 70 -25.34 -5.07 15.38
C ALA H 70 -25.90 -3.93 16.21
N ILE H 71 -25.10 -3.45 17.16
CA ILE H 71 -25.49 -2.33 17.98
C ILE H 71 -25.57 -1.06 17.14
N TYR H 72 -24.54 -0.83 16.34
CA TYR H 72 -24.48 0.38 15.50
C TYR H 72 -25.66 0.46 14.55
N ASP H 73 -25.91 -0.61 13.81
CA ASP H 73 -27.03 -0.65 12.87
C ASP H 73 -28.34 -0.37 13.58
N THR H 74 -28.53 -1.00 14.74
CA THR H 74 -29.76 -0.85 15.50
C THR H 74 -29.98 0.59 15.95
N VAL H 76 -28.84 3.42 14.28
CA VAL H 76 -29.17 4.22 13.10
C VAL H 76 -30.62 4.00 12.67
N LEU H 77 -31.08 2.76 12.74
CA LEU H 77 -32.42 2.41 12.30
C LEU H 77 -33.48 2.91 13.28
N ALA H 78 -33.10 3.09 14.54
CA ALA H 78 -34.03 3.56 15.56
C ALA H 78 -34.58 4.93 15.17
N PRO H 79 -35.90 5.14 15.33
CA PRO H 79 -36.46 6.44 14.97
C PRO H 79 -35.90 7.60 15.79
N CYS H 80 -35.78 7.37 17.10
CA CYS H 80 -35.30 8.39 18.01
C CYS H 80 -33.80 8.59 17.88
N ASP H 81 -33.33 9.76 18.33
CA ASP H 81 -31.91 10.05 18.37
C ASP H 81 -31.25 9.24 19.47
N ILE H 82 -30.00 8.86 19.26
CA ILE H 82 -29.23 8.12 20.27
C ILE H 82 -28.10 8.99 20.81
N ALA H 83 -28.21 9.36 22.08
CA ALA H 83 -27.17 10.13 22.74
C ALA H 83 -26.16 9.18 23.35
N THR H 84 -24.87 9.48 23.15
CA THR H 84 -23.79 8.64 23.67
C THR H 84 -22.95 9.40 24.67
N TYR H 85 -22.76 8.81 25.84
CA TYR H 85 -21.96 9.40 26.91
C TYR H 85 -20.76 8.52 27.21
N ALA H 86 -19.57 9.12 27.15
CA ALA H 86 -18.34 8.40 27.50
C ALA H 86 -18.03 8.64 28.96
N GLY H 88 -16.13 6.32 31.81
CA GLY H 88 -14.75 6.04 32.13
C GLY H 88 -13.82 6.03 30.94
N ALA H 90 -13.68 4.92 26.39
CA ALA H 90 -14.25 4.42 25.15
C ALA H 90 -13.12 3.98 24.24
N ALA H 91 -13.06 2.69 23.94
CA ALA H 91 -11.98 2.14 23.13
C ALA H 91 -12.50 1.13 22.13
N SER H 92 -11.85 1.06 20.97
CA SER H 92 -12.28 0.17 19.90
C SER H 92 -13.74 0.44 19.57
N GLY H 94 -16.01 0.74 21.72
CA GLY H 94 -16.41 1.75 22.68
C GLY H 94 -16.28 3.13 22.07
N GLU H 95 -15.14 3.36 21.41
CA GLU H 95 -14.90 4.61 20.72
C GLU H 95 -15.81 4.74 19.50
N PHE H 96 -16.01 3.64 18.78
CA PHE H 96 -16.81 3.65 17.57
C PHE H 96 -18.27 3.99 17.86
N LEU H 97 -18.85 3.29 18.83
CA LEU H 97 -20.23 3.51 19.18
C LEU H 97 -20.44 4.90 19.79
N LEU H 98 -19.42 5.39 20.50
CA LEU H 98 -19.46 6.73 21.07
C LEU H 98 -19.62 7.77 19.98
N ALA H 99 -18.76 7.67 18.96
CA ALA H 99 -18.77 8.61 17.86
C ALA H 99 -19.97 8.40 16.95
N ALA H 100 -20.55 7.22 17.02
CA ALA H 100 -21.69 6.87 16.17
C ALA H 100 -22.98 7.50 16.67
N GLY H 101 -22.95 8.09 17.86
CA GLY H 101 -24.12 8.71 18.43
C GLY H 101 -24.61 9.86 17.56
N THR H 102 -25.86 10.24 17.74
CA THR H 102 -26.44 11.36 17.00
C THR H 102 -25.62 12.61 17.22
N LYS H 103 -25.27 13.28 16.12
CA LYS H 103 -24.37 14.42 16.16
C LYS H 103 -24.94 15.56 16.99
N GLY H 104 -24.15 16.02 17.94
CA GLY H 104 -24.52 17.11 18.83
C GLY H 104 -24.98 16.59 20.18
N LYS H 105 -25.44 15.35 20.19
CA LYS H 105 -25.85 14.68 21.42
C LYS H 105 -24.77 13.74 21.97
N ARG H 106 -23.59 13.72 21.35
CA ARG H 106 -22.47 12.93 21.88
C ARG H 106 -21.72 13.68 22.97
N TYR H 107 -21.67 13.08 24.17
CA TYR H 107 -21.07 13.72 25.33
C TYR H 107 -19.91 12.90 25.90
N ALA H 108 -19.07 13.56 26.69
CA ALA H 108 -17.95 12.90 27.35
C ALA H 108 -17.65 13.56 28.69
N LEU H 109 -17.28 12.76 29.67
CA LEU H 109 -16.87 13.30 30.97
C LEU H 109 -15.46 13.86 30.84
N PRO H 110 -15.08 14.76 31.76
CA PRO H 110 -13.79 15.46 31.65
C PRO H 110 -12.59 14.53 31.57
N HIS H 111 -12.56 13.52 32.44
CA HIS H 111 -11.42 12.62 32.53
C HIS H 111 -11.61 11.35 31.71
N ALA H 112 -12.71 11.27 30.98
CA ALA H 112 -12.93 10.17 30.06
C ALA H 112 -11.81 10.14 29.04
N ARG H 113 -11.39 8.93 28.66
CA ARG H 113 -10.33 8.75 27.68
C ARG H 113 -10.83 7.92 26.51
N ILE H 114 -10.51 8.37 25.30
CA ILE H 114 -10.92 7.68 24.08
C ILE H 114 -9.71 7.03 23.41
N LEU H 115 -9.86 5.77 23.03
CA LEU H 115 -8.83 5.04 22.30
C LEU H 115 -9.32 4.63 20.93
N HIS H 117 -7.91 2.66 17.33
CA HIS H 117 -6.86 1.90 16.68
C HIS H 117 -7.36 0.96 15.59
N GLN H 118 -6.41 0.48 14.80
CA GLN H 118 -6.64 -0.53 13.78
C GLN H 118 -7.26 -1.79 14.36
N PRO H 119 -8.07 -2.52 13.57
CA PRO H 119 -8.65 -3.78 14.03
C PRO H 119 -7.61 -4.86 14.34
N LEU H 120 -7.98 -5.82 15.20
CA LEU H 120 -7.10 -6.93 15.54
C LEU H 120 -7.79 -8.27 15.34
N GLY H 121 -7.34 -9.03 14.36
CA GLY H 121 -7.88 -10.35 14.08
C GLY H 121 -6.93 -11.48 14.41
N GLY H 122 -7.14 -12.61 13.73
CA GLY H 122 -6.21 -13.72 13.78
C GLY H 122 -6.40 -14.60 12.55
N VAL H 123 -5.37 -15.34 12.17
CA VAL H 123 -5.44 -16.22 11.00
C VAL H 123 -4.99 -17.62 11.35
N THR H 124 -5.62 -18.61 10.71
CA THR H 124 -5.29 -20.00 10.95
C THR H 124 -5.75 -20.85 9.77
N GLY H 125 -5.22 -22.06 9.67
CA GLY H 125 -5.64 -22.99 8.64
C GLY H 125 -4.73 -23.01 7.44
N SER H 126 -5.25 -23.52 6.32
CA SER H 126 -4.49 -23.63 5.09
C SER H 126 -4.22 -22.27 4.47
N ALA H 127 -3.21 -22.20 3.62
CA ALA H 127 -2.86 -20.97 2.93
C ALA H 127 -4.05 -20.47 2.13
N ALA H 128 -4.87 -21.39 1.65
CA ALA H 128 -6.07 -21.05 0.91
C ALA H 128 -7.09 -20.40 1.84
N ASP H 129 -7.26 -20.97 3.02
CA ASP H 129 -8.19 -20.43 4.01
C ASP H 129 -7.69 -19.09 4.53
N ILE H 130 -6.38 -18.96 4.70
CA ILE H 130 -5.81 -17.74 5.24
C ILE H 130 -5.94 -16.61 4.24
N ALA H 131 -5.85 -16.93 2.96
CA ALA H 131 -6.02 -15.94 1.91
C ALA H 131 -7.40 -15.29 2.00
N ILE H 132 -8.40 -16.10 2.30
CA ILE H 132 -9.78 -15.62 2.43
C ILE H 132 -9.95 -14.78 3.68
N GLN H 133 -9.32 -15.22 4.77
CA GLN H 133 -9.39 -14.48 6.03
C GLN H 133 -8.76 -13.11 5.84
N ALA H 134 -7.75 -13.04 5.00
CA ALA H 134 -7.06 -11.79 4.73
C ALA H 134 -7.92 -10.87 3.87
N GLU H 135 -8.68 -11.45 2.95
CA GLU H 135 -9.60 -10.68 2.12
C GLU H 135 -10.58 -9.92 2.99
N GLN H 136 -11.14 -10.60 3.99
CA GLN H 136 -12.12 -9.98 4.88
C GLN H 136 -11.51 -8.89 5.73
N PHE H 137 -10.29 -9.11 6.19
CA PHE H 137 -9.60 -8.09 6.98
C PHE H 137 -9.56 -6.78 6.23
N ALA H 138 -9.32 -6.85 4.92
CA ALA H 138 -9.29 -5.66 4.09
C ALA H 138 -10.67 -5.03 3.96
N VAL H 139 -11.70 -5.87 3.87
CA VAL H 139 -13.08 -5.38 3.73
C VAL H 139 -13.50 -4.66 5.00
N ILE H 140 -13.34 -5.32 6.14
CA ILE H 140 -13.72 -4.74 7.42
C ILE H 140 -12.93 -3.47 7.70
N LYS H 141 -11.62 -3.56 7.53
CA LYS H 141 -10.73 -2.44 7.84
C LYS H 141 -11.13 -1.17 7.11
N LYS H 142 -11.44 -1.28 5.84
CA LYS H 142 -11.86 -0.12 5.05
C LYS H 142 -13.16 0.47 5.56
N GLU H 143 -14.12 -0.40 5.87
CA GLU H 143 -15.44 0.04 6.30
C GLU H 143 -15.38 0.69 7.67
N PHE H 145 -12.67 2.30 8.98
CA PHE H 145 -12.02 3.59 8.79
C PHE H 145 -12.97 4.57 8.12
N ARG H 146 -13.81 4.08 7.22
CA ARG H 146 -14.75 4.94 6.52
C ARG H 146 -15.73 5.56 7.49
N LEU H 147 -16.33 4.73 8.33
CA LEU H 147 -17.34 5.20 9.26
C LEU H 147 -16.75 6.09 10.35
N ASN H 148 -15.56 5.73 10.82
CA ASN H 148 -14.89 6.55 11.83
C ASN H 148 -14.56 7.91 11.25
N ALA H 149 -14.26 7.95 9.97
CA ALA H 149 -13.97 9.20 9.28
C ALA H 149 -15.23 10.07 9.15
N GLU H 150 -16.36 9.42 8.93
CA GLU H 150 -17.63 10.13 8.79
C GLU H 150 -18.07 10.72 10.12
N PHE H 151 -17.90 9.95 11.20
CA PHE H 151 -18.29 10.40 12.52
C PHE H 151 -17.44 11.59 12.97
N THR H 152 -16.13 11.45 12.84
CA THR H 152 -15.18 12.45 13.31
C THR H 152 -15.06 13.63 12.35
N GLY H 153 -15.33 13.38 11.07
CA GLY H 153 -15.23 14.43 10.06
C GLY H 153 -13.81 14.59 9.55
N GLN H 154 -12.94 13.65 9.93
CA GLN H 154 -11.57 13.67 9.46
C GLN H 154 -11.46 12.91 8.14
N PRO H 155 -10.40 13.18 7.36
CA PRO H 155 -10.19 12.42 6.13
C PRO H 155 -9.89 10.96 6.40
N ILE H 156 -10.28 10.09 5.48
CA ILE H 156 -10.03 8.66 5.60
C ILE H 156 -8.53 8.39 5.75
N GLU H 157 -7.72 9.22 5.11
CA GLU H 157 -6.28 9.07 5.15
C GLU H 157 -5.73 9.24 6.56
N ARG H 158 -6.30 10.18 7.31
CA ARG H 158 -5.81 10.47 8.65
C ARG H 158 -6.25 9.41 9.64
N ILE H 159 -7.45 8.89 9.44
CA ILE H 159 -7.97 7.82 10.29
C ILE H 159 -7.08 6.58 10.21
N GLU H 160 -6.74 6.18 8.99
CA GLU H 160 -5.90 5.00 8.81
C GLU H 160 -4.52 5.21 9.39
N ALA H 161 -3.97 6.41 9.22
CA ALA H 161 -2.63 6.72 9.70
C ALA H 161 -2.60 6.73 11.21
N ASP H 162 -3.58 7.40 11.81
CA ASP H 162 -3.64 7.51 13.25
C ASP H 162 -3.98 6.18 13.90
N SER H 163 -4.75 5.35 13.19
CA SER H 163 -5.22 4.08 13.74
C SER H 163 -4.19 2.98 13.65
N ASP H 164 -3.07 3.25 12.98
CA ASP H 164 -2.02 2.26 12.80
C ASP H 164 -1.57 1.70 14.15
N ARG H 165 -1.32 2.61 15.08
CA ARG H 165 -0.96 2.26 16.45
C ARG H 165 -2.00 2.87 17.36
N ASP H 166 -2.10 2.38 18.59
CA ASP H 166 -3.05 2.94 19.54
C ASP H 166 -2.84 4.43 19.67
N ARG H 167 -3.90 5.20 19.49
CA ARG H 167 -3.86 6.63 19.68
C ARG H 167 -4.89 7.03 20.70
N TRP H 168 -4.41 7.55 21.83
CA TRP H 168 -5.28 7.93 22.93
C TRP H 168 -5.65 9.39 22.86
N PHE H 169 -6.91 9.68 23.20
CA PHE H 169 -7.42 11.04 23.26
C PHE H 169 -7.99 11.32 24.64
N THR H 170 -7.70 12.49 25.18
CA THR H 170 -8.39 12.96 26.38
C THR H 170 -9.75 13.45 25.94
N ALA H 171 -10.57 13.88 26.90
CA ALA H 171 -11.89 14.42 26.57
C ALA H 171 -11.76 15.61 25.64
N ALA H 172 -10.84 16.50 25.95
CA ALA H 172 -10.61 17.70 25.16
C ALA H 172 -10.06 17.37 23.78
N GLU H 173 -9.08 16.48 23.73
CA GLU H 173 -8.46 16.07 22.48
C GLU H 173 -9.49 15.36 21.60
N ALA H 174 -10.39 14.60 22.22
CA ALA H 174 -11.42 13.88 21.50
C ALA H 174 -12.45 14.85 20.95
N LEU H 175 -12.73 15.91 21.70
CA LEU H 175 -13.66 16.94 21.27
C LEU H 175 -13.21 17.62 19.99
N GLU H 176 -11.91 17.91 19.91
CA GLU H 176 -11.36 18.58 18.74
C GLU H 176 -11.31 17.64 17.53
N TYR H 177 -11.00 16.38 17.80
CA TYR H 177 -10.84 15.39 16.74
C TYR H 177 -12.19 15.02 16.14
N GLY H 178 -13.26 15.27 16.89
CA GLY H 178 -14.61 15.05 16.40
C GLY H 178 -15.33 13.81 16.89
N PHE H 179 -14.78 13.16 17.91
CA PHE H 179 -15.43 11.99 18.49
C PHE H 179 -16.69 12.37 19.24
N VAL H 180 -16.60 13.42 20.06
CA VAL H 180 -17.72 13.86 20.87
C VAL H 180 -17.94 15.36 20.67
N ASP H 181 -19.20 15.77 20.75
CA ASP H 181 -19.57 17.17 20.52
C ASP H 181 -19.40 18.08 21.74
N HIS H 182 -19.67 17.54 22.93
CA HIS H 182 -19.66 18.35 24.14
C HIS H 182 -18.88 17.68 25.28
N ILE H 183 -18.38 18.50 26.19
CA ILE H 183 -17.84 18.04 27.46
C ILE H 183 -18.67 18.64 28.58
N ILE H 184 -19.01 17.82 29.57
CA ILE H 184 -19.86 18.26 30.66
C ILE H 184 -19.05 19.07 31.67
N SER I 13 -28.14 -7.05 51.65
CA SER I 13 -29.49 -6.48 51.63
C SER I 13 -29.54 -5.16 52.41
N VAL I 14 -28.53 -4.93 53.24
CA VAL I 14 -28.46 -3.72 54.04
C VAL I 14 -28.15 -2.50 53.16
N TYR I 15 -27.42 -2.74 52.08
CA TYR I 15 -27.02 -1.67 51.16
C TYR I 15 -28.26 -1.00 50.57
N GLU I 16 -29.33 -1.78 50.39
CA GLU I 16 -30.59 -1.22 49.91
C GLU I 16 -31.16 -0.28 50.96
N ARG I 17 -31.00 -0.64 52.23
CA ARG I 17 -31.44 0.19 53.33
C ARG I 17 -30.59 1.46 53.43
N LEU I 18 -29.31 1.33 53.10
CA LEU I 18 -28.40 2.46 53.12
C LEU I 18 -28.69 3.43 51.99
N LEU I 19 -29.09 2.89 50.85
CA LEU I 19 -29.40 3.69 49.68
C LEU I 19 -30.57 4.63 49.93
N SER I 20 -31.53 4.17 50.73
CA SER I 20 -32.67 4.99 51.12
C SER I 20 -32.22 6.19 51.96
N GLU I 21 -31.09 6.02 52.63
CA GLU I 21 -30.52 7.08 53.46
C GLU I 21 -29.56 7.96 52.66
N ARG I 22 -29.51 7.73 51.35
CA ARG I 22 -28.60 8.45 50.45
C ARG I 22 -27.15 8.18 50.82
N ILE I 23 -26.87 6.93 51.20
CA ILE I 23 -25.52 6.48 51.46
C ILE I 23 -25.13 5.40 50.47
N ILE I 24 -24.05 5.64 49.72
CA ILE I 24 -23.47 4.63 48.84
C ILE I 24 -22.14 4.15 49.44
N PHE I 25 -21.82 2.87 49.25
CA PHE I 25 -20.68 2.27 49.91
C PHE I 25 -19.70 1.67 48.91
N LEU I 26 -18.45 2.10 48.96
CA LEU I 26 -17.38 1.48 48.20
C LEU I 26 -16.55 0.61 49.14
N GLY I 27 -16.74 -0.71 49.05
CA GLY I 27 -16.17 -1.64 50.00
C GLY I 27 -15.06 -2.52 49.46
N SER I 28 -14.76 -2.41 48.18
CA SER I 28 -13.78 -3.29 47.54
C SER I 28 -12.92 -2.50 46.58
N GLU I 29 -12.05 -3.18 45.85
CA GLU I 29 -11.18 -2.52 44.89
C GLU I 29 -12.03 -1.88 43.81
N VAL I 30 -11.57 -0.74 43.30
CA VAL I 30 -12.30 -0.02 42.28
C VAL I 30 -12.08 -0.70 40.93
N ASN I 31 -13.17 -1.09 40.30
CA ASN I 31 -13.13 -1.63 38.95
C ASN I 31 -14.27 -1.05 38.13
N ASP I 32 -14.37 -1.45 36.87
CA ASP I 32 -15.39 -0.91 35.99
C ASP I 32 -16.79 -1.22 36.48
N GLU I 33 -17.00 -2.44 36.98
CA GLU I 33 -18.33 -2.87 37.41
C GLU I 33 -18.82 -2.04 38.57
N ILE I 34 -17.98 -1.85 39.58
CA ILE I 34 -18.36 -1.07 40.75
C ILE I 34 -18.55 0.39 40.35
N ALA I 35 -17.69 0.88 39.48
CA ALA I 35 -17.76 2.26 39.03
C ALA I 35 -19.09 2.54 38.33
N ASN I 36 -19.48 1.66 37.41
CA ASN I 36 -20.73 1.80 36.69
C ASN I 36 -21.92 1.87 37.65
N ARG I 37 -21.94 0.97 38.62
CA ARG I 37 -23.01 0.94 39.61
C ARG I 37 -23.00 2.19 40.47
N LEU I 38 -21.81 2.60 40.90
CA LEU I 38 -21.67 3.77 41.77
C LEU I 38 -22.09 5.04 41.04
N CYS I 39 -21.61 5.20 39.81
CA CYS I 39 -21.97 6.36 39.00
C CYS I 39 -23.48 6.41 38.80
N ALA I 40 -24.06 5.26 38.47
CA ALA I 40 -25.50 5.17 38.26
C ALA I 40 -26.26 5.60 39.52
N GLN I 41 -25.88 5.06 40.66
CA GLN I 41 -26.54 5.36 41.92
C GLN I 41 -26.49 6.85 42.22
N ILE I 42 -25.36 7.48 41.95
CA ILE I 42 -25.19 8.92 42.19
C ILE I 42 -26.17 9.71 41.33
N LEU I 43 -26.27 9.32 40.06
CA LEU I 43 -27.17 10.00 39.15
C LEU I 43 -28.61 9.79 39.57
N LEU I 44 -28.92 8.58 40.02
CA LEU I 44 -30.27 8.24 40.45
C LEU I 44 -30.66 8.97 41.73
N LEU I 45 -29.72 9.08 42.67
CA LEU I 45 -29.98 9.79 43.91
C LEU I 45 -30.20 11.27 43.65
N ALA I 46 -29.43 11.83 42.72
CA ALA I 46 -29.55 13.24 42.37
C ALA I 46 -30.86 13.52 41.67
N ALA I 47 -31.39 12.52 40.97
CA ALA I 47 -32.66 12.67 40.27
C ALA I 47 -33.82 12.75 41.26
N GLU I 48 -33.79 11.89 42.28
CA GLU I 48 -34.84 11.92 43.31
C GLU I 48 -34.85 13.24 44.06
N ASP I 49 -33.72 13.56 44.69
CA ASP I 49 -33.58 14.82 45.40
C ASP I 49 -32.19 15.41 45.14
N ALA I 50 -32.15 16.58 44.54
CA ALA I 50 -30.90 17.24 44.20
C ALA I 50 -30.42 18.17 45.31
N SER I 51 -31.29 18.42 46.30
CA SER I 51 -30.93 19.30 47.40
C SER I 51 -30.11 18.55 48.44
N LYS I 52 -30.53 17.33 48.76
CA LYS I 52 -29.90 16.55 49.83
C LYS I 52 -28.54 16.00 49.42
N ASP I 53 -27.61 15.99 50.36
CA ASP I 53 -26.26 15.49 50.11
C ASP I 53 -26.24 13.99 49.89
N ILE I 54 -25.19 13.51 49.24
CA ILE I 54 -24.92 12.08 49.11
C ILE I 54 -23.67 11.74 49.89
N SER I 55 -23.73 10.67 50.66
CA SER I 55 -22.59 10.22 51.46
C SER I 55 -21.96 8.98 50.85
N LEU I 56 -20.65 9.01 50.65
CA LEU I 56 -19.91 7.85 50.17
C LEU I 56 -19.00 7.30 51.26
N TYR I 57 -19.33 6.12 51.76
CA TYR I 57 -18.50 5.43 52.73
C TYR I 57 -17.43 4.65 51.98
N ILE I 58 -16.17 4.86 52.33
CA ILE I 58 -15.05 4.27 51.60
C ILE I 58 -14.21 3.35 52.47
N ASN I 59 -14.26 2.05 52.21
CA ASN I 59 -13.20 1.14 52.59
C ASN I 59 -12.69 0.44 51.34
N SER I 60 -11.51 0.83 50.86
CA SER I 60 -11.00 0.26 49.61
C SER I 60 -9.47 0.16 49.54
N PRO I 61 -8.97 -0.91 48.91
CA PRO I 61 -7.53 -1.04 48.60
C PRO I 61 -7.09 -0.14 47.47
N GLY I 62 -8.03 0.35 46.68
CA GLY I 62 -7.72 1.08 45.47
C GLY I 62 -8.09 0.26 44.25
N GLY I 63 -7.76 0.78 43.07
CA GLY I 63 -8.15 0.10 41.85
C GLY I 63 -7.74 0.83 40.59
N SER I 64 -8.40 0.53 39.49
CA SER I 64 -8.06 1.13 38.21
C SER I 64 -8.36 2.63 38.23
N ILE I 65 -7.53 3.39 37.55
CA ILE I 65 -7.71 4.84 37.48
C ILE I 65 -8.91 5.18 36.60
N SER I 66 -9.00 4.52 35.45
CA SER I 66 -10.05 4.83 34.48
C SER I 66 -11.44 4.71 35.11
N ALA I 67 -11.66 3.62 35.84
CA ALA I 67 -12.93 3.42 36.53
C ALA I 67 -13.07 4.41 37.67
N GLY I 68 -11.97 4.70 38.34
CA GLY I 68 -11.97 5.60 39.47
C GLY I 68 -12.37 7.01 39.10
N ALA I 70 -14.18 7.84 36.60
CA ALA I 70 -15.59 7.81 36.21
C ALA I 70 -16.43 8.17 37.43
N ILE I 71 -16.05 7.65 38.58
CA ILE I 71 -16.72 7.95 39.84
C ILE I 71 -16.49 9.41 40.21
N TYR I 72 -15.24 9.84 40.13
CA TYR I 72 -14.87 11.21 40.48
C TYR I 72 -15.63 12.23 39.64
N ASP I 73 -15.63 12.03 38.33
CA ASP I 73 -16.34 12.93 37.44
C ASP I 73 -17.82 13.02 37.80
N THR I 74 -18.45 11.87 38.06
CA THR I 74 -19.87 11.85 38.39
C THR I 74 -20.15 12.64 39.67
N VAL I 76 -18.43 15.30 40.94
CA VAL I 76 -18.32 16.74 40.69
C VAL I 76 -19.53 17.26 39.96
N LEU I 77 -20.01 16.49 38.98
CA LEU I 77 -21.14 16.92 38.16
C LEU I 77 -22.46 16.87 38.92
N ALA I 78 -22.51 16.05 39.97
CA ALA I 78 -23.72 15.93 40.76
C ALA I 78 -24.05 17.28 41.40
N PRO I 79 -25.33 17.69 41.36
CA PRO I 79 -25.70 18.98 41.96
C PRO I 79 -25.45 19.02 43.46
N CYS I 80 -25.82 17.94 44.14
CA CYS I 80 -25.69 17.86 45.58
C CYS I 80 -24.23 17.69 45.98
N ASP I 81 -23.94 18.03 47.24
CA ASP I 81 -22.62 17.82 47.77
C ASP I 81 -22.39 16.33 48.00
N ILE I 82 -21.16 15.88 47.83
CA ILE I 82 -20.80 14.49 48.09
C ILE I 82 -19.88 14.42 49.31
N ALA I 83 -20.39 13.85 50.39
CA ALA I 83 -19.60 13.64 51.60
C ALA I 83 -18.88 12.30 51.55
N THR I 84 -17.60 12.31 51.92
CA THR I 84 -16.78 11.10 51.89
C THR I 84 -16.33 10.70 53.28
N TYR I 85 -16.58 9.44 53.64
CA TYR I 85 -16.18 8.90 54.92
C TYR I 85 -15.20 7.74 54.72
N ALA I 86 -14.02 7.83 55.33
CA ALA I 86 -13.04 6.75 55.25
C ALA I 86 -13.22 5.81 56.42
N GLY I 88 -12.51 1.79 56.96
CA GLY I 88 -11.35 0.98 57.27
C GLY I 88 -10.04 1.51 56.72
N ALA I 90 -8.30 3.83 53.04
CA ALA I 90 -8.43 4.50 51.77
C ALA I 90 -7.07 4.56 51.08
N ALA I 91 -6.95 3.88 49.95
CA ALA I 91 -5.67 3.78 49.24
C ALA I 91 -5.87 3.93 47.75
N SER I 92 -4.87 4.51 47.08
CA SER I 92 -4.94 4.74 45.65
C SER I 92 -6.19 5.55 45.34
N GLY I 94 -9.01 4.96 46.45
CA GLY I 94 -9.67 5.09 47.72
C GLY I 94 -9.30 6.40 48.38
N GLU I 95 -8.00 6.69 48.37
CA GLU I 95 -7.50 7.95 48.91
C GLU I 95 -7.93 9.12 48.04
N PHE I 96 -7.89 8.92 46.72
CA PHE I 96 -8.22 9.98 45.79
C PHE I 96 -9.68 10.40 45.92
N LEU I 97 -10.59 9.42 45.90
CA LEU I 97 -12.01 9.71 46.00
C LEU I 97 -12.37 10.27 47.37
N LEU I 98 -11.64 9.84 48.39
CA LEU I 98 -11.84 10.38 49.74
C LEU I 98 -11.58 11.88 49.74
N ALA I 99 -10.43 12.26 49.21
CA ALA I 99 -10.02 13.65 49.19
C ALA I 99 -10.84 14.46 48.19
N ALA I 100 -11.45 13.76 47.25
CA ALA I 100 -12.26 14.41 46.21
C ALA I 100 -13.60 14.84 46.77
N GLY I 101 -13.90 14.42 47.99
CA GLY I 101 -15.15 14.77 48.63
C GLY I 101 -15.30 16.27 48.79
N THR I 102 -16.52 16.73 48.97
CA THR I 102 -16.81 18.15 49.16
C THR I 102 -16.04 18.71 50.34
N LYS I 103 -15.39 19.85 50.13
CA LYS I 103 -14.51 20.41 51.16
C LYS I 103 -15.30 20.73 52.43
N GLY I 104 -14.82 20.19 53.54
CA GLY I 104 -15.44 20.38 54.84
C GLY I 104 -16.34 19.22 55.22
N LYS I 105 -16.82 18.52 54.20
CA LYS I 105 -17.65 17.33 54.40
C LYS I 105 -16.87 16.02 54.29
N ARG I 106 -15.55 16.11 54.16
CA ARG I 106 -14.71 14.92 54.14
C ARG I 106 -14.43 14.43 55.56
N TYR I 107 -14.82 13.19 55.86
CA TYR I 107 -14.69 12.63 57.20
C TYR I 107 -13.81 11.38 57.22
N ALA I 108 -13.29 11.05 58.39
CA ALA I 108 -12.48 9.85 58.57
C ALA I 108 -12.65 9.30 59.98
N LEU I 109 -12.66 7.98 60.10
CA LEU I 109 -12.70 7.35 61.41
C LEU I 109 -11.31 7.42 62.03
N PRO I 110 -11.22 7.31 63.36
CA PRO I 110 -9.94 7.48 64.07
C PRO I 110 -8.83 6.55 63.58
N HIS I 111 -9.16 5.27 63.40
CA HIS I 111 -8.15 4.27 63.03
C HIS I 111 -8.10 4.03 61.53
N ALA I 112 -8.88 4.77 60.76
CA ALA I 112 -8.79 4.72 59.31
C ALA I 112 -7.39 5.10 58.87
N ARG I 113 -6.89 4.44 57.84
CA ARG I 113 -5.55 4.71 57.31
C ARG I 113 -5.60 5.11 55.85
N ILE I 114 -4.87 6.16 55.49
CA ILE I 114 -4.83 6.67 54.13
C ILE I 114 -3.48 6.39 53.48
N LEU I 115 -3.51 5.84 52.27
CA LEU I 115 -2.29 5.59 51.49
C LEU I 115 -2.28 6.40 50.19
N HIS I 117 0.14 7.26 46.80
CA HIS I 117 1.33 6.90 46.05
C HIS I 117 1.19 7.15 44.55
N GLN I 118 2.34 7.08 43.88
CA GLN I 118 2.44 7.14 42.42
C GLN I 118 1.61 6.04 41.74
N PRO I 119 1.11 6.32 40.51
CA PRO I 119 0.36 5.30 39.74
C PRO I 119 1.19 4.08 39.36
N LEU I 120 0.52 2.95 39.12
CA LEU I 120 1.19 1.72 38.71
C LEU I 120 0.57 1.13 37.45
N GLY I 121 1.33 1.14 36.35
CA GLY I 121 0.87 0.58 35.09
C GLY I 121 1.61 -0.68 34.72
N GLY I 122 1.63 -0.97 33.42
CA GLY I 122 2.42 -2.05 32.87
C GLY I 122 2.65 -1.79 31.38
N VAL I 123 3.71 -2.37 30.84
CA VAL I 123 4.03 -2.19 29.42
C VAL I 123 4.25 -3.52 28.72
N THR I 124 3.85 -3.59 27.46
CA THR I 124 4.00 -4.80 26.67
C THR I 124 3.96 -4.49 25.18
N GLY I 125 4.44 -5.42 24.36
CA GLY I 125 4.38 -5.29 22.92
C GLY I 125 5.66 -4.76 22.32
N SER I 126 5.55 -4.26 21.09
CA SER I 126 6.71 -3.73 20.37
C SER I 126 7.18 -2.44 21.00
N ALA I 127 8.44 -2.08 20.74
CA ALA I 127 9.02 -0.86 21.26
C ALA I 127 8.21 0.36 20.86
N ALA I 128 7.58 0.27 19.69
CA ALA I 128 6.73 1.35 19.20
C ALA I 128 5.47 1.47 20.06
N ASP I 129 4.87 0.33 20.39
CA ASP I 129 3.68 0.31 21.21
C ASP I 129 3.97 0.78 22.63
N ILE I 130 5.13 0.40 23.15
CA ILE I 130 5.49 0.76 24.52
C ILE I 130 5.73 2.25 24.64
N ALA I 131 6.30 2.85 23.59
CA ALA I 131 6.54 4.28 23.57
C ALA I 131 5.25 5.05 23.76
N ILE I 132 4.18 4.54 23.15
CA ILE I 132 2.87 5.18 23.27
C ILE I 132 2.32 5.00 24.66
N GLN I 133 2.50 3.81 25.21
CA GLN I 133 2.03 3.51 26.55
C GLN I 133 2.72 4.41 27.56
N ALA I 134 3.98 4.73 27.27
CA ALA I 134 4.77 5.59 28.16
C ALA I 134 4.31 7.05 28.07
N GLU I 135 3.90 7.48 26.89
CA GLU I 135 3.38 8.84 26.72
C GLU I 135 2.21 9.09 27.66
N GLN I 136 1.31 8.12 27.73
CA GLN I 136 0.12 8.22 28.57
C GLN I 136 0.48 8.27 30.05
N PHE I 137 1.49 7.51 30.44
CA PHE I 137 1.92 7.48 31.83
C PHE I 137 2.23 8.88 32.35
N ALA I 138 2.88 9.68 31.51
CA ALA I 138 3.21 11.06 31.88
C ALA I 138 1.95 11.90 32.00
N VAL I 139 0.99 11.66 31.13
CA VAL I 139 -0.25 12.42 31.12
C VAL I 139 -1.05 12.19 32.39
N ILE I 140 -1.32 10.93 32.69
CA ILE I 140 -2.10 10.57 33.86
C ILE I 140 -1.41 11.02 35.14
N LYS I 141 -0.12 10.68 35.26
CA LYS I 141 0.63 10.97 36.46
C LYS I 141 0.58 12.45 36.84
N LYS I 142 0.74 13.32 35.85
CA LYS I 142 0.68 14.76 36.10
C LYS I 142 -0.72 15.16 36.56
N GLU I 143 -1.72 14.59 35.91
CA GLU I 143 -3.12 14.93 36.20
C GLU I 143 -3.52 14.46 37.60
N PHE I 145 -1.48 13.87 40.19
CA PHE I 145 -0.78 14.71 41.14
C PHE I 145 -1.40 16.09 41.23
N ARG I 146 -1.89 16.59 40.11
CA ARG I 146 -2.50 17.92 40.09
C ARG I 146 -3.74 17.95 40.98
N LEU I 147 -4.63 16.98 40.79
CA LEU I 147 -5.86 16.93 41.55
C LEU I 147 -5.63 16.61 43.01
N ASN I 148 -4.68 15.71 43.28
CA ASN I 148 -4.34 15.38 44.66
C ASN I 148 -3.77 16.60 45.36
N ALA I 149 -3.05 17.41 44.59
CA ALA I 149 -2.49 18.65 45.11
C ALA I 149 -3.60 19.64 45.40
N GLU I 150 -4.64 19.63 44.56
CA GLU I 150 -5.77 20.54 44.75
C GLU I 150 -6.60 20.15 45.97
N PHE I 151 -6.83 18.85 46.14
CA PHE I 151 -7.62 18.36 47.25
C PHE I 151 -6.94 18.62 48.59
N THR I 152 -5.66 18.25 48.67
CA THR I 152 -4.91 18.35 49.91
C THR I 152 -4.45 19.77 50.21
N GLY I 153 -4.28 20.57 49.16
CA GLY I 153 -3.81 21.93 49.31
C GLY I 153 -2.29 22.01 49.39
N GLN I 154 -1.63 20.89 49.10
CA GLN I 154 -0.18 20.85 49.08
C GLN I 154 0.35 21.24 47.70
N PRO I 155 1.61 21.68 47.61
CA PRO I 155 2.21 21.95 46.30
C PRO I 155 2.37 20.69 45.47
N ILE I 156 2.26 20.81 44.15
CA ILE I 156 2.44 19.67 43.25
C ILE I 156 3.81 19.05 43.45
N GLU I 157 4.78 19.88 43.81
CA GLU I 157 6.15 19.42 44.01
C GLU I 157 6.22 18.42 45.16
N ARG I 158 5.46 18.69 46.22
CA ARG I 158 5.49 17.85 47.42
C ARG I 158 4.66 16.58 47.22
N ILE I 159 3.56 16.70 46.49
CA ILE I 159 2.73 15.53 46.17
C ILE I 159 3.55 14.53 45.38
N GLU I 160 4.26 15.03 44.39
CA GLU I 160 5.07 14.19 43.53
C GLU I 160 6.17 13.51 44.34
N ALA I 161 6.76 14.25 45.27
CA ALA I 161 7.84 13.72 46.10
C ALA I 161 7.33 12.68 47.08
N ASP I 162 6.23 12.99 47.76
CA ASP I 162 5.66 12.08 48.75
C ASP I 162 5.10 10.83 48.10
N SER I 163 4.63 10.98 46.87
CA SER I 163 3.98 9.89 46.16
C SER I 163 4.96 8.92 45.52
N ASP I 164 6.25 9.26 45.55
CA ASP I 164 7.28 8.42 44.94
C ASP I 164 7.22 6.98 45.48
N ARG I 165 7.15 6.87 46.80
CA ARG I 165 6.99 5.58 47.47
C ARG I 165 5.71 5.62 48.29
N ASP I 166 5.19 4.46 48.68
CA ASP I 166 3.99 4.43 49.50
C ASP I 166 4.18 5.28 50.75
N ARG I 167 3.25 6.20 50.96
CA ARG I 167 3.26 7.03 52.16
C ARG I 167 1.93 6.87 52.89
N TRP I 168 2.01 6.32 54.09
CA TRP I 168 0.82 6.05 54.88
C TRP I 168 0.51 7.20 55.82
N PHE I 169 -0.78 7.48 55.98
CA PHE I 169 -1.26 8.50 56.89
C PHE I 169 -2.27 7.91 57.85
N THR I 170 -2.15 8.25 59.12
CA THR I 170 -3.20 7.95 60.08
C THR I 170 -4.32 8.96 59.87
N ALA I 171 -5.40 8.84 60.63
CA ALA I 171 -6.49 9.78 60.54
C ALA I 171 -5.99 11.19 60.85
N ALA I 172 -5.20 11.30 61.91
CA ALA I 172 -4.66 12.59 62.33
C ALA I 172 -3.67 13.13 61.30
N GLU I 173 -2.79 12.27 60.83
CA GLU I 173 -1.80 12.66 59.84
C GLU I 173 -2.47 13.06 58.54
N ALA I 174 -3.56 12.38 58.22
CA ALA I 174 -4.32 12.68 57.00
C ALA I 174 -5.04 14.01 57.15
N LEU I 175 -5.52 14.27 58.36
CA LEU I 175 -6.20 15.53 58.66
C LEU I 175 -5.27 16.72 58.45
N GLU I 176 -4.03 16.57 58.89
CA GLU I 176 -3.06 17.66 58.77
C GLU I 176 -2.61 17.82 57.33
N TYR I 177 -2.47 16.69 56.62
CA TYR I 177 -1.98 16.71 55.25
C TYR I 177 -3.06 17.26 54.31
N GLY I 178 -4.31 17.22 54.75
CA GLY I 178 -5.40 17.83 54.00
C GLY I 178 -6.27 16.86 53.24
N PHE I 179 -6.14 15.56 53.52
CA PHE I 179 -6.98 14.57 52.87
C PHE I 179 -8.43 14.67 53.33
N VAL I 180 -8.61 14.81 54.64
CA VAL I 180 -9.93 14.89 55.23
C VAL I 180 -10.03 16.09 56.17
N ASP I 181 -11.23 16.68 56.23
CA ASP I 181 -11.46 17.86 57.05
C ASP I 181 -11.72 17.56 58.52
N HIS I 182 -12.41 16.44 58.80
CA HIS I 182 -12.80 16.11 60.18
C HIS I 182 -12.51 14.67 60.55
N ILE I 183 -12.33 14.45 61.85
CA ILE I 183 -12.28 13.12 62.43
C ILE I 183 -13.45 13.00 63.40
N ILE I 184 -14.16 11.88 63.33
CA ILE I 184 -15.34 11.69 64.18
C ILE I 184 -14.93 11.29 65.59
N ASP J 12 -30.22 -19.88 57.21
CA ASP J 12 -29.65 -18.59 56.81
C ASP J 12 -30.63 -17.45 57.08
N SER J 13 -31.92 -17.79 57.13
CA SER J 13 -32.96 -16.81 57.38
C SER J 13 -32.97 -16.35 58.83
N VAL J 14 -32.26 -17.09 59.68
CA VAL J 14 -32.22 -16.81 61.11
C VAL J 14 -31.48 -15.51 61.44
N TYR J 15 -30.47 -15.16 60.65
CA TYR J 15 -29.71 -13.93 60.90
C TYR J 15 -30.62 -12.71 60.79
N GLU J 16 -31.63 -12.80 59.92
CA GLU J 16 -32.61 -11.73 59.79
C GLU J 16 -33.44 -11.62 61.06
N ARG J 17 -33.76 -12.77 61.65
CA ARG J 17 -34.53 -12.81 62.90
C ARG J 17 -33.71 -12.26 64.05
N LEU J 18 -32.40 -12.47 64.01
CA LEU J 18 -31.51 -11.98 65.05
C LEU J 18 -31.40 -10.46 64.98
N LEU J 19 -31.44 -9.92 63.77
CA LEU J 19 -31.34 -8.49 63.56
C LEU J 19 -32.54 -7.79 64.19
N SER J 20 -33.68 -8.45 64.15
CA SER J 20 -34.89 -7.94 64.77
C SER J 20 -34.73 -7.86 66.29
N GLU J 21 -33.87 -8.72 66.83
CA GLU J 21 -33.57 -8.74 68.25
C GLU J 21 -32.38 -7.83 68.56
N ARG J 22 -31.92 -7.10 67.55
CA ARG J 22 -30.75 -6.24 67.66
C ARG J 22 -29.51 -7.07 67.98
N ILE J 23 -29.43 -8.24 67.36
CA ILE J 23 -28.26 -9.10 67.45
C ILE J 23 -27.60 -9.23 66.09
N ILE J 24 -26.32 -8.85 66.03
CA ILE J 24 -25.50 -9.06 64.84
C ILE J 24 -24.49 -10.17 65.14
N PHE J 25 -24.16 -10.97 64.14
CA PHE J 25 -23.33 -12.15 64.34
C PHE J 25 -22.07 -12.12 63.48
N LEU J 26 -20.91 -12.22 64.13
CA LEU J 26 -19.65 -12.40 63.41
C LEU J 26 -19.24 -13.86 63.50
N GLY J 27 -19.42 -14.59 62.40
CA GLY J 27 -19.26 -16.04 62.41
C GLY J 27 -18.06 -16.57 61.67
N SER J 28 -17.31 -15.69 61.02
CA SER J 28 -16.19 -16.10 60.18
C SER J 28 -15.00 -15.18 60.34
N GLU J 29 -13.96 -15.39 59.54
CA GLU J 29 -12.78 -14.54 59.62
C GLU J 29 -13.15 -13.12 59.21
N VAL J 30 -12.48 -12.15 59.83
CA VAL J 30 -12.76 -10.75 59.55
C VAL J 30 -12.08 -10.31 58.26
N ASN J 31 -12.88 -9.82 57.32
CA ASN J 31 -12.36 -9.24 56.10
C ASN J 31 -13.16 -7.98 55.77
N ASP J 32 -12.80 -7.31 54.69
CA ASP J 32 -13.44 -6.06 54.32
C ASP J 32 -14.94 -6.26 54.09
N GLU J 33 -15.31 -7.39 53.48
CA GLU J 33 -16.71 -7.64 53.17
C GLU J 33 -17.56 -7.70 54.42
N ILE J 34 -17.10 -8.48 55.39
CA ILE J 34 -17.83 -8.65 56.64
C ILE J 34 -17.86 -7.34 57.43
N ALA J 35 -16.74 -6.63 57.43
CA ALA J 35 -16.63 -5.38 58.16
C ALA J 35 -17.64 -4.37 57.65
N ASN J 36 -17.71 -4.21 56.34
CA ASN J 36 -18.65 -3.28 55.72
C ASN J 36 -20.09 -3.58 56.10
N ARG J 37 -20.47 -4.86 56.03
CA ARG J 37 -21.81 -5.28 56.38
C ARG J 37 -22.11 -5.06 57.85
N LEU J 38 -21.15 -5.41 58.70
CA LEU J 38 -21.33 -5.27 60.15
C LEU J 38 -21.45 -3.80 60.54
N CYS J 39 -20.58 -2.98 59.99
CA CYS J 39 -20.61 -1.55 60.25
C CYS J 39 -21.96 -0.97 59.85
N ALA J 40 -22.44 -1.37 58.68
CA ALA J 40 -23.72 -0.91 58.17
C ALA J 40 -24.84 -1.26 59.12
N GLN J 41 -24.90 -2.53 59.54
CA GLN J 41 -25.93 -3.00 60.45
C GLN J 41 -25.94 -2.21 61.75
N ILE J 42 -24.75 -1.91 62.28
CA ILE J 42 -24.64 -1.15 63.52
C ILE J 42 -25.23 0.25 63.34
N LEU J 43 -24.88 0.89 62.24
CA LEU J 43 -25.37 2.24 61.97
C LEU J 43 -26.88 2.24 61.78
N LEU J 44 -27.38 1.25 61.06
CA LEU J 44 -28.81 1.16 60.80
C LEU J 44 -29.58 0.86 62.08
N LEU J 45 -29.05 -0.03 62.90
CA LEU J 45 -29.69 -0.38 64.16
C LEU J 45 -29.69 0.84 65.08
N ALA J 46 -28.58 1.59 65.05
CA ALA J 46 -28.46 2.78 65.86
C ALA J 46 -29.40 3.87 65.35
N ALA J 47 -29.68 3.83 64.06
CA ALA J 47 -30.58 4.81 63.44
C ALA J 47 -32.02 4.57 63.89
N GLU J 48 -32.43 3.30 63.94
CA GLU J 48 -33.76 2.95 64.38
C GLU J 48 -33.98 3.37 65.83
N ASP J 49 -33.15 2.84 66.72
CA ASP J 49 -33.22 3.17 68.14
C ASP J 49 -31.82 3.36 68.70
N ALA J 50 -31.54 4.56 69.22
CA ALA J 50 -30.23 4.88 69.77
C ALA J 50 -30.14 4.57 71.25
N SER J 51 -31.27 4.28 71.88
CA SER J 51 -31.30 3.95 73.30
C SER J 51 -30.93 2.50 73.56
N LYS J 52 -31.48 1.60 72.76
CA LYS J 52 -31.29 0.17 72.98
C LYS J 52 -29.91 -0.31 72.57
N ASP J 53 -29.36 -1.24 73.35
CA ASP J 53 -28.04 -1.79 73.08
C ASP J 53 -28.04 -2.65 71.82
N ILE J 54 -26.85 -2.82 71.25
CA ILE J 54 -26.65 -3.76 70.15
C ILE J 54 -25.77 -4.89 70.67
N SER J 55 -26.16 -6.13 70.37
CA SER J 55 -25.42 -7.29 70.82
C SER J 55 -24.65 -7.92 69.67
N LEU J 56 -23.36 -8.14 69.86
CA LEU J 56 -22.52 -8.82 68.87
C LEU J 56 -22.09 -10.19 69.34
N TYR J 57 -22.61 -11.23 68.70
CA TYR J 57 -22.20 -12.60 68.99
C TYR J 57 -20.98 -12.92 68.13
N ILE J 58 -19.91 -13.40 68.77
CA ILE J 58 -18.64 -13.62 68.09
C ILE J 58 -18.16 -15.06 68.13
N ASN J 59 -18.17 -15.72 66.98
CA ASN J 59 -17.32 -16.88 66.76
C ASN J 59 -16.43 -16.62 65.54
N SER J 60 -15.14 -16.37 65.78
CA SER J 60 -14.25 -16.02 64.68
C SER J 60 -12.80 -16.46 64.90
N PRO J 61 -12.11 -16.90 63.83
CA PRO J 61 -10.67 -17.16 63.88
C PRO J 61 -9.82 -15.89 63.91
N GLY J 62 -10.43 -14.77 63.56
CA GLY J 62 -9.69 -13.52 63.40
C GLY J 62 -9.62 -13.12 61.95
N GLY J 63 -8.89 -12.05 61.66
CA GLY J 63 -8.82 -11.55 60.30
C GLY J 63 -7.99 -10.30 60.14
N SER J 64 -8.21 -9.56 59.05
CA SER J 64 -7.43 -8.37 58.77
C SER J 64 -7.70 -7.29 59.81
N ILE J 65 -6.68 -6.51 60.14
CA ILE J 65 -6.81 -5.45 61.12
C ILE J 65 -7.60 -4.28 60.57
N SER J 66 -7.28 -3.84 59.36
CA SER J 66 -7.90 -2.66 58.77
C SER J 66 -9.42 -2.81 58.79
N ALA J 67 -9.89 -3.98 58.39
CA ALA J 67 -11.31 -4.28 58.41
C ALA J 67 -11.82 -4.33 59.85
N GLY J 68 -10.98 -4.85 60.74
CA GLY J 68 -11.35 -4.98 62.14
C GLY J 68 -11.54 -3.62 62.80
N ALA J 70 -12.28 -0.96 61.44
CA ALA J 70 -13.46 -0.33 60.88
C ALA J 70 -14.66 -0.68 61.73
N ILE J 71 -14.71 -1.94 62.15
CA ILE J 71 -15.77 -2.41 63.04
C ILE J 71 -15.63 -1.74 64.40
N TYR J 72 -14.42 -1.76 64.95
CA TYR J 72 -14.17 -1.20 66.26
C TYR J 72 -14.54 0.26 66.36
N ASP J 73 -14.08 1.07 65.40
CA ASP J 73 -14.39 2.50 65.40
C ASP J 73 -15.91 2.71 65.39
N THR J 74 -16.60 1.95 64.56
CA THR J 74 -18.05 2.08 64.45
C THR J 74 -18.73 1.77 65.78
N VAL J 76 -17.53 2.19 68.93
CA VAL J 76 -17.30 3.27 69.87
C VAL J 76 -18.16 4.48 69.55
N LEU J 77 -18.28 4.80 68.27
CA LEU J 77 -19.01 5.99 67.84
C LEU J 77 -20.52 5.81 68.00
N ALA J 78 -20.98 4.57 68.01
CA ALA J 78 -22.41 4.30 68.14
C ALA J 78 -22.91 4.86 69.47
N PRO J 79 -24.10 5.51 69.47
CA PRO J 79 -24.62 6.04 70.74
C PRO J 79 -24.91 4.94 71.75
N CYS J 80 -25.50 3.85 71.29
CA CYS J 80 -25.88 2.75 72.15
C CYS J 80 -24.67 1.93 72.58
N ASP J 81 -24.80 1.23 73.70
CA ASP J 81 -23.76 0.32 74.17
C ASP J 81 -23.71 -0.92 73.28
N ILE J 82 -22.51 -1.47 73.12
CA ILE J 82 -22.33 -2.69 72.35
C ILE J 82 -21.92 -3.83 73.27
N ALA J 83 -22.82 -4.81 73.42
CA ALA J 83 -22.53 -5.99 74.22
C ALA J 83 -21.88 -7.05 73.34
N THR J 84 -20.81 -7.66 73.84
CA THR J 84 -20.08 -8.67 73.08
C THR J 84 -20.14 -10.03 73.76
N TYR J 85 -20.54 -11.05 73.01
CA TYR J 85 -20.63 -12.41 73.51
C TYR J 85 -19.68 -13.31 72.72
N ALA J 86 -18.80 -14.01 73.42
CA ALA J 86 -17.89 -14.96 72.78
C ALA J 86 -18.49 -16.35 72.78
N GLY J 88 -18.13 -19.60 70.19
CA GLY J 88 -17.18 -20.68 69.98
C GLY J 88 -15.73 -20.33 70.26
N ALA J 90 -12.77 -16.71 70.09
CA ALA J 90 -12.42 -15.34 69.78
C ALA J 90 -10.90 -15.22 69.68
N ALA J 91 -10.42 -14.92 68.48
CA ALA J 91 -8.98 -14.88 68.23
C ALA J 91 -8.63 -13.69 67.35
N SER J 92 -7.44 -13.13 67.56
CA SER J 92 -7.01 -11.96 66.83
C SER J 92 -8.05 -10.86 67.01
N GLY J 94 -11.07 -11.24 66.74
CA GLY J 94 -12.13 -11.85 67.51
C GLY J 94 -11.97 -11.51 68.98
N GLU J 95 -10.75 -11.65 69.47
CA GLU J 95 -10.43 -11.31 70.84
C GLU J 95 -10.52 -9.80 71.05
N PHE J 96 -10.01 -9.06 70.08
CA PHE J 96 -9.97 -7.60 70.20
C PHE J 96 -11.37 -7.01 70.23
N LEU J 97 -12.21 -7.42 69.29
CA LEU J 97 -13.57 -6.93 69.22
C LEU J 97 -14.36 -7.39 70.44
N LEU J 98 -14.03 -8.58 70.93
CA LEU J 98 -14.65 -9.10 72.14
C LEU J 98 -14.34 -8.19 73.32
N ALA J 99 -13.06 -7.88 73.49
CA ALA J 99 -12.62 -7.05 74.60
C ALA J 99 -13.02 -5.59 74.41
N ALA J 100 -13.30 -5.22 73.16
CA ALA J 100 -13.66 -3.85 72.84
C ALA J 100 -15.10 -3.53 73.22
N GLY J 101 -15.86 -4.55 73.62
CA GLY J 101 -17.24 -4.36 74.00
C GLY J 101 -17.38 -3.43 75.19
N THR J 102 -18.58 -2.88 75.37
CA THR J 102 -18.85 -1.97 76.47
C THR J 102 -18.52 -2.65 77.79
N LYS J 103 -17.77 -1.96 78.64
CA LYS J 103 -17.27 -2.56 79.87
C LYS J 103 -18.43 -2.98 80.77
N GLY J 104 -18.40 -4.23 81.19
CA GLY J 104 -19.42 -4.80 82.05
C GLY J 104 -20.44 -5.59 81.24
N LYS J 105 -20.55 -5.25 79.96
CA LYS J 105 -21.44 -5.96 79.04
C LYS J 105 -20.71 -6.99 78.19
N ARG J 106 -19.42 -7.21 78.46
CA ARG J 106 -18.65 -8.25 77.77
C ARG J 106 -18.91 -9.62 78.41
N TYR J 107 -19.42 -10.55 77.60
CA TYR J 107 -19.79 -11.89 78.08
C TYR J 107 -19.02 -12.98 77.34
N ALA J 108 -18.98 -14.17 77.95
CA ALA J 108 -18.34 -15.31 77.33
C ALA J 108 -19.03 -16.60 77.76
N LEU J 109 -19.13 -17.55 76.84
CA LEU J 109 -19.67 -18.86 77.17
C LEU J 109 -18.58 -19.64 77.90
N PRO J 110 -18.98 -20.67 78.67
CA PRO J 110 -18.02 -21.41 79.50
C PRO J 110 -16.85 -22.01 78.72
N HIS J 111 -17.13 -22.66 77.59
CA HIS J 111 -16.10 -23.35 76.82
C HIS J 111 -15.53 -22.52 75.68
N ALA J 112 -15.98 -21.27 75.57
CA ALA J 112 -15.38 -20.35 74.62
C ALA J 112 -13.89 -20.20 74.92
N ARG J 113 -13.09 -20.09 73.87
CA ARG J 113 -11.64 -19.95 74.02
C ARG J 113 -11.19 -18.65 73.37
N ILE J 114 -10.35 -17.91 74.10
CA ILE J 114 -9.82 -16.65 73.62
C ILE J 114 -8.34 -16.78 73.28
N LEU J 115 -7.97 -16.29 72.10
CA LEU J 115 -6.57 -16.26 71.68
C LEU J 115 -6.12 -14.83 71.49
N HIS J 117 -2.59 -12.65 70.37
CA HIS J 117 -1.23 -12.71 69.87
C HIS J 117 -0.81 -11.45 69.11
N GLN J 118 0.49 -11.34 68.90
CA GLN J 118 1.10 -10.30 68.08
C GLN J 118 0.53 -10.26 66.65
N PRO J 119 0.50 -9.07 66.02
CA PRO J 119 0.05 -8.97 64.63
C PRO J 119 0.91 -9.73 63.63
N LEU J 120 0.33 -10.10 62.49
CA LEU J 120 1.04 -10.83 61.46
C LEU J 120 0.91 -10.16 60.08
N GLY J 121 2.00 -9.63 59.57
CA GLY J 121 2.02 -8.99 58.26
C GLY J 121 2.77 -9.78 57.21
N GLY J 122 3.25 -9.07 56.21
CA GLY J 122 4.14 -9.62 55.21
C GLY J 122 4.91 -8.51 54.52
N VAL J 123 6.08 -8.83 53.97
CA VAL J 123 6.90 -7.83 53.29
C VAL J 123 7.31 -8.29 51.90
N THR J 124 7.38 -7.34 50.97
CA THR J 124 7.76 -7.62 49.60
C THR J 124 8.26 -6.35 48.92
N GLY J 125 8.96 -6.53 47.79
CA GLY J 125 9.42 -5.41 46.99
C GLY J 125 10.85 -5.02 47.28
N SER J 126 11.22 -3.81 46.88
CA SER J 126 12.59 -3.33 47.07
C SER J 126 12.86 -3.05 48.54
N ALA J 127 14.13 -3.01 48.91
CA ALA J 127 14.54 -2.74 50.27
C ALA J 127 13.97 -1.41 50.74
N ALA J 128 13.79 -0.48 49.81
CA ALA J 128 13.20 0.81 50.11
C ALA J 128 11.73 0.66 50.46
N ASP J 129 11.01 -0.16 49.70
CA ASP J 129 9.60 -0.40 49.95
C ASP J 129 9.40 -1.16 51.24
N ILE J 130 10.30 -2.09 51.53
CA ILE J 130 10.19 -2.92 52.72
C ILE J 130 10.41 -2.10 53.97
N ALA J 131 11.30 -1.12 53.89
CA ALA J 131 11.57 -0.23 55.01
C ALA J 131 10.29 0.48 55.44
N ILE J 132 9.49 0.86 54.45
CA ILE J 132 8.23 1.55 54.70
C ILE J 132 7.21 0.60 55.30
N GLN J 133 7.17 -0.61 54.78
CA GLN J 133 6.26 -1.62 55.28
C GLN J 133 6.57 -1.94 56.73
N ALA J 134 7.85 -1.88 57.07
CA ALA J 134 8.29 -2.16 58.43
C ALA J 134 7.94 -1.01 59.37
N GLU J 135 8.00 0.22 58.86
CA GLU J 135 7.62 1.39 59.66
C GLU J 135 6.21 1.25 60.20
N GLN J 136 5.30 0.84 59.32
CA GLN J 136 3.89 0.69 59.68
C GLN J 136 3.70 -0.41 60.70
N PHE J 137 4.47 -1.50 60.57
CA PHE J 137 4.38 -2.60 61.52
C PHE J 137 4.58 -2.09 62.95
N ALA J 138 5.54 -1.19 63.13
CA ALA J 138 5.81 -0.63 64.44
C ALA J 138 4.65 0.24 64.92
N VAL J 139 4.06 0.98 63.99
CA VAL J 139 2.94 1.85 64.30
C VAL J 139 1.71 1.07 64.76
N ILE J 140 1.30 0.11 63.94
CA ILE J 140 0.14 -0.72 64.25
C ILE J 140 0.35 -1.50 65.54
N LYS J 141 1.49 -2.16 65.64
CA LYS J 141 1.79 -3.02 66.79
C LYS J 141 1.62 -2.28 68.11
N LYS J 142 2.12 -1.05 68.17
CA LYS J 142 1.99 -0.25 69.37
C LYS J 142 0.53 0.06 69.65
N GLU J 143 -0.22 0.38 68.60
CA GLU J 143 -1.62 0.76 68.74
C GLU J 143 -2.48 -0.39 69.22
N PHE J 145 -1.50 -3.12 70.89
CA PHE J 145 -1.15 -3.43 72.27
C PHE J 145 -1.71 -2.39 73.22
N ARG J 146 -1.77 -1.15 72.78
CA ARG J 146 -2.28 -0.07 73.61
C ARG J 146 -3.75 -0.28 73.95
N LEU J 147 -4.56 -0.56 72.93
CA LEU J 147 -5.99 -0.73 73.12
C LEU J 147 -6.30 -2.01 73.88
N ASN J 148 -5.56 -3.08 73.59
CA ASN J 148 -5.76 -4.33 74.31
C ASN J 148 -5.41 -4.15 75.78
N ALA J 149 -4.43 -3.30 76.05
CA ALA J 149 -4.03 -3.00 77.41
C ALA J 149 -5.14 -2.21 78.10
N GLU J 150 -5.79 -1.34 77.34
CA GLU J 150 -6.87 -0.52 77.87
C GLU J 150 -8.10 -1.38 78.14
N PHE J 151 -8.40 -2.30 77.23
CA PHE J 151 -9.56 -3.18 77.39
C PHE J 151 -9.37 -4.12 78.57
N THR J 152 -8.21 -4.78 78.62
CA THR J 152 -7.94 -5.79 79.64
C THR J 152 -7.56 -5.16 80.97
N GLY J 153 -7.01 -3.95 80.92
CA GLY J 153 -6.58 -3.25 82.11
C GLY J 153 -5.19 -3.68 82.55
N GLN J 154 -4.51 -4.43 81.68
CA GLN J 154 -3.15 -4.87 81.95
C GLN J 154 -2.15 -3.82 81.49
N PRO J 155 -0.92 -3.87 82.02
CA PRO J 155 0.12 -2.96 81.53
C PRO J 155 0.48 -3.26 80.08
N ILE J 156 0.84 -2.24 79.32
CA ILE J 156 1.25 -2.43 77.92
C ILE J 156 2.44 -3.38 77.87
N GLU J 157 3.25 -3.35 78.91
CA GLU J 157 4.44 -4.20 78.98
C GLU J 157 4.06 -5.67 78.99
N ARG J 158 2.98 -6.00 79.70
CA ARG J 158 2.57 -7.40 79.82
C ARG J 158 1.86 -7.88 78.55
N ILE J 159 1.11 -6.99 77.92
CA ILE J 159 0.44 -7.31 76.67
C ILE J 159 1.46 -7.68 75.62
N GLU J 160 2.50 -6.87 75.51
CA GLU J 160 3.55 -7.09 74.52
C GLU J 160 4.28 -8.41 74.79
N ALA J 161 4.52 -8.69 76.06
CA ALA J 161 5.23 -9.90 76.45
C ALA J 161 4.40 -11.15 76.19
N ASP J 162 3.13 -11.11 76.58
CA ASP J 162 2.23 -12.26 76.42
C ASP J 162 1.87 -12.52 74.97
N SER J 163 1.81 -11.45 74.17
CA SER J 163 1.37 -11.56 72.79
C SER J 163 2.47 -12.02 71.83
N ASP J 164 3.70 -12.12 72.33
CA ASP J 164 4.84 -12.51 71.51
C ASP J 164 4.54 -13.82 70.78
N ARG J 165 4.04 -14.80 71.54
CA ARG J 165 3.62 -16.08 71.00
C ARG J 165 2.14 -16.24 71.32
N ASP J 166 1.48 -17.14 70.62
CA ASP J 166 0.06 -17.39 70.87
C ASP J 166 -0.16 -17.72 72.34
N ARG J 167 -1.06 -16.96 72.97
CA ARG J 167 -1.44 -17.24 74.35
C ARG J 167 -2.94 -17.47 74.41
N TRP J 168 -3.32 -18.67 74.79
CA TRP J 168 -4.71 -19.07 74.85
C TRP J 168 -5.30 -18.83 76.23
N PHE J 169 -6.53 -18.39 76.27
CA PHE J 169 -7.26 -18.21 77.52
C PHE J 169 -8.56 -18.99 77.46
N THR J 170 -8.88 -19.68 78.55
CA THR J 170 -10.20 -20.27 78.70
C THR J 170 -11.15 -19.15 79.09
N ALA J 171 -12.43 -19.49 79.26
CA ALA J 171 -13.41 -18.48 79.67
C ALA J 171 -13.00 -17.89 81.01
N ALA J 172 -12.59 -18.75 81.94
CA ALA J 172 -12.18 -18.33 83.27
C ALA J 172 -10.90 -17.49 83.21
N GLU J 173 -9.91 -17.97 82.47
CA GLU J 173 -8.64 -17.28 82.35
C GLU J 173 -8.84 -15.93 81.65
N ALA J 174 -9.75 -15.90 80.69
CA ALA J 174 -10.05 -14.66 79.97
C ALA J 174 -10.78 -13.69 80.87
N LEU J 175 -11.64 -14.22 81.73
CA LEU J 175 -12.38 -13.41 82.69
C LEU J 175 -11.44 -12.70 83.66
N GLU J 176 -10.44 -13.43 84.13
CA GLU J 176 -9.49 -12.89 85.10
C GLU J 176 -8.52 -11.92 84.41
N TYR J 177 -8.15 -12.23 83.18
CA TYR J 177 -7.18 -11.42 82.44
C TYR J 177 -7.81 -10.10 82.00
N GLY J 178 -9.14 -10.05 81.97
CA GLY J 178 -9.85 -8.83 81.68
C GLY J 178 -10.43 -8.72 80.27
N PHE J 179 -10.44 -9.84 79.55
CA PHE J 179 -11.03 -9.85 78.22
C PHE J 179 -12.54 -9.71 78.29
N VAL J 180 -13.16 -10.45 79.21
CA VAL J 180 -14.60 -10.43 79.39
C VAL J 180 -14.97 -10.20 80.85
N ASP J 181 -16.08 -9.51 81.07
CA ASP J 181 -16.53 -9.17 82.42
C ASP J 181 -17.31 -10.29 83.12
N HIS J 182 -18.09 -11.04 82.34
CA HIS J 182 -18.96 -12.08 82.90
C HIS J 182 -18.87 -13.37 82.12
N ILE J 183 -19.18 -14.48 82.79
CA ILE J 183 -19.42 -15.74 82.10
C ILE J 183 -20.85 -16.16 82.37
N ILE J 184 -21.53 -16.64 81.34
CA ILE J 184 -22.95 -16.96 81.46
C ILE J 184 -23.15 -18.43 81.13
N THR J 185 -23.50 -19.22 82.13
CA THR J 185 -23.85 -20.62 81.88
C THR J 185 -25.34 -20.83 81.73
N ARG J 186 -26.15 -19.87 82.19
CA ARG J 186 -27.59 -20.05 82.18
C ARG J 186 -28.33 -18.72 82.04
N SER K 13 -36.47 -27.26 51.99
CA SER K 13 -37.69 -26.61 52.47
C SER K 13 -38.32 -27.39 53.62
N VAL K 14 -37.90 -28.65 53.77
CA VAL K 14 -38.43 -29.50 54.83
C VAL K 14 -37.90 -29.04 56.19
N TYR K 15 -36.68 -28.50 56.19
CA TYR K 15 -36.08 -28.02 57.43
C TYR K 15 -36.90 -26.89 58.03
N GLU K 16 -37.55 -26.10 57.17
CA GLU K 16 -38.42 -25.03 57.63
C GLU K 16 -39.64 -25.62 58.33
N ARG K 17 -40.14 -26.73 57.78
CA ARG K 17 -41.28 -27.41 58.37
C ARG K 17 -40.92 -28.04 59.71
N LEU K 18 -39.67 -28.50 59.82
CA LEU K 18 -39.18 -29.08 61.06
C LEU K 18 -38.98 -28.02 62.14
N LEU K 19 -38.54 -26.84 61.72
CA LEU K 19 -38.28 -25.76 62.66
C LEU K 19 -39.58 -25.33 63.34
N SER K 20 -40.68 -25.38 62.60
CA SER K 20 -41.99 -25.07 63.15
C SER K 20 -42.37 -26.10 64.21
N GLU K 21 -41.81 -27.30 64.07
CA GLU K 21 -42.04 -28.39 65.02
C GLU K 21 -41.00 -28.36 66.14
N ARG K 22 -40.17 -27.33 66.16
CA ARG K 22 -39.08 -27.20 67.13
C ARG K 22 -38.10 -28.35 67.00
N ILE K 23 -37.83 -28.74 65.76
CA ILE K 23 -36.83 -29.74 65.45
C ILE K 23 -35.71 -29.10 64.63
N ILE K 24 -34.49 -29.15 65.15
CA ILE K 24 -33.31 -28.73 64.39
C ILE K 24 -32.53 -29.98 64.03
N PHE K 25 -31.90 -29.96 62.86
CA PHE K 25 -31.27 -31.15 62.31
C PHE K 25 -29.79 -30.90 62.05
N LEU K 26 -28.93 -31.72 62.67
CA LEU K 26 -27.52 -31.70 62.36
C LEU K 26 -27.21 -32.90 61.47
N GLY K 27 -27.02 -32.63 60.18
CA GLY K 27 -26.90 -33.68 59.17
C GLY K 27 -25.52 -33.86 58.57
N SER K 28 -24.58 -33.00 58.96
CA SER K 28 -23.26 -33.00 58.35
C SER K 28 -22.17 -32.79 59.40
N GLU K 29 -20.93 -32.69 58.95
CA GLU K 29 -19.83 -32.48 59.87
C GLU K 29 -19.98 -31.14 60.56
N VAL K 30 -19.56 -31.07 61.81
CA VAL K 30 -19.70 -29.85 62.59
C VAL K 30 -18.61 -28.85 62.20
N ASN K 31 -19.04 -27.67 61.76
CA ASN K 31 -18.12 -26.57 61.50
C ASN K 31 -18.70 -25.28 62.03
N ASP K 32 -17.96 -24.19 61.87
CA ASP K 32 -18.39 -22.90 62.40
C ASP K 32 -19.69 -22.43 61.75
N GLU K 33 -19.82 -22.68 60.45
CA GLU K 33 -20.99 -22.20 59.71
C GLU K 33 -22.27 -22.82 60.26
N ILE K 34 -22.26 -24.14 60.42
CA ILE K 34 -23.43 -24.85 60.93
C ILE K 34 -23.68 -24.51 62.39
N ALA K 35 -22.60 -24.41 63.16
CA ALA K 35 -22.70 -24.14 64.60
C ALA K 35 -23.40 -22.81 64.85
N ASN K 36 -22.98 -21.78 64.14
CA ASN K 36 -23.59 -20.46 64.29
C ASN K 36 -25.08 -20.53 64.03
N ARG K 37 -25.46 -21.22 62.95
CA ARG K 37 -26.87 -21.36 62.59
C ARG K 37 -27.64 -22.16 63.64
N LEU K 38 -27.03 -23.24 64.13
CA LEU K 38 -27.68 -24.08 65.13
C LEU K 38 -27.88 -23.32 66.43
N CYS K 39 -26.83 -22.62 66.87
CA CYS K 39 -26.90 -21.81 68.07
C CYS K 39 -27.99 -20.76 67.94
N ALA K 40 -28.03 -20.10 66.79
CA ALA K 40 -29.04 -19.08 66.53
C ALA K 40 -30.44 -19.67 66.64
N GLN K 41 -30.66 -20.79 65.95
CA GLN K 41 -31.97 -21.44 65.97
C GLN K 41 -32.40 -21.80 67.39
N ILE K 42 -31.46 -22.29 68.19
CA ILE K 42 -31.78 -22.66 69.57
C ILE K 42 -32.21 -21.43 70.36
N LEU K 43 -31.49 -20.32 70.21
CA LEU K 43 -31.80 -19.10 70.92
C LEU K 43 -33.16 -18.55 70.52
N LEU K 44 -33.47 -18.59 69.23
CA LEU K 44 -34.74 -18.09 68.73
C LEU K 44 -35.90 -18.96 69.21
N LEU K 45 -35.70 -20.28 69.20
CA LEU K 45 -36.74 -21.19 69.68
C LEU K 45 -37.00 -20.99 71.16
N ALA K 46 -35.94 -20.76 71.92
CA ALA K 46 -36.06 -20.54 73.36
C ALA K 46 -36.74 -19.21 73.64
N ALA K 47 -36.55 -18.25 72.72
CA ALA K 47 -37.15 -16.93 72.86
C ALA K 47 -38.66 -16.98 72.65
N GLU K 48 -39.09 -17.73 71.64
CA GLU K 48 -40.52 -17.90 71.38
C GLU K 48 -41.20 -18.58 72.55
N ASP K 49 -40.73 -19.77 72.88
CA ASP K 49 -41.26 -20.53 74.01
C ASP K 49 -40.12 -21.17 74.80
N ALA K 50 -39.98 -20.80 76.06
CA ALA K 50 -38.93 -21.34 76.91
C ALA K 50 -39.39 -22.60 77.65
N SER K 51 -40.69 -22.86 77.63
CA SER K 51 -41.25 -24.03 78.32
C SER K 51 -41.08 -25.29 77.49
N LYS K 52 -41.36 -25.19 76.19
CA LYS K 52 -41.35 -26.36 75.30
C LYS K 52 -39.94 -26.82 74.99
N ASP K 53 -39.77 -28.14 74.91
CA ASP K 53 -38.47 -28.73 74.61
C ASP K 53 -38.04 -28.46 73.18
N ILE K 54 -36.73 -28.54 72.94
CA ILE K 54 -36.18 -28.49 71.59
C ILE K 54 -35.56 -29.84 71.24
N SER K 55 -35.84 -30.34 70.05
CA SER K 55 -35.32 -31.62 69.61
C SER K 55 -34.19 -31.45 68.59
N LEU K 56 -33.06 -32.09 68.84
CA LEU K 56 -31.93 -32.08 67.92
C LEU K 56 -31.72 -33.45 67.30
N TYR K 57 -32.00 -33.57 66.00
CA TYR K 57 -31.75 -34.80 65.27
C TYR K 57 -30.31 -34.83 64.78
N ILE K 58 -29.60 -35.91 65.09
CA ILE K 58 -28.18 -36.00 64.79
C ILE K 58 -27.83 -37.16 63.86
N ASN K 59 -27.46 -36.83 62.63
CA ASN K 59 -26.65 -37.73 61.81
C ASN K 59 -25.39 -36.98 61.40
N SER K 60 -24.25 -37.33 61.99
CA SER K 60 -23.02 -36.59 61.72
C SER K 60 -21.76 -37.46 61.82
N PRO K 61 -20.77 -37.20 60.95
CA PRO K 61 -19.45 -37.81 61.05
C PRO K 61 -18.60 -37.25 62.19
N GLY K 62 -18.99 -36.08 62.68
CA GLY K 62 -18.20 -35.35 63.65
C GLY K 62 -17.63 -34.09 63.03
N GLY K 63 -16.80 -33.37 63.77
CA GLY K 63 -16.27 -32.11 63.27
C GLY K 63 -15.37 -31.41 64.26
N SER K 64 -15.18 -30.11 64.06
CA SER K 64 -14.30 -29.34 64.93
C SER K 64 -14.87 -29.26 66.33
N ILE K 65 -13.99 -29.25 67.33
CA ILE K 65 -14.41 -29.20 68.72
C ILE K 65 -14.96 -27.81 69.05
N SER K 66 -14.23 -26.78 68.65
CA SER K 66 -14.59 -25.41 68.99
C SER K 66 -16.01 -25.07 68.52
N ALA K 67 -16.33 -25.42 67.27
CA ALA K 67 -17.66 -25.18 66.74
C ALA K 67 -18.67 -26.05 67.46
N GLY K 68 -18.25 -27.26 67.80
CA GLY K 68 -19.12 -28.21 68.48
C GLY K 68 -19.49 -27.76 69.88
N ALA K 70 -19.59 -24.74 71.01
CA ALA K 70 -20.47 -23.60 70.90
C ALA K 70 -21.92 -24.06 70.91
N ILE K 71 -22.18 -25.17 70.24
CA ILE K 71 -23.51 -25.77 70.24
C ILE K 71 -23.83 -26.29 71.63
N TYR K 72 -22.88 -27.02 72.21
CA TYR K 72 -23.07 -27.62 73.53
C TYR K 72 -23.39 -26.56 74.58
N ASP K 73 -22.60 -25.50 74.62
CA ASP K 73 -22.84 -24.42 75.59
C ASP K 73 -24.24 -23.85 75.43
N THR K 74 -24.65 -23.64 74.19
CA THR K 74 -25.97 -23.07 73.91
C THR K 74 -27.08 -24.00 74.40
N VAL K 76 -26.94 -26.07 77.00
CA VAL K 76 -26.96 -25.97 78.46
C VAL K 76 -27.61 -24.67 78.91
N LEU K 77 -27.30 -23.58 78.22
CA LEU K 77 -27.79 -22.26 78.61
C LEU K 77 -29.27 -22.11 78.33
N ALA K 78 -29.78 -22.91 77.40
CA ALA K 78 -31.18 -22.85 77.02
C ALA K 78 -32.08 -23.18 78.23
N PRO K 79 -33.16 -22.39 78.43
CA PRO K 79 -34.06 -22.71 79.53
C PRO K 79 -34.72 -24.06 79.35
N CYS K 80 -35.16 -24.32 78.12
CA CYS K 80 -35.87 -25.55 77.80
C CYS K 80 -34.93 -26.74 77.74
N ASP K 81 -35.49 -27.93 77.90
CA ASP K 81 -34.74 -29.17 77.75
C ASP K 81 -34.41 -29.41 76.28
N ILE K 82 -33.25 -30.01 76.03
CA ILE K 82 -32.84 -30.37 74.67
C ILE K 82 -32.81 -31.89 74.53
N ALA K 83 -33.75 -32.43 73.75
CA ALA K 83 -33.79 -33.85 73.46
C ALA K 83 -32.93 -34.17 72.24
N THR K 84 -32.13 -35.22 72.34
CA THR K 84 -31.22 -35.60 71.27
C THR K 84 -31.57 -36.96 70.68
N TYR K 85 -31.68 -37.00 69.36
CA TYR K 85 -32.00 -38.23 68.64
C TYR K 85 -30.85 -38.60 67.70
N ALA K 86 -30.35 -39.82 67.84
CA ALA K 86 -29.29 -40.30 66.95
C ALA K 86 -29.92 -41.05 65.78
N GLY K 88 -28.80 -41.59 61.82
CA GLY K 88 -27.91 -42.49 61.12
C GLY K 88 -26.67 -42.89 61.89
N ALA K 90 -23.66 -41.18 65.02
CA ALA K 90 -23.16 -40.13 65.90
C ALA K 90 -21.70 -40.39 66.22
N ALA K 91 -20.82 -39.50 65.76
CA ALA K 91 -19.38 -39.70 65.93
C ALA K 91 -18.70 -38.40 66.32
N SER K 92 -17.65 -38.50 67.11
CA SER K 92 -16.94 -37.32 67.60
C SER K 92 -17.93 -36.38 68.28
N GLY K 94 -20.68 -35.63 67.16
CA GLY K 94 -21.97 -36.26 66.99
C GLY K 94 -22.33 -37.07 68.23
N GLU K 95 -21.37 -37.87 68.70
CA GLU K 95 -21.54 -38.65 69.91
C GLU K 95 -21.61 -37.75 71.13
N PHE K 96 -20.77 -36.72 71.15
CA PHE K 96 -20.69 -35.82 72.28
C PHE K 96 -21.98 -35.04 72.47
N LEU K 97 -22.47 -34.43 71.38
CA LEU K 97 -23.69 -33.65 71.43
C LEU K 97 -24.89 -34.54 71.71
N LEU K 98 -24.82 -35.78 71.22
CA LEU K 98 -25.87 -36.76 71.48
C LEU K 98 -25.98 -37.01 72.97
N ALA K 99 -24.83 -37.29 73.59
CA ALA K 99 -24.78 -37.59 75.02
C ALA K 99 -25.03 -36.36 75.87
N ALA K 100 -24.83 -35.19 75.28
CA ALA K 100 -24.99 -33.93 75.99
C ALA K 100 -26.46 -33.55 76.17
N GLY K 101 -27.34 -34.31 75.52
CA GLY K 101 -28.76 -34.03 75.59
C GLY K 101 -29.28 -34.12 77.01
N THR K 102 -30.44 -33.53 77.26
CA THR K 102 -31.06 -33.60 78.58
C THR K 102 -31.24 -35.05 78.99
N LYS K 103 -30.80 -35.38 80.19
CA LYS K 103 -30.78 -36.76 80.64
C LYS K 103 -32.20 -37.33 80.70
N GLY K 104 -32.37 -38.46 80.03
CA GLY K 104 -33.65 -39.15 79.94
C GLY K 104 -34.37 -38.85 78.64
N LYS K 105 -34.02 -37.72 78.04
CA LYS K 105 -34.57 -37.32 76.75
C LYS K 105 -33.63 -37.64 75.59
N ARG K 106 -32.53 -38.32 75.87
CA ARG K 106 -31.61 -38.77 74.83
C ARG K 106 -32.12 -40.07 74.17
N TYR K 107 -32.36 -40.02 72.86
CA TYR K 107 -32.92 -41.15 72.12
C TYR K 107 -31.99 -41.61 71.01
N ALA K 108 -32.19 -42.83 70.55
CA ALA K 108 -31.42 -43.38 69.44
C ALA K 108 -32.24 -44.36 68.61
N LEU K 109 -32.03 -44.34 67.30
CA LEU K 109 -32.69 -45.31 66.42
C LEU K 109 -31.98 -46.64 66.56
N PRO K 110 -32.64 -47.75 66.20
CA PRO K 110 -32.08 -49.08 66.40
C PRO K 110 -30.74 -49.31 65.73
N HIS K 111 -30.60 -48.90 64.48
CA HIS K 111 -29.39 -49.17 63.72
C HIS K 111 -28.40 -48.00 63.72
N ALA K 112 -28.72 -46.95 64.47
CA ALA K 112 -27.78 -45.87 64.68
C ALA K 112 -26.52 -46.43 65.33
N ARG K 113 -25.37 -45.90 64.93
CA ARG K 113 -24.09 -46.33 65.44
C ARG K 113 -23.36 -45.15 66.07
N ILE K 114 -22.79 -45.37 67.25
CA ILE K 114 -22.08 -44.31 67.98
C ILE K 114 -20.58 -44.59 67.96
N LEU K 115 -19.80 -43.56 67.62
CA LEU K 115 -18.35 -43.63 67.65
C LEU K 115 -17.77 -42.65 68.66
N HIS K 117 -14.01 -41.42 70.37
CA HIS K 117 -12.56 -41.49 70.30
C HIS K 117 -11.84 -40.25 70.81
N GLN K 118 -10.55 -40.40 71.04
CA GLN K 118 -9.66 -39.31 71.39
C GLN K 118 -9.68 -38.19 70.36
N PRO K 119 -9.47 -36.93 70.79
CA PRO K 119 -9.40 -35.81 69.85
C PRO K 119 -8.24 -35.91 68.84
N LEU K 120 -8.39 -35.25 67.69
CA LEU K 120 -7.36 -35.23 66.66
C LEU K 120 -7.02 -33.80 66.23
N GLY K 121 -5.81 -33.37 66.53
CA GLY K 121 -5.34 -32.04 66.15
C GLY K 121 -4.28 -32.08 65.07
N GLY K 122 -3.48 -31.01 65.04
CA GLY K 122 -2.31 -30.96 64.18
C GLY K 122 -1.33 -29.93 64.71
N VAL K 123 -0.05 -30.07 64.38
CA VAL K 123 0.97 -29.15 64.85
C VAL K 123 1.83 -28.63 63.71
N THR K 124 2.25 -27.37 63.84
CA THR K 124 3.09 -26.73 62.84
C THR K 124 3.84 -25.55 63.45
N GLY K 125 4.88 -25.09 62.78
CA GLY K 125 5.63 -23.92 63.21
C GLY K 125 6.88 -24.27 63.99
N SER K 126 7.40 -23.30 64.72
CA SER K 126 8.61 -23.48 65.51
C SER K 126 8.36 -24.39 66.71
N ALA K 127 9.42 -24.97 67.24
CA ALA K 127 9.32 -25.84 68.41
C ALA K 127 8.65 -25.11 69.57
N ALA K 128 8.86 -23.80 69.62
CA ALA K 128 8.25 -22.97 70.65
C ALA K 128 6.74 -22.89 70.45
N ASP K 129 6.33 -22.71 69.20
CA ASP K 129 4.92 -22.62 68.86
C ASP K 129 4.25 -23.97 69.08
N ILE K 130 4.95 -25.05 68.78
CA ILE K 130 4.40 -26.39 68.91
C ILE K 130 4.21 -26.74 70.38
N ALA K 131 5.12 -26.25 71.22
CA ALA K 131 5.04 -26.49 72.65
C ALA K 131 3.73 -25.93 73.19
N ILE K 132 3.34 -24.77 72.66
CA ILE K 132 2.09 -24.12 73.07
C ILE K 132 0.90 -24.92 72.56
N GLN K 133 1.00 -25.38 71.33
CA GLN K 133 -0.06 -26.18 70.72
C GLN K 133 -0.28 -27.47 71.50
N ALA K 134 0.80 -28.01 72.05
CA ALA K 134 0.72 -29.25 72.81
C ALA K 134 0.07 -29.01 74.16
N GLU K 135 0.31 -27.84 74.73
CA GLU K 135 -0.32 -27.46 75.99
C GLU K 135 -1.83 -27.51 75.86
N GLN K 136 -2.34 -26.95 74.76
CA GLN K 136 -3.77 -26.89 74.53
C GLN K 136 -4.37 -28.27 74.34
N PHE K 137 -3.64 -29.14 73.65
CA PHE K 137 -4.10 -30.50 73.42
C PHE K 137 -4.43 -31.19 74.74
N ALA K 138 -3.58 -30.98 75.75
CA ALA K 138 -3.81 -31.57 77.05
C ALA K 138 -5.04 -30.96 77.73
N VAL K 139 -5.22 -29.66 77.55
CA VAL K 139 -6.35 -28.95 78.15
C VAL K 139 -7.67 -29.44 77.59
N ILE K 140 -7.77 -29.44 76.26
CA ILE K 140 -9.00 -29.88 75.59
C ILE K 140 -9.29 -31.33 75.94
N LYS K 141 -8.29 -32.18 75.80
CA LYS K 141 -8.45 -33.62 75.99
C LYS K 141 -9.07 -33.94 77.35
N LYS K 142 -8.59 -33.27 78.40
CA LYS K 142 -9.12 -33.49 79.74
C LYS K 142 -10.57 -33.08 79.83
N GLU K 143 -10.91 -31.94 79.24
CA GLU K 143 -12.25 -31.40 79.32
C GLU K 143 -13.25 -32.27 78.56
N PHE K 145 -12.91 -35.58 77.95
CA PHE K 145 -13.07 -36.82 78.70
C PHE K 145 -13.93 -36.60 79.94
N ARG K 146 -13.80 -35.43 80.56
CA ARG K 146 -14.57 -35.13 81.76
C ARG K 146 -16.06 -35.12 81.44
N LEU K 147 -16.43 -34.40 80.40
CA LEU K 147 -17.84 -34.25 80.03
C LEU K 147 -18.40 -35.56 79.49
N ASN K 148 -17.60 -36.29 78.74
CA ASN K 148 -18.04 -37.59 78.25
C ASN K 148 -18.27 -38.55 79.41
N ALA K 149 -17.46 -38.41 80.44
CA ALA K 149 -17.60 -39.23 81.65
C ALA K 149 -18.86 -38.86 82.39
N GLU K 150 -19.21 -37.58 82.37
CA GLU K 150 -20.41 -37.11 83.06
C GLU K 150 -21.66 -37.61 82.38
N PHE K 151 -21.66 -37.55 81.05
CA PHE K 151 -22.80 -37.98 80.26
C PHE K 151 -23.06 -39.46 80.39
N THR K 152 -21.99 -40.25 80.20
CA THR K 152 -22.11 -41.69 80.19
C THR K 152 -22.20 -42.26 81.61
N GLY K 153 -21.62 -41.54 82.56
CA GLY K 153 -21.61 -41.99 83.94
C GLY K 153 -20.48 -42.96 84.19
N GLN K 154 -19.57 -43.10 83.23
CA GLN K 154 -18.41 -43.96 83.37
C GLN K 154 -17.27 -43.18 84.03
N PRO K 155 -16.32 -43.90 84.64
CA PRO K 155 -15.14 -43.21 85.20
C PRO K 155 -14.28 -42.58 84.12
N ILE K 156 -13.62 -41.47 84.44
CA ILE K 156 -12.74 -40.80 83.48
C ILE K 156 -11.65 -41.75 83.00
N GLU K 157 -11.24 -42.67 83.87
CA GLU K 157 -10.20 -43.63 83.53
C GLU K 157 -10.66 -44.52 82.39
N ARG K 158 -11.93 -44.91 82.40
CA ARG K 158 -12.46 -45.80 81.37
C ARG K 158 -12.73 -45.03 80.09
N ILE K 159 -13.17 -43.78 80.23
CA ILE K 159 -13.38 -42.92 79.08
C ILE K 159 -12.06 -42.74 78.34
N GLU K 160 -11.02 -42.42 79.09
CA GLU K 160 -9.71 -42.20 78.52
C GLU K 160 -9.18 -43.47 77.86
N ALA K 161 -9.39 -44.60 78.51
CA ALA K 161 -8.91 -45.87 78.00
C ALA K 161 -9.66 -46.27 76.74
N ASP K 162 -10.98 -46.16 76.78
CA ASP K 162 -11.81 -46.55 75.65
C ASP K 162 -11.64 -45.61 74.46
N SER K 163 -11.35 -44.34 74.74
CA SER K 163 -11.24 -43.34 73.69
C SER K 163 -9.89 -43.34 72.99
N ASP K 164 -8.94 -44.12 73.50
CA ASP K 164 -7.59 -44.18 72.93
C ASP K 164 -7.65 -44.51 71.43
N ARG K 165 -8.42 -45.53 71.09
CA ARG K 165 -8.65 -45.92 69.70
C ARG K 165 -10.14 -45.82 69.42
N ASP K 166 -10.50 -45.76 68.14
CA ASP K 166 -11.91 -45.68 67.78
C ASP K 166 -12.69 -46.82 68.42
N ARG K 167 -13.75 -46.48 69.14
CA ARG K 167 -14.63 -47.48 69.73
C ARG K 167 -16.07 -47.27 69.28
N TRP K 168 -16.59 -48.25 68.55
CA TRP K 168 -17.94 -48.17 68.01
C TRP K 168 -18.97 -48.80 68.93
N PHE K 169 -20.13 -48.18 69.02
CA PHE K 169 -21.25 -48.70 69.79
C PHE K 169 -22.48 -48.82 68.91
N THR K 170 -23.19 -49.94 69.02
CA THR K 170 -24.51 -50.06 68.43
C THR K 170 -25.50 -49.32 69.33
N ALA K 171 -26.76 -49.29 68.92
CA ALA K 171 -27.78 -48.63 69.73
C ALA K 171 -27.88 -49.29 71.09
N ALA K 172 -27.88 -50.61 71.10
CA ALA K 172 -27.97 -51.36 72.35
C ALA K 172 -26.72 -51.14 73.19
N GLU K 173 -25.56 -51.24 72.55
CA GLU K 173 -24.29 -51.05 73.24
C GLU K 173 -24.19 -49.63 73.77
N ALA K 174 -24.71 -48.68 73.01
CA ALA K 174 -24.68 -47.28 73.40
C ALA K 174 -25.60 -47.03 74.58
N LEU K 175 -26.72 -47.73 74.60
CA LEU K 175 -27.69 -47.62 75.68
C LEU K 175 -27.07 -48.04 77.01
N GLU K 176 -26.29 -49.11 76.99
CA GLU K 176 -25.67 -49.64 78.20
C GLU K 176 -24.53 -48.75 78.67
N TYR K 177 -23.77 -48.20 77.73
CA TYR K 177 -22.60 -47.41 78.07
C TYR K 177 -23.00 -46.04 78.62
N GLY K 178 -24.23 -45.60 78.34
CA GLY K 178 -24.77 -44.37 78.88
C GLY K 178 -24.79 -43.18 77.94
N PHE K 179 -24.57 -43.41 76.65
CA PHE K 179 -24.64 -42.33 75.67
C PHE K 179 -26.07 -41.85 75.47
N VAL K 180 -26.99 -42.80 75.34
CA VAL K 180 -28.40 -42.48 75.11
C VAL K 180 -29.27 -43.22 76.11
N ASP K 181 -30.38 -42.59 76.49
CA ASP K 181 -31.29 -43.17 77.49
C ASP K 181 -32.27 -44.18 76.94
N HIS K 182 -32.73 -43.96 75.71
CA HIS K 182 -33.77 -44.80 75.12
C HIS K 182 -33.46 -45.22 73.69
N ILE K 183 -34.04 -46.34 73.29
CA ILE K 183 -34.06 -46.77 71.90
C ILE K 183 -35.52 -46.79 71.45
N ILE K 184 -35.79 -46.25 70.27
CA ILE K 184 -37.15 -46.17 69.78
C ILE K 184 -37.59 -47.51 69.20
N ASP L 12 -38.50 -29.73 38.03
CA ASP L 12 -38.11 -29.85 39.43
C ASP L 12 -39.32 -29.67 40.35
N SER L 13 -40.33 -28.98 39.85
CA SER L 13 -41.55 -28.70 40.61
C SER L 13 -42.40 -29.96 40.78
N VAL L 14 -42.08 -31.00 40.01
CA VAL L 14 -42.85 -32.23 40.05
C VAL L 14 -42.69 -32.99 41.36
N TYR L 15 -41.51 -32.90 41.97
CA TYR L 15 -41.28 -33.57 43.25
C TYR L 15 -42.20 -32.99 44.32
N GLU L 16 -42.49 -31.70 44.21
CA GLU L 16 -43.43 -31.05 45.12
C GLU L 16 -44.84 -31.57 44.89
N ARG L 17 -45.19 -31.81 43.62
CA ARG L 17 -46.49 -32.32 43.26
C ARG L 17 -46.67 -33.76 43.75
N LEU L 18 -45.57 -34.52 43.75
CA LEU L 18 -45.61 -35.90 44.22
C LEU L 18 -45.78 -35.95 45.72
N LEU L 19 -45.18 -34.99 46.42
CA LEU L 19 -45.25 -34.95 47.87
C LEU L 19 -46.69 -34.76 48.31
N SER L 20 -47.46 -34.02 47.52
CA SER L 20 -48.87 -33.83 47.78
C SER L 20 -49.62 -35.15 47.64
N GLU L 21 -49.07 -36.03 46.81
CA GLU L 21 -49.65 -37.35 46.60
C GLU L 21 -49.07 -38.37 47.58
N ARG L 22 -48.27 -37.88 48.53
CA ARG L 22 -47.61 -38.72 49.52
C ARG L 22 -46.65 -39.70 48.83
N ILE L 23 -45.97 -39.20 47.81
CA ILE L 23 -44.92 -39.96 47.12
C ILE L 23 -43.58 -39.27 47.30
N ILE L 24 -42.62 -39.99 47.87
CA ILE L 24 -41.24 -39.51 47.95
C ILE L 24 -40.41 -40.33 46.97
N PHE L 25 -39.41 -39.69 46.38
CA PHE L 25 -38.64 -40.31 45.30
C PHE L 25 -37.16 -40.35 45.65
N LEU L 26 -36.59 -41.56 45.62
CA LEU L 26 -35.14 -41.70 45.74
C LEU L 26 -34.59 -41.97 44.34
N GLY L 27 -33.97 -40.94 43.75
CA GLY L 27 -33.56 -40.98 42.36
C GLY L 27 -32.07 -41.06 42.13
N SER L 28 -31.29 -41.01 43.21
CA SER L 28 -29.83 -40.98 43.11
C SER L 28 -29.20 -41.83 44.19
N GLU L 29 -27.88 -41.82 44.26
CA GLU L 29 -27.17 -42.62 45.25
C GLU L 29 -27.53 -42.17 46.64
N VAL L 30 -27.55 -43.11 47.58
CA VAL L 30 -27.90 -42.79 48.96
C VAL L 30 -26.72 -42.15 49.67
N ASN L 31 -26.93 -40.95 50.19
CA ASN L 31 -25.94 -40.27 51.01
C ASN L 31 -26.61 -39.64 52.22
N ASP L 32 -25.84 -39.01 53.08
CA ASP L 32 -26.39 -38.42 54.30
C ASP L 32 -27.39 -37.32 53.96
N GLU L 33 -27.09 -36.52 52.94
CA GLU L 33 -27.93 -35.40 52.58
C GLU L 33 -29.33 -35.85 52.18
N ILE L 34 -29.38 -36.84 51.30
CA ILE L 34 -30.66 -37.35 50.82
C ILE L 34 -31.41 -38.06 51.93
N ALA L 35 -30.68 -38.81 52.74
CA ALA L 35 -31.28 -39.55 53.84
C ALA L 35 -31.98 -38.60 54.80
N ASN L 36 -31.31 -37.53 55.17
CA ASN L 36 -31.88 -36.54 56.08
C ASN L 36 -33.19 -35.97 55.54
N ARG L 37 -33.20 -35.63 54.25
CA ARG L 37 -34.40 -35.10 53.62
C ARG L 37 -35.51 -36.14 53.57
N LEU L 38 -35.15 -37.37 53.22
CA LEU L 38 -36.14 -38.44 53.10
C LEU L 38 -36.75 -38.75 54.46
N CYS L 39 -35.89 -38.86 55.48
CA CYS L 39 -36.37 -39.11 56.83
C CYS L 39 -37.31 -38.02 57.30
N ALA L 40 -36.92 -36.76 57.04
CA ALA L 40 -37.73 -35.62 57.43
C ALA L 40 -39.11 -35.67 56.77
N GLN L 41 -39.12 -35.88 55.46
CA GLN L 41 -40.37 -35.94 54.70
C GLN L 41 -41.29 -37.02 55.24
N ILE L 42 -40.73 -38.17 55.59
CA ILE L 42 -41.53 -39.27 56.12
C ILE L 42 -42.20 -38.87 57.43
N LEU L 43 -41.44 -38.23 58.31
CA LEU L 43 -41.95 -37.80 59.59
C LEU L 43 -43.05 -36.75 59.41
N LEU L 44 -42.82 -35.83 58.48
CA LEU L 44 -43.79 -34.78 58.21
C LEU L 44 -45.06 -35.35 57.61
N LEU L 45 -44.90 -36.31 56.71
CA LEU L 45 -46.05 -36.97 56.08
C LEU L 45 -46.86 -37.75 57.10
N ALA L 46 -46.17 -38.39 58.03
CA ALA L 46 -46.84 -39.16 59.08
C ALA L 46 -47.59 -38.23 60.04
N ALA L 47 -47.07 -37.01 60.19
CA ALA L 47 -47.71 -36.03 61.06
C ALA L 47 -49.01 -35.51 60.47
N GLU L 48 -49.02 -35.26 59.16
CA GLU L 48 -50.24 -34.80 58.50
C GLU L 48 -51.34 -35.84 58.62
N ASP L 49 -51.06 -37.02 58.10
CA ASP L 49 -51.99 -38.15 58.18
C ASP L 49 -51.22 -39.43 58.48
N ALA L 50 -51.54 -40.07 59.61
CA ALA L 50 -50.85 -41.29 60.00
C ALA L 50 -51.54 -42.55 59.47
N SER L 51 -52.75 -42.39 58.95
CA SER L 51 -53.50 -43.53 58.41
C SER L 51 -53.08 -43.89 56.99
N LYS L 52 -52.91 -42.87 56.15
CA LYS L 52 -52.62 -43.08 54.72
C LYS L 52 -51.19 -43.55 54.47
N ASP L 53 -51.05 -44.44 53.49
CA ASP L 53 -49.75 -44.99 53.16
C ASP L 53 -48.82 -43.95 52.56
N ILE L 54 -47.52 -44.22 52.65
CA ILE L 54 -46.50 -43.42 51.99
C ILE L 54 -45.82 -44.28 50.92
N SER L 55 -45.64 -43.70 49.73
CA SER L 55 -45.02 -44.42 48.62
C SER L 55 -43.60 -43.92 48.36
N LEU L 56 -42.65 -44.85 48.31
CA LEU L 56 -41.27 -44.52 47.97
C LEU L 56 -40.89 -45.07 46.61
N TYR L 57 -40.69 -44.19 45.65
CA TYR L 57 -40.21 -44.59 44.33
C TYR L 57 -38.69 -44.66 44.35
N ILE L 58 -38.15 -45.81 43.93
CA ILE L 58 -36.72 -46.07 44.00
C ILE L 58 -36.09 -46.32 42.64
N ASN L 59 -35.28 -45.39 42.18
CA ASN L 59 -34.25 -45.68 41.19
C ASN L 59 -32.90 -45.26 41.77
N SER L 60 -32.07 -46.23 42.16
CA SER L 60 -30.81 -45.91 42.82
C SER L 60 -29.67 -46.89 42.55
N PRO L 61 -28.44 -46.38 42.42
CA PRO L 61 -27.23 -47.21 42.36
C PRO L 61 -26.83 -47.82 43.69
N GLY L 62 -27.37 -47.28 44.78
CA GLY L 62 -26.95 -47.65 46.11
C GLY L 62 -26.18 -46.53 46.78
N GLY L 63 -25.65 -46.79 47.97
CA GLY L 63 -24.94 -45.77 48.71
C GLY L 63 -24.43 -46.24 50.06
N SER L 64 -24.15 -45.28 50.94
CA SER L 64 -23.61 -45.61 52.25
C SER L 64 -24.64 -46.35 53.07
N ILE L 65 -24.18 -47.27 53.91
CA ILE L 65 -25.08 -48.06 54.74
C ILE L 65 -25.67 -47.17 55.82
N SER L 66 -24.81 -46.40 56.48
CA SER L 66 -25.24 -45.58 57.61
C SER L 66 -26.38 -44.64 57.21
N ALA L 67 -26.25 -43.99 56.06
CA ALA L 67 -27.31 -43.12 55.57
C ALA L 67 -28.55 -43.94 55.23
N GLY L 68 -28.32 -45.13 54.68
CA GLY L 68 -29.42 -46.00 54.29
C GLY L 68 -30.23 -46.49 55.47
N ALA L 70 -30.64 -45.02 58.31
CA ALA L 70 -31.39 -43.93 58.88
C ALA L 70 -32.76 -43.87 58.23
N ILE L 71 -32.80 -44.12 56.92
CA ILE L 71 -34.06 -44.18 56.19
C ILE L 71 -34.87 -45.38 56.62
N TYR L 72 -34.22 -46.54 56.66
CA TYR L 72 -34.89 -47.79 57.02
C TYR L 72 -35.53 -47.71 58.39
N ASP L 73 -34.78 -47.25 59.38
CA ASP L 73 -35.31 -47.12 60.73
C ASP L 73 -36.56 -46.24 60.72
N THR L 74 -36.49 -45.13 60.01
CA THR L 74 -37.60 -44.20 59.95
C THR L 74 -38.83 -44.86 59.32
N VAL L 76 -39.70 -48.09 59.42
CA VAL L 76 -40.27 -49.02 60.38
C VAL L 76 -41.06 -48.31 61.47
N LEU L 77 -40.53 -47.18 61.94
CA LEU L 77 -41.17 -46.45 63.03
C LEU L 77 -42.44 -45.74 62.59
N ALA L 78 -42.57 -45.47 61.30
CA ALA L 78 -43.73 -44.77 60.78
C ALA L 78 -45.01 -45.56 61.06
N PRO L 79 -46.08 -44.88 61.52
CA PRO L 79 -47.34 -45.61 61.76
C PRO L 79 -47.90 -46.19 60.48
N CYS L 80 -47.87 -45.39 59.42
CA CYS L 80 -48.41 -45.78 58.13
C CYS L 80 -47.53 -46.81 57.44
N ASP L 81 -48.12 -47.55 56.52
CA ASP L 81 -47.38 -48.49 55.69
C ASP L 81 -46.51 -47.73 54.70
N ILE L 82 -45.35 -48.30 54.37
CA ILE L 82 -44.47 -47.73 53.35
C ILE L 82 -44.44 -48.65 52.14
N ALA L 83 -45.00 -48.19 51.04
CA ALA L 83 -44.97 -48.92 49.78
C ALA L 83 -43.71 -48.55 49.00
N THR L 84 -43.03 -49.55 48.47
CA THR L 84 -41.79 -49.34 47.73
C THR L 84 -41.93 -49.79 46.28
N TYR L 85 -41.56 -48.89 45.37
CA TYR L 85 -41.62 -49.18 43.93
C TYR L 85 -40.22 -49.12 43.32
N ALA L 86 -39.82 -50.19 42.65
CA ALA L 86 -38.54 -50.22 41.95
C ALA L 86 -38.77 -49.80 40.51
N GLY L 88 -36.42 -47.77 37.78
CA GLY L 88 -35.33 -48.16 36.90
C GLY L 88 -34.44 -49.27 37.44
N ALA L 90 -32.62 -50.98 41.39
CA ALA L 90 -32.43 -51.01 42.84
C ALA L 90 -31.18 -51.81 43.19
N ALA L 91 -30.18 -51.14 43.75
CA ALA L 91 -28.90 -51.78 44.03
C ALA L 91 -28.37 -51.37 45.41
N SER L 92 -27.68 -52.29 46.07
CA SER L 92 -27.16 -52.04 47.40
C SER L 92 -28.29 -51.60 48.32
N GLY L 94 -30.46 -49.61 47.57
CA GLY L 94 -31.63 -49.54 46.72
C GLY L 94 -32.44 -50.82 46.83
N GLU L 95 -31.74 -51.95 46.76
CA GLU L 95 -32.37 -53.25 46.92
C GLU L 95 -32.87 -53.46 48.35
N PHE L 96 -32.07 -53.00 49.31
CA PHE L 96 -32.39 -53.19 50.71
C PHE L 96 -33.67 -52.45 51.09
N LEU L 97 -33.74 -51.17 50.72
CA LEU L 97 -34.91 -50.35 51.03
C LEU L 97 -36.13 -50.83 50.26
N LEU L 98 -35.93 -51.35 49.06
CA LEU L 98 -37.01 -51.89 48.26
C LEU L 98 -37.67 -53.04 49.00
N ALA L 99 -36.85 -53.98 49.46
CA ALA L 99 -37.35 -55.16 50.15
C ALA L 99 -37.85 -54.80 51.54
N ALA L 100 -37.40 -53.66 52.05
CA ALA L 100 -37.77 -53.23 53.39
C ALA L 100 -39.20 -52.68 53.41
N GLY L 101 -39.78 -52.52 52.24
CA GLY L 101 -41.13 -52.01 52.12
C GLY L 101 -42.13 -52.93 52.81
N THR L 102 -43.31 -52.39 53.11
CA THR L 102 -44.36 -53.18 53.73
C THR L 102 -44.68 -54.40 52.88
N LYS L 103 -44.69 -55.58 53.50
CA LYS L 103 -44.86 -56.82 52.75
C LYS L 103 -46.21 -56.84 52.06
N GLY L 104 -46.17 -57.09 50.76
CA GLY L 104 -47.36 -57.13 49.93
C GLY L 104 -47.55 -55.84 49.18
N LYS L 105 -46.98 -54.75 49.72
CA LYS L 105 -47.01 -53.45 49.07
C LYS L 105 -45.71 -53.13 48.31
N ARG L 106 -44.81 -54.10 48.24
CA ARG L 106 -43.58 -53.94 47.46
C ARG L 106 -43.82 -54.21 45.98
N TYR L 107 -43.54 -53.21 45.14
CA TYR L 107 -43.80 -53.30 43.70
C TYR L 107 -42.53 -53.13 42.87
N ALA L 108 -42.59 -53.58 41.63
CA ALA L 108 -41.48 -53.43 40.69
C ALA L 108 -41.99 -53.29 39.26
N LEU L 109 -41.32 -52.45 38.47
CA LEU L 109 -41.66 -52.33 37.05
C LEU L 109 -41.09 -53.52 36.31
N PRO L 110 -41.61 -53.82 35.12
CA PRO L 110 -41.20 -55.01 34.38
C PRO L 110 -39.70 -55.10 34.10
N HIS L 111 -39.10 -54.00 33.66
CA HIS L 111 -37.68 -53.98 33.29
C HIS L 111 -36.78 -53.51 34.42
N ALA L 112 -37.35 -53.25 35.58
CA ALA L 112 -36.55 -52.93 36.76
C ALA L 112 -35.57 -54.05 37.07
N ARG L 113 -34.37 -53.68 37.49
CA ARG L 113 -33.34 -54.64 37.85
C ARG L 113 -32.89 -54.43 39.28
N ILE L 114 -32.79 -55.52 40.03
CA ILE L 114 -32.39 -55.48 41.42
C ILE L 114 -30.99 -56.07 41.57
N LEU L 115 -30.12 -55.36 42.29
CA LEU L 115 -28.78 -55.85 42.60
C LEU L 115 -28.58 -56.03 44.08
N HIS L 117 -25.58 -57.39 46.89
CA HIS L 117 -24.22 -57.84 47.10
C HIS L 117 -23.68 -57.52 48.48
N GLN L 118 -22.56 -58.16 48.80
CA GLN L 118 -21.81 -57.94 50.02
C GLN L 118 -21.41 -56.47 50.19
N PRO L 119 -21.29 -56.00 51.44
CA PRO L 119 -20.85 -54.63 51.68
C PRO L 119 -19.43 -54.34 51.18
N LEU L 120 -19.15 -53.06 50.89
CA LEU L 120 -17.83 -52.63 50.45
C LEU L 120 -17.31 -51.48 51.29
N GLY L 121 -16.26 -51.76 52.06
CA GLY L 121 -15.64 -50.75 52.89
C GLY L 121 -14.27 -50.36 52.39
N GLY L 122 -13.45 -49.86 53.31
CA GLY L 122 -12.05 -49.59 53.06
C GLY L 122 -11.32 -49.56 54.38
N VAL L 123 -10.02 -49.80 54.36
CA VAL L 123 -9.22 -49.82 55.57
C VAL L 123 -8.00 -48.91 55.43
N THR L 124 -7.64 -48.26 56.53
CA THR L 124 -6.50 -47.36 56.56
C THR L 124 -5.98 -47.19 57.97
N GLY L 125 -4.76 -46.68 58.10
CA GLY L 125 -4.19 -46.38 59.39
C GLY L 125 -3.29 -47.50 59.90
N SER L 126 -3.04 -47.47 61.21
CA SER L 126 -2.18 -48.46 61.83
C SER L 126 -2.86 -49.82 61.88
N ALA L 127 -2.07 -50.87 62.04
CA ALA L 127 -2.59 -52.22 62.13
C ALA L 127 -3.61 -52.33 63.24
N ALA L 128 -3.43 -51.52 64.28
CA ALA L 128 -4.37 -51.49 65.40
C ALA L 128 -5.71 -50.89 64.98
N ASP L 129 -5.66 -49.79 64.24
CA ASP L 129 -6.88 -49.14 63.77
C ASP L 129 -7.63 -50.02 62.77
N ILE L 130 -6.88 -50.70 61.92
CA ILE L 130 -7.48 -51.54 60.89
C ILE L 130 -8.15 -52.74 61.54
N ALA L 131 -7.56 -53.23 62.62
CA ALA L 131 -8.13 -54.35 63.35
C ALA L 131 -9.54 -54.00 63.83
N ILE L 132 -9.72 -52.75 64.26
CA ILE L 132 -11.02 -52.28 64.72
C ILE L 132 -12.00 -52.12 63.57
N GLN L 133 -11.50 -51.60 62.46
CA GLN L 133 -12.32 -51.41 61.27
C GLN L 133 -12.84 -52.75 60.76
N ALA L 134 -12.03 -53.79 60.93
CA ALA L 134 -12.40 -55.12 60.50
C ALA L 134 -13.48 -55.72 61.40
N GLU L 135 -13.41 -55.41 62.70
CA GLU L 135 -14.42 -55.88 63.64
C GLU L 135 -15.80 -55.40 63.23
N GLN L 136 -15.90 -54.12 62.88
CA GLN L 136 -17.18 -53.54 62.50
C GLN L 136 -17.70 -54.14 61.22
N PHE L 137 -16.80 -54.42 60.28
CA PHE L 137 -17.18 -55.03 59.02
C PHE L 137 -17.94 -56.33 59.28
N ALA L 138 -17.48 -57.09 60.26
CA ALA L 138 -18.13 -58.34 60.62
C ALA L 138 -19.51 -58.08 61.22
N VAL L 139 -19.63 -57.01 62.00
CA VAL L 139 -20.90 -56.65 62.63
C VAL L 139 -21.92 -56.23 61.58
N ILE L 140 -21.55 -55.29 60.74
CA ILE L 140 -22.43 -54.77 59.70
C ILE L 140 -22.85 -55.89 58.75
N LYS L 141 -21.87 -56.66 58.29
CA LYS L 141 -22.12 -57.71 57.32
C LYS L 141 -23.19 -58.67 57.81
N LYS L 142 -23.10 -59.05 59.08
CA LYS L 142 -24.07 -59.96 59.69
C LYS L 142 -25.45 -59.32 59.75
N GLU L 143 -25.50 -58.05 60.14
CA GLU L 143 -26.77 -57.37 60.32
C GLU L 143 -27.48 -57.16 59.00
N PHE L 145 -27.14 -58.98 56.21
CA PHE L 145 -27.59 -60.27 55.71
C PHE L 145 -28.80 -60.77 56.49
N ARG L 146 -28.84 -60.47 57.78
CA ARG L 146 -29.95 -60.90 58.62
C ARG L 146 -31.25 -60.26 58.15
N LEU L 147 -31.23 -58.95 57.95
CA LEU L 147 -32.42 -58.21 57.55
C LEU L 147 -32.82 -58.54 56.12
N ASN L 148 -31.84 -58.70 55.24
CA ASN L 148 -32.12 -59.07 53.86
C ASN L 148 -32.72 -60.47 53.82
N ALA L 149 -32.29 -61.31 54.75
CA ALA L 149 -32.84 -62.65 54.86
C ALA L 149 -34.28 -62.57 55.35
N GLU L 150 -34.54 -61.62 56.24
CA GLU L 150 -35.88 -61.43 56.79
C GLU L 150 -36.83 -60.86 55.75
N PHE L 151 -36.36 -59.89 54.97
CA PHE L 151 -37.18 -59.26 53.95
C PHE L 151 -37.56 -60.25 52.85
N THR L 152 -36.56 -60.96 52.34
CA THR L 152 -36.76 -61.89 51.23
C THR L 152 -37.36 -63.20 51.71
N GLY L 153 -37.11 -63.54 52.97
CA GLY L 153 -37.58 -64.79 53.53
C GLY L 153 -36.65 -65.95 53.23
N GLN L 154 -35.45 -65.63 52.73
CA GLN L 154 -34.44 -66.65 52.45
C GLN L 154 -33.59 -66.91 53.70
N PRO L 155 -32.94 -68.08 53.76
CA PRO L 155 -32.01 -68.34 54.86
C PRO L 155 -30.79 -67.42 54.84
N ILE L 156 -30.24 -67.11 56.01
CA ILE L 156 -29.06 -66.26 56.12
C ILE L 156 -27.89 -66.83 55.32
N GLU L 157 -27.80 -68.15 55.25
CA GLU L 157 -26.72 -68.81 54.54
C GLU L 157 -26.76 -68.49 53.05
N ARG L 158 -27.95 -68.43 52.48
CA ARG L 158 -28.10 -68.21 51.05
C ARG L 158 -27.86 -66.74 50.71
N ILE L 159 -28.28 -65.85 51.61
CA ILE L 159 -28.04 -64.43 51.42
C ILE L 159 -26.54 -64.18 51.38
N GLU L 160 -25.83 -64.76 52.33
CA GLU L 160 -24.38 -64.61 52.40
C GLU L 160 -23.71 -65.20 51.18
N ALA L 161 -24.20 -66.36 50.74
CA ALA L 161 -23.64 -67.08 49.60
C ALA L 161 -23.91 -66.32 48.31
N ASP L 162 -25.14 -65.86 48.12
CA ASP L 162 -25.52 -65.13 46.92
C ASP L 162 -24.88 -63.75 46.86
N SER L 163 -24.64 -63.16 48.03
CA SER L 163 -24.12 -61.80 48.11
C SER L 163 -22.61 -61.70 47.91
N ASP L 164 -21.92 -62.83 47.84
CA ASP L 164 -20.47 -62.86 47.69
C ASP L 164 -20.00 -62.00 46.51
N ARG L 165 -20.65 -62.22 45.36
CA ARG L 165 -20.38 -61.45 44.15
C ARG L 165 -21.67 -60.76 43.74
N ASP L 166 -21.58 -59.75 42.90
CA ASP L 166 -22.78 -59.06 42.43
C ASP L 166 -23.75 -60.07 41.83
N ARG L 167 -24.98 -60.05 42.33
CA ARG L 167 -26.03 -60.91 41.78
C ARG L 167 -27.22 -60.06 41.36
N TRP L 168 -27.50 -60.08 40.07
CA TRP L 168 -28.57 -59.28 39.49
C TRP L 168 -29.86 -60.07 39.40
N PHE L 169 -30.97 -59.39 39.66
CA PHE L 169 -32.30 -59.98 39.52
C PHE L 169 -33.15 -59.14 38.58
N THR L 170 -33.84 -59.81 37.66
CA THR L 170 -34.86 -59.16 36.85
C THR L 170 -36.12 -59.01 37.70
N ALA L 171 -37.16 -58.40 37.15
CA ALA L 171 -38.40 -58.24 37.87
C ALA L 171 -38.96 -59.59 38.27
N ALA L 172 -38.94 -60.54 37.34
CA ALA L 172 -39.43 -61.87 37.60
C ALA L 172 -38.58 -62.60 38.62
N GLU L 173 -37.26 -62.52 38.45
CA GLU L 173 -36.32 -63.16 39.36
C GLU L 173 -36.39 -62.55 40.76
N ALA L 174 -36.64 -61.24 40.81
CA ALA L 174 -36.76 -60.54 42.09
C ALA L 174 -38.05 -60.92 42.78
N LEU L 175 -39.09 -61.13 41.97
CA LEU L 175 -40.39 -61.54 42.47
C LEU L 175 -40.27 -62.89 43.17
N GLU L 176 -39.49 -63.79 42.61
CA GLU L 176 -39.29 -65.12 43.16
C GLU L 176 -38.44 -65.10 44.43
N TYR L 177 -37.42 -64.26 44.43
CA TYR L 177 -36.46 -64.24 45.53
C TYR L 177 -37.06 -63.59 46.78
N GLY L 178 -38.10 -62.78 46.57
CA GLY L 178 -38.82 -62.18 47.68
C GLY L 178 -38.51 -60.71 47.91
N PHE L 179 -37.83 -60.09 46.95
CA PHE L 179 -37.52 -58.67 47.04
C PHE L 179 -38.80 -57.85 46.89
N VAL L 180 -39.61 -58.19 45.90
CA VAL L 180 -40.86 -57.48 45.63
C VAL L 180 -42.02 -58.45 45.48
N ASP L 181 -43.19 -58.02 45.92
CA ASP L 181 -44.40 -58.84 45.89
C ASP L 181 -45.13 -58.83 44.55
N HIS L 182 -45.08 -57.71 43.84
CA HIS L 182 -45.85 -57.53 42.63
C HIS L 182 -45.03 -56.95 41.48
N ILE L 183 -45.51 -57.20 40.26
CA ILE L 183 -45.01 -56.51 39.08
C ILE L 183 -46.17 -55.68 38.55
N ILE L 184 -45.87 -54.48 38.04
CA ILE L 184 -46.91 -53.50 37.74
C ILE L 184 -47.30 -53.48 36.28
N THR L 185 -48.53 -53.90 36.01
CA THR L 185 -49.14 -53.76 34.69
C THR L 185 -50.06 -52.54 34.63
N SER M 13 -38.74 -21.70 30.83
CA SER M 13 -40.13 -21.43 31.21
C SER M 13 -41.08 -21.90 30.12
N VAL M 14 -40.56 -22.14 28.92
CA VAL M 14 -41.39 -22.58 27.80
C VAL M 14 -41.83 -24.03 28.01
N TYR M 15 -40.99 -24.82 28.68
CA TYR M 15 -41.30 -26.21 28.95
C TYR M 15 -42.55 -26.33 29.82
N GLU M 16 -42.77 -25.35 30.68
CA GLU M 16 -43.98 -25.30 31.49
C GLU M 16 -45.21 -25.08 30.62
N ARG M 17 -45.06 -24.27 29.58
CA ARG M 17 -46.15 -24.01 28.65
C ARG M 17 -46.48 -25.28 27.87
N LEU M 18 -45.45 -26.08 27.60
CA LEU M 18 -45.63 -27.34 26.89
C LEU M 18 -46.31 -28.38 27.78
N LEU M 19 -45.98 -28.35 29.07
CA LEU M 19 -46.54 -29.32 30.01
C LEU M 19 -48.05 -29.14 30.12
N SER M 20 -48.50 -27.89 30.02
CA SER M 20 -49.92 -27.59 30.04
C SER M 20 -50.58 -28.18 28.79
N GLU M 21 -49.79 -28.32 27.74
CA GLU M 21 -50.25 -28.88 26.47
C GLU M 21 -50.06 -30.39 26.45
N ARG M 22 -49.65 -30.95 27.58
CA ARG M 22 -49.38 -32.37 27.72
C ARG M 22 -48.28 -32.79 26.77
N ILE M 23 -47.28 -31.92 26.63
CA ILE M 23 -46.08 -32.23 25.88
C ILE M 23 -44.89 -32.24 26.83
N ILE M 24 -44.21 -33.38 26.88
CA ILE M 24 -42.97 -33.51 27.61
C ILE M 24 -41.84 -33.58 26.59
N PHE M 25 -40.69 -33.03 26.94
CA PHE M 25 -39.59 -32.89 25.99
C PHE M 25 -38.34 -33.58 26.50
N LEU M 26 -37.83 -34.51 25.71
CA LEU M 26 -36.52 -35.10 25.97
C LEU M 26 -35.53 -34.47 25.00
N GLY M 27 -34.73 -33.55 25.51
CA GLY M 27 -33.87 -32.73 24.67
C GLY M 27 -32.39 -33.02 24.81
N SER M 28 -32.04 -33.94 25.71
CA SER M 28 -30.65 -34.21 26.02
C SER M 28 -30.43 -35.70 26.20
N GLU M 29 -29.21 -36.07 26.58
CA GLU M 29 -28.90 -37.48 26.79
C GLU M 29 -29.72 -38.02 27.94
N VAL M 30 -30.11 -39.28 27.84
CA VAL M 30 -30.93 -39.90 28.86
C VAL M 30 -30.08 -40.32 30.05
N ASN M 31 -30.43 -39.82 31.22
CA ASN M 31 -29.80 -40.25 32.47
C ASN M 31 -30.86 -40.42 33.54
N ASP M 32 -30.44 -40.80 34.73
CA ASP M 32 -31.38 -41.05 35.83
C ASP M 32 -32.15 -39.79 36.20
N GLU M 33 -31.47 -38.65 36.20
CA GLU M 33 -32.09 -37.39 36.61
C GLU M 33 -33.23 -37.01 35.67
N ILE M 34 -32.96 -37.08 34.36
CA ILE M 34 -33.96 -36.73 33.37
C ILE M 34 -35.09 -37.76 33.38
N ALA M 35 -34.72 -39.03 33.52
CA ALA M 35 -35.70 -40.10 33.53
C ALA M 35 -36.69 -39.97 34.67
N ASN M 36 -36.19 -39.73 35.88
CA ASN M 36 -37.04 -39.58 37.05
C ASN M 36 -38.07 -38.46 36.87
N ARG M 37 -37.62 -37.32 36.37
CA ARG M 37 -38.51 -36.19 36.12
C ARG M 37 -39.53 -36.56 35.06
N LEU M 38 -39.08 -37.23 34.01
CA LEU M 38 -39.95 -37.62 32.90
C LEU M 38 -41.01 -38.62 33.35
N CYS M 39 -40.59 -39.63 34.10
CA CYS M 39 -41.53 -40.60 34.64
C CYS M 39 -42.58 -39.91 35.49
N ALA M 40 -42.12 -39.01 36.35
CA ALA M 40 -43.01 -38.26 37.22
C ALA M 40 -44.03 -37.47 36.41
N GLN M 41 -43.54 -36.73 35.42
CA GLN M 41 -44.41 -35.91 34.57
C GLN M 41 -45.49 -36.77 33.91
N ILE M 42 -45.11 -37.95 33.44
CA ILE M 42 -46.06 -38.85 32.80
C ILE M 42 -47.14 -39.29 33.79
N LEU M 43 -46.73 -39.64 35.00
CA LEU M 43 -47.67 -40.07 36.03
C LEU M 43 -48.59 -38.92 36.44
N LEU M 44 -48.02 -37.73 36.55
CA LEU M 44 -48.81 -36.56 36.94
C LEU M 44 -49.81 -36.18 35.85
N LEU M 45 -49.38 -36.26 34.60
CA LEU M 45 -50.27 -35.96 33.48
C LEU M 45 -51.38 -37.00 33.38
N ALA M 46 -51.04 -38.25 33.63
CA ALA M 46 -52.03 -39.33 33.60
C ALA M 46 -52.99 -39.21 34.76
N ALA M 47 -52.53 -38.64 35.86
CA ALA M 47 -53.37 -38.44 37.05
C ALA M 47 -54.40 -37.35 36.81
N GLU M 48 -53.98 -36.26 36.18
CA GLU M 48 -54.90 -35.17 35.85
C GLU M 48 -55.99 -35.65 34.90
N ASP M 49 -55.56 -36.14 33.73
CA ASP M 49 -56.47 -36.67 32.72
C ASP M 49 -55.90 -37.94 32.13
N ALA M 50 -56.61 -39.05 32.29
CA ALA M 50 -56.15 -40.35 31.78
C ALA M 50 -56.64 -40.62 30.35
N SER M 51 -57.57 -39.81 29.86
CA SER M 51 -58.10 -39.98 28.52
C SER M 51 -57.20 -39.38 27.45
N LYS M 52 -56.68 -38.18 27.73
CA LYS M 52 -55.90 -37.43 26.76
C LYS M 52 -54.50 -38.03 26.57
N ASP M 53 -54.03 -38.01 25.32
CA ASP M 53 -52.71 -38.55 25.00
C ASP M 53 -51.61 -37.68 25.58
N ILE M 54 -50.44 -38.27 25.76
CA ILE M 54 -49.24 -37.53 26.12
C ILE M 54 -48.27 -37.59 24.94
N SER M 55 -47.71 -36.45 24.59
CA SER M 55 -46.77 -36.37 23.48
C SER M 55 -45.36 -36.20 23.99
N LEU M 56 -44.45 -37.04 23.53
CA LEU M 56 -43.03 -36.91 23.88
C LEU M 56 -42.22 -36.46 22.68
N TYR M 57 -41.72 -35.24 22.74
CA TYR M 57 -40.83 -34.74 21.71
C TYR M 57 -39.41 -35.20 22.01
N ILE M 58 -38.77 -35.84 21.05
CA ILE M 58 -37.45 -36.43 21.25
C ILE M 58 -36.39 -35.82 20.35
N ASN M 59 -35.48 -35.07 20.94
CA ASN M 59 -34.17 -34.83 20.35
C ASN M 59 -33.12 -35.29 21.34
N SER M 60 -32.48 -36.42 21.07
CA SER M 60 -31.51 -36.96 22.02
C SER M 60 -30.37 -37.73 21.36
N PRO M 61 -29.15 -37.62 21.91
CA PRO M 61 -28.02 -38.45 21.50
C PRO M 61 -28.14 -39.89 21.98
N GLY M 62 -28.99 -40.11 22.98
CA GLY M 62 -29.08 -41.40 23.65
C GLY M 62 -28.56 -41.29 25.07
N GLY M 63 -28.48 -42.42 25.76
CA GLY M 63 -28.06 -42.40 27.15
C GLY M 63 -28.08 -43.77 27.80
N SER M 64 -28.11 -43.79 29.13
CA SER M 64 -28.10 -45.03 29.88
C SER M 64 -29.37 -45.83 29.65
N ILE M 65 -29.23 -47.16 29.64
CA ILE M 65 -30.36 -48.04 29.41
C ILE M 65 -31.32 -48.10 30.60
N SER M 66 -30.77 -48.27 31.81
CA SER M 66 -31.61 -48.44 33.00
C SER M 66 -32.57 -47.27 33.16
N ALA M 67 -32.05 -46.06 32.99
CA ALA M 67 -32.87 -44.87 33.06
C ALA M 67 -33.84 -44.85 31.89
N GLY M 68 -33.37 -45.31 30.75
CA GLY M 68 -34.17 -45.34 29.55
C GLY M 68 -35.36 -46.27 29.66
N ALA M 70 -36.72 -47.22 32.46
CA ALA M 70 -37.61 -46.66 33.46
C ALA M 70 -38.64 -45.79 32.78
N ILE M 71 -38.21 -45.04 31.77
CA ILE M 71 -39.11 -44.22 30.97
C ILE M 71 -40.05 -45.10 30.16
N TYR M 72 -39.47 -46.12 29.51
CA TYR M 72 -40.25 -47.02 28.67
C TYR M 72 -41.39 -47.68 29.45
N ASP M 73 -41.07 -48.25 30.61
CA ASP M 73 -42.08 -48.91 31.42
C ASP M 73 -43.21 -47.94 31.77
N THR M 74 -42.86 -46.73 32.19
CA THR M 74 -43.85 -45.75 32.58
C THR M 74 -44.77 -45.38 31.43
N VAL M 76 -45.69 -47.47 28.95
CA VAL M 76 -46.58 -48.60 28.74
C VAL M 76 -47.69 -48.60 29.78
N LEU M 77 -47.32 -48.31 31.03
CA LEU M 77 -48.27 -48.36 32.13
C LEU M 77 -49.25 -47.19 32.10
N ALA M 78 -48.87 -46.12 31.44
CA ALA M 78 -49.74 -44.95 31.37
C ALA M 78 -51.04 -45.36 30.68
N PRO M 79 -52.19 -44.93 31.22
CA PRO M 79 -53.45 -45.31 30.59
C PRO M 79 -53.57 -44.77 29.18
N CYS M 80 -53.19 -43.51 29.01
CA CYS M 80 -53.31 -42.83 27.73
C CYS M 80 -52.25 -43.31 26.74
N ASP M 81 -52.51 -43.08 25.46
CA ASP M 81 -51.54 -43.38 24.42
C ASP M 81 -50.40 -42.36 24.50
N ILE M 82 -49.19 -42.80 24.16
CA ILE M 82 -48.03 -41.92 24.13
C ILE M 82 -47.56 -41.70 22.70
N ALA M 83 -47.71 -40.47 22.22
CA ALA M 83 -47.23 -40.11 20.90
C ALA M 83 -45.77 -39.66 20.99
N THR M 84 -44.94 -40.14 20.07
CA THR M 84 -43.53 -39.80 20.07
C THR M 84 -43.15 -39.06 18.79
N TYR M 85 -42.50 -37.91 18.95
CA TYR M 85 -42.05 -37.10 17.83
C TYR M 85 -40.53 -37.00 17.84
N ALA M 86 -39.90 -37.37 16.72
CA ALA M 86 -38.46 -37.26 16.59
C ALA M 86 -38.13 -35.92 15.95
N GLY M 88 -34.88 -33.36 16.20
CA GLY M 88 -33.58 -33.29 15.56
C GLY M 88 -32.96 -34.63 15.25
N ALA M 90 -32.74 -39.00 16.88
CA ALA M 90 -33.08 -40.04 17.84
C ALA M 90 -32.06 -41.18 17.75
N ALA M 91 -31.29 -41.38 18.80
CA ALA M 91 -30.23 -42.36 18.81
C ALA M 91 -30.19 -43.13 20.12
N SER M 92 -29.81 -44.40 20.04
CA SER M 92 -29.80 -45.27 21.22
C SER M 92 -31.17 -45.27 21.87
N GLY M 94 -32.86 -42.79 22.37
CA GLY M 94 -33.63 -41.87 21.57
C GLY M 94 -34.42 -42.62 20.53
N GLU M 95 -33.75 -43.53 19.84
CA GLU M 95 -34.40 -44.37 18.83
C GLU M 95 -35.36 -45.35 19.47
N PHE M 96 -34.95 -45.93 20.59
CA PHE M 96 -35.74 -46.94 21.27
C PHE M 96 -37.05 -46.36 21.79
N LEU M 97 -36.95 -45.24 22.50
CA LEU M 97 -38.14 -44.60 23.06
C LEU M 97 -39.03 -44.07 21.95
N LEU M 98 -38.42 -43.64 20.85
CA LEU M 98 -39.18 -43.17 19.70
C LEU M 98 -40.05 -44.30 19.16
N ALA M 99 -39.44 -45.45 18.94
CA ALA M 99 -40.15 -46.60 18.40
C ALA M 99 -41.10 -47.22 19.42
N ALA M 100 -40.86 -46.94 20.69
CA ALA M 100 -41.69 -47.51 21.75
C ALA M 100 -43.04 -46.82 21.85
N GLY M 101 -43.20 -45.73 21.12
CA GLY M 101 -44.44 -44.98 21.14
C GLY M 101 -45.62 -45.81 20.66
N THR M 102 -46.81 -45.37 21.01
CA THR M 102 -48.04 -46.04 20.59
C THR M 102 -48.09 -46.12 19.07
N LYS M 103 -48.36 -47.32 18.55
CA LYS M 103 -48.33 -47.54 17.12
C LYS M 103 -49.34 -46.68 16.38
N GLY M 104 -48.84 -45.97 15.38
CA GLY M 104 -49.63 -45.08 14.55
C GLY M 104 -49.49 -43.64 14.99
N LYS M 105 -49.13 -43.46 16.26
CA LYS M 105 -48.89 -42.14 16.82
C LYS M 105 -47.39 -41.80 16.89
N ARG M 106 -46.54 -42.66 16.33
CA ARG M 106 -45.12 -42.38 16.24
C ARG M 106 -44.81 -41.48 15.04
N TYR M 107 -44.24 -40.31 15.31
CA TYR M 107 -43.99 -39.30 14.25
C TYR M 107 -42.51 -38.94 14.14
N ALA M 108 -42.14 -38.38 12.99
CA ALA M 108 -40.80 -37.90 12.75
C ALA M 108 -40.82 -36.69 11.81
N LEU M 109 -39.94 -35.73 12.07
CA LEU M 109 -39.81 -34.58 11.18
C LEU M 109 -39.04 -35.00 9.94
N PRO M 110 -39.18 -34.24 8.85
CA PRO M 110 -38.58 -34.65 7.57
C PRO M 110 -37.08 -34.88 7.63
N HIS M 111 -36.34 -33.98 8.26
CA HIS M 111 -34.89 -34.07 8.29
C HIS M 111 -34.36 -34.71 9.56
N ALA M 112 -35.27 -35.19 10.41
CA ALA M 112 -34.89 -35.96 11.58
C ALA M 112 -34.11 -37.19 11.16
N ARG M 113 -33.11 -37.55 11.95
CA ARG M 113 -32.28 -38.72 11.68
C ARG M 113 -32.34 -39.68 12.86
N ILE M 114 -32.51 -40.96 12.55
CA ILE M 114 -32.59 -42.01 13.57
C ILE M 114 -31.35 -42.90 13.52
N LEU M 115 -30.76 -43.16 14.69
CA LEU M 115 -29.63 -44.06 14.80
C LEU M 115 -29.96 -45.28 15.65
N HIS M 117 -28.13 -48.90 17.11
CA HIS M 117 -26.93 -49.70 17.24
C HIS M 117 -26.92 -50.58 18.49
N GLN M 118 -25.99 -51.52 18.50
CA GLN M 118 -25.72 -52.37 19.65
C GLN M 118 -25.40 -51.57 20.92
N PRO M 119 -25.73 -52.11 22.10
CA PRO M 119 -25.40 -51.45 23.37
C PRO M 119 -23.90 -51.29 23.62
N LEU M 120 -23.54 -50.32 24.45
CA LEU M 120 -22.14 -50.07 24.80
C LEU M 120 -21.95 -50.04 26.32
N GLY M 121 -21.23 -51.03 26.83
CA GLY M 121 -20.93 -51.11 28.25
C GLY M 121 -19.47 -50.86 28.55
N GLY M 122 -19.02 -51.40 29.66
CA GLY M 122 -17.61 -51.41 30.02
C GLY M 122 -17.39 -52.51 31.03
N VAL M 123 -16.17 -53.02 31.13
CA VAL M 123 -15.87 -54.10 32.06
C VAL M 123 -14.66 -53.76 32.92
N THR M 124 -14.71 -54.21 34.18
CA THR M 124 -13.63 -53.95 35.12
C THR M 124 -13.67 -54.96 36.26
N GLY M 125 -12.55 -55.06 36.97
CA GLY M 125 -12.47 -55.92 38.15
C GLY M 125 -11.87 -57.27 37.85
N SER M 126 -12.09 -58.21 38.76
CA SER M 126 -11.54 -59.55 38.62
C SER M 126 -12.25 -60.31 37.50
N ALA M 127 -11.58 -61.34 36.99
CA ALA M 127 -12.14 -62.17 35.94
C ALA M 127 -13.50 -62.73 36.36
N ALA M 128 -13.65 -62.96 37.66
CA ALA M 128 -14.90 -63.44 38.21
C ALA M 128 -15.98 -62.38 38.10
N ASP M 129 -15.62 -61.14 38.43
CA ASP M 129 -16.54 -60.03 38.35
C ASP M 129 -16.91 -59.74 36.91
N ILE M 130 -15.93 -59.87 36.02
CA ILE M 130 -16.14 -59.57 34.60
C ILE M 130 -17.06 -60.60 33.96
N ALA M 131 -16.94 -61.85 34.39
CA ALA M 131 -17.80 -62.91 33.87
C ALA M 131 -19.26 -62.57 34.12
N ILE M 132 -19.53 -62.02 35.30
CA ILE M 132 -20.89 -61.62 35.68
C ILE M 132 -21.34 -60.42 34.86
N GLN M 133 -20.44 -59.46 34.65
CA GLN M 133 -20.75 -58.30 33.85
C GLN M 133 -21.07 -58.72 32.42
N ALA M 134 -20.42 -59.78 31.96
CA ALA M 134 -20.65 -60.30 30.62
C ALA M 134 -21.99 -60.99 30.52
N GLU M 135 -22.39 -61.67 31.60
CA GLU M 135 -23.69 -62.31 31.66
C GLU M 135 -24.81 -61.30 31.45
N GLN M 136 -24.69 -60.18 32.14
CA GLN M 136 -25.71 -59.13 32.08
C GLN M 136 -25.76 -58.50 30.70
N PHE M 137 -24.60 -58.31 30.09
CA PHE M 137 -24.54 -57.76 28.74
C PHE M 137 -25.38 -58.59 27.79
N ALA M 138 -25.33 -59.90 27.97
CA ALA M 138 -26.11 -60.81 27.15
C ALA M 138 -27.60 -60.65 27.43
N VAL M 139 -27.94 -60.43 28.70
CA VAL M 139 -29.34 -60.27 29.10
C VAL M 139 -29.91 -59.00 28.48
N ILE M 140 -29.22 -57.89 28.69
CA ILE M 140 -29.67 -56.61 28.17
C ILE M 140 -29.72 -56.63 26.66
N LYS M 141 -28.65 -57.07 26.03
CA LYS M 141 -28.56 -57.07 24.57
C LYS M 141 -29.72 -57.82 23.92
N LYS M 142 -30.05 -58.97 24.48
CA LYS M 142 -31.14 -59.78 23.95
C LYS M 142 -32.47 -59.04 24.10
N GLU M 143 -32.67 -58.43 25.27
CA GLU M 143 -33.93 -57.75 25.58
C GLU M 143 -34.13 -56.51 24.71
N PHE M 145 -32.85 -55.97 21.60
CA PHE M 145 -33.15 -56.42 20.26
C PHE M 145 -34.56 -56.99 20.17
N ARG M 146 -35.03 -57.63 21.24
CA ARG M 146 -36.36 -58.20 21.26
C ARG M 146 -37.41 -57.13 21.11
N LEU M 147 -37.30 -56.09 21.93
CA LEU M 147 -38.26 -55.00 21.92
C LEU M 147 -38.15 -54.16 20.65
N ASN M 148 -36.93 -53.93 20.18
CA ASN M 148 -36.74 -53.18 18.94
C ASN M 148 -37.34 -53.93 17.76
N ALA M 149 -37.28 -55.25 17.81
CA ALA M 149 -37.86 -56.09 16.77
C ALA M 149 -39.38 -55.98 16.80
N GLU M 150 -39.93 -55.85 18.00
CA GLU M 150 -41.38 -55.73 18.18
C GLU M 150 -41.89 -54.39 17.66
N PHE M 151 -41.15 -53.33 17.96
CA PHE M 151 -41.55 -51.99 17.56
C PHE M 151 -41.51 -51.84 16.04
N THR M 152 -40.40 -52.24 15.44
CA THR M 152 -40.19 -52.08 14.02
C THR M 152 -40.91 -53.15 13.20
N GLY M 153 -41.12 -54.31 13.80
CA GLY M 153 -41.74 -55.42 13.11
C GLY M 153 -40.74 -56.21 12.29
N GLN M 154 -39.47 -55.94 12.50
CA GLN M 154 -38.42 -56.68 11.81
C GLN M 154 -38.07 -57.93 12.59
N PRO M 155 -37.47 -58.93 11.93
CA PRO M 155 -37.02 -60.12 12.67
C PRO M 155 -35.91 -59.77 13.64
N ILE M 156 -35.84 -60.48 14.76
CA ILE M 156 -34.78 -60.26 15.74
C ILE M 156 -33.42 -60.45 15.10
N GLU M 157 -33.37 -61.34 14.11
CA GLU M 157 -32.12 -61.63 13.42
C GLU M 157 -31.60 -60.42 12.68
N ARG M 158 -32.50 -59.65 12.07
CA ARG M 158 -32.08 -58.50 11.27
C ARG M 158 -31.71 -57.32 12.17
N ILE M 159 -32.41 -57.17 13.28
CA ILE M 159 -32.09 -56.12 14.24
C ILE M 159 -30.68 -56.33 14.76
N GLU M 160 -30.37 -57.57 15.13
CA GLU M 160 -29.06 -57.91 15.66
C GLU M 160 -27.99 -57.67 14.60
N ALA M 161 -28.30 -58.02 13.36
CA ALA M 161 -27.36 -57.89 12.26
C ALA M 161 -27.10 -56.43 11.93
N ASP M 162 -28.17 -55.65 11.83
CA ASP M 162 -28.07 -54.24 11.48
C ASP M 162 -27.44 -53.43 12.60
N SER M 163 -27.66 -53.88 13.84
CA SER M 163 -27.19 -53.14 15.01
C SER M 163 -25.72 -53.38 15.32
N ASP M 164 -25.09 -54.30 14.59
CA ASP M 164 -23.68 -54.62 14.82
C ASP M 164 -22.84 -53.35 14.76
N ARG M 165 -23.07 -52.57 13.72
CA ARG M 165 -22.43 -51.27 13.54
C ARG M 165 -23.52 -50.22 13.47
N ASP M 166 -23.14 -48.96 13.70
CA ASP M 166 -24.09 -47.87 13.65
C ASP M 166 -24.83 -47.87 12.31
N ARG M 167 -26.16 -47.85 12.36
CA ARG M 167 -26.96 -47.76 11.15
C ARG M 167 -27.88 -46.55 11.23
N TRP M 168 -27.66 -45.60 10.33
CA TRP M 168 -28.43 -44.36 10.32
C TRP M 168 -29.63 -44.47 9.40
N PHE M 169 -30.74 -43.89 9.82
CA PHE M 169 -31.94 -43.82 9.01
C PHE M 169 -32.41 -42.38 8.88
N THR M 170 -32.78 -41.98 7.67
CA THR M 170 -33.47 -40.72 7.47
C THR M 170 -34.93 -40.92 7.86
N ALA M 171 -35.73 -39.87 7.75
CA ALA M 171 -37.15 -39.97 8.08
C ALA M 171 -37.80 -41.01 7.19
N ALA M 172 -37.49 -40.96 5.89
CA ALA M 172 -38.05 -41.91 4.94
C ALA M 172 -37.55 -43.31 5.21
N GLU M 173 -36.24 -43.44 5.42
CA GLU M 173 -35.63 -44.73 5.67
C GLU M 173 -36.15 -45.32 6.98
N ALA M 174 -36.38 -44.45 7.96
CA ALA M 174 -36.90 -44.87 9.25
C ALA M 174 -38.36 -45.28 9.13
N LEU M 175 -39.09 -44.58 8.27
CA LEU M 175 -40.49 -44.88 8.02
C LEU M 175 -40.65 -46.28 7.44
N GLU M 176 -39.76 -46.64 6.52
CA GLU M 176 -39.82 -47.94 5.87
C GLU M 176 -39.40 -49.05 6.82
N TYR M 177 -38.42 -48.77 7.67
CA TYR M 177 -37.88 -49.78 8.58
C TYR M 177 -38.86 -50.06 9.72
N GLY M 178 -39.76 -49.11 9.99
CA GLY M 178 -40.79 -49.30 10.98
C GLY M 178 -40.56 -48.60 12.30
N PHE M 179 -39.59 -47.70 12.36
CA PHE M 179 -39.33 -46.94 13.57
C PHE M 179 -40.46 -45.96 13.85
N VAL M 180 -40.90 -45.27 12.81
CA VAL M 180 -41.97 -44.28 12.94
C VAL M 180 -43.06 -44.53 11.92
N ASP M 181 -44.29 -44.22 12.30
CA ASP M 181 -45.45 -44.46 11.44
C ASP M 181 -45.69 -43.35 10.42
N HIS M 182 -45.41 -42.11 10.80
CA HIS M 182 -45.72 -40.97 9.95
C HIS M 182 -44.56 -39.99 9.86
N ILE M 183 -44.52 -39.24 8.77
CA ILE M 183 -43.64 -38.10 8.61
C ILE M 183 -44.50 -36.85 8.50
N ILE M 184 -44.03 -35.74 9.07
CA ILE M 184 -44.86 -34.55 9.19
C ILE M 184 -44.54 -33.56 8.08
N THR M 185 -45.51 -33.36 7.19
CA THR M 185 -45.43 -32.34 6.15
C THR M 185 -46.15 -31.08 6.58
N ASP N 12 -31.74 -9.87 30.43
CA ASP N 12 -32.33 -11.17 30.13
C ASP N 12 -33.86 -11.12 30.14
N SER N 13 -34.40 -10.14 30.87
CA SER N 13 -35.84 -9.98 30.98
C SER N 13 -36.44 -9.45 29.67
N VAL N 14 -35.59 -8.92 28.81
CA VAL N 14 -36.03 -8.35 27.55
C VAL N 14 -36.52 -9.41 26.56
N TYR N 15 -35.92 -10.60 26.61
CA TYR N 15 -36.31 -11.68 25.71
C TYR N 15 -37.77 -12.06 25.94
N GLU N 16 -38.22 -11.95 27.19
CA GLU N 16 -39.61 -12.20 27.52
C GLU N 16 -40.48 -11.13 26.89
N ARG N 17 -39.99 -9.90 26.90
CA ARG N 17 -40.71 -8.78 26.31
C ARG N 17 -40.76 -8.91 24.78
N LEU N 18 -39.70 -9.47 24.21
CA LEU N 18 -39.66 -9.69 22.76
C LEU N 18 -40.61 -10.79 22.33
N LEU N 19 -40.75 -11.80 23.19
CA LEU N 19 -41.63 -12.93 22.89
C LEU N 19 -43.07 -12.46 22.75
N SER N 20 -43.44 -11.45 23.54
CA SER N 20 -44.76 -10.86 23.46
C SER N 20 -44.99 -10.21 22.10
N GLU N 21 -43.90 -9.78 21.48
CA GLU N 21 -43.96 -9.17 20.16
C GLU N 21 -43.81 -10.22 19.07
N ARG N 22 -43.80 -11.48 19.48
CA ARG N 22 -43.60 -12.61 18.56
C ARG N 22 -42.26 -12.54 17.88
N ILE N 23 -41.25 -12.13 18.65
CA ILE N 23 -39.86 -12.15 18.20
C ILE N 23 -39.06 -13.14 19.03
N ILE N 24 -38.47 -14.12 18.35
CA ILE N 24 -37.54 -15.04 18.98
C ILE N 24 -36.14 -14.72 18.48
N PHE N 25 -35.15 -14.90 19.35
CA PHE N 25 -33.79 -14.44 19.07
C PHE N 25 -32.79 -15.59 19.12
N LEU N 26 -32.06 -15.81 18.03
CA LEU N 26 -30.96 -16.76 18.03
C LEU N 26 -29.66 -15.98 18.12
N GLY N 27 -29.04 -15.98 19.30
CA GLY N 27 -27.89 -15.14 19.58
C GLY N 27 -26.55 -15.82 19.74
N SER N 28 -26.54 -17.14 19.68
CA SER N 28 -25.32 -17.90 19.94
C SER N 28 -25.21 -19.07 18.98
N GLU N 29 -24.21 -19.92 19.18
CA GLU N 29 -24.02 -21.06 18.31
C GLU N 29 -25.21 -21.99 18.47
N VAL N 30 -25.58 -22.67 17.38
CA VAL N 30 -26.73 -23.55 17.39
C VAL N 30 -26.37 -24.89 18.05
N ASN N 31 -27.09 -25.23 19.10
CA ASN N 31 -26.97 -26.54 19.73
C ASN N 31 -28.33 -27.10 20.08
N ASP N 32 -28.35 -28.30 20.66
CA ASP N 32 -29.60 -28.96 20.99
C ASP N 32 -30.40 -28.16 22.02
N GLU N 33 -29.71 -27.56 22.98
CA GLU N 33 -30.39 -26.82 24.04
C GLU N 33 -31.16 -25.64 23.46
N ILE N 34 -30.49 -24.87 22.62
CA ILE N 34 -31.11 -23.70 21.99
C ILE N 34 -32.16 -24.10 20.97
N ALA N 35 -31.88 -25.15 20.20
CA ALA N 35 -32.81 -25.60 19.17
C ALA N 35 -34.15 -26.02 19.77
N ASN N 36 -34.10 -26.82 20.83
CA ASN N 36 -35.31 -27.26 21.50
C ASN N 36 -36.15 -26.09 21.98
N ARG N 37 -35.49 -25.11 22.58
CA ARG N 37 -36.17 -23.93 23.10
C ARG N 37 -36.79 -23.14 21.95
N LEU N 38 -36.06 -23.00 20.86
CA LEU N 38 -36.55 -22.24 19.71
C LEU N 38 -37.74 -22.96 19.06
N CYS N 39 -37.61 -24.26 18.88
CA CYS N 39 -38.69 -25.06 18.31
C CYS N 39 -39.94 -24.95 19.16
N ALA N 40 -39.77 -25.07 20.47
CA ALA N 40 -40.89 -24.97 21.39
C ALA N 40 -41.59 -23.63 21.24
N GLN N 41 -40.80 -22.56 21.26
CA GLN N 41 -41.35 -21.20 21.13
C GLN N 41 -42.14 -21.04 19.84
N ILE N 42 -41.63 -21.58 18.75
CA ILE N 42 -42.31 -21.49 17.47
C ILE N 42 -43.65 -22.22 17.53
N LEU N 43 -43.64 -23.40 18.12
CA LEU N 43 -44.86 -24.19 18.24
C LEU N 43 -45.87 -23.50 19.16
N LEU N 44 -45.39 -22.93 20.25
CA LEU N 44 -46.25 -22.25 21.20
C LEU N 44 -46.84 -20.97 20.60
N LEU N 45 -46.02 -20.22 19.88
CA LEU N 45 -46.47 -18.99 19.24
C LEU N 45 -47.50 -19.29 18.14
N ALA N 46 -47.27 -20.36 17.40
CA ALA N 46 -48.18 -20.75 16.34
C ALA N 46 -49.50 -21.23 16.92
N ALA N 47 -49.44 -21.78 18.13
CA ALA N 47 -50.63 -22.26 18.82
C ALA N 47 -51.49 -21.09 19.27
N GLU N 48 -50.85 -20.05 19.81
CA GLU N 48 -51.59 -18.86 20.23
C GLU N 48 -52.26 -18.20 19.04
N ASP N 49 -51.44 -17.79 18.08
CA ASP N 49 -51.95 -17.18 16.85
C ASP N 49 -51.18 -17.71 15.65
N ALA N 50 -51.90 -18.37 14.74
CA ALA N 50 -51.29 -18.93 13.53
C ALA N 50 -51.33 -17.94 12.36
N SER N 51 -52.06 -16.84 12.51
CA SER N 51 -52.17 -15.84 11.46
C SER N 51 -50.95 -14.90 11.45
N LYS N 52 -50.52 -14.49 12.63
CA LYS N 52 -49.44 -13.52 12.76
C LYS N 52 -48.10 -14.14 12.42
N ASP N 53 -47.25 -13.38 11.76
CA ASP N 53 -45.91 -13.85 11.42
C ASP N 53 -45.06 -13.95 12.68
N ILE N 54 -44.03 -14.78 12.61
CA ILE N 54 -43.02 -14.85 13.66
C ILE N 54 -41.71 -14.33 13.10
N SER N 55 -41.05 -13.47 13.87
CA SER N 55 -39.79 -12.89 13.45
C SER N 55 -38.65 -13.56 14.18
N LEU N 56 -37.67 -14.03 13.43
CA LEU N 56 -36.46 -14.62 14.01
C LEU N 56 -35.25 -13.73 13.78
N TYR N 57 -34.75 -13.11 14.84
CA TYR N 57 -33.54 -12.31 14.77
C TYR N 57 -32.33 -13.22 14.92
N ILE N 58 -31.40 -13.13 13.96
CA ILE N 58 -30.26 -14.01 13.92
C ILE N 58 -28.93 -13.27 14.01
N ASN N 59 -28.25 -13.43 15.13
CA ASN N 59 -26.81 -13.21 15.18
C ASN N 59 -26.17 -14.51 15.66
N SER N 60 -25.54 -15.25 14.76
CA SER N 60 -25.00 -16.55 15.13
C SER N 60 -23.74 -16.95 14.36
N PRO N 61 -22.79 -17.61 15.04
CA PRO N 61 -21.64 -18.22 14.37
C PRO N 61 -21.96 -19.50 13.61
N GLY N 62 -23.10 -20.11 13.94
CA GLY N 62 -23.44 -21.42 13.40
C GLY N 62 -23.38 -22.50 14.46
N GLY N 63 -23.57 -23.74 14.06
CA GLY N 63 -23.61 -24.83 15.02
C GLY N 63 -23.89 -26.17 14.39
N SER N 64 -24.36 -27.12 15.21
CA SER N 64 -24.62 -28.46 14.73
C SER N 64 -25.77 -28.47 13.73
N ILE N 65 -25.68 -29.37 12.76
CA ILE N 65 -26.69 -29.48 11.72
C ILE N 65 -27.98 -30.07 12.27
N SER N 66 -27.86 -31.16 13.04
CA SER N 66 -29.03 -31.86 13.55
C SER N 66 -29.93 -30.93 14.33
N ALA N 67 -29.35 -30.12 15.20
CA ALA N 67 -30.10 -29.13 15.96
C ALA N 67 -30.64 -28.07 15.02
N GLY N 68 -29.86 -27.72 14.02
CA GLY N 68 -30.24 -26.71 13.06
C GLY N 68 -31.43 -27.12 12.22
N ALA N 70 -33.71 -29.27 12.99
CA ALA N 70 -34.87 -29.35 13.86
C ALA N 70 -35.59 -28.02 13.86
N ILE N 71 -34.81 -26.94 13.87
CA ILE N 71 -35.35 -25.59 13.80
C ILE N 71 -35.96 -25.37 12.43
N TYR N 72 -35.22 -25.73 11.38
CA TYR N 72 -35.67 -25.54 10.01
C TYR N 72 -37.00 -26.23 9.75
N ASP N 73 -37.11 -27.50 10.12
CA ASP N 73 -38.34 -28.24 9.93
C ASP N 73 -39.51 -27.54 10.63
N THR N 74 -39.27 -27.10 11.86
CA THR N 74 -40.31 -26.44 12.65
C THR N 74 -40.78 -25.14 11.98
N VAL N 76 -40.83 -24.57 8.60
CA VAL N 76 -41.59 -24.94 7.41
C VAL N 76 -42.99 -25.44 7.78
N LEU N 77 -43.06 -26.23 8.84
CA LEU N 77 -44.32 -26.84 9.25
C LEU N 77 -45.26 -25.83 9.89
N ALA N 78 -44.71 -24.75 10.42
CA ALA N 78 -45.52 -23.73 11.09
C ALA N 78 -46.52 -23.11 10.12
N PRO N 79 -47.77 -22.92 10.55
CA PRO N 79 -48.76 -22.31 9.65
C PRO N 79 -48.38 -20.88 9.26
N CYS N 80 -47.91 -20.12 10.24
CA CYS N 80 -47.56 -18.72 10.02
C CYS N 80 -46.24 -18.59 9.25
N ASP N 81 -46.07 -17.43 8.63
CA ASP N 81 -44.82 -17.11 7.95
C ASP N 81 -43.75 -16.81 9.00
N ILE N 82 -42.50 -17.16 8.68
CA ILE N 82 -41.37 -16.85 9.55
C ILE N 82 -40.46 -15.83 8.88
N ALA N 83 -40.42 -14.63 9.46
CA ALA N 83 -39.53 -13.59 8.96
C ALA N 83 -38.18 -13.73 9.64
N THR N 84 -37.11 -13.64 8.86
CA THR N 84 -35.75 -13.80 9.38
C THR N 84 -34.95 -12.51 9.24
N TYR N 85 -34.36 -12.06 10.33
CA TYR N 85 -33.54 -10.87 10.36
C TYR N 85 -32.10 -11.21 10.76
N ALA N 86 -31.15 -10.85 9.92
CA ALA N 86 -29.74 -11.06 10.23
C ALA N 86 -29.20 -9.80 10.89
N GLY N 88 -26.28 -9.24 13.73
CA GLY N 88 -24.84 -9.17 13.74
C GLY N 88 -24.18 -10.00 12.66
N ALA N 90 -24.58 -13.99 10.26
CA ALA N 90 -25.19 -15.25 9.92
C ALA N 90 -24.17 -16.14 9.24
N ALA N 91 -23.81 -17.24 9.90
CA ALA N 91 -22.79 -18.13 9.38
C ALA N 91 -23.21 -19.57 9.60
N SER N 92 -22.82 -20.45 8.70
CA SER N 92 -23.19 -21.85 8.77
C SER N 92 -24.71 -21.97 8.87
N GLY N 94 -26.62 -20.30 10.74
CA GLY N 94 -27.14 -18.95 10.76
C GLY N 94 -27.53 -18.49 9.36
N GLU N 95 -26.66 -18.78 8.40
CA GLU N 95 -26.92 -18.45 7.01
C GLU N 95 -28.07 -19.29 6.46
N PHE N 96 -28.08 -20.56 6.82
CA PHE N 96 -29.09 -21.50 6.34
C PHE N 96 -30.48 -21.11 6.85
N LEU N 97 -30.58 -20.89 8.15
CA LEU N 97 -31.85 -20.53 8.76
C LEU N 97 -32.31 -19.15 8.28
N LEU N 98 -31.34 -18.27 8.04
CA LEU N 98 -31.65 -16.95 7.52
C LEU N 98 -32.31 -17.06 6.15
N ALA N 99 -31.67 -17.84 5.27
CA ALA N 99 -32.16 -18.01 3.92
C ALA N 99 -33.41 -18.89 3.86
N ALA N 100 -33.62 -19.68 4.91
CA ALA N 100 -34.77 -20.58 4.96
C ALA N 100 -36.05 -19.81 5.26
N GLY N 101 -35.90 -18.53 5.60
CA GLY N 101 -37.04 -17.70 5.93
C GLY N 101 -37.99 -17.56 4.76
N THR N 102 -39.23 -17.17 5.06
CA THR N 102 -40.26 -16.95 4.05
C THR N 102 -39.80 -15.96 3.00
N LYS N 103 -39.96 -16.32 1.73
CA LYS N 103 -39.45 -15.49 0.65
C LYS N 103 -40.13 -14.13 0.67
N GLY N 104 -39.31 -13.09 0.69
CA GLY N 104 -39.78 -11.72 0.72
C GLY N 104 -39.77 -11.16 2.13
N LYS N 105 -39.84 -12.05 3.11
CA LYS N 105 -39.76 -11.67 4.52
C LYS N 105 -38.38 -11.88 5.14
N ARG N 106 -37.40 -12.27 4.32
CA ARG N 106 -36.02 -12.39 4.78
C ARG N 106 -35.32 -11.03 4.76
N TYR N 107 -34.85 -10.58 5.91
CA TYR N 107 -34.24 -9.26 6.04
C TYR N 107 -32.80 -9.36 6.53
N ALA N 108 -32.02 -8.30 6.30
CA ALA N 108 -30.65 -8.23 6.78
C ALA N 108 -30.28 -6.79 7.09
N LEU N 109 -29.50 -6.58 8.14
CA LEU N 109 -29.01 -5.25 8.45
C LEU N 109 -27.88 -4.90 7.50
N PRO N 110 -27.60 -3.59 7.34
CA PRO N 110 -26.60 -3.16 6.35
C PRO N 110 -25.23 -3.79 6.55
N HIS N 111 -24.74 -3.80 7.79
CA HIS N 111 -23.39 -4.28 8.07
C HIS N 111 -23.36 -5.74 8.52
N ALA N 112 -24.53 -6.39 8.49
CA ALA N 112 -24.58 -7.82 8.72
C ALA N 112 -23.74 -8.55 7.69
N ARG N 113 -23.07 -9.62 8.11
CA ARG N 113 -22.22 -10.41 7.22
C ARG N 113 -22.70 -11.85 7.19
N ILE N 114 -22.79 -12.41 5.99
CA ILE N 114 -23.23 -13.79 5.82
C ILE N 114 -22.07 -14.68 5.39
N LEU N 115 -21.91 -15.82 6.05
CA LEU N 115 -20.91 -16.81 5.67
C LEU N 115 -21.58 -18.10 5.23
N HIS N 117 -20.54 -22.04 3.78
CA HIS N 117 -19.49 -23.01 3.50
C HIS N 117 -19.95 -24.46 3.59
N GLN N 118 -19.10 -25.33 3.08
CA GLN N 118 -19.26 -26.77 3.18
C GLN N 118 -19.38 -27.22 4.63
N PRO N 119 -20.11 -28.33 4.88
CA PRO N 119 -20.19 -28.89 6.23
C PRO N 119 -18.85 -29.37 6.78
N LEU N 120 -18.73 -29.42 8.10
CA LEU N 120 -17.51 -29.88 8.77
C LEU N 120 -17.84 -30.96 9.78
N GLY N 121 -17.38 -32.18 9.52
CA GLY N 121 -17.61 -33.30 10.43
C GLY N 121 -16.37 -33.78 11.14
N GLY N 122 -16.39 -35.04 11.56
CA GLY N 122 -15.23 -35.70 12.11
C GLY N 122 -15.41 -37.21 12.00
N VAL N 123 -14.31 -37.94 12.00
CA VAL N 123 -14.36 -39.40 11.91
C VAL N 123 -13.52 -40.05 13.00
N THR N 124 -14.00 -41.20 13.47
CA THR N 124 -13.31 -41.93 14.52
C THR N 124 -13.72 -43.40 14.50
N GLY N 125 -12.91 -44.24 15.15
CA GLY N 125 -13.22 -45.64 15.31
C GLY N 125 -12.54 -46.51 14.27
N SER N 126 -13.05 -47.73 14.11
CA SER N 126 -12.48 -48.67 13.16
C SER N 126 -12.77 -48.24 11.73
N ALA N 127 -12.00 -48.76 10.78
CA ALA N 127 -12.17 -48.43 9.38
C ALA N 127 -13.60 -48.72 8.92
N ALA N 128 -14.22 -49.73 9.54
CA ALA N 128 -15.59 -50.09 9.22
C ALA N 128 -16.54 -49.00 9.68
N ASP N 129 -16.32 -48.47 10.87
CA ASP N 129 -17.15 -47.40 11.42
C ASP N 129 -16.97 -46.13 10.61
N ILE N 130 -15.75 -45.87 10.17
CA ILE N 130 -15.45 -44.65 9.43
C ILE N 130 -16.12 -44.67 8.08
N ALA N 131 -16.21 -45.86 7.48
CA ALA N 131 -16.89 -46.00 6.20
C ALA N 131 -18.34 -45.57 6.33
N ILE N 132 -18.95 -45.90 7.45
CA ILE N 132 -20.34 -45.55 7.70
C ILE N 132 -20.48 -44.05 7.92
N GLN N 133 -19.55 -43.48 8.68
CA GLN N 133 -19.57 -42.06 8.96
C GLN N 133 -19.40 -41.26 7.68
N ALA N 134 -18.64 -41.82 6.75
CA ALA N 134 -18.39 -41.17 5.46
C ALA N 134 -19.62 -41.24 4.56
N GLU N 135 -20.37 -42.34 4.65
CA GLU N 135 -21.60 -42.49 3.89
C GLU N 135 -22.55 -41.33 4.17
N GLN N 136 -22.69 -41.00 5.45
CA GLN N 136 -23.60 -39.95 5.86
C GLN N 136 -23.12 -38.58 5.38
N PHE N 137 -21.81 -38.36 5.37
CA PHE N 137 -21.26 -37.09 4.91
C PHE N 137 -21.75 -36.76 3.51
N ALA N 138 -21.81 -37.76 2.65
CA ALA N 138 -22.28 -37.56 1.29
C ALA N 138 -23.77 -37.23 1.28
N VAL N 139 -24.52 -37.88 2.16
CA VAL N 139 -25.96 -37.67 2.25
C VAL N 139 -26.30 -36.26 2.69
N ILE N 140 -25.72 -35.84 3.81
CA ILE N 140 -25.99 -34.53 4.36
C ILE N 140 -25.57 -33.43 3.39
N LYS N 141 -24.35 -33.54 2.88
CA LYS N 141 -23.78 -32.52 2.01
C LYS N 141 -24.69 -32.22 0.82
N LYS N 142 -25.22 -33.26 0.20
CA LYS N 142 -26.10 -33.09 -0.94
C LYS N 142 -27.37 -32.33 -0.55
N GLU N 143 -27.92 -32.69 0.60
CA GLU N 143 -29.17 -32.10 1.07
C GLU N 143 -29.00 -30.62 1.40
N PHE N 145 -26.72 -28.53 0.27
CA PHE N 145 -26.52 -27.79 -0.97
C PHE N 145 -27.83 -27.66 -1.73
N ARG N 146 -28.67 -28.68 -1.65
CA ARG N 146 -29.94 -28.66 -2.36
C ARG N 146 -30.82 -27.53 -1.84
N LEU N 147 -30.98 -27.47 -0.52
CA LEU N 147 -31.84 -26.48 0.10
C LEU N 147 -31.28 -25.07 -0.01
N ASN N 148 -29.96 -24.94 0.14
CA ASN N 148 -29.32 -23.64 0.00
C ASN N 148 -29.48 -23.14 -1.42
N ALA N 149 -29.46 -24.07 -2.37
CA ALA N 149 -29.66 -23.74 -3.77
C ALA N 149 -31.10 -23.29 -3.98
N GLU N 150 -32.03 -23.92 -3.25
CA GLU N 150 -33.44 -23.59 -3.36
C GLU N 150 -33.72 -22.22 -2.74
N PHE N 151 -33.12 -21.95 -1.59
CA PHE N 151 -33.32 -20.68 -0.91
C PHE N 151 -32.77 -19.52 -1.73
N THR N 152 -31.54 -19.67 -2.19
CA THR N 152 -30.85 -18.62 -2.92
C THR N 152 -31.29 -18.52 -4.37
N GLY N 153 -31.73 -19.64 -4.93
CA GLY N 153 -32.12 -19.68 -6.32
C GLY N 153 -30.94 -19.91 -7.25
N GLN N 154 -29.80 -20.26 -6.68
CA GLN N 154 -28.61 -20.56 -7.46
C GLN N 154 -28.62 -22.02 -7.87
N PRO N 155 -27.88 -22.37 -8.94
CA PRO N 155 -27.75 -23.78 -9.29
C PRO N 155 -26.98 -24.56 -8.24
N ILE N 156 -27.30 -25.84 -8.06
CA ILE N 156 -26.60 -26.68 -7.09
C ILE N 156 -25.11 -26.70 -7.42
N GLU N 157 -24.80 -26.59 -8.71
CA GLU N 157 -23.41 -26.63 -9.15
C GLU N 157 -22.60 -25.47 -8.60
N ARG N 158 -23.20 -24.29 -8.56
CA ARG N 158 -22.50 -23.09 -8.09
C ARG N 158 -22.41 -23.08 -6.57
N ILE N 159 -23.45 -23.58 -5.91
CA ILE N 159 -23.45 -23.67 -4.46
C ILE N 159 -22.32 -24.56 -3.99
N GLU N 160 -22.18 -25.71 -4.63
CA GLU N 160 -21.14 -26.65 -4.25
C GLU N 160 -19.76 -26.05 -4.49
N ALA N 161 -19.62 -25.34 -5.59
CA ALA N 161 -18.35 -24.73 -5.95
C ALA N 161 -17.98 -23.60 -5.00
N ASP N 162 -18.94 -22.72 -4.72
CA ASP N 162 -18.70 -21.59 -3.82
C ASP N 162 -18.54 -22.06 -2.38
N SER N 163 -19.20 -23.15 -2.04
CA SER N 163 -19.21 -23.65 -0.67
C SER N 163 -17.95 -24.45 -0.34
N ASP N 164 -17.12 -24.71 -1.35
CA ASP N 164 -15.90 -25.48 -1.15
C ASP N 164 -15.04 -24.86 -0.04
N ARG N 165 -14.86 -23.55 -0.13
CA ARG N 165 -14.15 -22.78 0.91
C ARG N 165 -15.08 -21.73 1.46
N ASP N 166 -14.74 -21.19 2.63
CA ASP N 166 -15.55 -20.15 3.25
C ASP N 166 -15.76 -19.00 2.28
N ARG N 167 -17.02 -18.64 2.06
CA ARG N 167 -17.35 -17.50 1.21
C ARG N 167 -18.21 -16.50 1.97
N TRP N 168 -17.66 -15.31 2.16
CA TRP N 168 -18.33 -14.25 2.90
C TRP N 168 -19.11 -13.32 1.98
N PHE N 169 -20.28 -12.90 2.43
CA PHE N 169 -21.10 -11.95 1.71
C PHE N 169 -21.42 -10.76 2.60
N THR N 170 -21.35 -9.56 2.05
CA THR N 170 -21.85 -8.40 2.76
C THR N 170 -23.37 -8.41 2.63
N ALA N 171 -24.04 -7.45 3.23
CA ALA N 171 -25.49 -7.39 3.14
C ALA N 171 -25.92 -7.27 1.68
N ALA N 172 -25.25 -6.39 0.95
CA ALA N 172 -25.56 -6.15 -0.45
C ALA N 172 -25.27 -7.38 -1.29
N GLU N 173 -24.10 -7.98 -1.06
CA GLU N 173 -23.70 -9.16 -1.80
C GLU N 173 -24.63 -10.32 -1.49
N ALA N 174 -25.09 -10.38 -0.25
CA ALA N 174 -26.01 -11.44 0.17
C ALA N 174 -27.37 -11.23 -0.46
N LEU N 175 -27.77 -9.98 -0.59
CA LEU N 175 -29.01 -9.62 -1.24
C LEU N 175 -28.99 -10.08 -2.69
N GLU N 176 -27.85 -9.88 -3.35
CA GLU N 176 -27.69 -10.23 -4.74
C GLU N 176 -27.61 -11.74 -4.93
N TYR N 177 -26.96 -12.42 -3.99
CA TYR N 177 -26.77 -13.87 -4.09
C TYR N 177 -28.07 -14.62 -3.82
N GLY N 178 -29.00 -13.96 -3.13
CA GLY N 178 -30.32 -14.50 -2.89
C GLY N 178 -30.56 -15.06 -1.49
N PHE N 179 -29.65 -14.77 -0.56
CA PHE N 179 -29.84 -15.21 0.82
C PHE N 179 -30.98 -14.46 1.48
N VAL N 180 -31.02 -13.15 1.29
CA VAL N 180 -32.04 -12.29 1.89
C VAL N 180 -32.69 -11.42 0.84
N ASP N 181 -33.97 -11.13 1.05
CA ASP N 181 -34.76 -10.35 0.11
C ASP N 181 -34.62 -8.83 0.25
N HIS N 182 -34.43 -8.36 1.48
CA HIS N 182 -34.38 -6.92 1.74
C HIS N 182 -33.23 -6.52 2.64
N ILE N 183 -32.82 -5.25 2.52
CA ILE N 183 -31.91 -4.62 3.46
C ILE N 183 -32.68 -3.50 4.13
N ILE N 184 -32.40 -3.26 5.41
CA ILE N 184 -33.24 -2.39 6.21
C ILE N 184 -32.72 -0.96 6.33
N THR N 185 -33.49 -0.05 5.75
CA THR N 185 -33.25 1.38 5.89
C THR N 185 -34.13 1.96 7.00
N ILE O 3 14.63 53.45 -26.07
CA ILE O 3 14.51 54.33 -24.90
C ILE O 3 14.88 55.76 -25.25
N LEU O 4 13.95 56.69 -24.98
CA LEU O 4 14.13 58.10 -25.29
C LEU O 4 14.19 58.94 -24.02
N PRO O 5 15.32 59.58 -23.74
CA PRO O 5 15.41 60.32 -22.47
C PRO O 5 14.66 61.63 -22.50
N SER O 6 14.09 62.01 -21.36
CA SER O 6 13.45 63.31 -21.22
C SER O 6 14.38 64.24 -20.46
N PHE O 7 14.38 65.51 -20.84
CA PHE O 7 15.27 66.48 -20.22
C PHE O 7 14.45 67.51 -19.45
N ILE O 8 15.14 68.43 -18.80
CA ILE O 8 14.49 69.37 -17.89
C ILE O 8 15.00 70.79 -18.14
N GLU O 9 14.08 71.74 -18.20
CA GLU O 9 14.40 73.15 -18.42
C GLU O 9 13.82 73.99 -17.30
N HIS O 10 14.45 75.12 -17.03
CA HIS O 10 14.05 75.95 -15.90
C HIS O 10 14.18 77.44 -16.20
N SER O 11 13.20 78.21 -15.73
CA SER O 11 13.22 79.65 -15.82
C SER O 11 12.66 80.20 -14.53
N SER O 12 12.77 81.52 -14.34
CA SER O 12 12.25 82.17 -13.15
C SER O 12 10.76 81.89 -12.94
N PHE O 13 10.06 81.51 -14.01
CA PHE O 13 8.63 81.23 -13.92
C PHE O 13 8.31 79.82 -13.46
N GLY O 14 9.27 78.90 -13.58
CA GLY O 14 9.05 77.53 -13.16
C GLY O 14 9.99 76.53 -13.80
N VAL O 15 9.75 75.25 -13.53
CA VAL O 15 10.52 74.17 -14.11
C VAL O 15 9.66 73.37 -15.09
N LYS O 16 10.28 72.94 -16.19
CA LYS O 16 9.58 72.22 -17.24
C LYS O 16 10.32 70.94 -17.62
N GLU O 17 9.63 69.81 -17.45
CA GLU O 17 10.13 68.51 -17.93
C GLU O 17 9.48 68.21 -19.26
N SER O 18 10.29 67.96 -20.29
CA SER O 18 9.75 67.79 -21.64
C SER O 18 10.46 66.72 -22.47
N ASN O 19 9.72 66.23 -23.46
CA ASN O 19 10.20 65.23 -24.41
C ASN O 19 10.84 65.94 -25.60
N PRO O 20 11.94 65.40 -26.15
CA PRO O 20 12.54 66.04 -27.33
C PRO O 20 11.55 66.40 -28.43
N TYR O 21 10.60 65.52 -28.71
CA TYR O 21 9.64 65.78 -29.77
C TYR O 21 8.68 66.91 -29.39
N ASN O 22 8.46 67.09 -28.09
CA ASN O 22 7.65 68.20 -27.61
C ASN O 22 8.39 69.52 -27.81
N LYS O 23 9.69 69.48 -27.57
CA LYS O 23 10.55 70.64 -27.75
C LYS O 23 10.59 71.03 -29.23
N LEU O 24 10.58 70.03 -30.10
CA LEU O 24 10.56 70.29 -31.53
C LEU O 24 9.25 70.96 -31.92
N PHE O 25 8.14 70.44 -31.41
CA PHE O 25 6.83 71.00 -31.70
C PHE O 25 6.68 72.39 -31.09
N GLU O 26 7.36 72.63 -29.98
CA GLU O 26 7.37 73.96 -29.35
C GLU O 26 8.05 74.96 -30.28
N GLU O 27 8.98 74.47 -31.08
CA GLU O 27 9.71 75.28 -32.05
C GLU O 27 9.03 75.27 -33.41
N ARG O 28 7.82 74.74 -33.47
CA ARG O 28 7.03 74.69 -34.69
C ARG O 28 7.62 73.72 -35.69
N ILE O 29 8.13 72.60 -35.19
CA ILE O 29 8.69 71.55 -36.04
C ILE O 29 7.87 70.29 -35.93
N ILE O 30 7.20 69.92 -37.02
CA ILE O 30 6.48 68.66 -37.09
C ILE O 30 7.40 67.59 -37.65
N PHE O 31 7.40 66.42 -37.01
CA PHE O 31 8.30 65.34 -37.39
C PHE O 31 7.51 64.18 -37.98
N LEU O 32 7.70 63.93 -39.26
CA LEU O 32 7.13 62.74 -39.90
C LEU O 32 8.24 61.71 -40.07
N GLY O 33 8.23 60.69 -39.20
CA GLY O 33 9.28 59.69 -39.15
C GLY O 33 8.86 58.32 -39.62
N VAL O 34 7.60 58.19 -40.01
CA VAL O 34 7.00 56.89 -40.25
C VAL O 34 6.24 56.86 -41.56
N GLN O 35 5.82 55.67 -41.97
CA GLN O 35 5.02 55.51 -43.18
C GLN O 35 3.75 56.34 -43.06
N VAL O 36 3.30 56.89 -44.18
CA VAL O 36 2.09 57.71 -44.19
C VAL O 36 0.86 56.81 -44.20
N ASP O 37 0.02 56.94 -43.17
CA ASP O 37 -1.22 56.18 -43.10
C ASP O 37 -2.30 57.03 -42.44
N ASP O 38 -3.50 56.47 -42.31
CA ASP O 38 -4.61 57.20 -41.74
C ASP O 38 -4.29 57.69 -40.33
N ALA O 39 -3.57 56.87 -39.57
CA ALA O 39 -3.16 57.23 -38.23
C ALA O 39 -2.18 58.40 -38.26
N SER O 40 -1.11 58.23 -39.03
CA SER O 40 -0.07 59.25 -39.17
C SER O 40 -0.60 60.53 -39.80
N ALA O 41 -1.49 60.38 -40.78
CA ALA O 41 -2.04 61.52 -41.49
C ALA O 41 -2.87 62.38 -40.56
N ASN O 42 -3.77 61.75 -39.82
CA ASN O 42 -4.63 62.48 -38.90
C ASN O 42 -3.83 63.24 -37.85
N ASP O 43 -2.74 62.63 -37.37
CA ASP O 43 -1.89 63.29 -36.39
C ASP O 43 -1.19 64.51 -36.97
N ILE O 44 -0.70 64.39 -38.20
CA ILE O 44 0.02 65.49 -38.83
C ILE O 44 -0.94 66.63 -39.16
N MET O 45 -2.14 66.29 -39.63
CA MET O 45 -3.14 67.30 -39.93
C MET O 45 -3.48 68.05 -38.66
N ALA O 46 -3.63 67.32 -37.57
CA ALA O 46 -3.92 67.92 -36.28
C ALA O 46 -2.82 68.90 -35.89
N GLN O 47 -1.57 68.47 -36.03
CA GLN O 47 -0.43 69.30 -35.67
C GLN O 47 -0.38 70.57 -36.50
N LEU O 48 -0.65 70.46 -37.79
CA LEU O 48 -0.61 71.62 -38.68
C LEU O 48 -1.64 72.65 -38.28
N LEU O 49 -2.86 72.19 -38.03
CA LEU O 49 -3.97 73.08 -37.69
C LEU O 49 -3.77 73.73 -36.33
N VAL O 50 -3.04 73.06 -35.45
CA VAL O 50 -2.74 73.63 -34.14
C VAL O 50 -1.74 74.77 -34.27
N LEU O 51 -0.64 74.50 -34.97
CA LEU O 51 0.38 75.53 -35.17
C LEU O 51 -0.20 76.71 -35.93
N GLU O 52 -1.23 76.44 -36.74
CA GLU O 52 -1.98 77.49 -37.41
C GLU O 52 -2.68 78.36 -36.36
N SER O 53 -3.33 77.71 -35.41
CA SER O 53 -4.11 78.40 -34.39
C SER O 53 -3.23 79.26 -33.48
N LEU O 54 -2.10 78.70 -33.06
CA LEU O 54 -1.24 79.36 -32.10
C LEU O 54 -0.60 80.62 -32.69
N ASP O 55 0.09 80.47 -33.83
CA ASP O 55 0.74 81.60 -34.49
C ASP O 55 0.61 81.49 -36.02
N PRO O 56 -0.50 81.96 -36.59
CA PRO O 56 -0.70 81.79 -38.03
C PRO O 56 0.33 82.54 -38.89
N ASP O 57 1.01 83.52 -38.30
CA ASP O 57 1.96 84.34 -39.06
C ASP O 57 3.37 83.74 -39.13
N ARG O 58 3.66 82.78 -38.26
CA ARG O 58 4.98 82.17 -38.21
C ARG O 58 5.06 80.90 -39.05
N ASP O 59 6.19 80.70 -39.71
CA ASP O 59 6.40 79.55 -40.56
C ASP O 59 6.32 78.24 -39.78
N ILE O 60 5.83 77.20 -40.46
CA ILE O 60 5.79 75.85 -39.90
C ILE O 60 6.86 74.98 -40.57
N THR O 61 7.49 74.12 -39.79
CA THR O 61 8.56 73.27 -40.27
C THR O 61 8.17 71.79 -40.23
N MET O 62 8.46 71.09 -41.33
CA MET O 62 8.20 69.66 -41.42
C MET O 62 9.49 68.88 -41.67
N TYR O 63 9.92 68.09 -40.70
CA TYR O 63 11.05 67.19 -40.89
C TYR O 63 10.54 65.86 -41.41
N ILE O 64 11.10 65.41 -42.52
CA ILE O 64 10.63 64.20 -43.18
C ILE O 64 11.69 63.13 -43.30
N ASN O 65 11.49 62.03 -42.59
CA ASN O 65 12.15 60.78 -42.90
C ASN O 65 11.07 59.71 -43.00
N SER O 66 10.76 59.26 -44.21
CA SER O 66 9.63 58.37 -44.40
C SER O 66 9.79 57.41 -45.58
N PRO O 67 9.24 56.19 -45.46
CA PRO O 67 9.13 55.29 -46.60
C PRO O 67 8.07 55.72 -47.63
N GLY O 68 7.17 56.61 -47.22
CA GLY O 68 6.01 56.94 -48.05
C GLY O 68 4.77 56.28 -47.49
N GLY O 69 3.69 56.28 -48.26
CA GLY O 69 2.45 55.67 -47.80
C GLY O 69 1.25 55.82 -48.70
N GLY O 70 0.07 55.65 -48.11
CA GLY O 70 -1.18 55.64 -48.86
C GLY O 70 -1.49 56.94 -49.58
N PHE O 71 -2.33 56.84 -50.61
CA PHE O 71 -2.65 57.99 -51.45
C PHE O 71 -3.60 58.97 -50.76
N THR O 72 -4.70 58.45 -50.21
CA THR O 72 -5.67 59.29 -49.54
C THR O 72 -5.03 60.01 -48.36
N SER O 73 -4.15 59.30 -47.66
CA SER O 73 -3.44 59.88 -46.53
C SER O 73 -2.51 60.99 -46.98
N LEU O 74 -1.89 60.81 -48.14
CA LEU O 74 -0.99 61.83 -48.67
C LEU O 74 -1.71 63.11 -49.03
N MET O 75 -2.83 63.00 -49.75
CA MET O 75 -3.54 64.18 -50.19
C MET O 75 -4.22 64.88 -49.02
N ALA O 76 -4.49 64.14 -47.96
CA ALA O 76 -5.04 64.73 -46.75
C ALA O 76 -4.02 65.69 -46.17
N ILE O 77 -2.78 65.24 -46.08
CA ILE O 77 -1.69 66.06 -45.60
C ILE O 77 -1.39 67.20 -46.56
N TYR O 78 -1.40 66.88 -47.85
CA TYR O 78 -1.05 67.86 -48.88
C TYR O 78 -1.98 69.06 -48.83
N ASP O 79 -3.29 68.80 -48.86
CA ASP O 79 -4.28 69.86 -48.82
C ASP O 79 -4.11 70.72 -47.58
N THR O 80 -3.82 70.09 -46.46
CA THR O 80 -3.68 70.80 -45.20
C THR O 80 -2.45 71.70 -45.24
N MET O 81 -1.36 71.21 -45.80
CA MET O 81 -0.14 72.01 -45.94
C MET O 81 -0.44 73.25 -46.76
N GLN O 82 -1.13 73.07 -47.88
CA GLN O 82 -1.43 74.17 -48.78
C GLN O 82 -2.50 75.08 -48.21
N TYR O 83 -3.40 74.53 -47.38
CA TYR O 83 -4.48 75.32 -46.82
C TYR O 83 -3.97 76.33 -45.80
N VAL O 84 -3.14 75.86 -44.87
CA VAL O 84 -2.65 76.69 -43.78
C VAL O 84 -2.04 78.00 -44.28
N ARG O 85 -2.38 79.09 -43.61
CA ARG O 85 -1.94 80.42 -44.02
C ARG O 85 -0.43 80.56 -43.89
N ALA O 86 0.13 79.99 -42.84
CA ALA O 86 1.56 80.04 -42.61
C ALA O 86 2.32 79.28 -43.69
N ASP O 87 3.49 79.79 -44.05
CA ASP O 87 4.38 79.10 -44.98
C ASP O 87 4.87 77.81 -44.33
N ILE O 88 5.22 76.82 -45.15
CA ILE O 88 5.69 75.53 -44.64
C ILE O 88 7.06 75.18 -45.19
N GLN O 89 8.01 74.98 -44.28
CA GLN O 89 9.37 74.57 -44.62
C GLN O 89 9.48 73.05 -44.51
N THR O 90 10.05 72.41 -45.52
CA THR O 90 10.23 70.96 -45.51
C THR O 90 11.72 70.60 -45.52
N VAL O 91 12.09 69.70 -44.62
CA VAL O 91 13.48 69.24 -44.51
C VAL O 91 13.52 67.72 -44.53
N CYS O 92 14.38 67.16 -45.38
CA CYS O 92 14.47 65.71 -45.55
C CYS O 92 15.68 65.12 -44.85
N LEU O 93 15.43 64.15 -43.98
CA LEU O 93 16.50 63.44 -43.28
C LEU O 93 16.55 61.97 -43.66
N GLY O 94 17.56 61.60 -44.44
CA GLY O 94 17.90 60.21 -44.68
C GLY O 94 17.13 59.55 -45.81
N GLN O 95 15.90 60.01 -46.05
CA GLN O 95 15.15 59.68 -47.26
C GLN O 95 13.76 60.29 -47.26
N ALA O 96 13.21 60.48 -48.46
CA ALA O 96 11.78 60.71 -48.65
C ALA O 96 11.35 59.93 -49.90
N ALA O 97 10.46 58.97 -49.73
CA ALA O 97 10.12 58.05 -50.82
C ALA O 97 8.64 58.08 -51.14
N SER O 98 8.35 57.97 -52.44
CA SER O 98 6.97 57.90 -52.92
C SER O 98 6.17 59.10 -52.40
N ALA O 99 5.14 58.82 -51.60
CA ALA O 99 4.29 59.85 -51.05
C ALA O 99 5.09 60.91 -50.32
N ALA O 100 6.09 60.48 -49.55
CA ALA O 100 6.89 61.40 -48.75
C ALA O 100 7.67 62.36 -49.62
N ALA O 101 8.08 61.89 -50.79
CA ALA O 101 8.84 62.72 -51.72
C ALA O 101 7.95 63.83 -52.26
N VAL O 102 6.66 63.54 -52.41
CA VAL O 102 5.69 64.52 -52.87
C VAL O 102 5.48 65.59 -51.81
N LEU O 103 5.38 65.17 -50.55
CA LEU O 103 5.21 66.11 -49.45
C LEU O 103 6.42 67.01 -49.33
N LEU O 104 7.60 66.46 -49.58
CA LEU O 104 8.83 67.23 -49.54
C LEU O 104 8.78 68.36 -50.57
N ALA O 105 8.29 68.06 -51.76
CA ALA O 105 8.21 69.04 -52.84
C ALA O 105 7.04 69.99 -52.66
N ALA O 106 6.08 69.61 -51.82
CA ALA O 106 4.86 70.39 -51.68
C ALA O 106 5.03 71.57 -50.72
N GLY O 107 6.21 71.69 -50.13
CA GLY O 107 6.52 72.83 -49.29
C GLY O 107 6.49 74.10 -50.12
N THR O 108 6.38 75.24 -49.45
CA THR O 108 6.31 76.51 -50.17
C THR O 108 7.64 76.78 -50.84
N PRO O 109 7.61 77.36 -52.05
CA PRO O 109 8.83 77.60 -52.84
C PRO O 109 9.93 78.34 -52.09
N GLY O 110 11.15 77.84 -52.23
CA GLY O 110 12.33 78.45 -51.65
C GLY O 110 12.67 77.95 -50.25
N LYS O 111 11.66 77.41 -49.57
CA LYS O 111 11.82 76.90 -48.22
C LYS O 111 12.00 75.38 -48.16
N ARG O 112 12.06 74.72 -49.31
CA ARG O 112 12.27 73.26 -49.37
C ARG O 112 13.76 72.91 -49.40
N MET O 113 14.20 72.08 -48.47
CA MET O 113 15.60 71.71 -48.35
C MET O 113 15.82 70.28 -47.90
N ALA O 114 17.06 69.80 -48.00
CA ALA O 114 17.41 68.46 -47.55
C ALA O 114 18.86 68.39 -47.07
N LEU O 115 19.18 67.35 -46.31
CA LEU O 115 20.56 67.11 -45.86
C LEU O 115 21.36 66.44 -46.95
N PRO O 116 22.70 66.60 -46.92
CA PRO O 116 23.53 66.16 -48.04
C PRO O 116 23.43 64.68 -48.39
N ASN O 117 23.39 63.82 -47.39
CA ASN O 117 23.36 62.38 -47.63
C ASN O 117 21.94 61.81 -47.67
N ALA O 118 20.95 62.69 -47.57
CA ALA O 118 19.56 62.29 -47.75
C ALA O 118 19.31 61.91 -49.20
N ARG O 119 18.28 61.11 -49.44
CA ARG O 119 17.92 60.69 -50.79
C ARG O 119 16.44 60.90 -51.03
N VAL O 120 16.03 60.91 -52.30
CA VAL O 120 14.63 61.08 -52.64
C VAL O 120 14.22 60.04 -53.68
N LEU O 121 13.15 59.31 -53.39
CA LEU O 121 12.63 58.29 -54.30
C LEU O 121 11.32 58.76 -54.91
N ILE O 122 11.18 58.59 -56.22
CA ILE O 122 9.94 58.87 -56.92
C ILE O 122 9.54 57.69 -57.79
N HIS O 123 8.31 57.21 -57.62
CA HIS O 123 7.76 56.24 -58.56
C HIS O 123 6.26 56.41 -58.65
N GLN O 124 5.66 55.81 -59.68
CA GLN O 124 4.23 55.89 -59.86
C GLN O 124 3.53 55.09 -58.79
N PRO O 125 2.25 55.41 -58.52
CA PRO O 125 1.46 54.65 -57.57
C PRO O 125 1.41 53.16 -57.90
N SER O 126 1.54 52.31 -56.89
CA SER O 126 1.54 50.87 -57.09
C SER O 126 0.60 50.16 -56.11
N LEU O 127 0.15 48.97 -56.51
CA LEU O 127 -0.69 48.14 -55.67
C LEU O 127 0.01 46.81 -55.38
N SER O 128 0.36 46.61 -54.11
CA SER O 128 1.13 45.43 -53.72
C SER O 128 0.29 44.16 -53.76
N GLY O 129 -0.93 44.23 -53.26
CA GLY O 129 -1.81 43.08 -53.24
C GLY O 129 -2.57 42.90 -54.53
N VAL O 130 -3.60 42.05 -54.48
CA VAL O 130 -4.47 41.82 -55.64
C VAL O 130 -5.92 42.08 -55.26
N ILE O 131 -6.60 42.90 -56.06
CA ILE O 131 -8.03 43.14 -55.87
C ILE O 131 -8.83 42.46 -56.98
N GLN O 132 -9.86 41.72 -56.58
CA GLN O 132 -10.64 40.89 -57.50
C GLN O 132 -12.10 41.32 -57.54
N GLY O 133 -12.78 40.95 -58.62
CA GLY O 133 -14.18 41.25 -58.79
C GLY O 133 -14.59 41.15 -60.24
N GLN O 134 -15.86 41.46 -60.52
CA GLN O 134 -16.35 41.47 -61.89
C GLN O 134 -15.66 42.60 -62.66
N PHE O 135 -15.60 42.46 -63.99
CA PHE O 135 -14.92 43.44 -64.82
C PHE O 135 -15.47 44.85 -64.63
N SER O 136 -16.77 44.95 -64.36
CA SER O 136 -17.40 46.24 -64.16
C SER O 136 -16.80 46.97 -62.96
N ASP O 137 -16.56 46.22 -61.89
CA ASP O 137 -15.98 46.80 -60.68
C ASP O 137 -14.51 47.17 -60.91
N LEU O 138 -13.78 46.25 -61.53
CA LEU O 138 -12.36 46.48 -61.81
C LEU O 138 -12.17 47.61 -62.79
N GLU O 139 -13.10 47.74 -63.74
CA GLU O 139 -13.04 48.83 -64.71
C GLU O 139 -13.09 50.17 -64.02
N ILE O 140 -13.86 50.24 -62.93
CA ILE O 140 -14.00 51.46 -62.15
C ILE O 140 -12.76 51.69 -61.29
N GLN O 141 -12.27 50.61 -60.69
CA GLN O 141 -11.07 50.70 -59.87
C GLN O 141 -9.88 51.12 -60.72
N ALA O 142 -9.72 50.48 -61.88
CA ALA O 142 -8.63 50.79 -62.80
C ALA O 142 -8.71 52.23 -63.29
N ALA O 143 -9.93 52.70 -63.50
CA ALA O 143 -10.15 54.06 -63.97
C ALA O 143 -9.73 55.06 -62.90
N GLU O 144 -10.09 54.77 -61.66
CA GLU O 144 -9.72 55.62 -60.54
C GLU O 144 -8.21 55.62 -60.35
N ILE O 145 -7.60 54.45 -60.45
CA ILE O 145 -6.17 54.30 -60.26
C ILE O 145 -5.40 55.17 -61.26
N GLU O 146 -5.91 55.26 -62.48
CA GLU O 146 -5.26 56.10 -63.48
C GLU O 146 -5.41 57.57 -63.11
N ARG O 147 -6.53 57.92 -62.50
CA ARG O 147 -6.75 59.28 -62.04
C ARG O 147 -5.73 59.62 -60.95
N MET O 148 -5.50 58.68 -60.05
CA MET O 148 -4.56 58.87 -58.95
C MET O 148 -3.14 59.00 -59.47
N ARG O 149 -2.82 58.22 -60.50
CA ARG O 149 -1.52 58.32 -61.15
C ARG O 149 -1.30 59.71 -61.73
N THR O 150 -2.21 60.13 -62.59
CA THR O 150 -2.10 61.42 -63.26
C THR O 150 -2.10 62.58 -62.27
N LEU O 151 -2.83 62.42 -61.17
CA LEU O 151 -2.94 63.48 -60.17
C LEU O 151 -1.62 63.66 -59.42
N MET O 152 -0.90 62.56 -59.21
CA MET O 152 0.41 62.63 -58.60
C MET O 152 1.38 63.30 -59.55
N GLU O 153 1.21 63.04 -60.84
CA GLU O 153 2.09 63.60 -61.86
C GLU O 153 1.91 65.10 -61.98
N THR O 154 0.67 65.56 -61.98
CA THR O 154 0.37 66.98 -62.04
C THR O 154 0.86 67.70 -60.79
N THR O 155 0.62 67.09 -59.62
CA THR O 155 1.01 67.70 -58.37
C THR O 155 2.52 67.87 -58.30
N LEU O 156 3.24 66.83 -58.70
CA LEU O 156 4.69 66.91 -58.75
C LEU O 156 5.17 67.92 -59.79
N ALA O 157 4.40 68.04 -60.87
CA ALA O 157 4.80 68.88 -62.00
C ALA O 157 4.86 70.35 -61.65
N ARG O 158 3.85 70.85 -60.96
CA ARG O 158 3.75 72.29 -60.69
C ARG O 158 4.69 72.71 -59.58
N HIS O 159 4.99 71.78 -58.68
CA HIS O 159 5.91 72.07 -57.59
C HIS O 159 7.37 71.96 -58.02
N THR O 160 7.67 70.97 -58.86
CA THR O 160 9.02 70.80 -59.38
C THR O 160 9.31 71.74 -60.55
N GLY O 161 8.26 72.08 -61.29
CA GLY O 161 8.40 72.93 -62.46
C GLY O 161 8.50 72.13 -63.74
N LYS O 162 8.73 70.83 -63.62
CA LYS O 162 8.79 69.95 -64.77
C LYS O 162 7.41 69.78 -65.38
N ASP O 163 7.37 69.37 -66.65
CA ASP O 163 6.11 69.08 -67.31
C ASP O 163 5.53 67.75 -66.84
N ALA O 164 4.21 67.66 -66.84
CA ALA O 164 3.52 66.46 -66.39
C ALA O 164 3.98 65.24 -67.17
N GLY O 165 4.30 65.44 -68.44
CA GLY O 165 4.77 64.36 -69.29
C GLY O 165 6.13 63.84 -68.86
N VAL O 166 6.98 64.76 -68.42
CA VAL O 166 8.32 64.39 -67.97
C VAL O 166 8.26 63.60 -66.68
N ILE O 167 7.42 64.06 -65.76
CA ILE O 167 7.22 63.37 -64.49
C ILE O 167 6.78 61.94 -64.77
N ARG O 168 5.80 61.80 -65.65
CA ARG O 168 5.24 60.50 -65.99
C ARG O 168 6.31 59.54 -66.51
N LYS O 169 7.26 60.07 -67.28
CA LYS O 169 8.31 59.25 -67.84
C LYS O 169 9.30 58.80 -66.77
N ASP O 170 9.67 59.74 -65.89
CA ASP O 170 10.65 59.46 -64.86
C ASP O 170 10.10 58.57 -63.76
N THR O 171 8.80 58.68 -63.49
CA THR O 171 8.19 57.92 -62.40
C THR O 171 7.72 56.52 -62.82
N ASP O 172 7.77 56.21 -64.12
CA ASP O 172 7.38 54.89 -64.59
C ASP O 172 8.18 53.82 -63.85
N ARG O 173 9.46 54.11 -63.64
CA ARG O 173 10.33 53.28 -62.82
C ARG O 173 10.83 54.10 -61.64
N ASP O 174 11.19 53.42 -60.56
CA ASP O 174 11.73 54.09 -59.39
C ASP O 174 12.94 54.94 -59.75
N LYS O 175 12.92 56.20 -59.36
CA LYS O 175 14.03 57.11 -59.61
C LYS O 175 14.59 57.62 -58.30
N ILE O 176 15.82 57.20 -57.99
CA ILE O 176 16.48 57.63 -56.77
C ILE O 176 17.30 58.87 -57.03
N LEU O 177 17.15 59.86 -56.16
CA LEU O 177 17.84 61.13 -56.30
C LEU O 177 18.60 61.47 -55.01
N THR O 178 19.85 61.89 -55.15
CA THR O 178 20.60 62.39 -54.02
C THR O 178 20.08 63.78 -53.69
N ALA O 179 20.66 64.41 -52.68
CA ALA O 179 20.25 65.76 -52.30
C ALA O 179 20.40 66.72 -53.48
N GLU O 180 21.59 66.74 -54.08
CA GLU O 180 21.87 67.64 -55.19
C GLU O 180 21.01 67.32 -56.40
N GLU O 181 20.81 66.03 -56.65
CA GLU O 181 20.00 65.59 -57.78
C GLU O 181 18.55 66.01 -57.61
N ALA O 182 18.08 66.02 -56.36
CA ALA O 182 16.72 66.44 -56.05
C ALA O 182 16.58 67.94 -56.21
N LYS O 183 17.67 68.66 -55.93
CA LYS O 183 17.68 70.10 -56.07
C LYS O 183 17.56 70.49 -57.54
N ASP O 184 18.29 69.79 -58.39
CA ASP O 184 18.27 70.05 -59.82
C ASP O 184 16.90 69.69 -60.39
N TYR O 185 16.29 68.65 -59.83
CA TYR O 185 15.01 68.16 -60.31
C TYR O 185 13.89 69.14 -59.95
N GLY O 186 14.11 69.91 -58.88
CA GLY O 186 13.13 70.89 -58.44
C GLY O 186 12.30 70.43 -57.26
N ILE O 187 12.70 69.33 -56.65
CA ILE O 187 11.99 68.81 -55.49
C ILE O 187 12.34 69.61 -54.24
N ILE O 188 13.61 69.98 -54.12
CA ILE O 188 14.06 70.84 -53.03
C ILE O 188 14.78 72.05 -53.58
N ASP O 189 14.74 73.15 -52.84
CA ASP O 189 15.38 74.38 -53.27
C ASP O 189 16.86 74.44 -52.97
N THR O 190 17.26 73.95 -51.79
CA THR O 190 18.65 74.01 -51.37
C THR O 190 19.08 72.77 -50.57
N VAL O 191 20.39 72.59 -50.43
CA VAL O 191 20.96 71.51 -49.64
C VAL O 191 21.72 72.08 -48.46
N LEU O 192 21.33 71.68 -47.25
CA LEU O 192 21.95 72.17 -46.04
C LEU O 192 23.41 71.76 -45.94
N GLU O 193 24.25 72.68 -45.49
CA GLU O 193 25.67 72.41 -45.28
C GLU O 193 25.97 72.31 -43.79
N TYR O 194 26.94 71.48 -43.43
CA TYR O 194 27.31 71.28 -42.03
C TYR O 194 27.71 72.59 -41.36
N ARG O 195 27.16 72.84 -40.19
CA ARG O 195 27.36 74.09 -39.46
C ARG O 195 28.51 74.02 -38.47
N LYS O 196 29.24 72.91 -38.47
CA LYS O 196 30.24 72.67 -37.43
C LYS O 196 31.37 73.70 -37.44
N LEU O 197 31.91 73.97 -36.25
CA LEU O 197 32.97 74.95 -36.07
C LEU O 197 34.34 74.39 -36.43
N SER O 198 34.64 73.20 -35.92
CA SER O 198 35.92 72.54 -36.17
C SER O 198 36.12 72.21 -37.64
N ILE P 3 3.77 58.54 -32.93
CA ILE P 3 4.06 59.42 -31.79
C ILE P 3 3.49 60.81 -32.04
N LEU P 4 2.67 61.27 -31.10
CA LEU P 4 2.00 62.56 -31.18
C LEU P 4 2.48 63.53 -30.10
N PRO P 5 3.14 64.63 -30.49
CA PRO P 5 3.66 65.51 -29.45
C PRO P 5 2.57 66.34 -28.79
N SER P 6 2.74 66.60 -27.50
CA SER P 6 1.82 67.48 -26.77
C SER P 6 2.46 68.85 -26.58
N PHE P 7 1.64 69.89 -26.67
CA PHE P 7 2.12 71.25 -26.54
C PHE P 7 1.59 71.91 -25.28
N ILE P 8 1.98 73.15 -25.07
CA ILE P 8 1.68 73.86 -23.83
C ILE P 8 1.17 75.26 -24.11
N GLU P 9 0.12 75.66 -23.41
CA GLU P 9 -0.47 76.98 -23.53
C GLU P 9 -0.52 77.64 -22.16
N HIS P 10 -0.47 78.96 -22.13
CA HIS P 10 -0.39 79.69 -20.87
C HIS P 10 -1.18 81.00 -20.89
N SER P 11 -1.83 81.28 -19.77
CA SER P 11 -2.56 82.53 -19.57
C SER P 11 -2.34 83.02 -18.14
N SER P 12 -2.78 84.24 -17.85
CA SER P 12 -2.66 84.79 -16.51
C SER P 12 -3.31 83.91 -15.45
N PHE P 13 -4.24 83.06 -15.88
CA PHE P 13 -4.94 82.16 -14.96
C PHE P 13 -4.17 80.87 -14.67
N GLY P 14 -3.24 80.50 -15.55
CA GLY P 14 -2.47 79.29 -15.34
C GLY P 14 -1.85 78.71 -16.61
N VAL P 15 -1.23 77.55 -16.46
CA VAL P 15 -0.61 76.84 -17.56
C VAL P 15 -1.38 75.56 -17.87
N LYS P 16 -1.53 75.25 -19.17
CA LYS P 16 -2.28 74.09 -19.61
C LYS P 16 -1.49 73.26 -20.61
N GLU P 17 -1.22 72.01 -20.26
CA GLU P 17 -0.62 71.06 -21.18
C GLU P 17 -1.71 70.22 -21.80
N SER P 18 -1.77 70.21 -23.13
CA SER P 18 -2.87 69.54 -23.82
C SER P 18 -2.40 68.83 -25.09
N ASN P 19 -3.21 67.86 -25.50
CA ASN P 19 -2.98 67.06 -26.69
C ASN P 19 -3.65 67.76 -27.88
N PRO P 20 -3.03 67.70 -29.08
CA PRO P 20 -3.65 68.31 -30.25
C PRO P 20 -5.13 67.98 -30.46
N TYR P 21 -5.53 66.73 -30.21
CA TYR P 21 -6.93 66.35 -30.40
C TYR P 21 -7.83 66.97 -29.33
N ASN P 22 -7.27 67.24 -28.16
CA ASN P 22 -8.01 67.92 -27.10
C ASN P 22 -8.26 69.36 -27.49
N LYS P 23 -7.27 69.97 -28.13
CA LYS P 23 -7.38 71.35 -28.59
C LYS P 23 -8.46 71.45 -29.66
N LEU P 24 -8.56 70.44 -30.50
CA LEU P 24 -9.61 70.40 -31.52
C LEU P 24 -10.99 70.29 -30.88
N PHE P 25 -11.12 69.40 -29.89
CA PHE P 25 -12.40 69.20 -29.23
C PHE P 25 -12.79 70.44 -28.41
N GLU P 26 -11.80 71.18 -27.94
CA GLU P 26 -12.04 72.43 -27.22
C GLU P 26 -12.70 73.44 -28.15
N GLU P 27 -12.41 73.30 -29.44
CA GLU P 27 -12.95 74.17 -30.49
C GLU P 27 -14.22 73.60 -31.11
N ARG P 28 -14.76 72.55 -30.49
CA ARG P 28 -15.99 71.90 -30.94
C ARG P 28 -15.78 71.12 -32.24
N ILE P 29 -14.61 70.49 -32.37
CA ILE P 29 -14.29 69.67 -33.53
C ILE P 29 -14.14 68.21 -33.15
N ILE P 30 -15.06 67.38 -33.65
CA ILE P 30 -14.96 65.93 -33.49
C ILE P 30 -14.23 65.38 -34.70
N PHE P 31 -13.27 64.49 -34.45
CA PHE P 31 -12.45 63.93 -35.51
C PHE P 31 -12.77 62.46 -35.71
N LEU P 32 -13.33 62.14 -36.88
CA LEU P 32 -13.52 60.74 -37.25
C LEU P 32 -12.45 60.36 -38.24
N GLY P 33 -11.44 59.63 -37.74
CA GLY P 33 -10.26 59.29 -38.51
C GLY P 33 -10.17 57.82 -38.84
N VAL P 34 -11.15 57.05 -38.38
CA VAL P 34 -11.06 55.59 -38.42
C VAL P 34 -12.34 54.98 -38.97
N GLN P 35 -12.29 53.68 -39.26
CA GLN P 35 -13.47 52.96 -39.72
C GLN P 35 -14.59 53.07 -38.68
N VAL P 36 -15.82 53.12 -39.16
CA VAL P 36 -16.96 53.23 -38.25
C VAL P 36 -17.31 51.86 -37.66
N ASP P 37 -17.23 51.77 -36.34
CA ASP P 37 -17.59 50.55 -35.63
C ASP P 37 -18.21 50.94 -34.29
N ASP P 38 -18.57 49.93 -33.49
CA ASP P 38 -19.22 50.17 -32.22
C ASP P 38 -18.37 51.04 -31.32
N ALA P 39 -17.06 50.81 -31.33
CA ALA P 39 -16.14 51.60 -30.52
C ALA P 39 -16.13 53.05 -31.01
N SER P 40 -15.86 53.23 -32.29
CA SER P 40 -15.78 54.56 -32.89
C SER P 40 -17.13 55.28 -32.82
N ALA P 41 -18.20 54.54 -33.03
CA ALA P 41 -19.54 55.11 -33.01
C ALA P 41 -19.89 55.62 -31.63
N ASN P 42 -19.69 54.77 -30.62
CA ASN P 42 -19.98 55.14 -29.25
C ASN P 42 -19.18 56.36 -28.80
N ASP P 43 -17.93 56.43 -29.24
CA ASP P 43 -17.07 57.56 -28.89
C ASP P 43 -17.59 58.84 -29.51
N ILE P 44 -18.04 58.76 -30.75
CA ILE P 44 -18.54 59.94 -31.46
C ILE P 44 -19.86 60.42 -30.86
N MET P 45 -20.73 59.48 -30.53
CA MET P 45 -22.01 59.84 -29.92
C MET P 45 -21.78 60.53 -28.59
N ALA P 46 -20.84 59.99 -27.80
CA ALA P 46 -20.48 60.60 -26.53
C ALA P 46 -19.98 62.02 -26.75
N GLN P 47 -19.09 62.19 -27.72
CA GLN P 47 -18.54 63.52 -28.02
C GLN P 47 -19.64 64.48 -28.46
N LEU P 48 -20.55 63.99 -29.28
CA LEU P 48 -21.64 64.80 -29.79
C LEU P 48 -22.55 65.28 -28.67
N LEU P 49 -22.92 64.35 -27.79
CA LEU P 49 -23.82 64.67 -26.68
C LEU P 49 -23.17 65.60 -25.66
N VAL P 50 -21.85 65.56 -25.57
CA VAL P 50 -21.13 66.44 -24.66
C VAL P 50 -21.17 67.88 -25.17
N LEU P 51 -20.79 68.07 -26.43
CA LEU P 51 -20.79 69.40 -27.03
C LEU P 51 -22.20 69.97 -27.01
N GLU P 52 -23.19 69.10 -27.06
CA GLU P 52 -24.58 69.51 -26.91
C GLU P 52 -24.78 70.12 -25.53
N SER P 53 -24.29 69.42 -24.51
CA SER P 53 -24.45 69.85 -23.12
C SER P 53 -23.74 71.17 -22.85
N LEU P 54 -22.53 71.28 -23.35
CA LEU P 54 -21.70 72.44 -23.05
C LEU P 54 -22.27 73.71 -23.66
N ASP P 55 -22.49 73.70 -24.97
CA ASP P 55 -23.06 74.86 -25.65
C ASP P 55 -24.03 74.44 -26.76
N PRO P 56 -25.30 74.20 -26.41
CA PRO P 56 -26.25 73.73 -27.41
C PRO P 56 -26.50 74.72 -28.55
N ASP P 57 -26.15 75.99 -28.34
CA ASP P 57 -26.40 77.02 -29.33
C ASP P 57 -25.28 77.14 -30.37
N ARG P 58 -24.12 76.58 -30.07
CA ARG P 58 -22.96 76.67 -30.96
C ARG P 58 -22.84 75.46 -31.89
N ASP P 59 -22.48 75.72 -33.14
CA ASP P 59 -22.33 74.66 -34.13
C ASP P 59 -21.27 73.64 -33.75
N ILE P 60 -21.49 72.39 -34.17
CA ILE P 60 -20.52 71.32 -33.98
C ILE P 60 -19.86 70.96 -35.31
N THR P 61 -18.57 70.68 -35.26
CA THR P 61 -17.81 70.38 -36.47
C THR P 61 -17.30 68.93 -36.48
N MET P 62 -17.49 68.26 -37.61
CA MET P 62 -17.02 66.89 -37.79
C MET P 62 -16.02 66.80 -38.94
N TYR P 63 -14.77 66.48 -38.62
CA TYR P 63 -13.75 66.21 -39.64
C TYR P 63 -13.78 64.73 -39.97
N ILE P 64 -13.91 64.41 -41.25
CA ILE P 64 -14.08 63.02 -41.67
C ILE P 64 -12.98 62.56 -42.62
N ASN P 65 -12.15 61.65 -42.14
CA ASN P 65 -11.33 60.82 -43.02
C ASN P 65 -11.57 59.38 -42.60
N SER P 66 -12.30 58.62 -43.41
CA SER P 66 -12.71 57.27 -43.00
C SER P 66 -12.89 56.29 -44.16
N PRO P 67 -12.57 55.00 -43.94
CA PRO P 67 -12.91 53.96 -44.91
C PRO P 67 -14.40 53.64 -44.97
N GLY P 68 -15.14 54.07 -43.95
CA GLY P 68 -16.53 53.66 -43.79
C GLY P 68 -16.63 52.61 -42.71
N GLY P 69 -17.78 51.96 -42.60
CA GLY P 69 -17.96 50.95 -41.58
C GLY P 69 -19.35 50.36 -41.49
N GLY P 70 -19.66 49.78 -40.33
CA GLY P 70 -20.90 49.06 -40.13
C GLY P 70 -22.15 49.92 -40.26
N PHE P 71 -23.27 49.27 -40.54
CA PHE P 71 -24.53 49.97 -40.78
C PHE P 71 -25.16 50.47 -39.49
N THR P 72 -25.27 49.59 -38.50
CA THR P 72 -25.85 49.96 -37.22
C THR P 72 -25.04 51.06 -36.56
N SER P 73 -23.73 50.98 -36.68
CA SER P 73 -22.84 51.98 -36.12
C SER P 73 -23.02 53.32 -36.83
N LEU P 74 -23.27 53.28 -38.13
CA LEU P 74 -23.49 54.50 -38.89
C LEU P 74 -24.78 55.18 -38.47
N MET P 75 -25.86 54.40 -38.35
CA MET P 75 -27.15 54.98 -38.01
C MET P 75 -27.14 55.46 -36.58
N ALA P 76 -26.26 54.89 -35.77
CA ALA P 76 -26.06 55.36 -34.42
C ALA P 76 -25.48 56.78 -34.45
N ILE P 77 -24.45 56.96 -35.27
CA ILE P 77 -23.85 58.28 -35.44
C ILE P 77 -24.81 59.22 -36.14
N TYR P 78 -25.50 58.72 -37.17
CA TYR P 78 -26.41 59.55 -37.96
C TYR P 78 -27.53 60.12 -37.12
N ASP P 79 -28.25 59.28 -36.39
CA ASP P 79 -29.35 59.73 -35.55
C ASP P 79 -28.89 60.78 -34.55
N THR P 80 -27.72 60.56 -33.97
CA THR P 80 -27.18 61.48 -32.98
C THR P 80 -26.87 62.84 -33.60
N MET P 81 -26.31 62.82 -34.80
CA MET P 81 -26.03 64.06 -35.52
C MET P 81 -27.31 64.85 -35.73
N GLN P 82 -28.34 64.18 -36.20
CA GLN P 82 -29.61 64.82 -36.51
C GLN P 82 -30.37 65.22 -35.25
N TYR P 83 -30.17 64.48 -34.16
CA TYR P 83 -30.87 64.76 -32.92
C TYR P 83 -30.42 66.06 -32.30
N VAL P 84 -29.10 66.23 -32.19
CA VAL P 84 -28.52 67.38 -31.53
C VAL P 84 -29.08 68.69 -32.05
N ARG P 85 -29.37 69.60 -31.14
CA ARG P 85 -29.98 70.89 -31.46
C ARG P 85 -29.04 71.76 -32.29
N ALA P 86 -27.75 71.70 -31.97
CA ALA P 86 -26.75 72.46 -32.70
C ALA P 86 -26.60 71.98 -34.13
N ASP P 87 -26.35 72.90 -35.05
CA ASP P 87 -26.06 72.56 -36.43
C ASP P 87 -24.75 71.79 -36.50
N ILE P 88 -24.60 70.95 -37.53
CA ILE P 88 -23.39 70.15 -37.69
C ILE P 88 -22.73 70.39 -39.03
N GLN P 89 -21.47 70.82 -38.96
CA GLN P 89 -20.64 71.04 -40.13
C GLN P 89 -19.80 69.79 -40.38
N THR P 90 -19.76 69.35 -41.63
CA THR P 90 -18.96 68.18 -42.00
C THR P 90 -17.86 68.60 -42.96
N VAL P 91 -16.64 68.16 -42.67
CA VAL P 91 -15.48 68.45 -43.50
C VAL P 91 -14.75 67.15 -43.83
N CYS P 92 -14.49 66.93 -45.11
CA CYS P 92 -13.86 65.70 -45.56
C CYS P 92 -12.39 65.90 -45.89
N LEU P 93 -11.53 65.10 -45.25
CA LEU P 93 -10.09 65.15 -45.51
C LEU P 93 -9.60 63.84 -46.12
N GLY P 94 -9.30 63.88 -47.41
CA GLY P 94 -8.59 62.79 -48.08
C GLY P 94 -9.51 61.67 -48.54
N GLN P 95 -10.62 61.47 -47.83
CA GLN P 95 -11.71 60.62 -48.29
C GLN P 95 -12.87 60.51 -47.31
N ALA P 96 -14.04 60.18 -47.83
CA ALA P 96 -15.15 59.66 -47.04
C ALA P 96 -15.79 58.56 -47.87
N ALA P 97 -15.75 57.34 -47.38
CA ALA P 97 -16.14 56.18 -48.18
C ALA P 97 -17.27 55.40 -47.55
N SER P 98 -18.17 54.90 -48.39
CA SER P 98 -19.27 54.05 -47.94
C SER P 98 -20.08 54.76 -46.86
N ALA P 99 -20.10 54.19 -45.66
CA ALA P 99 -20.81 54.76 -44.53
C ALA P 99 -20.39 56.21 -44.28
N ALA P 100 -19.10 56.48 -44.37
CA ALA P 100 -18.56 57.80 -44.07
C ALA P 100 -19.09 58.85 -45.04
N ALA P 101 -19.37 58.43 -46.27
CA ALA P 101 -19.88 59.33 -47.29
C ALA P 101 -21.29 59.80 -46.92
N VAL P 102 -22.04 58.91 -46.27
CA VAL P 102 -23.38 59.24 -45.82
C VAL P 102 -23.30 60.24 -44.66
N LEU P 103 -22.38 60.00 -43.74
CA LEU P 103 -22.18 60.90 -42.60
C LEU P 103 -21.73 62.27 -43.09
N LEU P 104 -20.90 62.28 -44.13
CA LEU P 104 -20.44 63.52 -44.72
C LEU P 104 -21.63 64.31 -45.26
N ALA P 105 -22.54 63.61 -45.91
CA ALA P 105 -23.72 64.22 -46.52
C ALA P 105 -24.76 64.57 -45.48
N ALA P 106 -24.65 63.98 -44.30
CA ALA P 106 -25.67 64.12 -43.27
C ALA P 106 -25.51 65.41 -42.47
N GLY P 107 -24.47 66.19 -42.76
CA GLY P 107 -24.29 67.47 -42.12
C GLY P 107 -25.45 68.38 -42.48
N THR P 108 -25.67 69.43 -41.68
CA THR P 108 -26.77 70.33 -41.95
C THR P 108 -26.49 71.11 -43.24
N PRO P 109 -27.53 71.36 -44.05
CA PRO P 109 -27.37 72.00 -45.35
C PRO P 109 -26.57 73.30 -45.32
N GLY P 110 -25.65 73.44 -46.26
CA GLY P 110 -24.83 74.62 -46.41
C GLY P 110 -23.52 74.54 -45.64
N LYS P 111 -23.51 73.70 -44.61
CA LYS P 111 -22.34 73.53 -43.76
C LYS P 111 -21.50 72.30 -44.12
N ARG P 112 -21.89 71.58 -45.17
CA ARG P 112 -21.14 70.42 -45.64
C ARG P 112 -20.07 70.84 -46.66
N MET P 113 -18.83 70.50 -46.39
CA MET P 113 -17.72 70.91 -47.26
C MET P 113 -16.61 69.86 -47.33
N ALA P 114 -15.68 70.03 -48.26
CA ALA P 114 -14.56 69.11 -48.41
C ALA P 114 -13.31 69.83 -48.93
N LEU P 115 -12.15 69.20 -48.74
CA LEU P 115 -10.91 69.71 -49.28
C LEU P 115 -10.79 69.33 -50.74
N PRO P 116 -10.02 70.11 -51.52
CA PRO P 116 -10.01 69.95 -52.98
C PRO P 116 -9.60 68.56 -53.47
N ASN P 117 -8.58 67.97 -52.86
CA ASN P 117 -8.08 66.68 -53.30
C ASN P 117 -8.73 65.51 -52.56
N ALA P 118 -9.70 65.82 -51.71
CA ALA P 118 -10.48 64.77 -51.06
C ALA P 118 -11.35 64.06 -52.09
N ARG P 119 -11.74 62.83 -51.77
CA ARG P 119 -12.59 62.02 -52.65
C ARG P 119 -13.75 61.40 -51.88
N VAL P 120 -14.79 60.98 -52.58
CA VAL P 120 -15.95 60.36 -51.94
C VAL P 120 -16.40 59.10 -52.67
N LEU P 121 -16.56 58.03 -51.91
CA LEU P 121 -17.02 56.75 -52.44
C LEU P 121 -18.44 56.46 -51.98
N ILE P 122 -19.27 56.03 -52.92
CA ILE P 122 -20.63 55.58 -52.62
C ILE P 122 -20.84 54.22 -53.27
N HIS P 123 -21.27 53.24 -52.48
CA HIS P 123 -21.69 51.97 -53.05
C HIS P 123 -22.76 51.34 -52.17
N GLN P 124 -23.46 50.36 -52.72
CA GLN P 124 -24.49 49.68 -51.96
C GLN P 124 -23.84 48.84 -50.87
N PRO P 125 -24.57 48.57 -49.79
CA PRO P 125 -24.05 47.72 -48.72
C PRO P 125 -23.62 46.35 -49.22
N SER P 126 -22.48 45.88 -48.74
CA SER P 126 -21.95 44.58 -49.15
C SER P 126 -21.55 43.73 -47.95
N LEU P 127 -21.51 42.42 -48.16
CA LEU P 127 -21.07 41.48 -47.15
C LEU P 127 -19.84 40.72 -47.66
N SER P 128 -18.70 40.96 -47.03
CA SER P 128 -17.45 40.39 -47.48
C SER P 128 -17.37 38.90 -47.20
N GLY P 129 -17.80 38.50 -46.01
CA GLY P 129 -17.77 37.11 -45.61
C GLY P 129 -18.98 36.34 -46.10
N VAL P 130 -19.19 35.16 -45.52
CA VAL P 130 -20.35 34.33 -45.84
C VAL P 130 -21.14 34.00 -44.57
N ILE P 131 -22.45 34.23 -44.63
CA ILE P 131 -23.35 33.84 -43.55
C ILE P 131 -24.20 32.66 -44.03
N GLN P 132 -24.25 31.61 -43.22
CA GLN P 132 -24.89 30.36 -43.60
C GLN P 132 -26.05 29.98 -42.67
N GLY P 133 -26.94 29.14 -43.18
CA GLY P 133 -28.06 28.67 -42.40
C GLY P 133 -29.17 28.12 -43.27
N GLN P 134 -30.27 27.71 -42.65
CA GLN P 134 -31.42 27.22 -43.39
C GLN P 134 -32.01 28.36 -44.22
N PHE P 135 -32.70 28.01 -45.30
CA PHE P 135 -33.25 29.02 -46.20
C PHE P 135 -34.15 30.01 -45.47
N SER P 136 -34.83 29.55 -44.42
CA SER P 136 -35.69 30.43 -43.64
C SER P 136 -34.88 31.55 -43.00
N ASP P 137 -33.69 31.21 -42.52
CA ASP P 137 -32.81 32.18 -41.88
C ASP P 137 -32.24 33.15 -42.91
N LEU P 138 -31.78 32.61 -44.03
CA LEU P 138 -31.18 33.42 -45.08
C LEU P 138 -32.22 34.35 -45.69
N GLU P 139 -33.46 33.87 -45.78
CA GLU P 139 -34.56 34.66 -46.31
C GLU P 139 -34.79 35.90 -45.46
N ILE P 140 -34.59 35.75 -44.15
CA ILE P 140 -34.77 36.87 -43.22
C ILE P 140 -33.59 37.82 -43.31
N GLN P 141 -32.39 37.25 -43.38
CA GLN P 141 -31.19 38.06 -43.49
C GLN P 141 -31.22 38.85 -44.79
N ALA P 142 -31.56 38.17 -45.88
CA ALA P 142 -31.63 38.81 -47.20
C ALA P 142 -32.68 39.90 -47.21
N ALA P 143 -33.78 39.69 -46.49
CA ALA P 143 -34.83 40.68 -46.39
C ALA P 143 -34.32 41.91 -45.66
N GLU P 144 -33.59 41.68 -44.57
CA GLU P 144 -33.03 42.76 -43.79
C GLU P 144 -31.99 43.53 -44.59
N ILE P 145 -31.15 42.79 -45.31
CA ILE P 145 -30.09 43.40 -46.11
C ILE P 145 -30.69 44.36 -47.12
N GLU P 146 -31.82 43.98 -47.70
CA GLU P 146 -32.49 44.82 -48.67
C GLU P 146 -33.07 46.06 -47.99
N ARG P 147 -33.52 45.90 -46.76
CA ARG P 147 -34.05 47.02 -46.00
C ARG P 147 -32.94 48.04 -45.74
N MET P 148 -31.77 47.52 -45.39
CA MET P 148 -30.63 48.36 -45.10
C MET P 148 -30.13 49.08 -46.35
N ARG P 149 -30.18 48.38 -47.48
CA ARG P 149 -29.83 48.99 -48.75
C ARG P 149 -30.75 50.16 -49.08
N THR P 150 -32.04 49.91 -49.11
CA THR P 150 -33.03 50.94 -49.43
C THR P 150 -32.98 52.10 -48.44
N LEU P 151 -32.70 51.79 -47.18
CA LEU P 151 -32.67 52.81 -46.14
C LEU P 151 -31.48 53.73 -46.34
N MET P 152 -30.38 53.18 -46.83
CA MET P 152 -29.21 53.97 -47.14
C MET P 152 -29.51 54.86 -48.33
N GLU P 153 -30.29 54.33 -49.27
CA GLU P 153 -30.66 55.06 -50.47
C GLU P 153 -31.61 56.21 -50.16
N THR P 154 -32.60 55.96 -49.32
CA THR P 154 -33.55 57.00 -48.93
C THR P 154 -32.83 58.09 -48.15
N THR P 155 -31.95 57.70 -47.24
CA THR P 155 -31.23 58.65 -46.42
C THR P 155 -30.33 59.53 -47.30
N LEU P 156 -29.63 58.90 -48.23
CA LEU P 156 -28.79 59.64 -49.17
C LEU P 156 -29.64 60.54 -50.05
N ALA P 157 -30.85 60.08 -50.36
CA ALA P 157 -31.72 60.78 -51.30
C ALA P 157 -32.13 62.14 -50.80
N ARG P 158 -32.53 62.24 -49.54
CA ARG P 158 -33.06 63.49 -49.01
C ARG P 158 -31.96 64.50 -48.71
N HIS P 159 -30.77 64.00 -48.40
CA HIS P 159 -29.63 64.87 -48.11
C HIS P 159 -28.95 65.38 -49.38
N THR P 160 -28.87 64.54 -50.40
CA THR P 160 -28.28 64.93 -51.68
C THR P 160 -29.25 65.71 -52.57
N GLY P 161 -30.55 65.43 -52.42
CA GLY P 161 -31.57 66.06 -53.22
C GLY P 161 -32.00 65.20 -54.40
N LYS P 162 -31.22 64.17 -54.69
CA LYS P 162 -31.53 63.24 -55.76
C LYS P 162 -32.71 62.35 -55.38
N ASP P 163 -33.36 61.76 -56.38
CA ASP P 163 -34.43 60.81 -56.13
C ASP P 163 -33.82 59.49 -55.66
N ALA P 164 -34.55 58.77 -54.83
CA ALA P 164 -34.06 57.49 -54.30
C ALA P 164 -33.72 56.51 -55.40
N GLY P 165 -34.46 56.58 -56.51
CA GLY P 165 -34.22 55.69 -57.63
C GLY P 165 -32.88 55.95 -58.30
N VAL P 166 -32.49 57.22 -58.38
CA VAL P 166 -31.22 57.59 -59.01
C VAL P 166 -30.05 57.09 -58.17
N ILE P 167 -30.15 57.26 -56.85
CA ILE P 167 -29.12 56.79 -55.94
C ILE P 167 -28.89 55.30 -56.11
N ARG P 168 -29.99 54.55 -56.14
CA ARG P 168 -29.93 53.10 -56.28
C ARG P 168 -29.18 52.71 -57.54
N LYS P 169 -29.41 53.46 -58.62
CA LYS P 169 -28.78 53.18 -59.89
C LYS P 169 -27.29 53.51 -59.84
N ASP P 170 -26.97 54.65 -59.22
CA ASP P 170 -25.59 55.10 -59.15
C ASP P 170 -24.74 54.27 -58.18
N THR P 171 -25.36 53.77 -57.12
CA THR P 171 -24.64 53.03 -56.08
C THR P 171 -24.52 51.54 -56.40
N ASP P 172 -25.19 51.09 -57.45
CA ASP P 172 -25.12 49.69 -57.85
C ASP P 172 -23.66 49.28 -58.03
N ARG P 173 -22.88 50.17 -58.61
CA ARG P 173 -21.43 50.00 -58.70
C ARG P 173 -20.76 51.13 -57.95
N ASP P 174 -19.56 50.90 -57.47
CA ASP P 174 -18.80 51.91 -56.75
C ASP P 174 -18.66 53.19 -57.57
N LYS P 175 -19.01 54.32 -56.98
CA LYS P 175 -18.90 55.61 -57.65
C LYS P 175 -17.96 56.52 -56.87
N ILE P 176 -16.79 56.80 -57.46
CA ILE P 176 -15.82 57.67 -56.83
C ILE P 176 -16.05 59.10 -57.31
N LEU P 177 -16.05 60.03 -56.36
CA LEU P 177 -16.31 61.43 -56.66
C LEU P 177 -15.20 62.30 -56.12
N THR P 178 -14.74 63.24 -56.93
CA THR P 178 -13.79 64.25 -56.48
C THR P 178 -14.54 65.25 -55.63
N ALA P 179 -13.83 66.26 -55.13
CA ALA P 179 -14.46 67.28 -54.31
C ALA P 179 -15.58 67.97 -55.09
N GLU P 180 -15.25 68.48 -56.28
CA GLU P 180 -16.23 69.17 -57.10
C GLU P 180 -17.34 68.23 -57.55
N GLU P 181 -16.98 67.00 -57.88
CA GLU P 181 -17.95 66.02 -58.32
C GLU P 181 -18.89 65.70 -57.17
N ALA P 182 -18.37 65.77 -55.95
CA ALA P 182 -19.19 65.53 -54.77
C ALA P 182 -20.12 66.72 -54.53
N LYS P 183 -19.65 67.90 -54.91
CA LYS P 183 -20.46 69.12 -54.79
C LYS P 183 -21.64 69.09 -55.74
N ASP P 184 -21.38 68.68 -56.98
CA ASP P 184 -22.41 68.62 -58.00
C ASP P 184 -23.45 67.56 -57.67
N TYR P 185 -23.01 66.49 -57.03
CA TYR P 185 -23.89 65.38 -56.70
C TYR P 185 -24.84 65.76 -55.57
N GLY P 186 -24.42 66.73 -54.75
CA GLY P 186 -25.22 67.20 -53.64
C GLY P 186 -24.79 66.64 -52.30
N ILE P 187 -23.63 65.99 -52.28
CA ILE P 187 -23.09 65.43 -51.04
C ILE P 187 -22.47 66.50 -50.16
N ILE P 188 -21.75 67.45 -50.78
CA ILE P 188 -21.19 68.59 -50.06
C ILE P 188 -21.64 69.88 -50.72
N ASP P 189 -21.71 70.95 -49.94
CA ASP P 189 -22.15 72.24 -50.45
C ASP P 189 -21.03 73.01 -51.13
N THR P 190 -19.84 72.98 -50.55
CA THR P 190 -18.71 73.75 -51.07
C THR P 190 -17.38 73.02 -50.92
N VAL P 191 -16.37 73.50 -51.65
CA VAL P 191 -15.02 72.96 -51.59
C VAL P 191 -14.08 74.03 -51.05
N LEU P 192 -13.40 73.72 -49.95
CA LEU P 192 -12.50 74.67 -49.31
C LEU P 192 -11.35 75.04 -50.22
N GLU P 193 -10.99 76.33 -50.23
CA GLU P 193 -9.85 76.82 -51.00
C GLU P 193 -8.69 77.17 -50.08
N TYR P 194 -7.47 76.97 -50.58
CA TYR P 194 -6.27 77.26 -49.82
C TYR P 194 -6.24 78.72 -49.37
N ARG P 195 -5.92 78.92 -48.10
CA ARG P 195 -5.92 80.27 -47.52
C ARG P 195 -4.54 80.92 -47.61
N LYS P 196 -3.60 80.23 -48.25
CA LYS P 196 -2.22 80.68 -48.30
C LYS P 196 -2.09 81.99 -49.08
N ILE Q 3 -8.95 56.93 -30.44
CA ILE Q 3 -8.56 58.04 -29.58
C ILE Q 3 -9.78 58.85 -29.16
N LEU Q 4 -9.95 59.01 -27.86
CA LEU Q 4 -11.09 59.71 -27.29
C LEU Q 4 -10.62 60.97 -26.58
N PRO Q 5 -11.02 62.16 -27.07
CA PRO Q 5 -10.49 63.38 -26.46
C PRO Q 5 -11.13 63.70 -25.13
N SER Q 6 -10.35 64.26 -24.21
CA SER Q 6 -10.84 64.74 -22.93
C SER Q 6 -11.00 66.24 -22.99
N PHE Q 7 -12.04 66.75 -22.35
CA PHE Q 7 -12.34 68.17 -22.36
C PHE Q 7 -12.14 68.75 -20.97
N ILE Q 8 -12.34 70.05 -20.84
CA ILE Q 8 -12.05 70.75 -19.59
C ILE Q 8 -13.19 71.67 -19.19
N GLU Q 9 -13.52 71.62 -17.91
CA GLU Q 9 -14.58 72.45 -17.34
C GLU Q 9 -14.03 73.23 -16.16
N HIS Q 10 -14.61 74.40 -15.91
CA HIS Q 10 -14.12 75.27 -14.86
C HIS Q 10 -15.27 75.99 -14.16
N SER Q 11 -15.12 76.13 -12.85
CA SER Q 11 -16.08 76.87 -12.04
C SER Q 11 -15.31 77.67 -11.00
N SER Q 12 -16.02 78.57 -10.31
CA SER Q 12 -15.41 79.37 -9.27
C SER Q 12 -14.73 78.52 -8.21
N PHE Q 13 -15.16 77.27 -8.09
CA PHE Q 13 -14.58 76.34 -7.12
C PHE Q 13 -13.32 75.64 -7.60
N GLY Q 14 -13.10 75.59 -8.90
CA GLY Q 14 -11.92 74.93 -9.44
C GLY Q 14 -12.03 74.51 -10.89
N VAL Q 15 -11.00 73.81 -11.37
CA VAL Q 15 -10.94 73.30 -12.73
C VAL Q 15 -11.04 71.78 -12.75
N LYS Q 16 -11.77 71.25 -13.73
CA LYS Q 16 -12.02 69.82 -13.85
C LYS Q 16 -11.73 69.32 -15.26
N GLU Q 17 -10.77 68.39 -15.38
CA GLU Q 17 -10.52 67.71 -16.64
C GLU Q 17 -11.21 66.35 -16.60
N SER Q 18 -12.06 66.07 -17.58
CA SER Q 18 -12.87 64.86 -17.56
C SER Q 18 -13.05 64.19 -18.92
N ASN Q 19 -13.36 62.89 -18.86
CA ASN Q 19 -13.58 62.06 -20.03
C ASN Q 19 -15.07 62.13 -20.42
N PRO Q 20 -15.38 62.13 -21.73
CA PRO Q 20 -16.78 62.14 -22.15
C PRO Q 20 -17.68 61.12 -21.44
N TYR Q 21 -17.20 59.89 -21.26
CA TYR Q 21 -18.02 58.87 -20.63
C TYR Q 21 -18.21 59.15 -19.14
N ASN Q 22 -17.26 59.85 -18.54
CA ASN Q 22 -17.38 60.25 -17.14
C ASN Q 22 -18.46 61.32 -16.99
N LYS Q 23 -18.54 62.21 -17.97
CA LYS Q 23 -19.54 63.27 -17.97
C LYS Q 23 -20.93 62.68 -18.08
N LEU Q 24 -21.06 61.61 -18.85
CA LEU Q 24 -22.33 60.93 -19.00
C LEU Q 24 -22.74 60.31 -17.66
N PHE Q 25 -21.78 59.67 -16.99
CA PHE Q 25 -22.04 59.01 -15.71
C PHE Q 25 -22.36 60.04 -14.62
N GLU Q 26 -21.80 61.24 -14.75
CA GLU Q 26 -22.11 62.33 -13.83
C GLU Q 26 -23.57 62.72 -13.97
N GLU Q 27 -24.10 62.53 -15.16
CA GLU Q 27 -25.48 62.85 -15.48
C GLU Q 27 -26.37 61.62 -15.29
N ARG Q 28 -25.81 60.58 -14.68
CA ARG Q 28 -26.52 59.34 -14.39
C ARG Q 28 -26.82 58.54 -15.65
N ILE Q 29 -25.89 58.53 -16.59
CA ILE Q 29 -26.03 57.77 -17.83
C ILE Q 29 -25.01 56.64 -17.89
N ILE Q 30 -25.52 55.41 -17.82
CA ILE Q 30 -24.68 54.22 -18.02
C ILE Q 30 -24.73 53.83 -19.49
N PHE Q 31 -23.56 53.56 -20.06
CA PHE Q 31 -23.45 53.25 -21.48
C PHE Q 31 -23.07 51.78 -21.70
N LEU Q 32 -23.98 51.02 -22.28
CA LEU Q 32 -23.66 49.66 -22.71
C LEU Q 32 -23.46 49.66 -24.21
N GLY Q 33 -22.19 49.62 -24.61
CA GLY Q 33 -21.81 49.74 -26.02
C GLY Q 33 -21.25 48.48 -26.63
N VAL Q 34 -21.16 47.42 -25.82
CA VAL Q 34 -20.41 46.23 -26.19
C VAL Q 34 -21.23 44.97 -25.93
N GLN Q 35 -20.74 43.84 -26.43
CA GLN Q 35 -21.39 42.56 -26.17
C GLN Q 35 -21.45 42.31 -24.68
N VAL Q 36 -22.53 41.67 -24.23
CA VAL Q 36 -22.71 41.38 -22.82
C VAL Q 36 -21.90 40.16 -22.40
N ASP Q 37 -21.00 40.35 -21.46
CA ASP Q 37 -20.22 39.25 -20.90
C ASP Q 37 -19.98 39.49 -19.42
N ASP Q 38 -19.27 38.58 -18.77
CA ASP Q 38 -19.03 38.70 -17.35
C ASP Q 38 -18.30 40.00 -17.01
N ALA Q 39 -17.36 40.39 -17.86
CA ALA Q 39 -16.62 41.63 -17.65
C ALA Q 39 -17.56 42.82 -17.76
N SER Q 40 -18.27 42.90 -18.87
CA SER Q 40 -19.19 44.00 -19.13
C SER Q 40 -20.33 44.02 -18.11
N ALA Q 41 -20.81 42.84 -17.74
CA ALA Q 41 -21.91 42.73 -16.81
C ALA Q 41 -21.50 43.24 -15.44
N ASN Q 42 -20.36 42.77 -14.95
CA ASN Q 42 -19.85 43.19 -13.66
C ASN Q 42 -19.65 44.70 -13.60
N ASP Q 43 -19.16 45.28 -14.70
CA ASP Q 43 -18.94 46.71 -14.75
C ASP Q 43 -20.25 47.47 -14.69
N ILE Q 44 -21.28 46.96 -15.37
CA ILE Q 44 -22.57 47.63 -15.39
C ILE Q 44 -23.27 47.53 -14.04
N MET Q 45 -23.17 46.37 -13.40
CA MET Q 45 -23.78 46.18 -12.09
C MET Q 45 -23.15 47.12 -11.08
N ALA Q 46 -21.82 47.26 -11.15
CA ALA Q 46 -21.10 48.17 -10.28
C ALA Q 46 -21.61 49.59 -10.48
N GLN Q 47 -21.75 50.00 -11.73
CA GLN Q 47 -22.22 51.35 -12.05
C GLN Q 47 -23.63 51.58 -11.53
N LEU Q 48 -24.50 50.57 -11.69
CA LEU Q 48 -25.88 50.68 -11.25
C LEU Q 48 -25.98 50.85 -9.74
N LEU Q 49 -25.24 50.04 -9.00
CA LEU Q 49 -25.29 50.09 -7.54
C LEU Q 49 -24.71 51.38 -7.00
N VAL Q 50 -23.80 52.00 -7.74
CA VAL Q 50 -23.23 53.27 -7.33
C VAL Q 50 -24.26 54.38 -7.43
N LEU Q 51 -24.88 54.50 -8.61
CA LEU Q 51 -25.89 55.53 -8.82
C LEU Q 51 -27.04 55.35 -7.85
N GLU Q 52 -27.26 54.11 -7.42
CA GLU Q 52 -28.22 53.82 -6.37
C GLU Q 52 -27.77 54.49 -5.07
N SER Q 53 -26.50 54.31 -4.73
CA SER Q 53 -25.95 54.83 -3.49
C SER Q 53 -25.98 56.35 -3.44
N LEU Q 54 -25.59 56.97 -4.53
CA LEU Q 54 -25.45 58.42 -4.58
C LEU Q 54 -26.80 59.12 -4.45
N ASP Q 55 -27.74 58.79 -5.34
CA ASP Q 55 -29.07 59.39 -5.30
C ASP Q 55 -30.15 58.36 -5.66
N PRO Q 56 -30.61 57.58 -4.67
CA PRO Q 56 -31.57 56.50 -4.98
C PRO Q 56 -32.91 56.96 -5.54
N ASP Q 57 -33.27 58.23 -5.36
CA ASP Q 57 -34.57 58.73 -5.80
C ASP Q 57 -34.57 59.20 -7.25
N ARG Q 58 -33.40 59.40 -7.83
CA ARG Q 58 -33.28 59.92 -9.19
C ARG Q 58 -33.16 58.79 -10.21
N ASP Q 59 -33.81 58.96 -11.36
CA ASP Q 59 -33.79 57.96 -12.41
C ASP Q 59 -32.38 57.68 -12.91
N ILE Q 60 -32.16 56.43 -13.32
CA ILE Q 60 -30.92 56.03 -13.95
C ILE Q 60 -31.17 55.80 -15.42
N THR Q 61 -30.23 56.21 -16.27
CA THR Q 61 -30.39 56.11 -17.71
C THR Q 61 -29.41 55.12 -18.31
N MET Q 62 -29.90 54.24 -19.18
CA MET Q 62 -29.06 53.26 -19.86
C MET Q 62 -29.12 53.43 -21.38
N TYR Q 63 -28.00 53.82 -21.97
CA TYR Q 63 -27.86 53.87 -23.42
C TYR Q 63 -27.35 52.52 -23.93
N ILE Q 64 -28.06 51.94 -24.88
CA ILE Q 64 -27.77 50.59 -25.36
C ILE Q 64 -27.46 50.52 -26.85
N ASN Q 65 -26.21 50.20 -27.16
CA ASN Q 65 -25.86 49.69 -28.49
C ASN Q 65 -25.08 48.40 -28.30
N SER Q 66 -25.70 47.26 -28.61
CA SER Q 66 -25.07 45.98 -28.33
C SER Q 66 -25.48 44.86 -29.29
N PRO Q 67 -24.54 43.93 -29.60
CA PRO Q 67 -24.88 42.71 -30.32
C PRO Q 67 -25.67 41.69 -29.47
N GLY Q 68 -25.64 41.88 -28.16
CA GLY Q 68 -26.18 40.90 -27.22
C GLY Q 68 -25.07 40.12 -26.55
N GLY Q 69 -25.40 39.05 -25.86
CA GLY Q 69 -24.40 38.26 -25.16
C GLY Q 69 -24.93 37.13 -24.30
N GLY Q 70 -24.11 36.70 -23.35
CA GLY Q 70 -24.42 35.53 -22.53
C GLY Q 70 -25.68 35.67 -21.70
N PHE Q 71 -26.23 34.52 -21.32
CA PHE Q 71 -27.48 34.48 -20.58
C PHE Q 71 -27.29 34.86 -19.11
N THR Q 72 -26.31 34.24 -18.47
CA THR Q 72 -26.02 34.51 -17.06
C THR Q 72 -25.65 35.97 -16.88
N SER Q 73 -24.89 36.50 -17.82
CA SER Q 73 -24.47 37.89 -17.77
C SER Q 73 -25.66 38.82 -17.92
N LEU Q 74 -26.61 38.45 -18.77
CA LEU Q 74 -27.81 39.25 -18.99
C LEU Q 74 -28.69 39.31 -17.76
N MET Q 75 -28.92 38.15 -17.15
CA MET Q 75 -29.80 38.08 -16.00
C MET Q 75 -29.17 38.76 -14.81
N ALA Q 76 -27.85 38.85 -14.82
CA ALA Q 76 -27.14 39.59 -13.79
C ALA Q 76 -27.49 41.06 -13.91
N ILE Q 77 -27.42 41.59 -15.12
CA ILE Q 77 -27.77 42.98 -15.38
C ILE Q 77 -29.25 43.20 -15.16
N TYR Q 78 -30.06 42.25 -15.63
CA TYR Q 78 -31.51 42.39 -15.55
C TYR Q 78 -31.96 42.49 -14.09
N ASP Q 79 -31.54 41.54 -13.26
CA ASP Q 79 -31.91 41.53 -11.85
C ASP Q 79 -31.48 42.82 -11.16
N THR Q 80 -30.28 43.28 -11.48
CA THR Q 80 -29.75 44.48 -10.85
C THR Q 80 -30.57 45.69 -11.26
N MET Q 81 -30.97 45.74 -12.53
CA MET Q 81 -31.81 46.83 -13.01
C MET Q 81 -33.11 46.88 -12.23
N GLN Q 82 -33.75 45.73 -12.07
CA GLN Q 82 -35.05 45.66 -11.40
C GLN Q 82 -34.91 45.87 -9.89
N TYR Q 83 -33.78 45.48 -9.31
CA TYR Q 83 -33.59 45.62 -7.88
C TYR Q 83 -33.49 47.06 -7.44
N VAL Q 84 -32.64 47.82 -8.13
CA VAL Q 84 -32.36 49.20 -7.76
C VAL Q 84 -33.65 49.98 -7.62
N ARG Q 85 -33.75 50.79 -6.57
CA ARG Q 85 -34.98 51.52 -6.27
C ARG Q 85 -35.33 52.54 -7.34
N ALA Q 86 -34.31 53.18 -7.90
CA ALA Q 86 -34.52 54.18 -8.92
C ALA Q 86 -35.13 53.60 -10.18
N ASP Q 87 -35.99 54.36 -10.83
CA ASP Q 87 -36.53 53.98 -12.13
C ASP Q 87 -35.38 53.95 -13.12
N ILE Q 88 -35.51 53.13 -14.16
CA ILE Q 88 -34.47 52.98 -15.16
C ILE Q 88 -34.98 53.28 -16.55
N GLN Q 89 -34.35 54.26 -17.19
CA GLN Q 89 -34.67 54.65 -18.56
C GLN Q 89 -33.73 53.93 -19.52
N THR Q 90 -34.29 53.35 -20.58
CA THR Q 90 -33.50 52.65 -21.58
C THR Q 90 -33.58 53.35 -22.93
N VAL Q 91 -32.42 53.54 -23.56
CA VAL Q 91 -32.34 54.16 -24.87
C VAL Q 91 -31.50 53.31 -25.81
N CYS Q 92 -32.03 53.04 -27.00
CA CYS Q 92 -31.35 52.19 -27.98
C CYS Q 92 -30.72 53.02 -29.09
N LEU Q 93 -29.42 52.85 -29.29
CA LEU Q 93 -28.70 53.53 -30.36
C LEU Q 93 -28.12 52.56 -31.37
N GLY Q 94 -28.73 52.51 -32.55
CA GLY Q 94 -28.17 51.82 -33.69
C GLY Q 94 -28.50 50.33 -33.73
N GLN Q 95 -28.69 49.73 -32.55
CA GLN Q 95 -29.29 48.40 -32.42
C GLN Q 95 -29.37 47.93 -30.97
N ALA Q 96 -30.28 47.00 -30.73
CA ALA Q 96 -30.26 46.18 -29.53
C ALA Q 96 -30.61 44.77 -29.95
N ALA Q 97 -29.68 43.83 -29.77
CA ALA Q 97 -29.84 42.49 -30.34
C ALA Q 97 -29.77 41.40 -29.28
N SER Q 98 -30.61 40.39 -29.45
CA SER Q 98 -30.61 39.23 -28.58
C SER Q 98 -30.76 39.64 -27.12
N ALA Q 99 -29.75 39.34 -26.32
CA ALA Q 99 -29.73 39.67 -24.90
C ALA Q 99 -30.02 41.15 -24.66
N ALA Q 100 -29.40 41.99 -25.47
CA ALA Q 100 -29.52 43.44 -25.30
C ALA Q 100 -30.94 43.92 -25.50
N ALA Q 101 -31.69 43.22 -26.35
CA ALA Q 101 -33.07 43.58 -26.63
C ALA Q 101 -33.95 43.37 -25.39
N VAL Q 102 -33.62 42.36 -24.60
CA VAL Q 102 -34.35 42.10 -23.38
C VAL Q 102 -34.11 43.21 -22.37
N LEU Q 103 -32.85 43.64 -22.26
CA LEU Q 103 -32.49 44.71 -21.35
C LEU Q 103 -33.19 46.00 -21.75
N LEU Q 104 -33.32 46.22 -23.05
CA LEU Q 104 -34.02 47.38 -23.56
C LEU Q 104 -35.46 47.36 -23.10
N ALA Q 105 -36.09 46.19 -23.17
CA ALA Q 105 -37.48 46.05 -22.77
C ALA Q 105 -37.63 46.02 -21.26
N ALA Q 106 -36.53 45.76 -20.56
CA ALA Q 106 -36.57 45.60 -19.11
C ALA Q 106 -36.53 46.94 -18.39
N GLY Q 107 -36.43 48.02 -19.15
CA GLY Q 107 -36.49 49.36 -18.57
C GLY Q 107 -37.86 49.56 -17.96
N THR Q 108 -37.99 50.53 -17.06
CA THR Q 108 -39.27 50.77 -16.42
C THR Q 108 -40.27 51.29 -17.43
N PRO Q 109 -41.55 50.85 -17.33
CA PRO Q 109 -42.57 51.24 -18.30
C PRO Q 109 -42.69 52.74 -18.53
N GLY Q 110 -42.78 53.12 -19.79
CA GLY Q 110 -42.94 54.51 -20.19
C GLY Q 110 -41.63 55.22 -20.42
N LYS Q 111 -40.57 54.71 -19.79
CA LYS Q 111 -39.25 55.30 -19.88
C LYS Q 111 -38.34 54.58 -20.89
N ARG Q 112 -38.89 53.58 -21.58
CA ARG Q 112 -38.16 52.87 -22.62
C ARG Q 112 -38.33 53.54 -23.97
N MET Q 113 -37.21 53.90 -24.61
CA MET Q 113 -37.26 54.62 -25.88
C MET Q 113 -36.12 54.22 -26.82
N ALA Q 114 -36.21 54.64 -28.07
CA ALA Q 114 -35.16 54.37 -29.05
C ALA Q 114 -35.08 55.47 -30.11
N LEU Q 115 -33.95 55.53 -30.80
CA LEU Q 115 -33.76 56.47 -31.90
C LEU Q 115 -34.40 55.91 -33.17
N PRO Q 116 -34.79 56.80 -34.10
CA PRO Q 116 -35.60 56.38 -35.25
C PRO Q 116 -34.98 55.30 -36.14
N ASN Q 117 -33.68 55.41 -36.42
CA ASN Q 117 -33.03 54.46 -37.32
C ASN Q 117 -32.39 53.28 -36.60
N ALA Q 118 -32.58 53.21 -35.29
CA ALA Q 118 -32.13 52.04 -34.52
C ALA Q 118 -32.97 50.82 -34.91
N ARG Q 119 -32.43 49.64 -34.65
CA ARG Q 119 -33.16 48.40 -34.93
C ARG Q 119 -33.16 47.51 -33.70
N VAL Q 120 -34.05 46.54 -33.65
CA VAL Q 120 -34.13 45.61 -32.54
C VAL Q 120 -34.24 44.19 -33.05
N LEU Q 121 -33.35 43.32 -32.57
CA LEU Q 121 -33.33 41.92 -32.96
C LEU Q 121 -33.77 41.03 -31.79
N ILE Q 122 -34.65 40.08 -32.08
CA ILE Q 122 -35.06 39.09 -31.10
C ILE Q 122 -34.93 37.70 -31.70
N HIS Q 123 -34.22 36.80 -31.01
CA HIS Q 123 -34.23 35.40 -31.40
C HIS Q 123 -34.04 34.53 -30.17
N GLN Q 124 -34.33 33.24 -30.32
CA GLN Q 124 -34.17 32.31 -29.22
C GLN Q 124 -32.70 32.09 -28.94
N PRO Q 125 -32.37 31.68 -27.71
CA PRO Q 125 -30.98 31.34 -27.37
C PRO Q 125 -30.38 30.29 -28.27
N SER Q 126 -29.12 30.50 -28.68
CA SER Q 126 -28.43 29.57 -29.56
C SER Q 126 -27.05 29.23 -29.02
N LEU Q 127 -26.54 28.07 -29.43
CA LEU Q 127 -25.20 27.64 -29.08
C LEU Q 127 -24.39 27.46 -30.37
N SER Q 128 -23.39 28.30 -30.56
CA SER Q 128 -22.61 28.30 -31.80
C SER Q 128 -21.69 27.09 -31.88
N GLY Q 129 -21.05 26.77 -30.77
CA GLY Q 129 -20.13 25.64 -30.72
C GLY Q 129 -20.87 24.34 -30.45
N VAL Q 130 -20.12 23.30 -30.09
CA VAL Q 130 -20.69 22.01 -29.76
C VAL Q 130 -20.23 21.57 -28.38
N ILE Q 131 -21.18 21.15 -27.54
CA ILE Q 131 -20.86 20.56 -26.24
C ILE Q 131 -21.13 19.07 -26.32
N GLN Q 132 -20.16 18.29 -25.87
CA GLN Q 132 -20.19 16.84 -26.02
C GLN Q 132 -20.17 16.15 -24.66
N GLY Q 133 -20.65 14.90 -24.64
CA GLY Q 133 -20.66 14.12 -23.43
C GLY Q 133 -21.64 12.97 -23.52
N GLN Q 134 -21.76 12.22 -22.43
CA GLN Q 134 -22.73 11.14 -22.34
C GLN Q 134 -24.15 11.70 -22.39
N PHE Q 135 -25.10 10.87 -22.83
CA PHE Q 135 -26.48 11.32 -22.97
C PHE Q 135 -27.04 11.86 -21.66
N SER Q 136 -26.59 11.31 -20.54
CA SER Q 136 -27.02 11.77 -19.22
C SER Q 136 -26.64 13.24 -19.00
N ASP Q 137 -25.43 13.59 -19.41
CA ASP Q 137 -24.97 14.97 -19.26
C ASP Q 137 -25.69 15.89 -20.22
N LEU Q 138 -25.84 15.45 -21.46
CA LEU Q 138 -26.51 16.23 -22.49
C LEU Q 138 -27.99 16.40 -22.16
N GLU Q 139 -28.58 15.38 -21.54
CA GLU Q 139 -29.97 15.45 -21.12
C GLU Q 139 -30.17 16.59 -20.13
N ILE Q 140 -29.16 16.80 -19.29
CA ILE Q 140 -29.20 17.86 -18.29
C ILE Q 140 -28.95 19.23 -18.91
N GLN Q 141 -27.98 19.28 -19.82
CA GLN Q 141 -27.67 20.52 -20.51
C GLN Q 141 -28.86 20.97 -21.33
N ALA Q 142 -29.44 20.02 -22.06
CA ALA Q 142 -30.61 20.29 -22.89
C ALA Q 142 -31.78 20.74 -22.04
N ALA Q 143 -31.90 20.19 -20.84
CA ALA Q 143 -32.96 20.53 -19.92
C ALA Q 143 -32.82 21.97 -19.46
N GLU Q 144 -31.59 22.36 -19.15
CA GLU Q 144 -31.31 23.73 -18.72
C GLU Q 144 -31.58 24.70 -19.87
N ILE Q 145 -31.15 24.32 -21.06
CA ILE Q 145 -31.31 25.18 -22.24
C ILE Q 145 -32.77 25.51 -22.50
N GLU Q 146 -33.66 24.54 -22.25
CA GLU Q 146 -35.08 24.78 -22.44
C GLU Q 146 -35.60 25.74 -21.39
N ARG Q 147 -35.06 25.64 -20.18
CA ARG Q 147 -35.45 26.52 -19.09
C ARG Q 147 -35.04 27.95 -19.43
N MET Q 148 -33.83 28.10 -19.96
CA MET Q 148 -33.30 29.41 -20.30
C MET Q 148 -34.10 30.00 -21.44
N ARG Q 149 -34.50 29.15 -22.39
CA ARG Q 149 -35.35 29.58 -23.49
C ARG Q 149 -36.67 30.12 -22.96
N THR Q 150 -37.37 29.29 -22.19
CA THR Q 150 -38.67 29.65 -21.64
C THR Q 150 -38.58 30.89 -20.75
N LEU Q 151 -37.47 31.02 -20.04
CA LEU Q 151 -37.28 32.13 -19.13
C LEU Q 151 -37.09 33.44 -19.88
N MET Q 152 -36.42 33.38 -21.03
CA MET Q 152 -36.26 34.56 -21.87
C MET Q 152 -37.62 34.94 -22.44
N GLU Q 153 -38.41 33.92 -22.76
CA GLU Q 153 -39.74 34.13 -23.31
C GLU Q 153 -40.66 34.71 -22.25
N THR Q 154 -40.55 34.19 -21.04
CA THR Q 154 -41.37 34.65 -19.92
C THR Q 154 -41.07 36.10 -19.57
N THR Q 155 -39.78 36.42 -19.48
CA THR Q 155 -39.36 37.77 -19.13
C THR Q 155 -39.74 38.78 -20.21
N LEU Q 156 -39.52 38.42 -21.48
CA LEU Q 156 -39.90 39.29 -22.58
C LEU Q 156 -41.39 39.50 -22.61
N ALA Q 157 -42.14 38.47 -22.24
CA ALA Q 157 -43.59 38.50 -22.34
C ALA Q 157 -44.20 39.56 -21.43
N ARG Q 158 -43.74 39.62 -20.18
CA ARG Q 158 -44.36 40.50 -19.19
C ARG Q 158 -43.96 41.95 -19.40
N HIS Q 159 -42.78 42.17 -19.96
CA HIS Q 159 -42.33 43.52 -20.23
C HIS Q 159 -42.94 44.07 -21.52
N THR Q 160 -43.09 43.21 -22.52
CA THR Q 160 -43.73 43.61 -23.78
C THR Q 160 -45.25 43.58 -23.67
N GLY Q 161 -45.78 42.71 -22.82
CA GLY Q 161 -47.21 42.56 -22.65
C GLY Q 161 -47.81 41.42 -23.48
N LYS Q 162 -47.03 40.91 -24.42
CA LYS Q 162 -47.47 39.80 -25.26
C LYS Q 162 -47.52 38.52 -24.43
N ASP Q 163 -48.27 37.53 -24.91
CA ASP Q 163 -48.32 36.24 -24.26
C ASP Q 163 -47.02 35.49 -24.54
N ALA Q 164 -46.61 34.65 -23.59
CA ALA Q 164 -45.37 33.90 -23.72
C ALA Q 164 -45.37 33.06 -24.98
N GLY Q 165 -46.55 32.58 -25.38
CA GLY Q 165 -46.69 31.76 -26.56
C GLY Q 165 -46.37 32.55 -27.82
N VAL Q 166 -46.75 33.81 -27.83
CA VAL Q 166 -46.50 34.68 -28.98
C VAL Q 166 -44.99 34.91 -29.12
N ILE Q 167 -44.36 35.20 -28.00
CA ILE Q 167 -42.92 35.42 -27.97
C ILE Q 167 -42.20 34.19 -28.48
N ARG Q 168 -42.59 33.02 -27.98
CA ARG Q 168 -41.97 31.76 -28.37
C ARG Q 168 -42.04 31.54 -29.87
N LYS Q 169 -43.18 31.91 -30.46
CA LYS Q 169 -43.39 31.75 -31.88
C LYS Q 169 -42.57 32.77 -32.68
N ASP Q 170 -42.56 34.01 -32.19
CA ASP Q 170 -41.88 35.08 -32.89
C ASP Q 170 -40.36 34.96 -32.80
N THR Q 171 -39.86 34.40 -31.71
CA THR Q 171 -38.42 34.29 -31.49
C THR Q 171 -37.82 33.03 -32.10
N ASP Q 172 -38.68 32.14 -32.59
CA ASP Q 172 -38.21 30.90 -33.21
C ASP Q 172 -37.22 31.21 -34.33
N ARG Q 173 -37.52 32.25 -35.09
CA ARG Q 173 -36.60 32.78 -36.11
C ARG Q 173 -36.27 34.22 -35.75
N ASP Q 174 -35.10 34.69 -36.20
CA ASP Q 174 -34.69 36.05 -35.94
C ASP Q 174 -35.74 37.05 -36.45
N LYS Q 175 -36.14 37.96 -35.57
CA LYS Q 175 -37.12 38.97 -35.92
C LYS Q 175 -36.53 40.36 -35.75
N ILE Q 176 -36.32 41.05 -36.88
CA ILE Q 176 -35.77 42.39 -36.85
C ILE Q 176 -36.89 43.42 -36.83
N LEU Q 177 -36.76 44.39 -35.93
CA LEU Q 177 -37.77 45.43 -35.76
C LEU Q 177 -37.16 46.82 -35.88
N THR Q 178 -37.80 47.69 -36.62
CA THR Q 178 -37.41 49.09 -36.66
C THR Q 178 -37.82 49.75 -35.35
N ALA Q 179 -37.55 51.03 -35.21
CA ALA Q 179 -37.95 51.77 -34.01
C ALA Q 179 -39.45 51.68 -33.82
N GLU Q 180 -40.18 52.02 -34.88
CA GLU Q 180 -41.64 52.01 -34.83
C GLU Q 180 -42.18 50.59 -34.64
N GLU Q 181 -41.56 49.63 -35.31
CA GLU Q 181 -41.99 48.24 -35.18
C GLU Q 181 -41.74 47.73 -33.77
N ALA Q 182 -40.67 48.23 -33.15
CA ALA Q 182 -40.33 47.85 -31.79
C ALA Q 182 -41.28 48.49 -30.80
N LYS Q 183 -41.79 49.67 -31.13
CA LYS Q 183 -42.75 50.36 -30.29
C LYS Q 183 -44.07 49.62 -30.26
N ASP Q 184 -44.52 49.18 -31.43
CA ASP Q 184 -45.78 48.45 -31.54
C ASP Q 184 -45.68 47.10 -30.84
N TYR Q 185 -44.51 46.50 -30.87
CA TYR Q 185 -44.31 45.19 -30.25
C TYR Q 185 -44.34 45.28 -28.73
N GLY Q 186 -44.01 46.45 -28.20
CA GLY Q 186 -44.02 46.68 -26.77
C GLY Q 186 -42.65 46.62 -26.13
N ILE Q 187 -41.60 46.61 -26.95
CA ILE Q 187 -40.23 46.57 -26.45
C ILE Q 187 -39.81 47.96 -25.98
N ILE Q 188 -40.22 48.99 -26.73
CA ILE Q 188 -39.97 50.36 -26.32
C ILE Q 188 -41.29 51.13 -26.30
N ASP Q 189 -41.36 52.15 -25.45
CA ASP Q 189 -42.56 52.94 -25.31
C ASP Q 189 -42.69 54.02 -26.38
N THR Q 190 -41.56 54.67 -26.70
CA THR Q 190 -41.58 55.78 -27.65
C THR Q 190 -40.34 55.82 -28.52
N VAL Q 191 -40.41 56.58 -29.61
CA VAL Q 191 -39.29 56.80 -30.51
C VAL Q 191 -38.90 58.27 -30.49
N LEU Q 192 -37.64 58.54 -30.15
CA LEU Q 192 -37.16 59.91 -30.03
C LEU Q 192 -37.20 60.66 -31.36
N GLU Q 193 -37.61 61.91 -31.32
CA GLU Q 193 -37.65 62.76 -32.49
C GLU Q 193 -36.51 63.77 -32.44
N TYR Q 194 -35.97 64.11 -33.61
CA TYR Q 194 -34.87 65.06 -33.70
C TYR Q 194 -35.25 66.41 -33.12
N ARG Q 195 -34.37 66.97 -32.30
CA ARG Q 195 -34.63 68.23 -31.61
C ARG Q 195 -34.06 69.40 -32.42
N LYS Q 196 -33.52 69.11 -33.59
CA LYS Q 196 -32.83 70.11 -34.41
C LYS Q 196 -33.76 71.21 -34.93
N LEU Q 197 -33.19 72.38 -35.17
CA LEU Q 197 -33.95 73.53 -35.64
C LEU Q 197 -34.23 73.41 -37.14
N ILE R 3 -14.81 50.09 -21.26
CA ILE R 3 -14.54 51.35 -20.57
C ILE R 3 -15.41 51.52 -19.34
N LEU R 4 -14.77 51.74 -18.20
CA LEU R 4 -15.46 51.88 -16.92
C LEU R 4 -15.27 53.30 -16.40
N PRO R 5 -16.37 54.06 -16.30
CA PRO R 5 -16.19 55.46 -15.92
C PRO R 5 -15.89 55.64 -14.44
N SER R 6 -15.10 56.65 -14.13
CA SER R 6 -14.83 57.02 -12.75
C SER R 6 -15.67 58.24 -12.42
N PHE R 7 -16.18 58.30 -11.20
CA PHE R 7 -17.05 59.38 -10.78
C PHE R 7 -16.37 60.21 -9.72
N ILE R 8 -17.05 61.26 -9.27
CA ILE R 8 -16.43 62.24 -8.37
C ILE R 8 -17.34 62.55 -7.18
N GLU R 9 -16.72 62.59 -6.00
CA GLU R 9 -17.43 62.88 -4.75
C GLU R 9 -16.73 64.04 -4.05
N HIS R 10 -17.49 64.81 -3.28
CA HIS R 10 -16.94 66.00 -2.64
C HIS R 10 -17.53 66.23 -1.25
N SER R 11 -16.67 66.66 -0.33
CA SER R 11 -17.07 67.03 1.01
C SER R 11 -16.27 68.26 1.44
N SER R 12 -16.66 68.85 2.56
CA SER R 12 -15.96 70.02 3.09
C SER R 12 -14.47 69.76 3.31
N PHE R 13 -14.10 68.50 3.46
CA PHE R 13 -12.70 68.13 3.68
C PHE R 13 -11.88 68.02 2.39
N GLY R 14 -12.56 67.84 1.26
CA GLY R 14 -11.87 67.72 -0.01
C GLY R 14 -12.68 67.04 -1.09
N VAL R 15 -12.05 66.81 -2.24
CA VAL R 15 -12.68 66.12 -3.36
C VAL R 15 -12.03 64.77 -3.57
N LYS R 16 -12.85 63.78 -3.92
CA LYS R 16 -12.39 62.41 -4.11
C LYS R 16 -12.86 61.86 -5.44
N GLU R 17 -11.91 61.53 -6.31
CA GLU R 17 -12.21 60.85 -7.56
C GLU R 17 -11.96 59.37 -7.37
N SER R 18 -12.97 58.55 -7.65
CA SER R 18 -12.87 57.13 -7.37
C SER R 18 -13.51 56.24 -8.44
N ASN R 19 -13.05 54.99 -8.46
CA ASN R 19 -13.54 53.96 -9.37
C ASN R 19 -14.71 53.25 -8.69
N PRO R 20 -15.75 52.87 -9.45
CA PRO R 20 -16.87 52.13 -8.84
C PRO R 20 -16.47 50.96 -7.95
N TYR R 21 -15.46 50.19 -8.35
CA TYR R 21 -15.05 49.04 -7.55
C TYR R 21 -14.40 49.48 -6.25
N ASN R 22 -13.78 50.66 -6.26
CA ASN R 22 -13.19 51.21 -5.05
C ASN R 22 -14.28 51.63 -4.07
N LYS R 23 -15.36 52.18 -4.61
CA LYS R 23 -16.50 52.60 -3.81
C LYS R 23 -17.16 51.38 -3.16
N LEU R 24 -17.18 50.27 -3.89
CA LEU R 24 -17.73 49.03 -3.36
C LEU R 24 -16.87 48.53 -2.21
N PHE R 25 -15.56 48.54 -2.39
CA PHE R 25 -14.64 48.09 -1.35
C PHE R 25 -14.67 49.01 -0.15
N GLU R 26 -14.97 50.29 -0.40
CA GLU R 26 -15.10 51.27 0.67
C GLU R 26 -16.28 50.90 1.57
N GLU R 27 -17.25 50.22 0.97
CA GLU R 27 -18.46 49.75 1.67
C GLU R 27 -18.28 48.31 2.17
N ARG R 28 -17.05 47.81 2.08
CA ARG R 28 -16.71 46.46 2.52
C ARG R 28 -17.29 45.40 1.61
N ILE R 29 -17.29 45.69 0.31
CA ILE R 29 -17.78 44.73 -0.69
C ILE R 29 -16.65 44.27 -1.59
N ILE R 30 -16.31 42.98 -1.46
CA ILE R 30 -15.35 42.34 -2.34
C ILE R 30 -16.10 41.73 -3.52
N PHE R 31 -15.60 41.95 -4.73
CA PHE R 31 -16.28 41.49 -5.93
C PHE R 31 -15.48 40.38 -6.59
N LEU R 32 -16.04 39.17 -6.63
CA LEU R 32 -15.46 38.09 -7.39
C LEU R 32 -16.26 37.94 -8.68
N GLY R 33 -15.69 38.42 -9.77
CA GLY R 33 -16.36 38.48 -11.05
C GLY R 33 -15.79 37.53 -12.08
N VAL R 34 -14.76 36.79 -11.68
CA VAL R 34 -13.96 36.01 -12.62
C VAL R 34 -13.75 34.60 -12.13
N GLN R 35 -13.22 33.75 -13.01
CA GLN R 35 -12.88 32.39 -12.65
C GLN R 35 -11.89 32.37 -11.49
N VAL R 36 -12.00 31.35 -10.65
CA VAL R 36 -11.12 31.22 -9.50
C VAL R 36 -9.78 30.64 -9.92
N ASP R 37 -8.71 31.40 -9.71
CA ASP R 37 -7.37 30.94 -9.98
C ASP R 37 -6.42 31.53 -8.96
N ASP R 38 -5.14 31.21 -9.07
CA ASP R 38 -4.16 31.71 -8.10
C ASP R 38 -4.15 33.23 -8.07
N ALA R 39 -4.29 33.84 -9.25
CA ALA R 39 -4.33 35.30 -9.34
C ALA R 39 -5.56 35.85 -8.62
N SER R 40 -6.73 35.35 -9.00
CA SER R 40 -7.97 35.81 -8.41
C SER R 40 -8.03 35.48 -6.93
N ALA R 41 -7.50 34.32 -6.56
CA ALA R 41 -7.51 33.88 -5.18
C ALA R 41 -6.67 34.80 -4.32
N ASN R 42 -5.44 35.06 -4.76
CA ASN R 42 -4.54 35.93 -4.01
C ASN R 42 -5.11 37.32 -3.81
N ASP R 43 -5.79 37.84 -4.83
CA ASP R 43 -6.39 39.17 -4.72
C ASP R 43 -7.52 39.18 -3.69
N ILE R 44 -8.34 38.13 -3.69
CA ILE R 44 -9.45 38.07 -2.75
C ILE R 44 -8.96 37.88 -1.33
N MET R 45 -7.94 37.05 -1.14
CA MET R 45 -7.38 36.84 0.18
C MET R 45 -6.83 38.14 0.73
N ALA R 46 -6.12 38.87 -0.13
CA ALA R 46 -5.58 40.16 0.25
C ALA R 46 -6.70 41.10 0.66
N GLN R 47 -7.76 41.15 -0.13
CA GLN R 47 -8.90 42.01 0.15
C GLN R 47 -9.55 41.66 1.47
N LEU R 48 -9.70 40.37 1.73
CA LEU R 48 -10.33 39.90 2.97
C LEU R 48 -9.52 40.30 4.18
N LEU R 49 -8.21 40.09 4.11
CA LEU R 49 -7.34 40.39 5.24
C LEU R 49 -7.24 41.88 5.52
N VAL R 50 -7.45 42.70 4.50
CA VAL R 50 -7.43 44.14 4.68
C VAL R 50 -8.67 44.60 5.44
N LEU R 51 -9.84 44.18 4.96
CA LEU R 51 -11.09 44.55 5.61
C LEU R 51 -11.13 44.04 7.04
N GLU R 52 -10.41 42.96 7.28
CA GLU R 52 -10.21 42.45 8.64
C GLU R 52 -9.45 43.47 9.47
N SER R 53 -8.37 43.99 8.89
CA SER R 53 -7.49 44.93 9.58
C SER R 53 -8.20 46.24 9.88
N LEU R 54 -8.94 46.76 8.91
CA LEU R 54 -9.57 48.06 9.05
C LEU R 54 -10.67 48.05 10.11
N ASP R 55 -11.64 47.16 9.96
CA ASP R 55 -12.72 47.05 10.93
C ASP R 55 -13.13 45.59 11.14
N PRO R 56 -12.44 44.88 12.04
CA PRO R 56 -12.72 43.45 12.23
C PRO R 56 -14.12 43.15 12.74
N ASP R 57 -14.81 44.14 13.29
CA ASP R 57 -16.13 43.92 13.87
C ASP R 57 -17.26 44.03 12.86
N ARG R 58 -16.99 44.63 11.70
CA ARG R 58 -18.01 44.85 10.68
C ARG R 58 -18.05 43.74 9.65
N ASP R 59 -19.26 43.37 9.23
CA ASP R 59 -19.46 42.31 8.25
C ASP R 59 -18.77 42.63 6.93
N ILE R 60 -18.30 41.58 6.26
CA ILE R 60 -17.73 41.69 4.94
C ILE R 60 -18.69 41.10 3.92
N THR R 61 -18.78 41.73 2.75
CA THR R 61 -19.70 41.29 1.71
C THR R 61 -18.94 40.79 0.49
N MET R 62 -19.36 39.64 -0.03
CA MET R 62 -18.78 39.06 -1.24
C MET R 62 -19.83 38.91 -2.34
N TYR R 63 -19.67 39.68 -3.41
CA TYR R 63 -20.50 39.52 -4.60
C TYR R 63 -19.84 38.52 -5.53
N ILE R 64 -20.61 37.50 -5.92
CA ILE R 64 -20.08 36.40 -6.70
C ILE R 64 -20.79 36.23 -8.04
N ASN R 65 -20.07 36.49 -9.12
CA ASN R 65 -20.43 35.99 -10.42
C ASN R 65 -19.21 35.30 -11.01
N SER R 66 -19.23 33.97 -11.03
CA SER R 66 -18.03 33.23 -11.43
C SER R 66 -18.34 31.90 -12.10
N PRO R 67 -17.51 31.48 -13.08
CA PRO R 67 -17.60 30.13 -13.65
C PRO R 67 -17.10 29.04 -12.72
N GLY R 68 -16.37 29.41 -11.68
CA GLY R 68 -15.69 28.44 -10.83
C GLY R 68 -14.21 28.44 -11.16
N GLY R 69 -13.48 27.46 -10.67
CA GLY R 69 -12.05 27.41 -10.93
C GLY R 69 -11.31 26.33 -10.17
N GLY R 70 -10.00 26.51 -10.03
CA GLY R 70 -9.14 25.51 -9.43
C GLY R 70 -9.51 25.22 -7.98
N PHE R 71 -9.12 24.03 -7.52
CA PHE R 71 -9.47 23.59 -6.18
C PHE R 71 -8.62 24.25 -5.10
N THR R 72 -7.31 24.24 -5.29
CA THR R 72 -6.40 24.84 -4.32
C THR R 72 -6.68 26.33 -4.18
N SER R 73 -7.01 26.98 -5.29
CA SER R 73 -7.34 28.39 -5.29
C SER R 73 -8.60 28.63 -4.50
N LEU R 74 -9.55 27.70 -4.59
CA LEU R 74 -10.79 27.79 -3.85
C LEU R 74 -10.55 27.66 -2.34
N MET R 75 -9.74 26.68 -1.97
CA MET R 75 -9.50 26.41 -0.55
C MET R 75 -8.67 27.52 0.05
N ALA R 76 -7.92 28.22 -0.77
CA ALA R 76 -7.19 29.39 -0.32
C ALA R 76 -8.16 30.47 0.10
N ILE R 77 -9.16 30.73 -0.76
CA ILE R 77 -10.19 31.71 -0.48
C ILE R 77 -11.08 31.24 0.66
N TYR R 78 -11.43 29.97 0.63
CA TYR R 78 -12.34 29.39 1.62
C TYR R 78 -11.79 29.54 3.04
N ASP R 79 -10.56 29.10 3.24
CA ASP R 79 -9.92 29.17 4.54
C ASP R 79 -9.84 30.61 5.04
N THR R 80 -9.55 31.53 4.14
CA THR R 80 -9.42 32.93 4.51
C THR R 80 -10.77 33.48 4.92
N MET R 81 -11.82 33.10 4.21
CA MET R 81 -13.17 33.53 4.55
C MET R 81 -13.53 33.09 5.96
N GLN R 82 -13.26 31.82 6.25
CA GLN R 82 -13.60 31.24 7.54
C GLN R 82 -12.67 31.76 8.63
N TYR R 83 -11.45 32.12 8.26
CA TYR R 83 -10.49 32.60 9.24
C TYR R 83 -10.88 33.96 9.80
N VAL R 84 -11.23 34.87 8.89
CA VAL R 84 -11.51 36.25 9.27
C VAL R 84 -12.49 36.33 10.43
N ARG R 85 -12.19 37.20 11.37
CA ARG R 85 -12.97 37.34 12.58
C ARG R 85 -14.38 37.86 12.26
N ALA R 86 -14.46 38.74 11.28
CA ALA R 86 -15.73 39.30 10.80
C ALA R 86 -16.61 38.27 10.08
N ASP R 87 -17.92 38.39 10.22
CA ASP R 87 -18.86 37.58 9.45
C ASP R 87 -18.80 37.92 7.96
N ILE R 88 -19.16 36.97 7.12
CA ILE R 88 -19.10 37.15 5.67
C ILE R 88 -20.46 36.91 5.00
N GLN R 89 -20.95 37.93 4.31
CA GLN R 89 -22.18 37.85 3.54
C GLN R 89 -21.86 37.54 2.08
N THR R 90 -22.56 36.57 1.50
CA THR R 90 -22.37 36.20 0.10
C THR R 90 -23.61 36.46 -0.73
N VAL R 91 -23.41 37.09 -1.89
CA VAL R 91 -24.50 37.39 -2.82
C VAL R 91 -24.13 36.91 -4.21
N CYS R 92 -25.01 36.15 -4.84
CA CYS R 92 -24.74 35.57 -6.15
C CYS R 92 -25.45 36.33 -7.26
N LEU R 93 -24.69 36.80 -8.24
CA LEU R 93 -25.24 37.50 -9.39
C LEU R 93 -25.02 36.75 -10.70
N GLY R 94 -26.10 36.18 -11.21
CA GLY R 94 -26.13 35.64 -12.56
C GLY R 94 -25.61 34.21 -12.63
N GLN R 95 -24.70 33.86 -11.73
CA GLN R 95 -24.31 32.46 -11.50
C GLN R 95 -23.22 32.31 -10.44
N ALA R 96 -23.18 31.13 -9.84
CA ALA R 96 -22.01 30.65 -9.11
C ALA R 96 -21.87 29.17 -9.43
N ALA R 97 -20.77 28.79 -10.07
CA ALA R 97 -20.63 27.43 -10.58
C ALA R 97 -19.40 26.73 -10.03
N SER R 98 -19.55 25.44 -9.77
CA SER R 98 -18.45 24.61 -9.29
C SER R 98 -17.84 25.22 -8.04
N ALA R 99 -16.58 25.62 -8.11
CA ALA R 99 -15.88 26.21 -6.98
C ALA R 99 -16.65 27.38 -6.38
N ALA R 100 -17.21 28.22 -7.24
CA ALA R 100 -17.90 29.42 -6.80
C ALA R 100 -19.15 29.07 -5.97
N ALA R 101 -19.77 27.94 -6.28
CA ALA R 101 -20.95 27.52 -5.55
C ALA R 101 -20.60 27.17 -4.11
N VAL R 102 -19.39 26.63 -3.93
CA VAL R 102 -18.91 26.30 -2.59
C VAL R 102 -18.64 27.57 -1.80
N LEU R 103 -18.02 28.56 -2.44
CA LEU R 103 -17.74 29.84 -1.80
C LEU R 103 -19.05 30.52 -1.45
N LEU R 104 -20.04 30.39 -2.33
CA LEU R 104 -21.36 30.94 -2.09
C LEU R 104 -21.97 30.35 -0.84
N ALA R 105 -21.83 29.03 -0.71
CA ALA R 105 -22.39 28.31 0.44
C ALA R 105 -21.54 28.51 1.69
N ALA R 106 -20.31 28.97 1.51
CA ALA R 106 -19.36 29.08 2.60
C ALA R 106 -19.55 30.36 3.41
N GLY R 107 -20.49 31.20 3.00
CA GLY R 107 -20.81 32.39 3.76
C GLY R 107 -21.34 32.00 5.12
N THR R 108 -21.30 32.93 6.07
CA THR R 108 -21.78 32.65 7.41
C THR R 108 -23.28 32.45 7.38
N PRO R 109 -23.81 31.52 8.19
CA PRO R 109 -25.24 31.19 8.16
C PRO R 109 -26.18 32.38 8.31
N GLY R 110 -27.20 32.41 7.45
CA GLY R 110 -28.22 33.44 7.48
C GLY R 110 -27.90 34.63 6.59
N LYS R 111 -26.61 34.81 6.32
CA LYS R 111 -26.14 35.92 5.50
C LYS R 111 -25.88 35.54 4.04
N ARG R 112 -26.16 34.28 3.68
CA ARG R 112 -26.01 33.82 2.30
C ARG R 112 -27.28 34.05 1.49
N MET R 113 -27.16 34.77 0.37
CA MET R 113 -28.32 35.10 -0.45
C MET R 113 -27.96 35.15 -1.93
N ALA R 114 -28.99 35.22 -2.77
CA ALA R 114 -28.79 35.31 -4.21
C ALA R 114 -29.90 36.10 -4.87
N LEU R 115 -29.65 36.59 -6.09
CA LEU R 115 -30.67 37.29 -6.86
C LEU R 115 -31.58 36.26 -7.51
N PRO R 116 -32.83 36.64 -7.82
CA PRO R 116 -33.84 35.68 -8.24
C PRO R 116 -33.49 34.87 -9.49
N ASN R 117 -32.92 35.53 -10.50
CA ASN R 117 -32.62 34.85 -11.77
C ASN R 117 -31.21 34.28 -11.83
N ALA R 118 -30.47 34.38 -10.73
CA ALA R 118 -29.17 33.75 -10.64
C ALA R 118 -29.34 32.23 -10.63
N ARG R 119 -28.28 31.51 -11.00
CA ARG R 119 -28.31 30.06 -11.00
C ARG R 119 -27.10 29.53 -10.26
N VAL R 120 -27.16 28.27 -9.82
CA VAL R 120 -26.04 27.66 -9.12
C VAL R 120 -25.76 26.28 -9.69
N LEU R 121 -24.49 26.04 -10.04
CA LEU R 121 -24.08 24.77 -10.59
C LEU R 121 -23.22 24.01 -9.59
N ILE R 122 -23.50 22.73 -9.42
CA ILE R 122 -22.68 21.85 -8.60
C ILE R 122 -22.33 20.62 -9.41
N HIS R 123 -21.04 20.30 -9.49
CA HIS R 123 -20.62 19.03 -10.05
C HIS R 123 -19.34 18.60 -9.38
N GLN R 124 -18.99 17.33 -9.53
CA GLN R 124 -17.76 16.82 -8.96
C GLN R 124 -16.59 17.39 -9.74
N PRO R 125 -15.41 17.46 -9.10
CA PRO R 125 -14.21 17.91 -9.79
C PRO R 125 -13.88 17.10 -11.03
N SER R 126 -13.48 17.78 -12.09
CA SER R 126 -13.16 17.13 -13.35
C SER R 126 -11.79 17.59 -13.85
N LEU R 127 -11.18 16.75 -14.69
CA LEU R 127 -9.92 17.06 -15.32
C LEU R 127 -10.10 17.14 -16.83
N SER R 128 -9.96 18.34 -17.37
CA SER R 128 -10.22 18.59 -18.78
C SER R 128 -9.13 17.99 -19.65
N GLY R 129 -7.89 18.17 -19.22
CA GLY R 129 -6.75 17.66 -19.95
C GLY R 129 -6.46 16.21 -19.63
N VAL R 130 -5.29 15.75 -20.04
CA VAL R 130 -4.83 14.39 -19.76
C VAL R 130 -3.47 14.44 -19.08
N ILE R 131 -3.34 13.74 -17.95
CA ILE R 131 -2.06 13.59 -17.28
C ILE R 131 -1.58 12.17 -17.49
N GLN R 132 -0.32 12.02 -17.92
CA GLN R 132 0.22 10.73 -18.29
C GLN R 132 1.40 10.38 -17.41
N GLY R 133 1.69 9.08 -17.30
CA GLY R 133 2.81 8.62 -16.50
C GLY R 133 2.67 7.15 -16.15
N GLN R 134 3.62 6.65 -15.37
CA GLN R 134 3.58 5.28 -14.89
C GLN R 134 2.37 5.08 -13.97
N PHE R 135 1.90 3.85 -13.86
CA PHE R 135 0.72 3.55 -13.05
C PHE R 135 0.92 4.00 -11.61
N SER R 136 2.15 3.96 -11.13
CA SER R 136 2.45 4.39 -9.77
C SER R 136 2.10 5.86 -9.60
N ASP R 137 2.42 6.65 -10.62
CA ASP R 137 2.13 8.08 -10.61
C ASP R 137 0.64 8.34 -10.72
N LEU R 138 0.00 7.64 -11.65
CA LEU R 138 -1.43 7.81 -11.90
C LEU R 138 -2.24 7.37 -10.70
N GLU R 139 -1.76 6.32 -10.04
CA GLU R 139 -2.41 5.80 -8.84
C GLU R 139 -2.48 6.87 -7.76
N ILE R 140 -1.43 7.69 -7.69
CA ILE R 140 -1.36 8.77 -6.71
C ILE R 140 -2.25 9.93 -7.10
N GLN R 141 -2.23 10.28 -8.38
CA GLN R 141 -3.05 11.37 -8.88
C GLN R 141 -4.52 11.05 -8.69
N ALA R 142 -4.93 9.83 -9.05
CA ALA R 142 -6.31 9.42 -8.90
C ALA R 142 -6.72 9.44 -7.43
N ALA R 143 -5.78 9.10 -6.55
CA ALA R 143 -6.02 9.12 -5.12
C ALA R 143 -6.24 10.55 -4.63
N GLU R 144 -5.40 11.46 -5.11
CA GLU R 144 -5.50 12.87 -4.74
C GLU R 144 -6.80 13.46 -5.27
N ILE R 145 -7.13 13.11 -6.51
CA ILE R 145 -8.34 13.60 -7.16
C ILE R 145 -9.57 13.20 -6.37
N GLU R 146 -9.54 11.99 -5.82
CA GLU R 146 -10.65 11.50 -5.02
C GLU R 146 -10.71 12.23 -3.68
N ARG R 147 -9.55 12.60 -3.15
CA ARG R 147 -9.50 13.33 -1.89
C ARG R 147 -10.12 14.71 -2.05
N MET R 148 -9.80 15.37 -3.15
CA MET R 148 -10.30 16.69 -3.42
C MET R 148 -11.80 16.64 -3.68
N ARG R 149 -12.23 15.56 -4.33
CA ARG R 149 -13.66 15.35 -4.55
C ARG R 149 -14.37 15.25 -3.21
N THR R 150 -13.94 14.31 -2.38
CA THR R 150 -14.56 14.08 -1.09
C THR R 150 -14.47 15.32 -0.21
N LEU R 151 -13.39 16.07 -0.34
CA LEU R 151 -13.19 17.26 0.46
C LEU R 151 -14.17 18.34 0.05
N MET R 152 -14.49 18.39 -1.24
CA MET R 152 -15.51 19.32 -1.72
C MET R 152 -16.87 18.88 -1.20
N GLU R 153 -17.07 17.57 -1.11
CA GLU R 153 -18.32 17.01 -0.64
C GLU R 153 -18.52 17.30 0.85
N THR R 154 -17.45 17.15 1.62
CA THR R 154 -17.49 17.41 3.06
C THR R 154 -17.79 18.86 3.37
N THR R 155 -17.12 19.77 2.67
CA THR R 155 -17.30 21.20 2.90
C THR R 155 -18.70 21.65 2.52
N LEU R 156 -19.20 21.16 1.39
CA LEU R 156 -20.57 21.49 0.98
C LEU R 156 -21.57 20.93 1.96
N ALA R 157 -21.25 19.78 2.54
CA ALA R 157 -22.17 19.08 3.41
C ALA R 157 -22.47 19.87 4.69
N ARG R 158 -21.43 20.42 5.31
CA ARG R 158 -21.61 21.07 6.59
C ARG R 158 -22.23 22.45 6.44
N HIS R 159 -21.99 23.09 5.30
CA HIS R 159 -22.57 24.40 5.03
C HIS R 159 -24.00 24.30 4.54
N THR R 160 -24.31 23.28 3.74
CA THR R 160 -25.67 23.07 3.25
C THR R 160 -26.54 22.36 4.28
N GLY R 161 -25.91 21.52 5.10
CA GLY R 161 -26.63 20.73 6.09
C GLY R 161 -26.93 19.33 5.61
N LYS R 162 -26.78 19.11 4.30
CA LYS R 162 -27.01 17.79 3.72
C LYS R 162 -25.88 16.85 4.12
N ASP R 163 -26.12 15.54 4.02
CA ASP R 163 -25.07 14.56 4.30
C ASP R 163 -24.10 14.48 3.12
N ALA R 164 -22.85 14.16 3.44
CA ALA R 164 -21.80 14.07 2.42
C ALA R 164 -22.17 13.06 1.34
N GLY R 165 -22.87 12.00 1.74
CA GLY R 165 -23.30 10.98 0.81
C GLY R 165 -24.31 11.53 -0.19
N VAL R 166 -25.17 12.41 0.29
CA VAL R 166 -26.18 13.04 -0.56
C VAL R 166 -25.52 13.97 -1.55
N ILE R 167 -24.56 14.77 -1.07
CA ILE R 167 -23.81 15.67 -1.93
C ILE R 167 -23.14 14.88 -3.04
N ARG R 168 -22.47 13.80 -2.65
CA ARG R 168 -21.77 12.94 -3.60
C ARG R 168 -22.71 12.41 -4.67
N LYS R 169 -23.93 12.07 -4.28
CA LYS R 169 -24.90 11.53 -5.22
C LYS R 169 -25.41 12.60 -6.17
N ASP R 170 -25.69 13.79 -5.64
CA ASP R 170 -26.23 14.88 -6.43
C ASP R 170 -25.17 15.47 -7.36
N THR R 171 -23.91 15.42 -6.93
CA THR R 171 -22.82 16.00 -7.70
C THR R 171 -22.26 15.05 -8.75
N ASP R 172 -22.67 13.79 -8.73
CA ASP R 172 -22.21 12.82 -9.71
C ASP R 172 -22.47 13.34 -11.12
N ARG R 173 -23.62 13.98 -11.29
CA ARG R 173 -23.95 14.68 -12.53
C ARG R 173 -24.16 16.15 -12.22
N ASP R 174 -23.93 17.00 -13.21
CA ASP R 174 -24.13 18.44 -13.04
C ASP R 174 -25.55 18.72 -12.59
N LYS R 175 -25.68 19.50 -11.52
CA LYS R 175 -26.99 19.88 -11.01
C LYS R 175 -27.14 21.40 -11.02
N ILE R 176 -28.01 21.90 -11.89
CA ILE R 176 -28.26 23.33 -11.97
C ILE R 176 -29.41 23.67 -11.05
N LEU R 177 -29.24 24.73 -10.26
CA LEU R 177 -30.24 25.15 -9.29
C LEU R 177 -30.60 26.60 -9.51
N THR R 178 -31.90 26.88 -9.50
CA THR R 178 -32.36 28.26 -9.53
C THR R 178 -32.13 28.88 -8.16
N ALA R 179 -32.49 30.14 -8.02
CA ALA R 179 -32.34 30.82 -6.73
C ALA R 179 -33.14 30.09 -5.67
N GLU R 180 -34.43 29.85 -5.96
CA GLU R 180 -35.31 29.18 -5.02
C GLU R 180 -34.85 27.75 -4.76
N GLU R 181 -34.40 27.07 -5.81
CA GLU R 181 -33.94 25.70 -5.67
C GLU R 181 -32.67 25.63 -4.83
N ALA R 182 -31.85 26.66 -4.92
CA ALA R 182 -30.62 26.74 -4.15
C ALA R 182 -30.91 27.02 -2.69
N LYS R 183 -32.00 27.75 -2.44
CA LYS R 183 -32.42 28.06 -1.09
C LYS R 183 -32.88 26.79 -0.39
N ASP R 184 -33.65 25.98 -1.11
CA ASP R 184 -34.16 24.73 -0.57
C ASP R 184 -33.02 23.75 -0.33
N TYR R 185 -32.01 23.81 -1.19
CA TYR R 185 -30.87 22.91 -1.08
C TYR R 185 -30.02 23.24 0.13
N GLY R 186 -30.05 24.50 0.54
CA GLY R 186 -29.30 24.96 1.69
C GLY R 186 -28.02 25.70 1.32
N ILE R 187 -27.87 26.03 0.05
CA ILE R 187 -26.70 26.76 -0.41
C ILE R 187 -26.82 28.23 -0.06
N ILE R 188 -28.03 28.79 -0.19
CA ILE R 188 -28.29 30.15 0.23
C ILE R 188 -29.46 30.19 1.20
N ASP R 189 -29.46 31.19 2.07
CA ASP R 189 -30.50 31.33 3.08
C ASP R 189 -31.76 32.00 2.56
N THR R 190 -31.60 33.03 1.73
CA THR R 190 -32.72 33.80 1.22
C THR R 190 -32.52 34.26 -0.22
N VAL R 191 -33.60 34.67 -0.86
CA VAL R 191 -33.55 35.21 -2.22
C VAL R 191 -33.99 36.66 -2.20
N LEU R 192 -33.12 37.54 -2.69
CA LEU R 192 -33.40 38.97 -2.66
C LEU R 192 -34.60 39.35 -3.51
N GLU R 193 -35.45 40.22 -2.98
CA GLU R 193 -36.61 40.73 -3.70
C GLU R 193 -36.35 42.16 -4.14
N TYR R 194 -36.89 42.51 -5.30
CA TYR R 194 -36.73 43.85 -5.86
C TYR R 194 -37.26 44.93 -4.93
N ARG R 195 -36.46 45.97 -4.73
CA ARG R 195 -36.79 47.08 -3.85
C ARG R 195 -37.46 48.27 -4.52
N LYS R 196 -37.81 48.16 -5.80
CA LYS R 196 -38.35 49.32 -6.52
C LYS R 196 -39.66 49.79 -5.92
N LEU R 197 -39.87 51.10 -5.98
CA LEU R 197 -41.08 51.70 -5.44
C LEU R 197 -42.23 51.55 -6.42
N SER R 198 -41.96 51.89 -7.68
CA SER R 198 -42.94 51.78 -8.75
C SER R 198 -43.29 50.33 -9.09
N ILE S 3 -9.07 42.92 -11.67
CA ILE S 3 -9.13 44.26 -11.09
C ILE S 3 -9.03 44.19 -9.57
N LEU S 4 -8.07 44.95 -9.02
CA LEU S 4 -7.82 44.97 -7.59
C LEU S 4 -8.13 46.35 -7.02
N PRO S 5 -9.11 46.44 -6.13
CA PRO S 5 -9.46 47.78 -5.67
C PRO S 5 -8.46 48.35 -4.70
N SER S 6 -8.25 49.67 -4.76
CA SER S 6 -7.40 50.36 -3.83
C SER S 6 -8.26 51.05 -2.80
N PHE S 7 -7.80 51.07 -1.55
CA PHE S 7 -8.58 51.65 -0.46
C PHE S 7 -7.90 52.89 0.07
N ILE S 8 -8.52 53.54 1.04
CA ILE S 8 -8.05 54.83 1.53
C ILE S 8 -8.02 54.88 3.05
N GLU S 9 -6.92 55.41 3.58
CA GLU S 9 -6.74 55.58 5.02
C GLU S 9 -6.39 57.03 5.30
N HIS S 10 -6.77 57.51 6.48
CA HIS S 10 -6.57 58.91 6.82
C HIS S 10 -6.23 59.10 8.29
N SER S 11 -5.32 60.03 8.54
CA SER S 11 -4.93 60.43 9.88
C SER S 11 -4.73 61.93 9.93
N SER S 12 -4.56 62.48 11.13
CA SER S 12 -4.33 63.90 11.31
C SER S 12 -3.14 64.40 10.49
N PHE S 13 -2.24 63.50 10.15
CA PHE S 13 -1.04 63.83 9.37
C PHE S 13 -1.31 63.89 7.87
N GLY S 14 -2.37 63.23 7.40
CA GLY S 14 -2.69 63.24 6.00
C GLY S 14 -3.57 62.09 5.54
N VAL S 15 -3.79 62.01 4.24
CA VAL S 15 -4.57 60.94 3.63
C VAL S 15 -3.66 60.05 2.79
N LYS S 16 -3.90 58.75 2.84
CA LYS S 16 -3.07 57.77 2.17
C LYS S 16 -3.90 56.82 1.31
N GLU S 17 -3.63 56.82 0.00
CA GLU S 17 -4.22 55.86 -0.93
C GLU S 17 -3.25 54.73 -1.16
N SER S 18 -3.68 53.49 -0.90
CA SER S 18 -2.77 52.35 -0.99
C SER S 18 -3.41 51.07 -1.54
N ASN S 19 -2.54 50.20 -2.05
CA ASN S 19 -2.91 48.91 -2.61
C ASN S 19 -2.90 47.84 -1.52
N PRO S 20 -3.84 46.88 -1.55
CA PRO S 20 -3.84 45.80 -0.56
C PRO S 20 -2.48 45.12 -0.33
N TYR S 21 -1.73 44.85 -1.40
CA TYR S 21 -0.46 44.17 -1.25
C TYR S 21 0.59 45.05 -0.57
N ASN S 22 0.44 46.37 -0.73
CA ASN S 22 1.31 47.31 -0.04
C ASN S 22 1.03 47.33 1.45
N LYS S 23 -0.25 47.22 1.81
CA LYS S 23 -0.66 47.18 3.20
C LYS S 23 -0.08 45.96 3.87
N LEU S 24 -0.01 44.85 3.13
CA LEU S 24 0.60 43.63 3.63
C LEU S 24 2.08 43.84 3.86
N PHE S 25 2.75 44.48 2.91
CA PHE S 25 4.18 44.72 3.03
C PHE S 25 4.47 45.71 4.14
N GLU S 26 3.54 46.62 4.40
CA GLU S 26 3.68 47.57 5.50
C GLU S 26 3.67 46.83 6.83
N GLU S 27 2.98 45.70 6.86
CA GLU S 27 2.86 44.85 8.04
C GLU S 27 3.94 43.76 8.05
N ARG S 28 4.89 43.87 7.13
CA ARG S 28 6.00 42.93 7.02
C ARG S 28 5.58 41.57 6.50
N ILE S 29 4.65 41.58 5.54
CA ILE S 29 4.19 40.36 4.89
C ILE S 29 4.59 40.31 3.43
N ILE S 30 5.48 39.39 3.10
CA ILE S 30 5.85 39.14 1.71
C ILE S 30 4.93 38.05 1.17
N PHE S 31 4.38 38.28 -0.01
CA PHE S 31 3.43 37.36 -0.61
C PHE S 31 4.02 36.66 -1.83
N LEU S 32 4.21 35.35 -1.70
CA LEU S 32 4.61 34.55 -2.86
C LEU S 32 3.38 33.81 -3.36
N GLY S 33 2.82 34.31 -4.44
CA GLY S 33 1.57 33.82 -4.99
C GLY S 33 1.72 33.11 -6.31
N VAL S 34 2.96 33.04 -6.80
CA VAL S 34 3.23 32.62 -8.16
C VAL S 34 4.30 31.55 -8.21
N GLN S 35 4.49 30.95 -9.37
CA GLN S 35 5.55 29.97 -9.55
C GLN S 35 6.89 30.62 -9.25
N VAL S 36 7.82 29.85 -8.70
CA VAL S 36 9.13 30.35 -8.37
C VAL S 36 10.00 30.38 -9.63
N ASP S 37 10.46 31.57 -10.00
CA ASP S 37 11.37 31.73 -11.13
C ASP S 37 12.34 32.85 -10.82
N ASP S 38 13.24 33.14 -11.77
CA ASP S 38 14.24 34.17 -11.57
C ASP S 38 13.57 35.51 -11.28
N ALA S 39 12.45 35.77 -11.94
CA ALA S 39 11.70 36.99 -11.73
C ALA S 39 11.15 37.04 -10.31
N SER S 40 10.42 35.99 -9.94
CA SER S 40 9.80 35.91 -8.63
C SER S 40 10.83 35.86 -7.51
N ALA S 41 11.93 35.16 -7.77
CA ALA S 41 12.99 35.01 -6.78
C ALA S 41 13.63 36.36 -6.47
N ASN S 42 14.02 37.08 -7.52
CA ASN S 42 14.65 38.37 -7.35
C ASN S 42 13.75 39.35 -6.60
N ASP S 43 12.45 39.30 -6.87
CA ASP S 43 11.50 40.17 -6.19
C ASP S 43 11.42 39.84 -4.71
N ILE S 44 11.42 38.56 -4.38
CA ILE S 44 11.31 38.14 -2.98
C ILE S 44 12.59 38.46 -2.22
N MET S 45 13.74 38.25 -2.85
CA MET S 45 15.01 38.56 -2.20
C MET S 45 15.10 40.04 -1.91
N ALA S 46 14.68 40.86 -2.87
CA ALA S 46 14.68 42.31 -2.69
C ALA S 46 13.81 42.68 -1.48
N GLN S 47 12.61 42.11 -1.42
CA GLN S 47 11.69 42.39 -0.33
C GLN S 47 12.27 41.96 1.01
N LEU S 48 12.91 40.80 1.04
CA LEU S 48 13.49 40.30 2.28
C LEU S 48 14.59 41.23 2.79
N LEU S 49 15.47 41.65 1.90
CA LEU S 49 16.57 42.52 2.27
C LEU S 49 16.10 43.91 2.68
N VAL S 50 14.95 44.33 2.16
CA VAL S 50 14.38 45.61 2.55
C VAL S 50 13.81 45.55 3.96
N LEU S 51 12.98 44.56 4.23
CA LEU S 51 12.41 44.41 5.55
C LEU S 51 13.51 44.21 6.57
N GLU S 52 14.62 43.65 6.12
CA GLU S 52 15.83 43.55 6.94
C GLU S 52 16.30 44.95 7.27
N SER S 53 16.36 45.80 6.25
CA SER S 53 16.85 47.17 6.39
C SER S 53 15.98 48.02 7.29
N LEU S 54 14.67 47.92 7.09
CA LEU S 54 13.74 48.78 7.80
C LEU S 54 13.74 48.49 9.30
N ASP S 55 13.50 47.23 9.66
CA ASP S 55 13.50 46.82 11.06
C ASP S 55 14.11 45.42 11.22
N PRO S 56 15.46 45.35 11.34
CA PRO S 56 16.10 44.03 11.39
C PRO S 56 15.69 43.18 12.60
N ASP S 57 15.12 43.82 13.61
CA ASP S 57 14.75 43.11 14.83
C ASP S 57 13.35 42.49 14.78
N ARG S 58 12.53 42.89 13.81
CA ARG S 58 11.16 42.41 13.69
C ARG S 58 11.05 41.23 12.73
N ASP S 59 10.21 40.26 13.09
CA ASP S 59 10.00 39.08 12.28
C ASP S 59 9.46 39.43 10.90
N ILE S 60 9.83 38.62 9.91
CA ILE S 60 9.31 38.75 8.55
C ILE S 60 8.34 37.60 8.28
N THR S 61 7.26 37.90 7.58
CA THR S 61 6.22 36.92 7.29
C THR S 61 6.14 36.62 5.81
N MET S 62 6.09 35.33 5.47
CA MET S 62 5.95 34.90 4.09
C MET S 62 4.68 34.08 3.88
N TYR S 63 3.76 34.62 3.10
CA TYR S 63 2.55 33.89 2.70
C TYR S 63 2.84 33.13 1.42
N ILE S 64 2.56 31.83 1.42
CA ILE S 64 2.91 30.96 0.30
C ILE S 64 1.70 30.30 -0.33
N ASN S 65 1.39 30.70 -1.56
CA ASN S 65 0.56 29.90 -2.44
C ASN S 65 1.28 29.77 -3.77
N SER S 66 1.82 28.59 -4.06
CA SER S 66 2.67 28.44 -5.24
C SER S 66 2.63 27.03 -5.87
N PRO S 67 2.75 26.96 -7.21
CA PRO S 67 2.94 25.67 -7.89
C PRO S 67 4.33 25.07 -7.68
N GLY S 68 5.27 25.88 -7.19
CA GLY S 68 6.66 25.48 -7.12
C GLY S 68 7.45 26.15 -8.22
N GLY S 69 8.70 25.73 -8.44
CA GLY S 69 9.51 26.33 -9.48
C GLY S 69 10.95 25.86 -9.55
N GLY S 70 11.79 26.68 -10.17
CA GLY S 70 13.18 26.34 -10.43
C GLY S 70 14.02 26.12 -9.20
N PHE S 71 15.10 25.36 -9.37
CA PHE S 71 15.97 25.03 -8.24
C PHE S 71 16.86 26.19 -7.83
N THR S 72 17.53 26.80 -8.80
CA THR S 72 18.40 27.94 -8.53
C THR S 72 17.60 29.09 -7.94
N SER S 73 16.40 29.29 -8.47
CA SER S 73 15.53 30.34 -7.99
C SER S 73 15.12 30.06 -6.55
N LEU S 74 14.91 28.79 -6.24
CA LEU S 74 14.55 28.38 -4.88
C LEU S 74 15.69 28.62 -3.91
N MET S 75 16.90 28.22 -4.29
CA MET S 75 18.04 28.34 -3.39
C MET S 75 18.44 29.80 -3.21
N ALA S 76 18.09 30.63 -4.19
CA ALA S 76 18.30 32.05 -4.07
C ALA S 76 17.43 32.59 -2.95
N ILE S 77 16.16 32.22 -2.96
CA ILE S 77 15.21 32.63 -1.92
C ILE S 77 15.59 32.01 -0.59
N TYR S 78 15.95 30.72 -0.62
CA TYR S 78 16.26 29.99 0.60
C TYR S 78 17.42 30.61 1.37
N ASP S 79 18.54 30.82 0.68
CA ASP S 79 19.71 31.42 1.31
C ASP S 79 19.40 32.79 1.89
N THR S 80 18.62 33.57 1.17
CA THR S 80 18.26 34.91 1.62
C THR S 80 17.42 34.82 2.88
N MET S 81 16.50 33.86 2.92
CA MET S 81 15.68 33.65 4.09
C MET S 81 16.53 33.34 5.31
N GLN S 82 17.48 32.44 5.13
CA GLN S 82 18.32 32.00 6.23
C GLN S 82 19.34 33.08 6.61
N TYR S 83 19.71 33.89 5.63
CA TYR S 83 20.71 34.94 5.86
C TYR S 83 20.20 36.06 6.75
N VAL S 84 19.00 36.56 6.46
CA VAL S 84 18.43 37.70 7.15
C VAL S 84 18.47 37.52 8.65
N ARG S 85 18.83 38.59 9.34
CA ARG S 85 19.01 38.57 10.79
C ARG S 85 17.68 38.28 11.48
N ALA S 86 16.60 38.84 10.93
CA ALA S 86 15.24 38.63 11.44
C ALA S 86 14.72 37.21 11.24
N ASP S 87 13.94 36.73 12.21
CA ASP S 87 13.26 35.44 12.07
C ASP S 87 12.22 35.50 10.95
N ILE S 88 11.92 34.35 10.36
CA ILE S 88 10.95 34.27 9.26
C ILE S 88 9.81 33.30 9.54
N GLN S 89 8.59 33.81 9.51
CA GLN S 89 7.39 32.99 9.66
C GLN S 89 6.86 32.65 8.28
N THR S 90 6.51 31.39 8.07
CA THR S 90 5.97 30.94 6.79
C THR S 90 4.53 30.45 6.96
N VAL S 91 3.65 30.91 6.07
CA VAL S 91 2.25 30.52 6.09
C VAL S 91 1.82 30.04 4.72
N CYS S 92 1.19 28.87 4.68
CA CYS S 92 0.77 28.26 3.42
C CYS S 92 -0.73 28.41 3.16
N LEU S 93 -1.07 28.99 2.02
CA LEU S 93 -2.46 29.15 1.61
C LEU S 93 -2.81 28.36 0.35
N GLY S 94 -3.57 27.29 0.54
CA GLY S 94 -4.20 26.56 -0.53
C GLY S 94 -3.30 25.51 -1.16
N GLN S 95 -1.99 25.77 -1.15
CA GLN S 95 -0.98 24.76 -1.43
C GLN S 95 0.43 25.34 -1.39
N ALA S 96 1.41 24.47 -1.15
CA ALA S 96 2.80 24.75 -1.42
C ALA S 96 3.41 23.48 -2.02
N ALA S 97 3.87 23.57 -3.25
CA ALA S 97 4.28 22.39 -4.01
C ALA S 97 5.71 22.46 -4.49
N SER S 98 6.38 21.32 -4.47
CA SER S 98 7.75 21.21 -4.97
C SER S 98 8.66 22.21 -4.27
N ALA S 99 9.23 23.14 -5.03
CA ALA S 99 10.11 24.17 -4.49
C ALA S 99 9.46 24.92 -3.34
N ALA S 100 8.18 25.26 -3.49
CA ALA S 100 7.48 26.05 -2.49
C ALA S 100 7.36 25.31 -1.17
N ALA S 101 7.27 23.98 -1.24
CA ALA S 101 7.17 23.16 -0.04
C ALA S 101 8.45 23.24 0.77
N VAL S 102 9.57 23.36 0.09
CA VAL S 102 10.86 23.51 0.74
C VAL S 102 10.95 24.86 1.42
N LEU S 103 10.48 25.91 0.74
CA LEU S 103 10.50 27.25 1.30
C LEU S 103 9.61 27.32 2.53
N LEU S 104 8.49 26.62 2.50
CA LEU S 104 7.58 26.55 3.63
C LEU S 104 8.29 25.95 4.83
N ALA S 105 9.06 24.91 4.59
CA ALA S 105 9.78 24.22 5.65
C ALA S 105 11.00 25.00 6.10
N ALA S 106 11.43 25.95 5.27
CA ALA S 106 12.67 26.68 5.53
C ALA S 106 12.45 27.84 6.49
N GLY S 107 11.20 28.04 6.91
CA GLY S 107 10.90 29.05 7.91
C GLY S 107 11.59 28.69 9.20
N THR S 108 11.76 29.67 10.08
CA THR S 108 12.43 29.41 11.35
C THR S 108 11.56 28.51 12.21
N PRO S 109 12.17 27.59 12.95
CA PRO S 109 11.42 26.63 13.76
C PRO S 109 10.39 27.26 14.70
N GLY S 110 9.20 26.67 14.70
CA GLY S 110 8.10 27.10 15.54
C GLY S 110 7.22 28.12 14.87
N LYS S 111 7.78 28.83 13.90
CA LYS S 111 7.05 29.87 13.18
C LYS S 111 6.51 29.41 11.82
N ARG S 112 6.69 28.13 11.48
CA ARG S 112 6.14 27.58 10.25
C ARG S 112 4.73 27.05 10.49
N MET S 113 3.77 27.56 9.70
CA MET S 113 2.38 27.18 9.87
C MET S 113 1.63 27.14 8.54
N ALA S 114 0.43 26.57 8.57
CA ALA S 114 -0.41 26.51 7.38
C ALA S 114 -1.89 26.54 7.76
N LEU S 115 -2.72 26.87 6.76
CA LEU S 115 -4.17 26.86 6.95
C LEU S 115 -4.71 25.44 6.80
N PRO S 116 -5.86 25.14 7.42
CA PRO S 116 -6.35 23.76 7.54
C PRO S 116 -6.56 23.01 6.23
N ASN S 117 -7.14 23.66 5.23
CA ASN S 117 -7.44 23.02 3.96
C ASN S 117 -6.33 23.19 2.92
N ALA S 118 -5.22 23.80 3.33
CA ALA S 118 -4.05 23.89 2.47
C ALA S 118 -3.44 22.51 2.32
N ARG S 119 -2.66 22.32 1.27
CA ARG S 119 -1.99 21.05 1.02
C ARG S 119 -0.50 21.29 0.77
N VAL S 120 0.29 20.23 0.89
CA VAL S 120 1.72 20.33 0.63
C VAL S 120 2.15 19.17 -0.26
N LEU S 121 2.82 19.48 -1.35
CA LEU S 121 3.34 18.48 -2.27
C LEU S 121 4.85 18.42 -2.20
N ILE S 122 5.39 17.20 -2.15
CA ILE S 122 6.82 16.98 -2.20
C ILE S 122 7.13 15.95 -3.28
N HIS S 123 8.04 16.29 -4.20
CA HIS S 123 8.55 15.29 -5.13
C HIS S 123 9.98 15.63 -5.51
N GLN S 124 10.67 14.66 -6.09
CA GLN S 124 12.05 14.85 -6.50
C GLN S 124 12.08 15.78 -7.70
N PRO S 125 13.23 16.43 -7.93
CA PRO S 125 13.38 17.28 -9.11
C PRO S 125 13.12 16.53 -10.40
N SER S 126 12.42 17.16 -11.33
CA SER S 126 12.11 16.55 -12.60
C SER S 126 12.46 17.47 -13.76
N LEU S 127 12.69 16.88 -14.92
CA LEU S 127 12.95 17.64 -16.13
C LEU S 127 11.88 17.31 -17.16
N SER S 128 11.04 18.28 -17.47
CA SER S 128 9.90 18.07 -18.35
C SER S 128 10.35 17.89 -19.80
N GLY S 129 11.30 18.73 -20.22
CA GLY S 129 11.80 18.67 -21.57
C GLY S 129 12.90 17.64 -21.74
N VAL S 130 13.61 17.72 -22.87
CA VAL S 130 14.73 16.84 -23.15
C VAL S 130 15.98 17.64 -23.47
N ILE S 131 17.08 17.31 -22.81
CA ILE S 131 18.38 17.93 -23.11
C ILE S 131 19.28 16.90 -23.80
N GLN S 132 19.90 17.32 -24.90
CA GLN S 132 20.67 16.42 -25.75
C GLN S 132 22.13 16.84 -25.84
N GLY S 133 23.00 15.89 -26.19
CA GLY S 133 24.42 16.15 -26.33
C GLY S 133 25.25 14.88 -26.29
N GLN S 134 26.56 15.04 -26.35
CA GLN S 134 27.48 13.92 -26.24
C GLN S 134 27.39 13.31 -24.85
N PHE S 135 27.75 12.05 -24.70
CA PHE S 135 27.66 11.36 -23.42
C PHE S 135 28.46 12.09 -22.34
N SER S 136 29.57 12.71 -22.70
CA SER S 136 30.38 13.46 -21.74
C SER S 136 29.59 14.62 -21.15
N ASP S 137 28.81 15.30 -21.98
CA ASP S 137 28.01 16.42 -21.52
C ASP S 137 26.85 15.92 -20.66
N LEU S 138 26.18 14.87 -21.13
CA LEU S 138 25.06 14.30 -20.39
C LEU S 138 25.52 13.72 -19.07
N GLU S 139 26.72 13.17 -19.06
CA GLU S 139 27.31 12.62 -17.84
C GLU S 139 27.42 13.71 -16.78
N ILE S 140 27.73 14.92 -17.22
CA ILE S 140 27.87 16.06 -16.33
C ILE S 140 26.50 16.59 -15.90
N GLN S 141 25.57 16.67 -16.83
CA GLN S 141 24.22 17.12 -16.53
C GLN S 141 23.55 16.19 -15.53
N ALA S 142 23.67 14.89 -15.79
CA ALA S 142 23.08 13.88 -14.92
C ALA S 142 23.70 13.94 -13.54
N ALA S 143 25.00 14.24 -13.49
CA ALA S 143 25.72 14.35 -12.23
C ALA S 143 25.21 15.53 -11.41
N GLU S 144 25.01 16.67 -12.08
CA GLU S 144 24.51 17.86 -11.41
C GLU S 144 23.10 17.62 -10.92
N ILE S 145 22.29 16.98 -11.75
CA ILE S 145 20.90 16.69 -11.42
C ILE S 145 20.82 15.84 -10.16
N GLU S 146 21.77 14.93 -10.00
CA GLU S 146 21.82 14.10 -8.80
C GLU S 146 22.21 14.93 -7.59
N ARG S 147 23.10 15.90 -7.80
CA ARG S 147 23.53 16.78 -6.72
C ARG S 147 22.39 17.65 -6.22
N MET S 148 21.61 18.17 -7.16
CA MET S 148 20.49 19.03 -6.84
C MET S 148 19.40 18.22 -6.15
N ARG S 149 19.25 16.97 -6.58
CA ARG S 149 18.32 16.06 -5.93
C ARG S 149 18.72 15.87 -4.48
N THR S 150 19.97 15.45 -4.25
CA THR S 150 20.47 15.21 -2.90
C THR S 150 20.44 16.47 -2.04
N LEU S 151 20.65 17.62 -2.65
CA LEU S 151 20.69 18.87 -1.92
C LEU S 151 19.29 19.26 -1.45
N MET S 152 18.28 18.94 -2.24
CA MET S 152 16.90 19.19 -1.84
C MET S 152 16.56 18.25 -0.69
N GLU S 153 17.12 17.05 -0.75
CA GLU S 153 16.90 16.04 0.28
C GLU S 153 17.58 16.46 1.58
N THR S 154 18.80 16.97 1.47
CA THR S 154 19.54 17.42 2.64
C THR S 154 18.87 18.60 3.33
N THR S 155 18.45 19.58 2.55
CA THR S 155 17.82 20.78 3.11
C THR S 155 16.50 20.43 3.78
N LEU S 156 15.70 19.60 3.11
CA LEU S 156 14.43 19.15 3.69
C LEU S 156 14.68 18.32 4.93
N ALA S 157 15.78 17.57 4.94
CA ALA S 157 16.07 16.65 6.02
C ALA S 157 16.29 17.38 7.34
N ARG S 158 17.08 18.44 7.30
CA ARG S 158 17.46 19.14 8.52
C ARG S 158 16.33 20.02 9.04
N HIS S 159 15.47 20.48 8.14
CA HIS S 159 14.33 21.31 8.53
C HIS S 159 13.15 20.47 9.05
N THR S 160 12.93 19.30 8.44
CA THR S 160 11.87 18.40 8.88
C THR S 160 12.33 17.56 10.07
N GLY S 161 13.62 17.27 10.15
CA GLY S 161 14.17 16.44 11.19
C GLY S 161 14.36 15.00 10.75
N LYS S 162 13.74 14.64 9.63
CA LYS S 162 13.86 13.30 9.08
C LYS S 162 15.27 13.09 8.52
N ASP S 163 15.67 11.84 8.38
CA ASP S 163 16.95 11.53 7.73
C ASP S 163 16.81 11.69 6.24
N ALA S 164 17.91 12.04 5.58
CA ALA S 164 17.92 12.25 4.14
C ALA S 164 17.43 11.03 3.38
N GLY S 165 17.69 9.85 3.92
CA GLY S 165 17.28 8.61 3.29
C GLY S 165 15.77 8.47 3.23
N VAL S 166 15.10 8.93 4.28
CA VAL S 166 13.65 8.87 4.33
C VAL S 166 13.05 9.84 3.33
N ILE S 167 13.60 11.05 3.30
CA ILE S 167 13.15 12.07 2.35
C ILE S 167 13.26 11.56 0.93
N ARG S 168 14.43 11.00 0.61
CA ARG S 168 14.68 10.48 -0.72
C ARG S 168 13.67 9.42 -1.11
N LYS S 169 13.30 8.60 -0.13
CA LYS S 169 12.36 7.52 -0.35
C LYS S 169 10.94 8.04 -0.56
N ASP S 170 10.55 9.03 0.24
CA ASP S 170 9.21 9.59 0.19
C ASP S 170 9.00 10.46 -1.05
N THR S 171 10.06 11.12 -1.51
CA THR S 171 9.97 12.04 -2.62
C THR S 171 10.13 11.36 -3.98
N ASP S 172 10.48 10.08 -3.98
CA ASP S 172 10.63 9.33 -5.22
C ASP S 172 9.36 9.45 -6.06
N ARG S 173 8.22 9.40 -5.38
CA ARG S 173 6.93 9.64 -6.01
C ARG S 173 6.29 10.86 -5.34
N ASP S 174 5.41 11.55 -6.05
CA ASP S 174 4.73 12.72 -5.51
C ASP S 174 3.99 12.35 -4.22
N LYS S 175 4.23 13.11 -3.16
CA LYS S 175 3.58 12.89 -1.88
C LYS S 175 2.79 14.12 -1.44
N ILE S 176 1.47 13.99 -1.43
CA ILE S 176 0.59 15.08 -1.02
C ILE S 176 0.29 14.97 0.46
N LEU S 177 0.38 16.10 1.15
CA LEU S 177 0.14 16.15 2.58
C LEU S 177 -0.91 17.21 2.89
N THR S 178 -1.85 16.87 3.75
CA THR S 178 -2.82 17.84 4.24
C THR S 178 -2.10 18.74 5.24
N ALA S 179 -2.82 19.70 5.80
CA ALA S 179 -2.23 20.59 6.79
C ALA S 179 -1.73 19.79 7.98
N GLU S 180 -2.61 18.95 8.53
CA GLU S 180 -2.26 18.15 9.69
C GLU S 180 -1.14 17.17 9.36
N GLU S 181 -1.20 16.59 8.17
CA GLU S 181 -0.19 15.64 7.73
C GLU S 181 1.17 16.31 7.54
N ALA S 182 1.15 17.57 7.14
CA ALA S 182 2.39 18.34 6.96
C ALA S 182 3.00 18.69 8.31
N LYS S 183 2.14 18.87 9.31
CA LYS S 183 2.60 19.17 10.65
C LYS S 183 3.33 17.96 11.22
N ASP S 184 2.76 16.78 11.02
CA ASP S 184 3.35 15.55 11.49
C ASP S 184 4.66 15.25 10.79
N TYR S 185 4.76 15.62 9.52
CA TYR S 185 5.96 15.35 8.72
C TYR S 185 7.13 16.22 9.16
N GLY S 186 6.80 17.38 9.74
CA GLY S 186 7.82 18.30 10.22
C GLY S 186 8.04 19.47 9.27
N ILE S 187 7.16 19.61 8.28
CA ILE S 187 7.26 20.70 7.33
C ILE S 187 6.72 21.98 7.93
N ILE S 188 5.64 21.87 8.70
CA ILE S 188 5.10 23.01 9.43
C ILE S 188 4.95 22.67 10.91
N ASP S 189 5.04 23.68 11.76
CA ASP S 189 4.94 23.48 13.20
C ASP S 189 3.51 23.41 13.72
N THR S 190 2.63 24.25 13.18
CA THR S 190 1.25 24.31 13.65
C THR S 190 0.26 24.58 12.52
N VAL S 191 -1.03 24.33 12.80
CA VAL S 191 -2.10 24.59 11.84
C VAL S 191 -3.03 25.66 12.39
N LEU S 192 -3.19 26.75 11.66
CA LEU S 192 -4.01 27.86 12.11
C LEU S 192 -5.47 27.47 12.22
N GLU S 193 -6.13 27.92 13.28
CA GLU S 193 -7.56 27.67 13.49
C GLU S 193 -8.33 28.94 13.20
N TYR S 194 -9.56 28.78 12.69
CA TYR S 194 -10.40 29.92 12.36
C TYR S 194 -10.65 30.79 13.59
N ARG S 195 -10.47 32.09 13.42
CA ARG S 195 -10.59 33.06 14.49
C ARG S 195 -11.99 33.65 14.59
N LYS S 196 -12.91 33.14 13.79
CA LYS S 196 -14.24 33.74 13.70
C LYS S 196 -14.97 33.69 15.02
N LEU S 197 -15.80 34.70 15.25
CA LEU S 197 -16.55 34.83 16.50
C LEU S 197 -17.76 33.93 16.50
N SER S 198 -18.51 33.94 15.41
CA SER S 198 -19.70 33.12 15.28
C SER S 198 -19.35 31.64 15.31
N ILE T 3 3.74 40.66 -8.90
CA ILE T 3 3.39 41.91 -8.21
C ILE T 3 4.43 42.26 -7.16
N LEU T 4 4.98 43.47 -7.27
CA LEU T 4 6.03 43.94 -6.37
C LEU T 4 5.52 45.13 -5.55
N PRO T 5 5.40 44.97 -4.23
CA PRO T 5 4.84 46.07 -3.44
C PRO T 5 5.81 47.21 -3.25
N SER T 6 5.30 48.43 -3.21
CA SER T 6 6.11 49.60 -2.89
C SER T 6 5.84 49.99 -1.44
N PHE T 7 6.88 50.45 -0.76
CA PHE T 7 6.77 50.81 0.65
C PHE T 7 6.95 52.31 0.85
N ILE T 8 6.84 52.74 2.09
CA ILE T 8 6.82 54.16 2.41
C ILE T 8 7.75 54.49 3.57
N GLU T 9 8.52 55.56 3.41
CA GLU T 9 9.44 56.05 4.42
C GLU T 9 9.15 57.50 4.72
N HIS T 10 9.43 57.95 5.93
CA HIS T 10 9.10 59.31 6.33
C HIS T 10 10.14 59.91 7.26
N SER T 11 10.40 61.19 7.04
CA SER T 11 11.30 61.97 7.89
C SER T 11 10.73 63.37 8.06
N SER T 12 11.33 64.15 8.93
CA SER T 12 10.92 65.53 9.16
C SER T 12 10.91 66.36 7.88
N PHE T 13 11.66 65.93 6.88
CA PHE T 13 11.73 66.63 5.60
C PHE T 13 10.61 66.28 4.62
N GLY T 14 9.97 65.13 4.80
CA GLY T 14 8.89 64.72 3.93
C GLY T 14 8.63 63.23 3.93
N VAL T 15 7.72 62.79 3.07
CA VAL T 15 7.38 61.39 2.92
C VAL T 15 7.86 60.88 1.56
N LYS T 16 8.36 59.65 1.53
CA LYS T 16 8.90 59.05 0.31
C LYS T 16 8.33 57.67 0.06
N GLU T 17 7.64 57.51 -1.07
CA GLU T 17 7.18 56.20 -1.51
C GLU T 17 8.15 55.67 -2.56
N SER T 18 8.69 54.47 -2.34
CA SER T 18 9.73 53.94 -3.21
C SER T 18 9.61 52.44 -3.46
N ASN T 19 10.24 52.02 -4.55
CA ASN T 19 10.27 50.62 -4.99
C ASN T 19 11.46 49.91 -4.34
N PRO T 20 11.30 48.63 -3.96
CA PRO T 20 12.43 47.88 -3.40
C PRO T 20 13.72 47.98 -4.20
N TYR T 21 13.64 47.92 -5.52
CA TYR T 21 14.84 47.97 -6.34
C TYR T 21 15.47 49.37 -6.30
N ASN T 22 14.66 50.39 -6.07
CA ASN T 22 15.17 51.74 -5.90
C ASN T 22 15.93 51.89 -4.59
N LYS T 23 15.42 51.25 -3.54
CA LYS T 23 16.07 51.30 -2.23
C LYS T 23 17.42 50.63 -2.29
N LEU T 24 17.53 49.57 -3.09
CA LEU T 24 18.80 48.90 -3.28
C LEU T 24 19.79 49.82 -3.98
N PHE T 25 19.32 50.51 -5.01
CA PHE T 25 20.17 51.43 -5.76
C PHE T 25 20.57 52.63 -4.90
N GLU T 26 19.70 53.01 -3.96
CA GLU T 26 20.02 54.07 -3.01
C GLU T 26 21.18 53.64 -2.13
N GLU T 27 21.29 52.34 -1.92
CA GLU T 27 22.36 51.76 -1.11
C GLU T 27 23.55 51.35 -1.96
N ARG T 28 23.54 51.77 -3.23
CA ARG T 28 24.61 51.48 -4.17
C ARG T 28 24.65 50.01 -4.56
N ILE T 29 23.47 49.41 -4.70
CA ILE T 29 23.36 48.01 -5.11
C ILE T 29 22.71 47.87 -6.48
N ILE T 30 23.50 47.44 -7.46
CA ILE T 30 22.99 47.12 -8.78
C ILE T 30 22.62 45.64 -8.82
N PHE T 31 21.45 45.34 -9.36
CA PHE T 31 20.94 43.98 -9.38
C PHE T 31 20.93 43.43 -10.80
N LEU T 32 21.75 42.42 -11.08
CA LEU T 32 21.68 41.72 -12.34
C LEU T 32 20.96 40.39 -12.14
N GLY T 33 19.70 40.35 -12.55
CA GLY T 33 18.83 39.21 -12.32
C GLY T 33 18.45 38.43 -13.56
N VAL T 34 18.94 38.88 -14.71
CA VAL T 34 18.45 38.40 -15.99
C VAL T 34 19.60 38.02 -16.90
N GLN T 35 19.29 37.38 -18.03
CA GLN T 35 20.31 37.03 -19.01
C GLN T 35 21.02 38.30 -19.47
N VAL T 36 22.31 38.17 -19.75
CA VAL T 36 23.08 39.31 -20.21
C VAL T 36 22.84 39.54 -21.70
N ASP T 37 22.30 40.71 -22.03
CA ASP T 37 22.06 41.10 -23.40
C ASP T 37 22.28 42.59 -23.56
N ASP T 38 22.07 43.10 -24.77
CA ASP T 38 22.28 44.51 -25.05
C ASP T 38 21.38 45.36 -24.15
N ALA T 39 20.17 44.89 -23.91
CA ALA T 39 19.24 45.60 -23.04
C ALA T 39 19.74 45.64 -21.61
N SER T 40 20.04 44.46 -21.07
CA SER T 40 20.51 44.34 -19.70
C SER T 40 21.84 45.02 -19.47
N ALA T 41 22.75 44.90 -20.44
CA ALA T 41 24.07 45.47 -20.32
C ALA T 41 24.01 47.00 -20.26
N ASN T 42 23.29 47.59 -21.22
CA ASN T 42 23.16 49.04 -21.27
C ASN T 42 22.58 49.61 -19.98
N ASP T 43 21.62 48.90 -19.40
CA ASP T 43 21.02 49.33 -18.14
C ASP T 43 22.02 49.26 -17.00
N ILE T 44 22.84 48.22 -16.96
CA ILE T 44 23.83 48.06 -15.91
C ILE T 44 24.97 49.07 -16.04
N MET T 45 25.40 49.32 -17.27
CA MET T 45 26.46 50.30 -17.51
C MET T 45 25.99 51.67 -17.07
N ALA T 46 24.74 52.00 -17.37
CA ALA T 46 24.15 53.26 -16.95
C ALA T 46 24.18 53.37 -15.43
N GLN T 47 23.75 52.31 -14.75
CA GLN T 47 23.71 52.31 -13.30
C GLN T 47 25.10 52.48 -12.69
N LEU T 48 26.09 51.80 -13.27
CA LEU T 48 27.46 51.89 -12.77
C LEU T 48 27.98 53.30 -12.90
N LEU T 49 27.78 53.90 -14.07
CA LEU T 49 28.28 55.25 -14.33
C LEU T 49 27.58 56.29 -13.48
N VAL T 50 26.34 56.00 -13.08
CA VAL T 50 25.61 56.92 -12.22
C VAL T 50 26.21 56.88 -10.82
N LEU T 51 26.35 55.68 -10.26
CA LEU T 51 26.93 55.54 -8.93
C LEU T 51 28.36 56.08 -8.90
N GLU T 52 29.03 56.03 -10.05
CA GLU T 52 30.33 56.66 -10.19
C GLU T 52 30.20 58.16 -9.98
N SER T 53 29.23 58.75 -10.66
CA SER T 53 29.02 60.19 -10.62
C SER T 53 28.68 60.70 -9.23
N LEU T 54 27.77 60.01 -8.56
CA LEU T 54 27.28 60.48 -7.27
C LEU T 54 28.37 60.46 -6.21
N ASP T 55 28.99 59.29 -6.01
CA ASP T 55 30.06 59.15 -5.02
C ASP T 55 31.15 58.21 -5.53
N PRO T 56 32.12 58.75 -6.30
CA PRO T 56 33.15 57.88 -6.89
C PRO T 56 34.02 57.16 -5.88
N ASP T 57 34.03 57.62 -4.64
CA ASP T 57 34.88 57.03 -3.60
C ASP T 57 34.24 55.84 -2.88
N ARG T 58 32.93 55.67 -3.02
CA ARG T 58 32.19 54.62 -2.32
C ARG T 58 32.04 53.37 -3.16
N ASP T 59 32.17 52.21 -2.50
CA ASP T 59 32.07 50.92 -3.18
C ASP T 59 30.71 50.72 -3.84
N ILE T 60 30.71 50.02 -4.97
CA ILE T 60 29.49 49.63 -5.66
C ILE T 60 29.28 48.13 -5.49
N THR T 61 28.03 47.72 -5.31
CA THR T 61 27.71 46.32 -5.10
C THR T 61 26.90 45.76 -6.26
N MET T 62 27.28 44.59 -6.74
CA MET T 62 26.56 43.91 -7.81
C MET T 62 26.04 42.56 -7.33
N TYR T 63 24.72 42.45 -7.26
CA TYR T 63 24.08 41.19 -6.97
C TYR T 63 23.83 40.48 -8.29
N ILE T 64 24.31 39.24 -8.39
CA ILE T 64 24.25 38.50 -9.65
C ILE T 64 23.48 37.20 -9.52
N ASN T 65 22.32 37.14 -10.16
CA ASN T 65 21.68 35.87 -10.46
C ASN T 65 21.33 35.85 -11.94
N SER T 66 22.08 35.06 -12.72
CA SER T 66 21.92 35.10 -14.16
C SER T 66 22.24 33.78 -14.85
N PRO T 67 21.53 33.46 -15.95
CA PRO T 67 21.90 32.33 -16.80
C PRO T 67 23.17 32.57 -17.60
N GLY T 68 23.60 33.84 -17.68
CA GLY T 68 24.68 34.23 -18.56
C GLY T 68 24.14 34.94 -19.79
N GLY T 69 24.97 35.13 -20.81
CA GLY T 69 24.51 35.82 -22.00
C GLY T 69 25.59 36.09 -23.03
N GLY T 70 25.31 37.07 -23.90
CA GLY T 70 26.18 37.38 -25.02
C GLY T 70 27.57 37.83 -24.63
N PHE T 71 28.52 37.67 -25.55
CA PHE T 71 29.91 37.99 -25.28
C PHE T 71 30.14 39.50 -25.28
N THR T 72 29.66 40.18 -26.32
CA THR T 72 29.82 41.62 -26.42
C THR T 72 29.14 42.32 -25.24
N SER T 73 27.97 41.81 -24.86
CA SER T 73 27.23 42.36 -23.74
C SER T 73 27.99 42.17 -22.45
N LEU T 74 28.67 41.04 -22.33
CA LEU T 74 29.49 40.74 -21.17
C LEU T 74 30.69 41.68 -21.06
N MET T 75 31.40 41.86 -22.17
CA MET T 75 32.61 42.68 -22.17
C MET T 75 32.26 44.16 -22.01
N ALA T 76 31.04 44.52 -22.39
CA ALA T 76 30.55 45.87 -22.17
C ALA T 76 30.47 46.14 -20.68
N ILE T 77 29.87 45.21 -19.95
CA ILE T 77 29.75 45.32 -18.51
C ILE T 77 31.11 45.19 -17.84
N TYR T 78 31.92 44.25 -18.33
CA TYR T 78 33.22 44.00 -17.72
C TYR T 78 34.10 45.24 -17.77
N ASP T 79 34.24 45.84 -18.95
CA ASP T 79 35.06 47.03 -19.11
C ASP T 79 34.58 48.15 -18.20
N THR T 80 33.26 48.32 -18.11
CA THR T 80 32.69 49.38 -17.29
C THR T 80 32.98 49.14 -15.81
N MET T 81 32.89 47.88 -15.39
CA MET T 81 33.19 47.52 -14.00
C MET T 81 34.63 47.91 -13.68
N GLN T 82 35.55 47.56 -14.56
CA GLN T 82 36.97 47.81 -14.34
C GLN T 82 37.33 49.29 -14.47
N TYR T 83 36.57 50.01 -15.29
CA TYR T 83 36.84 51.43 -15.52
C TYR T 83 36.56 52.27 -14.29
N VAL T 84 35.38 52.07 -13.70
CA VAL T 84 34.91 52.86 -12.58
C VAL T 84 35.93 52.92 -11.46
N ARG T 85 36.11 54.12 -10.91
CA ARG T 85 37.09 54.34 -9.85
C ARG T 85 36.74 53.59 -8.59
N ALA T 86 35.45 53.52 -8.29
CA ALA T 86 34.98 52.81 -7.12
C ALA T 86 35.23 51.32 -7.25
N ASP T 87 35.58 50.68 -6.13
CA ASP T 87 35.71 49.24 -6.09
C ASP T 87 34.33 48.61 -6.30
N ILE T 88 34.32 47.38 -6.81
CA ILE T 88 33.07 46.70 -7.09
C ILE T 88 32.99 45.37 -6.35
N GLN T 89 31.96 45.25 -5.52
CA GLN T 89 31.68 44.02 -4.79
C GLN T 89 30.67 43.18 -5.56
N THR T 90 30.96 41.90 -5.73
CA THR T 90 30.07 40.99 -6.44
C THR T 90 29.54 39.93 -5.49
N VAL T 91 28.22 39.73 -5.53
CA VAL T 91 27.57 38.73 -4.69
C VAL T 91 26.68 37.85 -5.57
N CYS T 92 26.84 36.54 -5.44
CA CYS T 92 26.10 35.60 -6.27
C CYS T 92 24.95 34.96 -5.52
N LEU T 93 23.75 35.07 -6.08
CA LEU T 93 22.55 34.48 -5.50
C LEU T 93 21.95 33.40 -6.39
N GLY T 94 22.11 32.16 -5.98
CA GLY T 94 21.41 31.04 -6.57
C GLY T 94 22.09 30.46 -7.79
N GLN T 95 22.81 31.30 -8.54
CA GLN T 95 23.74 30.85 -9.58
C GLN T 95 24.41 32.01 -10.29
N ALA T 96 25.57 31.73 -10.88
CA ALA T 96 26.16 32.58 -11.89
C ALA T 96 26.74 31.68 -12.98
N ALA T 97 26.22 31.79 -14.19
CA ALA T 97 26.56 30.84 -15.24
C ALA T 97 27.17 31.50 -16.47
N SER T 98 28.16 30.82 -17.06
CA SER T 98 28.78 31.28 -18.29
C SER T 98 29.29 32.71 -18.14
N ALA T 99 28.72 33.62 -18.92
CA ALA T 99 29.10 35.02 -18.89
C ALA T 99 29.02 35.59 -17.48
N ALA T 100 27.98 35.24 -16.76
CA ALA T 100 27.75 35.78 -15.42
C ALA T 100 28.84 35.34 -14.46
N ALA T 101 29.41 34.16 -14.69
CA ALA T 101 30.49 33.66 -13.84
C ALA T 101 31.74 34.50 -13.99
N VAL T 102 31.95 35.01 -15.21
CA VAL T 102 33.08 35.88 -15.48
C VAL T 102 32.93 37.21 -14.77
N LEU T 103 31.72 37.76 -14.81
CA LEU T 103 31.44 39.03 -14.14
C LEU T 103 31.60 38.90 -12.63
N LEU T 104 31.21 37.74 -12.10
CA LEU T 104 31.35 37.49 -10.67
C LEU T 104 32.81 37.54 -10.26
N ALA T 105 33.67 36.96 -11.08
CA ALA T 105 35.10 36.92 -10.81
C ALA T 105 35.76 38.26 -11.12
N ALA T 106 35.06 39.11 -11.87
CA ALA T 106 35.64 40.36 -12.34
C ALA T 106 35.55 41.45 -11.28
N GLY T 107 34.92 41.13 -10.14
CA GLY T 107 34.89 42.05 -9.03
C GLY T 107 36.28 42.29 -8.50
N THR T 108 36.47 43.37 -7.77
CA THR T 108 37.78 43.69 -7.22
C THR T 108 38.17 42.66 -6.16
N PRO T 109 39.46 42.29 -6.11
CA PRO T 109 39.91 41.24 -5.19
C PRO T 109 39.48 41.45 -3.75
N GLY T 110 38.99 40.37 -3.13
CA GLY T 110 38.60 40.38 -1.74
C GLY T 110 37.13 40.72 -1.53
N LYS T 111 36.53 41.40 -2.50
CA LYS T 111 35.14 41.82 -2.41
C LYS T 111 34.18 40.90 -3.17
N ARG T 112 34.70 39.83 -3.77
CA ARG T 112 33.88 38.84 -4.47
C ARG T 112 33.38 37.74 -3.54
N MET T 113 32.07 37.55 -3.47
CA MET T 113 31.49 36.56 -2.57
C MET T 113 30.24 35.90 -3.16
N ALA T 114 29.78 34.84 -2.52
CA ALA T 114 28.58 34.14 -2.94
C ALA T 114 27.85 33.53 -1.73
N LEU T 115 26.57 33.22 -1.93
CA LEU T 115 25.79 32.55 -0.89
C LEU T 115 26.09 31.05 -0.93
N PRO T 116 25.91 30.37 0.22
CA PRO T 116 26.37 28.99 0.33
C PRO T 116 25.77 28.02 -0.68
N ASN T 117 24.47 28.14 -0.94
CA ASN T 117 23.79 27.21 -1.86
C ASN T 117 23.76 27.72 -3.30
N ALA T 118 24.39 28.85 -3.55
CA ALA T 118 24.56 29.35 -4.91
C ALA T 118 25.53 28.44 -5.66
N ARG T 119 25.47 28.47 -6.99
CA ARG T 119 26.36 27.64 -7.81
C ARG T 119 27.04 28.49 -8.88
N VAL T 120 28.11 27.96 -9.46
CA VAL T 120 28.82 28.67 -10.52
C VAL T 120 29.10 27.72 -11.68
N LEU T 121 28.71 28.13 -12.88
CA LEU T 121 28.95 27.36 -14.09
C LEU T 121 29.99 28.02 -14.98
N ILE T 122 30.94 27.22 -15.47
CA ILE T 122 31.92 27.70 -16.43
C ILE T 122 31.97 26.77 -17.62
N HIS T 123 31.83 27.32 -18.82
CA HIS T 123 32.07 26.55 -20.03
C HIS T 123 32.56 27.46 -21.15
N GLN T 124 33.12 26.86 -22.18
CA GLN T 124 33.59 27.64 -23.31
C GLN T 124 32.41 28.19 -24.08
N PRO T 125 32.63 29.27 -24.84
CA PRO T 125 31.57 29.85 -25.66
C PRO T 125 30.98 28.84 -26.65
N SER T 126 29.65 28.84 -26.77
CA SER T 126 28.97 27.94 -27.69
C SER T 126 27.98 28.68 -28.56
N LEU T 127 27.69 28.10 -29.71
CA LEU T 127 26.69 28.64 -30.64
C LEU T 127 25.57 27.62 -30.83
N SER T 128 24.39 27.96 -30.35
CA SER T 128 23.26 27.04 -30.36
C SER T 128 22.70 26.84 -31.76
N GLY T 129 22.60 27.94 -32.52
CA GLY T 129 22.08 27.89 -33.87
C GLY T 129 23.13 27.51 -34.88
N VAL T 130 22.82 27.72 -36.17
CA VAL T 130 23.77 27.45 -37.25
C VAL T 130 23.93 28.70 -38.11
N ILE T 131 25.18 29.08 -38.36
CA ILE T 131 25.48 30.17 -39.28
C ILE T 131 26.10 29.59 -40.54
N GLN T 132 25.57 30.00 -41.69
CA GLN T 132 25.96 29.44 -42.97
C GLN T 132 26.56 30.50 -43.88
N GLY T 133 27.35 30.07 -44.86
CA GLY T 133 27.97 30.97 -45.81
C GLY T 133 29.15 30.32 -46.50
N GLN T 134 29.83 31.08 -47.35
CA GLN T 134 31.02 30.59 -48.03
C GLN T 134 32.11 30.32 -47.01
N PHE T 135 33.03 29.42 -47.35
CA PHE T 135 34.09 29.05 -46.42
C PHE T 135 34.90 30.26 -45.96
N SER T 136 35.04 31.25 -46.86
CA SER T 136 35.77 32.47 -46.53
C SER T 136 35.12 33.20 -45.37
N ASP T 137 33.79 33.27 -45.39
CA ASP T 137 33.06 33.94 -44.32
C ASP T 137 33.14 33.13 -43.04
N LEU T 138 32.96 31.82 -43.16
CA LEU T 138 32.99 30.93 -42.01
C LEU T 138 34.38 30.88 -41.40
N GLU T 139 35.40 30.97 -42.23
CA GLU T 139 36.78 30.96 -41.77
C GLU T 139 37.03 32.16 -40.85
N ILE T 140 36.37 33.28 -41.16
CA ILE T 140 36.50 34.49 -40.36
C ILE T 140 35.73 34.37 -39.06
N GLN T 141 34.52 33.83 -39.13
CA GLN T 141 33.72 33.64 -37.94
C GLN T 141 34.43 32.72 -36.98
N ALA T 142 34.95 31.61 -37.51
CA ALA T 142 35.68 30.66 -36.71
C ALA T 142 36.91 31.29 -36.08
N ALA T 143 37.53 32.20 -36.84
CA ALA T 143 38.72 32.89 -36.35
C ALA T 143 38.36 33.79 -35.18
N GLU T 144 37.25 34.51 -35.30
CA GLU T 144 36.79 35.38 -34.24
C GLU T 144 36.36 34.58 -33.01
N ILE T 145 35.64 33.49 -33.24
CA ILE T 145 35.13 32.66 -32.16
C ILE T 145 36.25 32.15 -31.27
N GLU T 146 37.38 31.80 -31.89
CA GLU T 146 38.53 31.32 -31.13
C GLU T 146 39.14 32.47 -30.32
N ARG T 147 39.10 33.67 -30.89
CA ARG T 147 39.62 34.84 -30.20
C ARG T 147 38.76 35.12 -28.96
N MET T 148 37.45 35.00 -29.13
CA MET T 148 36.53 35.23 -28.02
C MET T 148 36.68 34.16 -26.96
N ARG T 149 36.93 32.93 -27.41
CA ARG T 149 37.19 31.83 -26.49
C ARG T 149 38.41 32.13 -25.64
N THR T 150 39.53 32.37 -26.30
CA THR T 150 40.79 32.65 -25.61
C THR T 150 40.68 33.89 -24.73
N LEU T 151 39.89 34.86 -25.16
CA LEU T 151 39.76 36.10 -24.41
C LEU T 151 39.02 35.88 -23.11
N MET T 152 38.05 34.97 -23.12
CA MET T 152 37.32 34.62 -21.91
C MET T 152 38.26 33.89 -20.98
N GLU T 153 39.15 33.09 -21.55
CA GLU T 153 40.10 32.31 -20.77
C GLU T 153 41.13 33.20 -20.08
N THR T 154 41.67 34.18 -20.81
CA THR T 154 42.65 35.09 -20.24
C THR T 154 42.04 35.93 -19.12
N THR T 155 40.84 36.45 -19.35
CA THR T 155 40.17 37.28 -18.36
C THR T 155 39.88 36.47 -17.10
N LEU T 156 39.40 35.24 -17.28
CA LEU T 156 39.17 34.36 -16.15
C LEU T 156 40.48 34.01 -15.48
N ALA T 157 41.53 33.91 -16.28
CA ALA T 157 42.83 33.48 -15.77
C ALA T 157 43.42 34.48 -14.78
N ARG T 158 43.37 35.76 -15.13
CA ARG T 158 44.02 36.77 -14.30
C ARG T 158 43.20 37.08 -13.06
N HIS T 159 41.89 36.91 -13.17
CA HIS T 159 41.00 37.14 -12.03
C HIS T 159 40.98 35.97 -11.07
N THR T 160 41.02 34.75 -11.60
CA THR T 160 41.04 33.55 -10.76
C THR T 160 42.45 33.24 -10.24
N GLY T 161 43.46 33.63 -11.00
CA GLY T 161 44.84 33.35 -10.64
C GLY T 161 45.36 32.09 -11.33
N LYS T 162 44.46 31.32 -11.90
CA LYS T 162 44.83 30.12 -12.63
C LYS T 162 45.51 30.51 -13.94
N ASP T 163 46.29 29.58 -14.50
CA ASP T 163 46.90 29.80 -15.80
C ASP T 163 45.85 29.66 -16.89
N ALA T 164 46.03 30.40 -17.98
CA ALA T 164 45.08 30.38 -19.09
C ALA T 164 44.89 28.97 -19.62
N GLY T 165 45.95 28.18 -19.58
CA GLY T 165 45.89 26.82 -20.06
C GLY T 165 44.99 25.94 -19.22
N VAL T 166 44.99 26.16 -17.91
CA VAL T 166 44.16 25.38 -17.01
C VAL T 166 42.69 25.69 -17.24
N ILE T 167 42.37 26.97 -17.40
CA ILE T 167 41.02 27.40 -17.68
C ILE T 167 40.51 26.74 -18.94
N ARG T 168 41.33 26.75 -19.98
CA ARG T 168 40.95 26.17 -21.26
C ARG T 168 40.58 24.70 -21.12
N LYS T 169 41.29 23.99 -20.25
CA LYS T 169 41.03 22.58 -20.01
C LYS T 169 39.74 22.38 -19.22
N ASP T 170 39.53 23.21 -18.20
CA ASP T 170 38.37 23.08 -17.35
C ASP T 170 37.08 23.50 -18.05
N THR T 171 37.18 24.46 -18.96
CA THR T 171 36.01 25.00 -19.63
C THR T 171 35.61 24.21 -20.87
N ASP T 172 36.44 23.24 -21.28
CA ASP T 172 36.13 22.41 -22.44
C ASP T 172 34.76 21.76 -22.27
N ARG T 173 34.48 21.32 -21.05
CA ARG T 173 33.17 20.81 -20.69
C ARG T 173 32.59 21.68 -19.58
N ASP T 174 31.26 21.73 -19.49
CA ASP T 174 30.61 22.49 -18.44
C ASP T 174 31.12 22.05 -17.08
N LYS T 175 31.56 22.99 -16.27
CA LYS T 175 32.05 22.71 -14.93
C LYS T 175 31.22 23.44 -13.89
N ILE T 176 30.46 22.68 -13.11
CA ILE T 176 29.63 23.27 -12.07
C ILE T 176 30.37 23.30 -10.75
N LEU T 177 30.29 24.45 -10.08
CA LEU T 177 30.98 24.67 -8.82
C LEU T 177 30.02 25.15 -7.76
N THR T 178 30.10 24.58 -6.57
CA THR T 178 29.34 25.08 -5.44
C THR T 178 30.02 26.35 -4.95
N ALA T 179 29.48 26.96 -3.91
CA ALA T 179 30.06 28.18 -3.36
C ALA T 179 31.50 27.93 -2.91
N GLU T 180 31.69 26.89 -2.09
CA GLU T 180 33.02 26.58 -1.57
C GLU T 180 33.97 26.20 -2.69
N GLU T 181 33.45 25.45 -3.67
CA GLU T 181 34.26 25.03 -4.81
C GLU T 181 34.65 26.22 -5.65
N ALA T 182 33.79 27.23 -5.71
CA ALA T 182 34.08 28.44 -6.45
C ALA T 182 35.14 29.27 -5.73
N LYS T 183 35.14 29.17 -4.40
CA LYS T 183 36.13 29.88 -3.60
C LYS T 183 37.52 29.33 -3.84
N ASP T 184 37.62 28.00 -3.86
CA ASP T 184 38.90 27.34 -4.08
C ASP T 184 39.39 27.61 -5.50
N TYR T 185 38.46 27.71 -6.44
CA TYR T 185 38.82 27.93 -7.84
C TYR T 185 39.34 29.34 -8.06
N GLY T 186 38.92 30.27 -7.21
CA GLY T 186 39.36 31.64 -7.29
C GLY T 186 38.36 32.58 -7.93
N ILE T 187 37.14 32.10 -8.13
CA ILE T 187 36.08 32.93 -8.71
C ILE T 187 35.52 33.89 -7.66
N ILE T 188 35.37 33.40 -6.44
CA ILE T 188 34.94 34.24 -5.33
C ILE T 188 35.92 34.15 -4.18
N ASP T 189 36.00 35.20 -3.37
CA ASP T 189 36.92 35.24 -2.25
C ASP T 189 36.37 34.55 -1.01
N THR T 190 35.09 34.74 -0.72
CA THR T 190 34.49 34.19 0.49
C THR T 190 33.05 33.76 0.27
N VAL T 191 32.52 32.97 1.21
CA VAL T 191 31.14 32.53 1.19
C VAL T 191 30.38 33.11 2.37
N LEU T 192 29.30 33.82 2.10
CA LEU T 192 28.53 34.45 3.16
C LEU T 192 27.90 33.45 4.11
N GLU T 193 27.95 33.75 5.40
CA GLU T 193 27.36 32.92 6.43
C GLU T 193 26.09 33.57 6.94
N TYR T 194 25.12 32.76 7.30
CA TYR T 194 23.84 33.25 7.80
C TYR T 194 24.06 34.12 9.03
N ARG T 195 23.44 35.30 9.03
CA ARG T 195 23.61 36.27 10.10
C ARG T 195 22.53 36.13 11.16
N LYS T 196 21.69 35.10 11.01
CA LYS T 196 20.52 34.96 11.86
C LYS T 196 20.87 34.74 13.32
N LEU T 197 20.04 35.27 14.21
CA LEU T 197 20.23 35.14 15.65
C LEU T 197 19.72 33.78 16.11
N SER T 198 18.52 33.45 15.66
CA SER T 198 17.88 32.18 16.01
C SER T 198 18.62 30.96 15.49
N ILE U 3 14.54 45.56 -15.69
CA ILE U 3 14.10 46.54 -14.71
C ILE U 3 15.22 47.53 -14.39
N LEU U 4 14.91 48.81 -14.55
CA LEU U 4 15.88 49.88 -14.35
C LEU U 4 15.49 50.77 -13.18
N PRO U 5 16.29 50.79 -12.10
CA PRO U 5 15.87 51.58 -10.94
C PRO U 5 16.07 53.07 -11.15
N SER U 6 15.19 53.88 -10.58
CA SER U 6 15.33 55.33 -10.62
C SER U 6 15.83 55.82 -9.28
N PHE U 7 16.68 56.84 -9.32
CA PHE U 7 17.29 57.39 -8.11
C PHE U 7 16.80 58.79 -7.84
N ILE U 8 17.27 59.38 -6.75
CA ILE U 8 16.74 60.66 -6.28
C ILE U 8 17.89 61.62 -5.92
N GLU U 9 17.75 62.85 -6.38
CA GLU U 9 18.75 63.90 -6.12
C GLU U 9 18.07 65.09 -5.48
N HIS U 10 18.82 65.83 -4.66
CA HIS U 10 18.24 66.93 -3.91
C HIS U 10 19.21 68.10 -3.75
N SER U 11 18.65 69.30 -3.84
CA SER U 11 19.39 70.53 -3.62
C SER U 11 18.49 71.49 -2.86
N SER U 12 19.07 72.60 -2.40
CA SER U 12 18.31 73.62 -1.69
C SER U 12 17.13 74.11 -2.53
N PHE U 13 17.21 73.94 -3.85
CA PHE U 13 16.14 74.37 -4.74
C PHE U 13 15.01 73.36 -4.85
N GLY U 14 15.27 72.11 -4.50
CA GLY U 14 14.25 71.08 -4.57
C GLY U 14 14.76 69.66 -4.66
N VAL U 15 13.82 68.73 -4.80
CA VAL U 15 14.14 67.31 -4.96
C VAL U 15 13.81 66.85 -6.36
N LYS U 16 14.67 65.99 -6.91
CA LYS U 16 14.52 65.49 -8.28
C LYS U 16 14.63 63.97 -8.32
N GLU U 17 13.56 63.33 -8.78
CA GLU U 17 13.56 61.90 -9.04
C GLU U 17 13.81 61.71 -10.52
N SER U 18 14.84 60.94 -10.86
CA SER U 18 15.26 60.81 -12.25
C SER U 18 15.72 59.42 -12.66
N ASN U 19 15.65 59.17 -13.96
CA ASN U 19 16.05 57.92 -14.58
C ASN U 19 17.54 57.98 -14.96
N PRO U 20 18.28 56.87 -14.80
CA PRO U 20 19.69 56.87 -15.19
C PRO U 20 19.96 57.45 -16.58
N TYR U 21 19.12 57.12 -17.55
CA TYR U 21 19.32 57.61 -18.91
C TYR U 21 19.04 59.10 -19.01
N ASN U 22 18.19 59.60 -18.13
CA ASN U 22 17.93 61.04 -18.09
C ASN U 22 19.15 61.79 -17.57
N LYS U 23 19.81 61.19 -16.58
CA LYS U 23 21.01 61.78 -16.00
C LYS U 23 22.14 61.82 -17.01
N LEU U 24 22.22 60.81 -17.86
CA LEU U 24 23.23 60.80 -18.91
C LEU U 24 22.98 61.93 -19.90
N PHE U 25 21.72 62.10 -20.29
CA PHE U 25 21.35 63.14 -21.24
C PHE U 25 21.53 64.53 -20.62
N GLU U 26 21.38 64.61 -19.30
CA GLU U 26 21.64 65.86 -18.58
C GLU U 26 23.11 66.23 -18.68
N GLU U 27 23.95 65.20 -18.81
CA GLU U 27 25.40 65.36 -18.96
C GLU U 27 25.82 65.42 -20.43
N ARG U 28 24.82 65.53 -21.31
CA ARG U 28 25.06 65.62 -22.75
C ARG U 28 25.57 64.32 -23.32
N ILE U 29 25.04 63.21 -22.81
CA ILE U 29 25.39 61.88 -23.31
C ILE U 29 24.20 61.21 -23.97
N ILE U 30 24.28 61.03 -25.28
CA ILE U 30 23.28 60.27 -26.02
C ILE U 30 23.71 58.81 -26.09
N PHE U 31 22.78 57.90 -25.82
CA PHE U 31 23.09 56.48 -25.77
C PHE U 31 22.45 55.74 -26.94
N LEU U 32 23.27 55.22 -27.82
CA LEU U 32 22.79 54.34 -28.87
C LEU U 32 23.10 52.90 -28.49
N GLY U 33 22.08 52.19 -28.01
CA GLY U 33 22.24 50.85 -27.48
C GLY U 33 21.61 49.76 -28.33
N VAL U 34 20.98 50.16 -29.42
CA VAL U 34 20.12 49.26 -30.19
C VAL U 34 20.46 49.34 -31.68
N GLN U 35 19.90 48.44 -32.47
CA GLN U 35 20.08 48.48 -33.91
C GLN U 35 19.57 49.81 -34.46
N VAL U 36 20.24 50.31 -35.49
CA VAL U 36 19.86 51.56 -36.11
C VAL U 36 18.70 51.37 -37.06
N ASP U 37 17.58 52.06 -36.78
CA ASP U 37 16.42 52.03 -37.64
C ASP U 37 15.76 53.41 -37.61
N ASP U 38 14.66 53.56 -38.33
CA ASP U 38 13.98 54.84 -38.41
C ASP U 38 13.58 55.33 -37.02
N ALA U 39 13.15 54.40 -36.18
CA ALA U 39 12.77 54.73 -34.81
C ALA U 39 13.97 55.24 -34.04
N SER U 40 15.05 54.45 -34.05
CA SER U 40 16.27 54.81 -33.34
C SER U 40 16.92 56.06 -33.91
N ALA U 41 16.89 56.18 -35.24
CA ALA U 41 17.51 57.33 -35.90
C ALA U 41 16.78 58.60 -35.55
N ASN U 42 15.46 58.60 -35.69
CA ASN U 42 14.65 59.78 -35.40
C ASN U 42 14.81 60.23 -33.96
N ASP U 43 14.90 59.28 -33.03
CA ASP U 43 15.09 59.61 -31.62
C ASP U 43 16.45 60.24 -31.39
N ILE U 44 17.48 59.71 -32.05
CA ILE U 44 18.84 60.24 -31.89
C ILE U 44 18.97 61.62 -32.52
N MET U 45 18.36 61.81 -33.69
CA MET U 45 18.41 63.11 -34.35
C MET U 45 17.75 64.16 -33.48
N ALA U 46 16.61 63.80 -32.89
CA ALA U 46 15.92 64.69 -31.97
C ALA U 46 16.82 65.04 -30.79
N GLN U 47 17.46 64.04 -30.21
CA GLN U 47 18.35 64.26 -29.07
C GLN U 47 19.51 65.17 -29.42
N LEU U 48 20.11 64.96 -30.60
CA LEU U 48 21.23 65.79 -31.03
C LEU U 48 20.79 67.24 -31.21
N LEU U 49 19.65 67.43 -31.87
CA LEU U 49 19.16 68.78 -32.14
C LEU U 49 18.73 69.49 -30.85
N VAL U 50 18.35 68.72 -29.84
CA VAL U 50 18.00 69.31 -28.55
C VAL U 50 19.26 69.81 -27.86
N LEU U 51 20.27 68.95 -27.77
CA LEU U 51 21.53 69.32 -27.16
C LEU U 51 22.18 70.46 -27.93
N GLU U 52 21.88 70.55 -29.22
CA GLU U 52 22.29 71.69 -30.03
C GLU U 52 21.64 72.95 -29.51
N SER U 53 20.34 72.88 -29.27
CA SER U 53 19.57 74.04 -28.83
C SER U 53 20.00 74.56 -27.45
N LEU U 54 20.19 73.65 -26.50
CA LEU U 54 20.49 74.05 -25.13
C LEU U 54 21.86 74.73 -25.01
N ASP U 55 22.91 74.05 -25.45
CA ASP U 55 24.26 74.61 -25.38
C ASP U 55 25.09 74.24 -26.61
N PRO U 56 24.98 75.00 -27.70
CA PRO U 56 25.69 74.64 -28.93
C PRO U 56 27.22 74.64 -28.80
N ASP U 57 27.76 75.28 -27.76
CA ASP U 57 29.21 75.38 -27.60
C ASP U 57 29.83 74.18 -26.88
N ARG U 58 29.01 73.38 -26.21
CA ARG U 58 29.50 72.26 -25.42
C ARG U 58 29.50 70.96 -26.21
N ASP U 59 30.53 70.15 -26.03
CA ASP U 59 30.66 68.88 -26.73
C ASP U 59 29.49 67.96 -26.43
N ILE U 60 29.12 67.15 -27.41
CA ILE U 60 28.10 66.12 -27.26
C ILE U 60 28.75 64.75 -27.24
N THR U 61 28.25 63.86 -26.40
CA THR U 61 28.81 62.52 -26.26
C THR U 61 27.85 61.47 -26.76
N MET U 62 28.37 60.54 -27.56
CA MET U 62 27.58 59.41 -28.06
C MET U 62 28.19 58.09 -27.63
N TYR U 63 27.48 57.36 -26.77
CA TYR U 63 27.88 56.01 -26.40
C TYR U 63 27.25 55.03 -27.36
N ILE U 64 28.08 54.17 -27.95
CA ILE U 64 27.63 53.27 -28.99
C ILE U 64 27.87 51.81 -28.63
N ASN U 65 26.77 51.08 -28.41
CA ASN U 65 26.78 49.63 -28.47
C ASN U 65 25.67 49.21 -29.40
N SER U 66 26.02 48.74 -30.59
CA SER U 66 25.01 48.45 -31.61
C SER U 66 25.39 47.32 -32.55
N PRO U 67 24.40 46.54 -33.01
CA PRO U 67 24.63 45.59 -34.10
C PRO U 67 24.82 46.29 -35.43
N GLY U 68 24.44 47.55 -35.51
CA GLY U 68 24.39 48.27 -36.78
C GLY U 68 22.94 48.40 -37.21
N GLY U 69 22.71 48.80 -38.46
CA GLY U 69 21.36 48.94 -38.94
C GLY U 69 21.24 49.51 -40.34
N GLY U 70 20.06 50.06 -40.65
CA GLY U 70 19.77 50.52 -41.99
C GLY U 70 20.66 51.64 -42.47
N PHE U 71 20.76 51.76 -43.79
CA PHE U 71 21.64 52.75 -44.40
C PHE U 71 21.08 54.17 -44.34
N THR U 72 19.81 54.32 -44.73
CA THR U 72 19.17 55.64 -44.69
C THR U 72 19.14 56.16 -43.26
N SER U 73 18.88 55.25 -42.32
CA SER U 73 18.84 55.62 -40.92
C SER U 73 20.21 56.06 -40.44
N LEU U 74 21.25 55.40 -40.96
CA LEU U 74 22.62 55.76 -40.61
C LEU U 74 23.00 57.14 -41.10
N MET U 75 22.69 57.44 -42.36
CA MET U 75 23.06 58.72 -42.94
C MET U 75 22.21 59.84 -42.33
N ALA U 76 21.04 59.49 -41.82
CA ALA U 76 20.22 60.46 -41.12
C ALA U 76 20.92 60.90 -39.84
N ILE U 77 21.42 59.93 -39.09
CA ILE U 77 22.17 60.22 -37.87
C ILE U 77 23.49 60.90 -38.23
N TYR U 78 24.14 60.40 -39.27
CA TYR U 78 25.45 60.92 -39.67
C TYR U 78 25.40 62.40 -40.00
N ASP U 79 24.50 62.80 -40.90
CA ASP U 79 24.39 64.18 -41.30
C ASP U 79 24.12 65.07 -40.10
N THR U 80 23.25 64.59 -39.20
CA THR U 80 22.89 65.35 -38.02
C THR U 80 24.10 65.51 -37.10
N MET U 81 24.89 64.46 -36.97
CA MET U 81 26.10 64.53 -36.17
C MET U 81 27.03 65.59 -36.74
N GLN U 82 27.22 65.54 -38.06
CA GLN U 82 28.13 66.47 -38.73
C GLN U 82 27.51 67.86 -38.82
N TYR U 83 26.19 67.94 -38.86
CA TYR U 83 25.52 69.23 -38.97
C TYR U 83 25.68 70.05 -37.70
N VAL U 84 25.43 69.42 -36.56
CA VAL U 84 25.43 70.10 -35.28
C VAL U 84 26.70 70.90 -35.07
N ARG U 85 26.51 72.12 -34.56
CA ARG U 85 27.60 73.08 -34.38
C ARG U 85 28.61 72.55 -33.35
N ALA U 86 28.10 71.90 -32.31
CA ALA U 86 28.94 71.31 -31.27
C ALA U 86 29.77 70.12 -31.77
N ASP U 87 30.98 69.97 -31.24
CA ASP U 87 31.79 68.79 -31.52
C ASP U 87 31.13 67.54 -30.94
N ILE U 88 31.41 66.39 -31.55
CA ILE U 88 30.82 65.12 -31.09
C ILE U 88 31.89 64.08 -30.78
N GLN U 89 31.91 63.66 -29.53
CA GLN U 89 32.81 62.59 -29.09
C GLN U 89 32.04 61.28 -29.08
N THR U 90 32.64 60.23 -29.63
CA THR U 90 32.03 58.92 -29.71
C THR U 90 32.79 57.87 -28.89
N VAL U 91 32.05 57.07 -28.14
CA VAL U 91 32.61 56.01 -27.31
C VAL U 91 31.92 54.68 -27.59
N CYS U 92 32.72 53.64 -27.82
CA CYS U 92 32.21 52.32 -28.17
C CYS U 92 32.26 51.35 -26.99
N LEU U 93 31.10 50.77 -26.66
CA LEU U 93 31.02 49.78 -25.58
C LEU U 93 30.61 48.40 -26.07
N GLY U 94 31.56 47.48 -26.08
CA GLY U 94 31.30 46.07 -26.27
C GLY U 94 31.22 45.67 -27.73
N GLN U 95 30.79 46.61 -28.57
CA GLN U 95 30.92 46.50 -30.03
C GLN U 95 30.33 47.69 -30.75
N ALA U 96 30.80 47.93 -31.96
CA ALA U 96 30.12 48.78 -32.93
C ALA U 96 30.26 48.12 -34.30
N ALA U 97 29.15 47.73 -34.91
CA ALA U 97 29.19 46.90 -36.11
C ALA U 97 28.47 47.54 -37.28
N SER U 98 29.03 47.35 -38.48
CA SER U 98 28.42 47.82 -39.72
C SER U 98 28.14 49.30 -39.65
N ALA U 99 26.87 49.68 -39.73
CA ALA U 99 26.46 51.07 -39.67
C ALA U 99 27.02 51.76 -38.43
N ALA U 100 26.98 51.06 -37.30
CA ALA U 100 27.42 51.62 -36.04
C ALA U 100 28.91 51.94 -36.04
N ALA U 101 29.68 51.16 -36.79
CA ALA U 101 31.12 51.39 -36.89
C ALA U 101 31.41 52.68 -37.62
N VAL U 102 30.56 53.01 -38.59
CA VAL U 102 30.70 54.27 -39.32
C VAL U 102 30.39 55.45 -38.42
N LEU U 103 29.33 55.31 -37.63
CA LEU U 103 28.96 56.36 -36.69
C LEU U 103 30.06 56.57 -35.66
N LEU U 104 30.69 55.48 -35.26
CA LEU U 104 31.80 55.55 -34.31
C LEU U 104 32.94 56.36 -34.90
N ALA U 105 33.24 56.11 -36.17
CA ALA U 105 34.33 56.78 -36.86
C ALA U 105 33.97 58.21 -37.25
N ALA U 106 32.67 58.51 -37.25
CA ALA U 106 32.20 59.80 -37.72
C ALA U 106 32.29 60.89 -36.65
N GLY U 107 32.73 60.52 -35.46
CA GLY U 107 32.96 61.49 -34.42
C GLY U 107 34.06 62.45 -34.85
N THR U 108 34.13 63.62 -34.22
CA THR U 108 35.14 64.61 -34.60
C THR U 108 36.53 64.09 -34.22
N PRO U 109 37.53 64.36 -35.07
CA PRO U 109 38.89 63.84 -34.83
C PRO U 109 39.44 64.13 -33.45
N GLY U 110 40.05 63.10 -32.85
CA GLY U 110 40.67 63.20 -31.56
C GLY U 110 39.74 62.83 -30.42
N LYS U 111 38.45 62.96 -30.67
CA LYS U 111 37.43 62.67 -29.66
C LYS U 111 36.78 61.29 -29.82
N ARG U 112 37.25 60.50 -30.79
CA ARG U 112 36.75 59.14 -30.98
C ARG U 112 37.55 58.13 -30.16
N MET U 113 36.86 57.35 -29.33
CA MET U 113 37.52 56.40 -28.44
C MET U 113 36.67 55.14 -28.23
N ALA U 114 37.28 54.13 -27.62
CA ALA U 114 36.59 52.88 -27.31
C ALA U 114 37.17 52.24 -26.05
N LEU U 115 36.40 51.33 -25.45
CA LEU U 115 36.87 50.58 -24.28
C LEU U 115 37.73 49.41 -24.75
N PRO U 116 38.63 48.93 -23.89
CA PRO U 116 39.67 47.96 -24.29
C PRO U 116 39.15 46.65 -24.88
N ASN U 117 38.12 46.06 -24.29
CA ASN U 117 37.61 44.76 -24.77
C ASN U 117 36.48 44.90 -25.78
N ALA U 118 36.17 46.13 -26.17
CA ALA U 118 35.21 46.38 -27.24
C ALA U 118 35.76 45.91 -28.57
N ARG U 119 34.86 45.66 -29.53
CA ARG U 119 35.27 45.23 -30.87
C ARG U 119 34.59 46.08 -31.93
N VAL U 120 35.13 46.08 -33.15
CA VAL U 120 34.55 46.83 -34.24
C VAL U 120 34.47 45.96 -35.49
N LEU U 121 33.27 45.91 -36.08
CA LEU U 121 33.03 45.15 -37.30
C LEU U 121 32.80 46.08 -38.48
N ILE U 122 33.45 45.77 -39.59
CA ILE U 122 33.22 46.48 -40.85
C ILE U 122 32.95 45.47 -41.94
N HIS U 123 31.84 45.64 -42.65
CA HIS U 123 31.60 44.85 -43.85
C HIS U 123 30.77 45.66 -44.83
N GLN U 124 30.75 45.21 -46.08
CA GLN U 124 29.97 45.90 -47.09
C GLN U 124 28.49 45.69 -46.81
N PRO U 125 27.65 46.62 -47.29
CA PRO U 125 26.21 46.46 -47.13
C PRO U 125 25.68 45.16 -47.71
N SER U 126 24.76 44.52 -46.99
CA SER U 126 24.18 43.26 -47.42
C SER U 126 22.67 43.31 -47.34
N LEU U 127 22.01 42.45 -48.11
CA LEU U 127 20.57 42.33 -48.09
C LEU U 127 20.19 40.92 -47.66
N SER U 128 19.57 40.82 -46.49
CA SER U 128 19.26 39.52 -45.90
C SER U 128 18.13 38.81 -46.63
N GLY U 129 17.08 39.57 -46.98
CA GLY U 129 15.94 39.01 -47.68
C GLY U 129 16.16 38.99 -49.18
N VAL U 130 15.07 38.78 -49.92
CA VAL U 130 15.11 38.80 -51.37
C VAL U 130 14.08 39.77 -51.90
N ILE U 131 14.49 40.66 -52.79
CA ILE U 131 13.59 41.57 -53.47
C ILE U 131 13.45 41.14 -54.93
N GLN U 132 12.20 41.02 -55.39
CA GLN U 132 11.91 40.48 -56.71
C GLN U 132 11.20 41.51 -57.57
N GLY U 133 11.28 41.31 -58.88
CA GLY U 133 10.66 42.20 -59.83
C GLY U 133 11.25 42.03 -61.21
N GLN U 134 10.80 42.87 -62.14
CA GLN U 134 11.32 42.86 -63.49
C GLN U 134 12.79 43.29 -63.47
N PHE U 135 13.56 42.88 -64.47
CA PHE U 135 14.98 43.19 -64.51
C PHE U 135 15.22 44.70 -64.45
N SER U 136 14.30 45.47 -65.01
CA SER U 136 14.39 46.92 -64.99
C SER U 136 14.39 47.46 -63.56
N ASP U 137 13.54 46.88 -62.73
CA ASP U 137 13.43 47.31 -61.34
C ASP U 137 14.68 46.92 -60.56
N LEU U 138 15.13 45.68 -60.76
CA LEU U 138 16.32 45.17 -60.07
C LEU U 138 17.57 45.90 -60.53
N GLU U 139 17.60 46.28 -61.80
CA GLU U 139 18.74 47.01 -62.36
C GLU U 139 18.90 48.33 -61.61
N ILE U 140 17.78 48.92 -61.23
CA ILE U 140 17.77 50.18 -60.50
C ILE U 140 18.17 49.93 -59.05
N GLN U 141 17.64 48.86 -58.46
CA GLN U 141 17.97 48.50 -57.10
C GLN U 141 19.46 48.16 -56.98
N ALA U 142 19.95 47.35 -57.90
CA ALA U 142 21.36 46.96 -57.89
C ALA U 142 22.25 48.19 -58.09
N ALA U 143 21.77 49.13 -58.89
CA ALA U 143 22.50 50.37 -59.13
C ALA U 143 22.58 51.20 -57.87
N GLU U 144 21.46 51.29 -57.17
CA GLU U 144 21.40 52.04 -55.91
C GLU U 144 22.30 51.39 -54.87
N ILE U 145 22.25 50.07 -54.80
CA ILE U 145 23.03 49.32 -53.83
C ILE U 145 24.52 49.57 -53.96
N GLU U 146 25.00 49.69 -55.19
CA GLU U 146 26.41 49.96 -55.43
C GLU U 146 26.75 51.37 -54.99
N ARG U 147 25.80 52.29 -55.18
CA ARG U 147 25.99 53.68 -54.78
C ARG U 147 26.14 53.77 -53.27
N MET U 148 25.28 53.05 -52.57
CA MET U 148 25.29 53.06 -51.11
C MET U 148 26.57 52.41 -50.60
N ARG U 149 27.01 51.36 -51.29
CA ARG U 149 28.26 50.71 -50.96
C ARG U 149 29.42 51.71 -51.06
N THR U 150 29.56 52.30 -52.24
CA THR U 150 30.63 53.26 -52.50
C THR U 150 30.56 54.45 -51.56
N LEU U 151 29.35 54.85 -51.20
CA LEU U 151 29.16 56.00 -50.32
C LEU U 151 29.63 55.68 -48.90
N MET U 152 29.44 54.44 -48.48
CA MET U 152 29.92 54.00 -47.18
C MET U 152 31.45 53.94 -47.19
N GLU U 153 32.01 53.54 -48.32
CA GLU U 153 33.46 53.43 -48.45
C GLU U 153 34.09 54.82 -48.42
N THR U 154 33.45 55.76 -49.12
CA THR U 154 33.92 57.13 -49.16
C THR U 154 33.84 57.77 -47.78
N THR U 155 32.71 57.58 -47.10
CA THR U 155 32.50 58.18 -45.79
C THR U 155 33.51 57.64 -44.79
N LEU U 156 33.72 56.32 -44.81
CA LEU U 156 34.70 55.71 -43.94
C LEU U 156 36.10 56.17 -44.29
N ALA U 157 36.33 56.42 -45.57
CA ALA U 157 37.66 56.77 -46.05
C ALA U 157 38.15 58.09 -45.49
N ARG U 158 37.31 59.11 -45.50
CA ARG U 158 37.75 60.44 -45.11
C ARG U 158 37.87 60.55 -43.60
N HIS U 159 37.09 59.76 -42.88
CA HIS U 159 37.18 59.74 -41.43
C HIS U 159 38.33 58.88 -40.92
N THR U 160 38.57 57.76 -41.59
CA THR U 160 39.68 56.88 -41.22
C THR U 160 41.02 57.36 -41.77
N GLY U 161 40.98 58.03 -42.92
CA GLY U 161 42.18 58.50 -43.57
C GLY U 161 42.66 57.56 -44.65
N LYS U 162 42.13 56.34 -44.66
CA LYS U 162 42.47 55.34 -45.67
C LYS U 162 41.91 55.70 -47.03
N ASP U 163 42.47 55.11 -48.08
CA ASP U 163 41.93 55.30 -49.42
C ASP U 163 40.66 54.50 -49.58
N ALA U 164 39.74 54.99 -50.39
CA ALA U 164 38.46 54.32 -50.62
C ALA U 164 38.68 52.92 -51.14
N GLY U 165 39.74 52.74 -51.92
CA GLY U 165 40.07 51.44 -52.47
C GLY U 165 40.46 50.46 -51.39
N VAL U 166 41.18 50.95 -50.39
CA VAL U 166 41.60 50.10 -49.27
C VAL U 166 40.39 49.68 -48.46
N ILE U 167 39.51 50.64 -48.18
CA ILE U 167 38.29 50.36 -47.46
C ILE U 167 37.48 49.30 -48.19
N ARG U 168 37.32 49.49 -49.49
CA ARG U 168 36.54 48.58 -50.32
C ARG U 168 37.08 47.16 -50.25
N LYS U 169 38.40 47.03 -50.22
CA LYS U 169 39.02 45.71 -50.17
C LYS U 169 38.84 45.06 -48.81
N ASP U 170 39.00 45.84 -47.75
CA ASP U 170 38.90 45.31 -46.38
C ASP U 170 37.47 44.95 -46.02
N THR U 171 36.50 45.69 -46.57
CA THR U 171 35.10 45.48 -46.24
C THR U 171 34.44 44.40 -47.09
N ASP U 172 35.15 43.90 -48.10
CA ASP U 172 34.62 42.84 -48.95
C ASP U 172 34.19 41.66 -48.10
N ARG U 173 35.00 41.35 -47.10
CA ARG U 173 34.67 40.33 -46.10
C ARG U 173 34.62 41.01 -44.74
N ASP U 174 33.85 40.46 -43.82
CA ASP U 174 33.76 41.00 -42.47
C ASP U 174 35.14 41.10 -41.84
N LYS U 175 35.47 42.28 -41.32
CA LYS U 175 36.73 42.49 -40.64
C LYS U 175 36.50 42.93 -39.20
N ILE U 176 36.86 42.05 -38.26
CA ILE U 176 36.71 42.36 -36.85
C ILE U 176 37.99 42.97 -36.31
N LEU U 177 37.82 44.06 -35.56
CA LEU U 177 38.94 44.80 -35.01
C LEU U 177 38.81 44.95 -33.50
N THR U 178 39.89 44.71 -32.78
CA THR U 178 39.93 44.98 -31.36
C THR U 178 40.00 46.49 -31.17
N ALA U 179 40.03 46.93 -29.92
CA ALA U 179 40.14 48.35 -29.63
C ALA U 179 41.41 48.90 -30.25
N GLU U 180 42.53 48.27 -29.96
CA GLU U 180 43.81 48.73 -30.48
C GLU U 180 43.86 48.62 -32.00
N GLU U 181 43.30 47.55 -32.53
CA GLU U 181 43.27 47.36 -33.98
C GLU U 181 42.40 48.42 -34.63
N ALA U 182 41.36 48.84 -33.92
CA ALA U 182 40.47 49.89 -34.42
C ALA U 182 41.15 51.24 -34.37
N LYS U 183 42.03 51.41 -33.40
CA LYS U 183 42.81 52.64 -33.24
C LYS U 183 43.80 52.78 -34.38
N ASP U 184 44.49 51.68 -34.70
CA ASP U 184 45.47 51.68 -35.78
C ASP U 184 44.79 51.90 -37.12
N TYR U 185 43.58 51.38 -37.27
CA TYR U 185 42.86 51.49 -38.53
C TYR U 185 42.39 52.92 -38.78
N GLY U 186 42.22 53.67 -37.69
CA GLY U 186 41.81 55.06 -37.80
C GLY U 186 40.33 55.28 -37.49
N ILE U 187 39.68 54.24 -36.95
CA ILE U 187 38.27 54.35 -36.59
C ILE U 187 38.12 55.09 -35.27
N ILE U 188 39.03 54.84 -34.34
CA ILE U 188 39.07 55.56 -33.07
C ILE U 188 40.44 56.17 -32.84
N ASP U 189 40.47 57.27 -32.09
CA ASP U 189 41.72 57.96 -31.80
C ASP U 189 42.47 57.34 -30.62
N THR U 190 41.74 56.92 -29.59
CA THR U 190 42.36 56.38 -28.38
C THR U 190 41.56 55.25 -27.76
N VAL U 191 42.21 54.51 -26.87
CA VAL U 191 41.56 53.43 -26.13
C VAL U 191 41.57 53.80 -24.65
N LEU U 192 40.38 53.87 -24.07
CA LEU U 192 40.24 54.27 -22.67
C LEU U 192 40.90 53.27 -21.73
N GLU U 193 41.58 53.78 -20.73
CA GLU U 193 42.23 52.95 -19.72
C GLU U 193 41.44 53.01 -18.43
N TYR U 194 41.44 51.91 -17.69
CA TYR U 194 40.72 51.83 -16.43
C TYR U 194 41.21 52.91 -15.48
N ARG U 195 40.27 53.62 -14.86
CA ARG U 195 40.58 54.73 -13.98
C ARG U 195 40.67 54.31 -12.51
N LYS U 196 40.57 53.01 -12.27
CA LYS U 196 40.51 52.48 -10.91
C LYS U 196 41.81 52.80 -10.17
N LEU U 197 41.72 52.98 -8.85
CA LEU U 197 42.87 53.32 -8.05
C LEU U 197 43.72 52.09 -7.78
N SER U 198 43.06 51.01 -7.36
CA SER U 198 43.74 49.75 -7.10
C SER U 198 44.29 49.14 -8.39
N ASP V 12 -13.85 5.18 -60.66
CA ASP V 12 -12.94 5.94 -61.51
C ASP V 12 -12.70 5.21 -62.83
N SER V 13 -12.89 3.90 -62.82
CA SER V 13 -12.68 3.07 -64.01
C SER V 13 -13.76 3.31 -65.06
N VAL V 14 -14.85 3.96 -64.66
CA VAL V 14 -15.98 4.20 -65.54
C VAL V 14 -15.67 5.21 -66.66
N TYR V 15 -14.82 6.20 -66.38
CA TYR V 15 -14.47 7.20 -67.38
C TYR V 15 -13.79 6.54 -68.57
N GLU V 16 -13.05 5.46 -68.32
CA GLU V 16 -12.43 4.70 -69.39
C GLU V 16 -13.50 4.01 -70.22
N ARG V 17 -14.54 3.54 -69.55
CA ARG V 17 -15.66 2.88 -70.23
C ARG V 17 -16.44 3.89 -71.05
N LEU V 18 -16.53 5.13 -70.56
CA LEU V 18 -17.24 6.19 -71.26
C LEU V 18 -16.48 6.64 -72.51
N LEU V 19 -15.16 6.65 -72.42
CA LEU V 19 -14.33 7.10 -73.53
C LEU V 19 -14.52 6.17 -74.73
N SER V 20 -14.70 4.88 -74.46
CA SER V 20 -14.97 3.91 -75.50
C SER V 20 -16.30 4.22 -76.18
N GLU V 21 -17.19 4.85 -75.42
CA GLU V 21 -18.51 5.24 -75.92
C GLU V 21 -18.44 6.63 -76.54
N ARG V 22 -17.23 7.17 -76.63
CA ARG V 22 -17.00 8.52 -77.15
C ARG V 22 -17.71 9.57 -76.31
N ILE V 23 -17.67 9.37 -74.99
CA ILE V 23 -18.16 10.35 -74.03
C ILE V 23 -17.01 10.86 -73.17
N ILE V 24 -16.80 12.17 -73.20
CA ILE V 24 -15.85 12.82 -72.31
C ILE V 24 -16.64 13.60 -71.27
N PHE V 25 -16.11 13.66 -70.04
CA PHE V 25 -16.86 14.21 -68.92
C PHE V 25 -16.10 15.37 -68.28
N LEU V 26 -16.73 16.53 -68.22
CA LEU V 26 -16.18 17.66 -67.47
C LEU V 26 -16.94 17.78 -66.16
N GLY V 27 -16.30 17.35 -65.06
CA GLY V 27 -16.98 17.22 -63.78
C GLY V 27 -16.60 18.23 -62.71
N SER V 28 -15.63 19.09 -63.02
CA SER V 28 -15.10 20.02 -62.03
C SER V 28 -14.86 21.38 -62.66
N GLU V 29 -14.27 22.29 -61.88
CA GLU V 29 -13.97 23.62 -62.38
C GLU V 29 -12.97 23.53 -63.52
N VAL V 30 -13.11 24.43 -64.49
CA VAL V 30 -12.24 24.42 -65.65
C VAL V 30 -10.89 25.05 -65.32
N ASN V 31 -9.82 24.29 -65.51
CA ASN V 31 -8.47 24.81 -65.36
C ASN V 31 -7.58 24.31 -66.49
N ASP V 32 -6.32 24.72 -66.45
CA ASP V 32 -5.38 24.38 -67.52
C ASP V 32 -5.19 22.87 -67.62
N GLU V 33 -5.12 22.19 -66.47
CA GLU V 33 -4.86 20.75 -66.45
C GLU V 33 -5.97 19.96 -67.12
N ILE V 34 -7.21 20.25 -66.76
CA ILE V 34 -8.36 19.55 -67.31
C ILE V 34 -8.53 19.86 -68.79
N ALA V 35 -8.31 21.12 -69.16
CA ALA V 35 -8.47 21.55 -70.54
C ALA V 35 -7.53 20.77 -71.44
N ASN V 36 -6.27 20.63 -71.03
CA ASN V 36 -5.29 19.89 -71.80
C ASN V 36 -5.73 18.45 -72.05
N ARG V 37 -6.22 17.80 -71.01
CA ARG V 37 -6.69 16.43 -71.12
C ARG V 37 -7.93 16.35 -72.01
N LEU V 38 -8.84 17.30 -71.85
CA LEU V 38 -10.06 17.33 -72.64
C LEU V 38 -9.73 17.56 -74.10
N CYS V 39 -8.86 18.54 -74.35
CA CYS V 39 -8.43 18.84 -75.70
C CYS V 39 -7.76 17.63 -76.34
N ALA V 40 -6.87 16.99 -75.59
CA ALA V 40 -6.17 15.81 -76.06
C ALA V 40 -7.15 14.69 -76.42
N GLN V 41 -8.07 14.38 -75.51
CA GLN V 41 -9.04 13.32 -75.74
C GLN V 41 -9.88 13.59 -76.98
N ILE V 42 -10.28 14.84 -77.17
CA ILE V 42 -11.08 15.20 -78.34
C ILE V 42 -10.30 14.96 -79.62
N LEU V 43 -9.04 15.35 -79.64
CA LEU V 43 -8.20 15.16 -80.82
C LEU V 43 -8.01 13.68 -81.11
N LEU V 44 -7.84 12.90 -80.05
CA LEU V 44 -7.64 11.46 -80.19
C LEU V 44 -8.91 10.78 -80.69
N LEU V 45 -10.06 11.21 -80.18
CA LEU V 45 -11.33 10.61 -80.61
C LEU V 45 -11.62 10.90 -82.08
N ALA V 46 -11.29 12.11 -82.52
CA ALA V 46 -11.50 12.49 -83.91
C ALA V 46 -10.53 11.73 -84.81
N ALA V 47 -9.37 11.38 -84.25
CA ALA V 47 -8.36 10.63 -85.00
C ALA V 47 -8.83 9.21 -85.25
N GLU V 48 -9.43 8.59 -84.23
CA GLU V 48 -9.99 7.25 -84.36
C GLU V 48 -11.09 7.23 -85.41
N ASP V 49 -12.13 8.03 -85.17
CA ASP V 49 -13.25 8.15 -86.11
C ASP V 49 -13.66 9.62 -86.23
N ALA V 50 -13.57 10.16 -87.44
CA ALA V 50 -13.93 11.55 -87.68
C ALA V 50 -15.41 11.72 -88.07
N SER V 51 -16.07 10.61 -88.35
CA SER V 51 -17.49 10.65 -88.73
C SER V 51 -18.40 10.73 -87.50
N LYS V 52 -18.07 9.93 -86.48
CA LYS V 52 -18.90 9.82 -85.29
C LYS V 52 -18.78 11.04 -84.38
N ASP V 53 -19.89 11.45 -83.78
CA ASP V 53 -19.92 12.58 -82.87
C ASP V 53 -19.17 12.29 -81.57
N ILE V 54 -18.76 13.35 -80.89
CA ILE V 54 -18.22 13.25 -79.53
C ILE V 54 -19.20 13.92 -78.58
N SER V 55 -19.47 13.25 -77.47
CA SER V 55 -20.41 13.77 -76.47
C SER V 55 -19.66 14.30 -75.26
N LEU V 56 -19.96 15.53 -74.88
CA LEU V 56 -19.38 16.13 -73.68
C LEU V 56 -20.41 16.31 -72.58
N TYR V 57 -20.28 15.53 -71.51
CA TYR V 57 -21.13 15.69 -70.35
C TYR V 57 -20.57 16.77 -69.44
N ILE V 58 -21.41 17.74 -69.07
CA ILE V 58 -20.97 18.90 -68.30
C ILE V 58 -21.69 19.02 -66.96
N ASN V 59 -20.95 18.78 -65.88
CA ASN V 59 -21.31 19.31 -64.58
C ASN V 59 -20.15 20.16 -64.06
N SER V 60 -20.29 21.48 -64.09
CA SER V 60 -19.19 22.35 -63.69
C SER V 60 -19.63 23.66 -63.04
N PRO V 61 -18.88 24.14 -62.04
CA PRO V 61 -19.05 25.49 -61.48
C PRO V 61 -18.53 26.58 -62.41
N GLY V 62 -17.68 26.20 -63.37
CA GLY V 62 -17.00 27.17 -64.21
C GLY V 62 -15.51 27.20 -63.91
N GLY V 63 -14.79 28.13 -64.54
CA GLY V 63 -13.36 28.19 -64.36
C GLY V 63 -12.68 29.27 -65.17
N SER V 64 -11.37 29.12 -65.38
CA SER V 64 -10.59 30.13 -66.09
C SER V 64 -11.02 30.18 -67.55
N ILE V 65 -10.98 31.38 -68.12
CA ILE V 65 -11.40 31.57 -69.50
C ILE V 65 -10.37 30.96 -70.46
N SER V 66 -9.10 31.24 -70.22
CA SER V 66 -8.04 30.78 -71.12
C SER V 66 -8.10 29.27 -71.32
N ALA V 67 -8.25 28.54 -70.23
CA ALA V 67 -8.36 27.09 -70.29
C ALA V 67 -9.65 26.68 -70.99
N GLY V 68 -10.71 27.45 -70.74
CA GLY V 68 -12.01 27.16 -71.31
C GLY V 68 -12.00 27.29 -72.82
N ALA V 70 -9.51 27.05 -74.86
CA ALA V 70 -8.70 26.00 -75.46
C ALA V 70 -9.60 24.82 -75.80
N ILE V 71 -10.53 24.54 -74.90
CA ILE V 71 -11.52 23.49 -75.12
C ILE V 71 -12.46 23.90 -76.23
N TYR V 72 -12.96 25.13 -76.16
CA TYR V 72 -13.90 25.65 -77.16
C TYR V 72 -13.32 25.60 -78.56
N ASP V 73 -12.11 26.11 -78.73
CA ASP V 73 -11.46 26.11 -80.04
C ASP V 73 -11.37 24.68 -80.56
N THR V 74 -10.97 23.76 -79.70
CA THR V 74 -10.81 22.36 -80.10
C THR V 74 -12.14 21.75 -80.57
N VAL V 76 -14.74 23.35 -82.02
CA VAL V 76 -15.08 23.90 -83.32
C VAL V 76 -14.24 23.30 -84.44
N LEU V 77 -12.95 23.12 -84.18
CA LEU V 77 -12.02 22.63 -85.18
C LEU V 77 -12.21 21.15 -85.47
N ALA V 78 -12.77 20.42 -84.52
CA ALA V 78 -12.99 18.98 -84.68
C ALA V 78 -13.92 18.72 -85.88
N PRO V 79 -13.59 17.73 -86.72
CA PRO V 79 -14.46 17.43 -87.85
C PRO V 79 -15.85 16.99 -87.43
N CYS V 80 -15.91 16.12 -86.43
CA CYS V 80 -17.17 15.59 -85.95
C CYS V 80 -17.94 16.63 -85.14
N ASP V 81 -19.24 16.44 -85.04
CA ASP V 81 -20.08 17.29 -84.21
C ASP V 81 -19.85 17.00 -82.73
N ILE V 82 -19.97 18.03 -81.90
CA ILE V 82 -19.84 17.87 -80.46
C ILE V 82 -21.18 18.10 -79.78
N ALA V 83 -21.74 17.03 -79.22
CA ALA V 83 -22.98 17.15 -78.45
C ALA V 83 -22.64 17.46 -77.01
N THR V 84 -23.35 18.43 -76.44
CA THR V 84 -23.11 18.86 -75.06
C THR V 84 -24.34 18.58 -74.20
N TYR V 85 -24.11 17.90 -73.08
CA TYR V 85 -25.17 17.56 -72.15
C TYR V 85 -24.91 18.24 -70.81
N ALA V 86 -25.87 19.01 -70.32
CA ALA V 86 -25.75 19.64 -69.01
C ALA V 86 -26.37 18.73 -67.97
N GLY V 88 -25.57 18.08 -64.00
CA GLY V 88 -25.90 18.75 -62.76
C GLY V 88 -26.04 20.25 -62.89
N ALA V 90 -24.29 23.94 -65.21
CA ALA V 90 -23.39 24.59 -66.14
C ALA V 90 -23.30 26.07 -65.83
N ALA V 91 -22.11 26.51 -65.43
CA ALA V 91 -21.92 27.90 -65.01
C ALA V 91 -20.60 28.45 -65.54
N SER V 92 -20.60 29.75 -65.84
CA SER V 92 -19.41 30.40 -66.39
C SER V 92 -18.98 29.67 -67.67
N GLY V 94 -18.77 26.63 -67.83
CA GLY V 94 -19.67 25.50 -67.87
C GLY V 94 -20.84 25.80 -68.77
N GLU V 95 -21.41 26.99 -68.62
CA GLU V 95 -22.50 27.45 -69.46
C GLU V 95 -22.04 27.69 -70.89
N PHE V 96 -20.86 28.28 -71.03
CA PHE V 96 -20.32 28.65 -72.33
C PHE V 96 -20.07 27.42 -73.20
N LEU V 97 -19.38 26.43 -72.67
CA LEU V 97 -19.08 25.22 -73.42
C LEU V 97 -20.34 24.45 -73.76
N LEU V 98 -21.33 24.52 -72.87
CA LEU V 98 -22.62 23.89 -73.11
C LEU V 98 -23.28 24.49 -74.35
N ALA V 99 -23.33 25.82 -74.38
CA ALA V 99 -23.96 26.54 -75.47
C ALA V 99 -23.13 26.48 -76.75
N ALA V 100 -21.84 26.20 -76.60
CA ALA V 100 -20.93 26.14 -77.73
C ALA V 100 -21.08 24.84 -78.51
N GLY V 101 -21.86 23.91 -77.98
CA GLY V 101 -22.08 22.64 -78.63
C GLY V 101 -22.74 22.78 -79.99
N THR V 102 -22.64 21.73 -80.80
CA THR V 102 -23.26 21.72 -82.13
C THR V 102 -24.75 21.99 -82.01
N LYS V 103 -25.24 22.93 -82.81
CA LYS V 103 -26.63 23.37 -82.69
C LYS V 103 -27.60 22.23 -82.98
N GLY V 104 -28.51 22.01 -82.04
CA GLY V 104 -29.52 20.96 -82.14
C GLY V 104 -29.11 19.73 -81.36
N LYS V 105 -27.80 19.59 -81.14
CA LYS V 105 -27.26 18.50 -80.36
C LYS V 105 -26.94 18.90 -78.91
N ARG V 106 -27.32 20.11 -78.52
CA ARG V 106 -27.15 20.56 -77.14
C ARG V 106 -28.31 20.08 -76.25
N TYR V 107 -27.99 19.32 -75.21
CA TYR V 107 -29.00 18.73 -74.33
C TYR V 107 -28.85 19.19 -72.89
N ALA V 108 -29.92 19.04 -72.11
CA ALA V 108 -29.89 19.38 -70.69
C ALA V 108 -30.86 18.48 -69.90
N LEU V 109 -30.45 18.10 -68.69
CA LEU V 109 -31.34 17.35 -67.82
C LEU V 109 -32.36 18.30 -67.20
N PRO V 110 -33.49 17.76 -66.71
CA PRO V 110 -34.59 18.60 -66.22
C PRO V 110 -34.20 19.57 -65.11
N HIS V 111 -33.47 19.09 -64.11
CA HIS V 111 -33.12 19.91 -62.96
C HIS V 111 -31.75 20.56 -63.07
N ALA V 112 -31.09 20.38 -64.22
CA ALA V 112 -29.85 21.08 -64.49
C ALA V 112 -30.11 22.58 -64.43
N ARG V 113 -29.15 23.31 -63.90
CA ARG V 113 -29.27 24.76 -63.77
C ARG V 113 -28.12 25.43 -64.52
N ILE V 114 -28.45 26.46 -65.29
CA ILE V 114 -27.45 27.18 -66.07
C ILE V 114 -27.24 28.57 -65.47
N LEU V 115 -25.98 28.94 -65.28
CA LEU V 115 -25.62 30.26 -64.79
C LEU V 115 -24.82 31.02 -65.85
N HIS V 117 -22.88 34.93 -66.33
CA HIS V 117 -22.50 36.20 -65.74
C HIS V 117 -21.30 36.84 -66.43
N GLN V 118 -21.10 38.11 -66.12
CA GLN V 118 -19.93 38.85 -66.55
C GLN V 118 -18.65 38.17 -66.07
N PRO V 119 -17.55 38.30 -66.83
CA PRO V 119 -16.27 37.74 -66.40
C PRO V 119 -15.73 38.37 -65.12
N LEU V 120 -14.89 37.62 -64.39
CA LEU V 120 -14.28 38.13 -63.15
C LEU V 120 -12.77 37.96 -63.15
N GLY V 121 -12.06 39.08 -63.18
CA GLY V 121 -10.61 39.07 -63.16
C GLY V 121 -10.05 39.61 -61.86
N GLY V 122 -8.81 40.10 -61.92
CA GLY V 122 -8.20 40.81 -60.81
C GLY V 122 -7.05 41.68 -61.31
N VAL V 123 -6.71 42.72 -60.56
CA VAL V 123 -5.65 43.64 -60.97
C VAL V 123 -4.62 43.84 -59.86
N THR V 124 -3.37 44.00 -60.27
CA THR V 124 -2.27 44.20 -59.35
C THR V 124 -1.10 44.89 -60.04
N GLY V 125 -0.18 45.43 -59.24
CA GLY V 125 1.02 46.05 -59.76
C GLY V 125 0.89 47.56 -59.90
N SER V 126 1.78 48.14 -60.69
CA SER V 126 1.79 49.58 -60.89
C SER V 126 0.60 50.03 -61.73
N ALA V 127 0.26 51.31 -61.63
CA ALA V 127 -0.85 51.88 -62.37
C ALA V 127 -0.67 51.64 -63.86
N ALA V 128 0.59 51.58 -64.29
CA ALA V 128 0.91 51.28 -65.68
C ALA V 128 0.54 49.85 -66.01
N ASP V 129 0.86 48.93 -65.10
CA ASP V 129 0.54 47.52 -65.28
C ASP V 129 -0.97 47.31 -65.27
N ILE V 130 -1.65 48.04 -64.39
CA ILE V 130 -3.10 47.89 -64.24
C ILE V 130 -3.84 48.40 -65.47
N ALA V 131 -3.31 49.44 -66.09
CA ALA V 131 -3.90 49.99 -67.30
C ALA V 131 -3.95 48.93 -68.40
N ILE V 132 -2.89 48.13 -68.47
CA ILE V 132 -2.77 47.07 -69.45
C ILE V 132 -3.76 45.95 -69.15
N GLN V 133 -3.88 45.61 -67.88
CA GLN V 133 -4.79 44.58 -67.44
C GLN V 133 -6.23 44.97 -67.75
N ALA V 134 -6.50 46.27 -67.68
CA ALA V 134 -7.85 46.78 -67.95
C ALA V 134 -8.17 46.73 -69.44
N GLU V 135 -7.17 46.96 -70.28
CA GLU V 135 -7.35 46.88 -71.73
C GLU V 135 -7.84 45.50 -72.13
N GLN V 136 -7.20 44.47 -71.58
CA GLN V 136 -7.54 43.10 -71.92
C GLN V 136 -8.95 42.75 -71.48
N PHE V 137 -9.35 43.25 -70.31
CA PHE V 137 -10.67 43.00 -69.78
C PHE V 137 -11.76 43.40 -70.76
N ALA V 138 -11.57 44.54 -71.42
CA ALA V 138 -12.53 45.03 -72.39
C ALA V 138 -12.56 44.12 -73.62
N VAL V 139 -11.39 43.63 -74.01
CA VAL V 139 -11.29 42.77 -75.18
C VAL V 139 -12.01 41.45 -74.94
N ILE V 140 -11.69 40.79 -73.83
CA ILE V 140 -12.31 39.52 -73.49
C ILE V 140 -13.81 39.70 -73.35
N LYS V 141 -14.22 40.71 -72.58
CA LYS V 141 -15.62 40.95 -72.30
C LYS V 141 -16.44 41.05 -73.58
N LYS V 142 -15.91 41.79 -74.57
CA LYS V 142 -16.59 41.91 -75.85
C LYS V 142 -16.67 40.56 -76.55
N GLU V 143 -15.56 39.82 -76.53
CA GLU V 143 -15.46 38.55 -77.22
C GLU V 143 -16.35 37.48 -76.62
N PHE V 145 -19.21 37.98 -74.77
CA PHE V 145 -20.62 38.31 -75.02
C PHE V 145 -20.99 38.04 -76.47
N ARG V 146 -20.06 38.25 -77.39
CA ARG V 146 -20.33 38.04 -78.81
C ARG V 146 -20.66 36.58 -79.09
N LEU V 147 -19.83 35.67 -78.61
CA LEU V 147 -20.03 34.25 -78.87
C LEU V 147 -21.27 33.71 -78.14
N ASN V 148 -21.50 34.17 -76.92
CA ASN V 148 -22.68 33.77 -76.18
C ASN V 148 -23.94 34.28 -76.87
N ALA V 149 -23.82 35.46 -77.48
CA ALA V 149 -24.92 36.02 -78.23
C ALA V 149 -25.17 35.17 -79.47
N GLU V 150 -24.09 34.66 -80.04
CA GLU V 150 -24.16 33.82 -81.24
C GLU V 150 -24.76 32.46 -80.90
N PHE V 151 -24.37 31.90 -79.78
CA PHE V 151 -24.87 30.59 -79.36
C PHE V 151 -26.36 30.63 -79.06
N THR V 152 -26.75 31.62 -78.25
CA THR V 152 -28.13 31.75 -77.80
C THR V 152 -29.04 32.37 -78.85
N GLY V 153 -28.46 33.18 -79.73
CA GLY V 153 -29.23 33.86 -80.75
C GLY V 153 -29.82 35.16 -80.24
N GLN V 154 -29.38 35.59 -79.06
CA GLN V 154 -29.83 36.85 -78.47
C GLN V 154 -28.94 38.00 -78.96
N PRO V 155 -29.45 39.24 -78.90
CA PRO V 155 -28.62 40.40 -79.21
C PRO V 155 -27.50 40.62 -78.20
N ILE V 156 -26.37 41.17 -78.65
CA ILE V 156 -25.25 41.45 -77.75
C ILE V 156 -25.67 42.38 -76.63
N GLU V 157 -26.63 43.27 -76.91
CA GLU V 157 -27.10 44.21 -75.92
C GLU V 157 -27.76 43.51 -74.74
N ARG V 158 -28.53 42.47 -75.02
CA ARG V 158 -29.27 41.76 -73.97
C ARG V 158 -28.34 40.84 -73.18
N ILE V 159 -27.36 40.25 -73.86
CA ILE V 159 -26.38 39.41 -73.18
C ILE V 159 -25.60 40.22 -72.15
N GLU V 160 -25.17 41.40 -72.56
CA GLU V 160 -24.38 42.27 -71.70
C GLU V 160 -25.22 42.71 -70.50
N ALA V 161 -26.49 43.01 -70.75
CA ALA V 161 -27.38 43.46 -69.69
C ALA V 161 -27.67 42.35 -68.69
N ASP V 162 -27.97 41.17 -69.21
CA ASP V 162 -28.30 40.03 -68.37
C ASP V 162 -27.08 39.52 -67.62
N SER V 163 -25.90 39.64 -68.23
CA SER V 163 -24.67 39.12 -67.66
C SER V 163 -24.04 40.04 -66.62
N ASP V 164 -24.58 41.25 -66.48
CA ASP V 164 -24.04 42.24 -65.54
C ASP V 164 -23.96 41.63 -64.15
N ARG V 165 -25.05 41.01 -63.73
CA ARG V 165 -25.12 40.28 -62.46
C ARG V 165 -25.45 38.84 -62.79
N ASP V 166 -25.18 37.94 -61.86
CA ASP V 166 -25.47 36.52 -62.05
C ASP V 166 -26.93 36.33 -62.42
N ARG V 167 -27.17 35.63 -63.53
CA ARG V 167 -28.53 35.28 -63.95
C ARG V 167 -28.67 33.77 -64.09
N TRP V 168 -29.53 33.19 -63.27
CA TRP V 168 -29.72 31.74 -63.26
C TRP V 168 -30.87 31.33 -64.17
N PHE V 169 -30.68 30.21 -64.87
CA PHE V 169 -31.70 29.63 -65.72
C PHE V 169 -31.96 28.17 -65.34
N THR V 170 -33.22 27.78 -65.29
CA THR V 170 -33.56 26.37 -65.19
C THR V 170 -33.39 25.74 -66.56
N ALA V 171 -33.61 24.44 -66.66
CA ALA V 171 -33.52 23.76 -67.94
C ALA V 171 -34.51 24.37 -68.93
N ALA V 172 -35.73 24.61 -68.46
CA ALA V 172 -36.77 25.17 -69.31
C ALA V 172 -36.44 26.61 -69.71
N GLU V 173 -36.01 27.40 -68.74
CA GLU V 173 -35.64 28.79 -69.01
C GLU V 173 -34.44 28.84 -69.94
N ALA V 174 -33.55 27.87 -69.81
CA ALA V 174 -32.37 27.81 -70.66
C ALA V 174 -32.74 27.42 -72.08
N LEU V 175 -33.73 26.54 -72.20
CA LEU V 175 -34.23 26.12 -73.51
C LEU V 175 -34.80 27.32 -74.28
N GLU V 176 -35.55 28.16 -73.58
CA GLU V 176 -36.18 29.31 -74.20
C GLU V 176 -35.15 30.37 -74.55
N TYR V 177 -34.17 30.55 -73.68
CA TYR V 177 -33.15 31.58 -73.88
C TYR V 177 -32.17 31.19 -74.98
N GLY V 178 -32.10 29.89 -75.27
CA GLY V 178 -31.28 29.40 -76.37
C GLY V 178 -29.96 28.75 -75.98
N PHE V 179 -29.78 28.45 -74.70
CA PHE V 179 -28.57 27.78 -74.27
C PHE V 179 -28.52 26.34 -74.77
N VAL V 180 -29.64 25.64 -74.64
CA VAL V 180 -29.74 24.24 -75.05
C VAL V 180 -30.95 24.03 -75.95
N ASP V 181 -30.81 23.10 -76.89
CA ASP V 181 -31.87 22.81 -77.86
C ASP V 181 -32.94 21.85 -77.35
N HIS V 182 -32.53 20.88 -76.53
CA HIS V 182 -33.45 19.83 -76.07
C HIS V 182 -33.32 19.57 -74.57
N ILE V 183 -34.40 19.06 -73.98
CA ILE V 183 -34.37 18.55 -72.62
C ILE V 183 -34.73 17.06 -72.61
N ILE V 184 -34.03 16.26 -71.80
CA ILE V 184 -34.23 14.82 -71.82
C ILE V 184 -35.06 14.37 -70.63
N THR V 185 -36.31 14.00 -70.89
CA THR V 185 -37.15 13.39 -69.85
C THR V 185 -37.28 11.87 -69.92
N ARG V 186 -36.76 11.26 -70.99
CA ARG V 186 -36.96 9.84 -71.31
C ARG V 186 -38.11 9.16 -70.55
N ASP W 12 -11.89 -2.33 -50.65
CA ASP W 12 -12.23 -1.38 -51.70
C ASP W 12 -12.52 -2.09 -53.02
N SER W 13 -11.97 -3.28 -53.17
CA SER W 13 -12.16 -4.08 -54.37
C SER W 13 -13.57 -4.66 -54.42
N VAL W 14 -14.26 -4.63 -53.29
CA VAL W 14 -15.60 -5.19 -53.17
C VAL W 14 -16.65 -4.39 -53.95
N TYR W 15 -16.45 -3.08 -54.07
CA TYR W 15 -17.38 -2.25 -54.82
C TYR W 15 -17.46 -2.68 -56.28
N GLU W 16 -16.34 -3.19 -56.80
CA GLU W 16 -16.31 -3.71 -58.16
C GLU W 16 -17.16 -4.97 -58.27
N ARG W 17 -17.13 -5.79 -57.22
CA ARG W 17 -17.94 -7.01 -57.18
C ARG W 17 -19.42 -6.67 -57.08
N LEU W 18 -19.74 -5.57 -56.42
CA LEU W 18 -21.11 -5.13 -56.28
C LEU W 18 -21.65 -4.59 -57.60
N LEU W 19 -20.78 -3.96 -58.37
CA LEU W 19 -21.18 -3.39 -59.66
C LEU W 19 -21.60 -4.51 -60.61
N SER W 20 -20.93 -5.66 -60.51
CA SER W 20 -21.28 -6.82 -61.32
C SER W 20 -22.68 -7.34 -60.97
N GLU W 21 -23.09 -7.09 -59.73
CA GLU W 21 -24.41 -7.49 -59.24
C GLU W 21 -25.42 -6.39 -59.51
N ARG W 22 -24.99 -5.37 -60.24
CA ARG W 22 -25.81 -4.19 -60.52
C ARG W 22 -26.18 -3.46 -59.24
N ILE W 23 -25.23 -3.40 -58.32
CA ILE W 23 -25.37 -2.63 -57.09
C ILE W 23 -24.34 -1.51 -57.07
N ILE W 24 -24.83 -0.28 -57.00
CA ILE W 24 -23.98 0.89 -56.79
C ILE W 24 -24.19 1.39 -55.37
N PHE W 25 -23.15 1.92 -54.75
CA PHE W 25 -23.20 2.27 -53.34
C PHE W 25 -22.90 3.75 -53.11
N LEU W 26 -23.82 4.46 -52.48
CA LEU W 26 -23.56 5.81 -52.02
C LEU W 26 -23.32 5.75 -50.52
N GLY W 27 -22.05 5.86 -50.13
CA GLY W 27 -21.63 5.64 -48.76
C GLY W 27 -21.20 6.88 -48.00
N SER W 28 -21.19 8.02 -48.69
CA SER W 28 -20.67 9.25 -48.10
C SER W 28 -21.53 10.44 -48.49
N GLU W 29 -21.08 11.63 -48.10
CA GLU W 29 -21.82 12.84 -48.40
C GLU W 29 -21.87 13.04 -49.92
N VAL W 30 -22.96 13.61 -50.40
CA VAL W 30 -23.15 13.81 -51.83
C VAL W 30 -22.37 15.04 -52.31
N ASN W 31 -21.48 14.83 -53.26
CA ASN W 31 -20.77 15.94 -53.90
C ASN W 31 -20.70 15.72 -55.40
N ASP W 32 -20.10 16.67 -56.11
CA ASP W 32 -20.01 16.58 -57.55
C ASP W 32 -19.18 15.37 -57.96
N GLU W 33 -18.12 15.08 -57.21
CA GLU W 33 -17.22 13.99 -57.55
C GLU W 33 -17.94 12.65 -57.53
N ILE W 34 -18.67 12.40 -56.45
CA ILE W 34 -19.42 11.15 -56.31
C ILE W 34 -20.57 11.07 -57.30
N ALA W 35 -21.26 12.19 -57.49
CA ALA W 35 -22.41 12.24 -58.39
C ALA W 35 -22.03 11.83 -59.80
N ASN W 36 -20.96 12.40 -60.31
CA ASN W 36 -20.48 12.08 -61.65
C ASN W 36 -20.22 10.58 -61.81
N ARG W 37 -19.58 10.00 -60.80
CA ARG W 37 -19.27 8.57 -60.81
C ARG W 37 -20.55 7.74 -60.78
N LEU W 38 -21.49 8.15 -59.94
CA LEU W 38 -22.75 7.43 -59.79
C LEU W 38 -23.59 7.50 -61.07
N CYS W 39 -23.71 8.69 -61.63
CA CYS W 39 -24.48 8.88 -62.86
C CYS W 39 -23.92 8.01 -63.99
N ALA W 40 -22.61 8.01 -64.13
CA ALA W 40 -21.95 7.21 -65.17
C ALA W 40 -22.27 5.74 -64.99
N GLN W 41 -22.11 5.24 -63.77
CA GLN W 41 -22.36 3.82 -63.49
C GLN W 41 -23.78 3.44 -63.85
N ILE W 42 -24.73 4.30 -63.55
CA ILE W 42 -26.13 4.03 -63.85
C ILE W 42 -26.32 3.91 -65.35
N LEU W 43 -25.72 4.83 -66.11
CA LEU W 43 -25.82 4.81 -67.56
C LEU W 43 -25.15 3.56 -68.13
N LEU W 44 -24.00 3.20 -67.56
CA LEU W 44 -23.28 2.03 -68.02
C LEU W 44 -24.07 0.76 -67.69
N LEU W 45 -24.65 0.71 -66.50
CA LEU W 45 -25.46 -0.43 -66.10
C LEU W 45 -26.72 -0.52 -66.95
N ALA W 46 -27.32 0.63 -67.26
CA ALA W 46 -28.52 0.67 -68.07
C ALA W 46 -28.19 0.30 -69.51
N ALA W 47 -26.96 0.62 -69.92
CA ALA W 47 -26.51 0.30 -71.28
C ALA W 47 -26.30 -1.19 -71.45
N GLU W 48 -25.71 -1.83 -70.44
CA GLU W 48 -25.51 -3.28 -70.48
C GLU W 48 -26.84 -3.99 -70.56
N ASP W 49 -27.69 -3.76 -69.57
CA ASP W 49 -29.03 -4.34 -69.54
C ASP W 49 -30.04 -3.30 -69.09
N ALA W 50 -31.00 -2.98 -69.95
CA ALA W 50 -32.03 -1.99 -69.63
C ALA W 50 -33.25 -2.62 -68.98
N SER W 51 -33.34 -3.95 -69.01
CA SER W 51 -34.46 -4.66 -68.41
C SER W 51 -34.27 -4.84 -66.90
N LYS W 52 -33.06 -5.21 -66.49
CA LYS W 52 -32.78 -5.53 -65.10
C LYS W 52 -32.71 -4.28 -64.22
N ASP W 53 -33.21 -4.39 -63.00
CA ASP W 53 -33.20 -3.28 -62.07
C ASP W 53 -31.79 -2.96 -61.60
N ILE W 54 -31.59 -1.72 -61.15
CA ILE W 54 -30.35 -1.31 -60.51
C ILE W 54 -30.63 -1.00 -59.04
N SER W 55 -29.78 -1.49 -58.15
CA SER W 55 -29.95 -1.28 -56.73
C SER W 55 -28.97 -0.24 -56.21
N LEU W 56 -29.49 0.77 -55.51
CA LEU W 56 -28.65 1.79 -54.89
C LEU W 56 -28.68 1.66 -53.38
N TYR W 57 -27.56 1.26 -52.80
CA TYR W 57 -27.42 1.20 -51.34
C TYR W 57 -27.03 2.57 -50.82
N ILE W 58 -27.79 3.08 -49.86
CA ILE W 58 -27.59 4.43 -49.34
C ILE W 58 -27.28 4.45 -47.86
N ASN W 59 -26.03 4.79 -47.52
CA ASN W 59 -25.72 5.33 -46.21
C ASN W 59 -25.06 6.68 -46.41
N SER W 60 -25.77 7.77 -46.14
CA SER W 60 -25.23 9.09 -46.40
C SER W 60 -25.73 10.16 -45.44
N PRO W 61 -24.85 11.10 -45.05
CA PRO W 61 -25.29 12.27 -44.28
C PRO W 61 -26.03 13.35 -45.06
N GLY W 62 -25.77 13.46 -46.36
CA GLY W 62 -26.34 14.55 -47.14
C GLY W 62 -25.33 15.10 -48.12
N GLY W 63 -25.68 16.19 -48.80
CA GLY W 63 -24.74 16.79 -49.72
C GLY W 63 -25.30 17.96 -50.51
N SER W 64 -24.61 18.31 -51.60
CA SER W 64 -25.02 19.42 -52.44
C SER W 64 -26.29 19.02 -53.18
N ILE W 65 -27.17 19.98 -53.44
CA ILE W 65 -28.40 19.70 -54.16
C ILE W 65 -28.08 19.41 -55.62
N SER W 66 -27.24 20.27 -56.21
CA SER W 66 -26.93 20.16 -57.63
C SER W 66 -26.38 18.79 -57.99
N ALA W 67 -25.46 18.29 -57.16
CA ALA W 67 -24.91 16.95 -57.38
C ALA W 67 -25.99 15.91 -57.17
N GLY W 68 -26.87 16.17 -56.21
CA GLY W 68 -27.95 15.25 -55.91
C GLY W 68 -28.94 15.14 -57.05
N ALA W 70 -28.48 15.75 -60.09
CA ALA W 70 -27.84 15.11 -61.23
C ALA W 70 -28.03 13.60 -61.14
N ILE W 71 -27.92 13.07 -59.93
CA ILE W 71 -28.15 11.65 -59.68
C ILE W 71 -29.63 11.32 -59.90
N TYR W 72 -30.50 12.15 -59.32
CA TYR W 72 -31.93 11.92 -59.43
C TYR W 72 -32.41 11.88 -60.88
N ASP W 73 -32.00 12.86 -61.66
CA ASP W 73 -32.38 12.92 -63.07
C ASP W 73 -31.96 11.65 -63.78
N THR W 74 -30.74 11.20 -63.50
CA THR W 74 -30.21 9.99 -64.12
C THR W 74 -31.03 8.76 -63.77
N VAL W 76 -34.35 8.78 -63.14
CA VAL W 76 -35.61 8.91 -63.87
C VAL W 76 -35.40 8.59 -65.33
N LEU W 77 -34.27 9.05 -65.88
CA LEU W 77 -34.00 8.87 -67.30
C LEU W 77 -33.69 7.41 -67.59
N ALA W 78 -33.21 6.69 -66.58
CA ALA W 78 -32.87 5.28 -66.74
C ALA W 78 -34.10 4.46 -67.13
N PRO W 79 -33.97 3.57 -68.12
CA PRO W 79 -35.12 2.73 -68.47
C PRO W 79 -35.53 1.80 -67.35
N CYS W 80 -34.54 1.17 -66.73
CA CYS W 80 -34.78 0.19 -65.68
C CYS W 80 -35.21 0.85 -64.38
N ASP W 81 -35.87 0.06 -63.53
CA ASP W 81 -36.24 0.52 -62.20
C ASP W 81 -35.00 0.65 -61.34
N ILE W 82 -35.01 1.63 -60.44
CA ILE W 82 -33.93 1.83 -59.49
C ILE W 82 -34.42 1.52 -58.08
N ALA W 83 -33.91 0.44 -57.50
CA ALA W 83 -34.25 0.07 -56.13
C ALA W 83 -33.30 0.76 -55.18
N THR W 84 -33.85 1.34 -54.11
CA THR W 84 -33.06 2.07 -53.13
C THR W 84 -33.13 1.43 -51.75
N TYR W 85 -31.98 1.17 -51.17
CA TYR W 85 -31.86 0.59 -49.83
C TYR W 85 -31.17 1.55 -48.89
N ALA W 86 -31.81 1.86 -47.77
CA ALA W 86 -31.19 2.71 -46.74
C ALA W 86 -30.49 1.84 -45.71
N GLY W 88 -27.27 2.44 -43.22
CA GLY W 88 -27.09 3.10 -41.94
C GLY W 88 -28.02 4.27 -41.72
N ALA W 90 -30.13 7.80 -43.95
CA ALA W 90 -30.47 8.59 -45.13
C ALA W 90 -30.91 9.99 -44.70
N ALA W 91 -30.12 10.99 -45.04
CA ALA W 91 -30.40 12.36 -44.59
C ALA W 91 -30.17 13.36 -45.72
N SER W 92 -30.94 14.43 -45.71
CA SER W 92 -30.87 15.43 -46.76
C SER W 92 -31.07 14.74 -48.11
N GLY W 94 -29.66 12.12 -49.05
CA GLY W 94 -29.76 10.70 -48.75
C GLY W 94 -31.21 10.27 -48.64
N GLU W 95 -32.00 11.07 -47.92
CA GLU W 95 -33.42 10.82 -47.77
C GLU W 95 -34.13 11.01 -49.09
N PHE W 96 -33.73 12.04 -49.83
CA PHE W 96 -34.37 12.38 -51.08
C PHE W 96 -34.20 11.28 -52.11
N LEU W 97 -32.97 10.83 -52.29
CA LEU W 97 -32.67 9.79 -53.27
C LEU W 97 -33.32 8.46 -52.88
N LEU W 98 -33.42 8.22 -51.58
CA LEU W 98 -34.07 7.02 -51.08
C LEU W 98 -35.53 7.00 -51.53
N ALA W 99 -36.22 8.11 -51.28
CA ALA W 99 -37.63 8.23 -51.61
C ALA W 99 -37.84 8.36 -53.11
N ALA W 100 -36.79 8.78 -53.82
CA ALA W 100 -36.88 8.97 -55.27
C ALA W 100 -36.83 7.64 -56.02
N GLY W 101 -36.52 6.57 -55.28
CA GLY W 101 -36.44 5.24 -55.88
C GLY W 101 -37.77 4.80 -56.44
N THR W 102 -37.73 3.80 -57.32
CA THR W 102 -38.94 3.25 -57.92
C THR W 102 -39.89 2.75 -56.84
N LYS W 103 -41.14 3.17 -56.93
CA LYS W 103 -42.14 2.88 -55.90
C LYS W 103 -42.39 1.39 -55.73
N GLY W 104 -42.27 0.94 -54.48
CA GLY W 104 -42.48 -0.46 -54.13
C GLY W 104 -41.16 -1.19 -54.01
N LYS W 105 -40.15 -0.68 -54.68
CA LYS W 105 -38.80 -1.22 -54.60
C LYS W 105 -37.90 -0.43 -53.64
N ARG W 106 -38.47 0.55 -52.93
CA ARG W 106 -37.75 1.29 -51.92
C ARG W 106 -37.70 0.53 -50.59
N TYR W 107 -36.49 0.23 -50.12
CA TYR W 107 -36.29 -0.58 -48.92
C TYR W 107 -35.52 0.17 -47.84
N ALA W 108 -35.64 -0.33 -46.62
CA ALA W 108 -34.92 0.23 -45.48
C ALA W 108 -34.59 -0.86 -44.47
N LEU W 109 -33.41 -0.77 -43.86
CA LEU W 109 -33.06 -1.70 -42.80
C LEU W 109 -33.80 -1.27 -41.54
N PRO W 110 -33.95 -2.18 -40.56
CA PRO W 110 -34.74 -1.90 -39.36
C PRO W 110 -34.25 -0.67 -38.58
N HIS W 111 -32.95 -0.57 -38.37
CA HIS W 111 -32.38 0.48 -37.54
C HIS W 111 -31.90 1.69 -38.35
N ALA W 112 -32.13 1.66 -39.65
CA ALA W 112 -31.84 2.81 -40.50
C ALA W 112 -32.66 4.00 -40.01
N ARG W 113 -32.06 5.19 -40.06
CA ARG W 113 -32.73 6.40 -39.63
C ARG W 113 -32.78 7.38 -40.77
N ILE W 114 -33.94 8.00 -40.97
CA ILE W 114 -34.14 8.97 -42.04
C ILE W 114 -34.27 10.37 -41.46
N LEU W 115 -33.54 11.32 -42.04
CA LEU W 115 -33.64 12.72 -41.68
C LEU W 115 -34.14 13.53 -42.87
N HIS W 117 -35.21 17.65 -43.87
CA HIS W 117 -35.22 19.03 -43.44
C HIS W 117 -35.16 20.03 -44.59
N GLN W 118 -35.46 21.28 -44.25
CA GLN W 118 -35.34 22.40 -45.17
C GLN W 118 -33.92 22.50 -45.74
N PRO W 119 -33.78 23.00 -46.98
CA PRO W 119 -32.45 23.21 -47.57
C PRO W 119 -31.58 24.21 -46.81
N LEU W 120 -30.26 24.09 -46.95
CA LEU W 120 -29.32 25.00 -46.30
C LEU W 120 -28.33 25.61 -47.28
N GLY W 121 -28.44 26.91 -47.49
CA GLY W 121 -27.53 27.63 -48.37
C GLY W 121 -26.60 28.58 -47.63
N GLY W 122 -26.13 29.58 -48.35
CA GLY W 122 -25.38 30.68 -47.77
C GLY W 122 -25.43 31.88 -48.69
N VAL W 123 -25.25 33.07 -48.14
CA VAL W 123 -25.29 34.31 -48.92
C VAL W 123 -24.05 35.17 -48.69
N THR W 124 -23.60 35.83 -49.75
CA THR W 124 -22.43 36.69 -49.69
C THR W 124 -22.45 37.71 -50.81
N GLY W 125 -21.65 38.76 -50.68
CA GLY W 125 -21.51 39.76 -51.72
C GLY W 125 -22.38 40.98 -51.51
N SER W 126 -22.58 41.76 -52.57
CA SER W 126 -23.37 42.97 -52.49
C SER W 126 -24.85 42.64 -52.31
N ALA W 127 -25.61 43.63 -51.81
CA ALA W 127 -27.04 43.45 -51.58
C ALA W 127 -27.76 43.06 -52.86
N ALA W 128 -27.24 43.53 -54.00
CA ALA W 128 -27.79 43.19 -55.29
C ALA W 128 -27.56 41.71 -55.60
N ASP W 129 -26.35 41.24 -55.33
CA ASP W 129 -25.99 39.84 -55.57
C ASP W 129 -26.76 38.90 -54.64
N ILE W 130 -26.96 39.34 -53.40
CA ILE W 130 -27.64 38.50 -52.41
C ILE W 130 -29.11 38.34 -52.76
N ALA W 131 -29.70 39.40 -53.31
CA ALA W 131 -31.11 39.35 -53.71
C ALA W 131 -31.31 38.25 -54.73
N ILE W 132 -30.34 38.08 -55.61
CA ILE W 132 -30.40 37.04 -56.63
C ILE W 132 -30.25 35.67 -56.00
N GLN W 133 -29.34 35.55 -55.06
CA GLN W 133 -29.13 34.30 -54.35
C GLN W 133 -30.38 33.90 -53.60
N ALA W 134 -31.10 34.91 -53.11
CA ALA W 134 -32.32 34.67 -52.35
C ALA W 134 -33.45 34.24 -53.28
N GLU W 135 -33.48 34.79 -54.49
CA GLU W 135 -34.48 34.40 -55.48
C GLU W 135 -34.41 32.91 -55.75
N GLN W 136 -33.21 32.40 -55.93
CA GLN W 136 -33.01 31.00 -56.24
C GLN W 136 -33.43 30.10 -55.08
N PHE W 137 -33.17 30.55 -53.86
CA PHE W 137 -33.54 29.79 -52.67
C PHE W 137 -35.02 29.44 -52.67
N ALA W 138 -35.85 30.40 -53.06
CA ALA W 138 -37.30 30.18 -53.10
C ALA W 138 -37.64 29.16 -54.19
N VAL W 139 -36.94 29.22 -55.30
CA VAL W 139 -37.18 28.31 -56.41
C VAL W 139 -36.86 26.88 -56.01
N ILE W 140 -35.64 26.68 -55.50
CA ILE W 140 -35.20 25.35 -55.09
C ILE W 140 -36.10 24.81 -53.99
N LYS W 141 -36.34 25.62 -52.96
CA LYS W 141 -37.13 25.19 -51.81
C LYS W 141 -38.49 24.67 -52.23
N LYS W 142 -39.14 25.38 -53.15
CA LYS W 142 -40.44 24.97 -53.66
C LYS W 142 -40.34 23.64 -54.39
N GLU W 143 -39.29 23.50 -55.19
CA GLU W 143 -39.11 22.30 -56.00
C GLU W 143 -38.80 21.08 -55.15
N PHE W 145 -39.60 20.56 -51.96
CA PHE W 145 -40.80 20.19 -51.23
C PHE W 145 -41.80 19.49 -52.15
N ARG W 146 -41.85 19.91 -53.40
CA ARG W 146 -42.77 19.32 -54.37
C ARG W 146 -42.47 17.85 -54.62
N LEU W 147 -41.21 17.53 -54.89
CA LEU W 147 -40.82 16.17 -55.20
C LEU W 147 -40.91 15.27 -53.98
N ASN W 148 -40.53 15.80 -52.82
CA ASN W 148 -40.61 15.04 -51.58
C ASN W 148 -42.06 14.72 -51.26
N ALA W 149 -42.96 15.64 -51.62
CA ALA W 149 -44.38 15.43 -51.42
C ALA W 149 -44.89 14.34 -52.35
N GLU W 150 -44.35 14.29 -53.56
CA GLU W 150 -44.76 13.29 -54.54
C GLU W 150 -44.27 11.91 -54.15
N PHE W 151 -43.05 11.82 -53.66
CA PHE W 151 -42.49 10.54 -53.26
C PHE W 151 -43.25 9.96 -52.09
N THR W 152 -43.46 10.79 -51.07
CA THR W 152 -44.09 10.38 -49.83
C THR W 152 -45.62 10.31 -49.95
N GLY W 153 -46.17 11.12 -50.85
CA GLY W 153 -47.61 11.17 -51.02
C GLY W 153 -48.26 12.10 -50.01
N GLN W 154 -47.44 12.89 -49.31
CA GLN W 154 -47.94 13.84 -48.34
C GLN W 154 -48.28 15.16 -49.03
N PRO W 155 -49.15 15.97 -48.41
CA PRO W 155 -49.42 17.31 -48.96
C PRO W 155 -48.20 18.22 -48.87
N ILE W 156 -48.05 19.15 -49.82
CA ILE W 156 -46.93 20.08 -49.81
C ILE W 156 -46.93 20.89 -48.51
N GLU W 157 -48.11 21.14 -47.97
CA GLU W 157 -48.23 21.93 -46.75
C GLU W 157 -47.59 21.21 -45.58
N ARG W 158 -47.73 19.89 -45.54
CA ARG W 158 -47.18 19.10 -44.44
C ARG W 158 -45.68 18.89 -44.60
N ILE W 159 -45.23 18.75 -45.85
CA ILE W 159 -43.80 18.63 -46.13
C ILE W 159 -43.08 19.89 -45.71
N GLU W 160 -43.63 21.04 -46.08
CA GLU W 160 -43.03 22.31 -45.76
C GLU W 160 -42.99 22.52 -44.25
N ALA W 161 -44.07 22.13 -43.58
CA ALA W 161 -44.17 22.31 -42.14
C ALA W 161 -43.20 21.42 -41.38
N ASP W 162 -43.15 20.14 -41.78
CA ASP W 162 -42.29 19.18 -41.09
C ASP W 162 -40.80 19.44 -41.36
N SER W 163 -40.49 19.97 -42.54
CA SER W 163 -39.11 20.17 -42.95
C SER W 163 -38.49 21.46 -42.40
N ASP W 164 -39.31 22.29 -41.73
CA ASP W 164 -38.82 23.54 -41.17
C ASP W 164 -37.64 23.31 -40.25
N ARG W 165 -37.77 22.32 -39.37
CA ARG W 165 -36.69 21.90 -38.48
C ARG W 165 -36.38 20.44 -38.78
N ASP W 166 -35.20 19.99 -38.39
CA ASP W 166 -34.82 18.60 -38.62
C ASP W 166 -35.87 17.68 -38.03
N ARG W 167 -36.36 16.77 -38.86
CA ARG W 167 -37.30 15.75 -38.42
C ARG W 167 -36.76 14.38 -38.72
N TRP W 168 -36.52 13.61 -37.67
CA TRP W 168 -35.96 12.27 -37.79
C TRP W 168 -37.05 11.22 -37.84
N PHE W 169 -36.85 10.21 -38.69
CA PHE W 169 -37.76 9.09 -38.78
C PHE W 169 -36.98 7.79 -38.59
N THR W 170 -37.53 6.87 -37.80
CA THR W 170 -37.00 5.52 -37.74
C THR W 170 -37.49 4.78 -38.97
N ALA W 171 -37.09 3.53 -39.12
CA ALA W 171 -37.54 2.74 -40.27
C ALA W 171 -39.05 2.63 -40.29
N ALA W 172 -39.64 2.37 -39.13
CA ALA W 172 -41.09 2.23 -39.03
C ALA W 172 -41.80 3.56 -39.27
N GLU W 173 -41.30 4.63 -38.67
CA GLU W 173 -41.90 5.95 -38.83
C GLU W 173 -41.79 6.40 -40.27
N ALA W 174 -40.69 6.03 -40.92
CA ALA W 174 -40.47 6.38 -42.32
C ALA W 174 -41.40 5.60 -43.23
N LEU W 175 -41.66 4.35 -42.87
CA LEU W 175 -42.56 3.48 -43.63
C LEU W 175 -43.97 4.07 -43.65
N GLU W 176 -44.41 4.59 -42.50
CA GLU W 176 -45.74 5.16 -42.39
C GLU W 176 -45.81 6.50 -43.12
N TYR W 177 -44.72 7.27 -43.04
CA TYR W 177 -44.68 8.60 -43.64
C TYR W 177 -44.57 8.54 -45.16
N GLY W 178 -44.10 7.40 -45.68
CA GLY W 178 -44.06 7.18 -47.11
C GLY W 178 -42.69 7.33 -47.77
N PHE W 179 -41.64 7.39 -46.96
CA PHE W 179 -40.29 7.47 -47.51
C PHE W 179 -39.89 6.16 -48.18
N VAL W 180 -40.19 5.05 -47.50
CA VAL W 180 -39.85 3.73 -47.99
C VAL W 180 -41.06 2.80 -47.98
N ASP W 181 -41.12 1.89 -48.94
CA ASP W 181 -42.24 0.96 -49.08
C ASP W 181 -42.12 -0.26 -48.17
N HIS W 182 -40.89 -0.72 -47.96
CA HIS W 182 -40.65 -1.96 -47.21
C HIS W 182 -39.52 -1.85 -46.17
N ILE W 183 -39.61 -2.70 -45.16
CA ILE W 183 -38.53 -2.93 -44.20
C ILE W 183 -38.13 -4.39 -44.37
N ILE W 184 -36.85 -4.71 -44.21
CA ILE W 184 -36.35 -6.01 -44.59
C ILE W 184 -36.29 -6.99 -43.42
N THR W 185 -37.16 -7.99 -43.47
CA THR W 185 -37.15 -9.12 -42.54
C THR W 185 -36.51 -10.35 -43.18
N ARG W 186 -35.82 -11.15 -42.37
CA ARG W 186 -35.10 -12.32 -42.85
C ARG W 186 -34.11 -11.96 -43.96
N ASP X 12 -1.47 -6.12 -45.72
CA ASP X 12 -2.81 -5.90 -46.23
C ASP X 12 -3.30 -7.10 -47.04
N SER X 13 -2.36 -7.88 -47.56
CA SER X 13 -2.69 -9.04 -48.37
C SER X 13 -3.26 -10.18 -47.53
N VAL X 14 -3.06 -10.10 -46.22
CA VAL X 14 -3.56 -11.14 -45.32
C VAL X 14 -5.08 -11.08 -45.24
N TYR X 15 -5.64 -9.87 -45.34
CA TYR X 15 -7.08 -9.70 -45.29
C TYR X 15 -7.74 -10.40 -46.48
N GLU X 16 -7.03 -10.44 -47.60
CA GLU X 16 -7.52 -11.15 -48.78
C GLU X 16 -7.57 -12.65 -48.52
N ARG X 17 -6.57 -13.15 -47.82
CA ARG X 17 -6.50 -14.57 -47.47
C ARG X 17 -7.57 -14.95 -46.45
N LEU X 18 -7.90 -14.02 -45.56
CA LEU X 18 -8.92 -14.25 -44.55
C LEU X 18 -10.31 -14.30 -45.16
N LEU X 19 -10.53 -13.46 -46.17
CA LEU X 19 -11.82 -13.40 -46.83
C LEU X 19 -12.10 -14.73 -47.54
N SER X 20 -11.03 -15.35 -48.03
CA SER X 20 -11.14 -16.66 -48.66
C SER X 20 -11.58 -17.69 -47.62
N GLU X 21 -11.23 -17.42 -46.37
CA GLU X 21 -11.59 -18.29 -45.25
C GLU X 21 -12.92 -17.86 -44.66
N ARG X 22 -13.58 -16.90 -45.30
CA ARG X 22 -14.85 -16.33 -44.82
C ARG X 22 -14.66 -15.68 -43.46
N ILE X 23 -13.51 -15.01 -43.29
CA ILE X 23 -13.23 -14.23 -42.10
C ILE X 23 -13.10 -12.76 -42.46
N ILE X 24 -13.95 -11.93 -41.85
CA ILE X 24 -13.83 -10.48 -41.98
C ILE X 24 -13.31 -9.93 -40.66
N PHE X 25 -12.52 -8.86 -40.74
CA PHE X 25 -11.82 -8.34 -39.57
C PHE X 25 -12.18 -6.88 -39.33
N LEU X 26 -12.70 -6.60 -38.14
CA LEU X 26 -12.90 -5.22 -37.71
C LEU X 26 -11.79 -4.87 -36.73
N GLY X 27 -10.82 -4.10 -37.22
CA GLY X 27 -9.59 -3.83 -36.47
C GLY X 27 -9.45 -2.41 -35.95
N SER X 28 -10.38 -1.54 -36.30
CA SER X 28 -10.29 -0.13 -35.96
C SER X 28 -11.64 0.41 -35.53
N GLU X 29 -11.72 1.71 -35.27
CA GLU X 29 -12.96 2.30 -34.84
C GLU X 29 -14.00 2.21 -35.95
N VAL X 30 -15.26 2.04 -35.56
CA VAL X 30 -16.34 1.89 -36.51
C VAL X 30 -16.75 3.23 -37.09
N ASN X 31 -16.70 3.34 -38.41
CA ASN X 31 -17.18 4.53 -39.11
C ASN X 31 -17.98 4.12 -40.34
N ASP X 32 -18.49 5.11 -41.05
CA ASP X 32 -19.30 4.85 -42.23
C ASP X 32 -18.50 4.10 -43.28
N GLU X 33 -17.23 4.47 -43.43
CA GLU X 33 -16.37 3.88 -44.46
C GLU X 33 -16.19 2.38 -44.24
N ILE X 34 -15.84 2.00 -43.01
CA ILE X 34 -15.63 0.60 -42.67
C ILE X 34 -16.92 -0.19 -42.71
N ALA X 35 -17.99 0.41 -42.18
CA ALA X 35 -19.28 -0.27 -42.12
C ALA X 35 -19.78 -0.65 -43.51
N ASN X 36 -19.72 0.30 -44.44
CA ASN X 36 -20.15 0.04 -45.80
C ASN X 36 -19.38 -1.12 -46.41
N ARG X 37 -18.06 -1.12 -46.21
CA ARG X 37 -17.21 -2.19 -46.70
C ARG X 37 -17.56 -3.50 -46.02
N LEU X 38 -17.78 -3.45 -44.71
CA LEU X 38 -18.12 -4.64 -43.94
C LEU X 38 -19.47 -5.19 -44.36
N CYS X 39 -20.46 -4.31 -44.50
CA CYS X 39 -21.78 -4.72 -44.94
C CYS X 39 -21.72 -5.39 -46.30
N ALA X 40 -20.95 -4.81 -47.20
CA ALA X 40 -20.79 -5.35 -48.55
C ALA X 40 -20.22 -6.76 -48.50
N GLN X 41 -19.13 -6.93 -47.76
CA GLN X 41 -18.47 -8.23 -47.67
C GLN X 41 -19.42 -9.31 -47.15
N ILE X 42 -20.24 -8.95 -46.16
CA ILE X 42 -21.19 -9.89 -45.60
C ILE X 42 -22.18 -10.33 -46.68
N LEU X 43 -22.67 -9.36 -47.45
CA LEU X 43 -23.62 -9.66 -48.52
C LEU X 43 -23.00 -10.52 -49.60
N LEU X 44 -21.74 -10.21 -49.95
CA LEU X 44 -21.04 -10.97 -50.98
C LEU X 44 -20.75 -12.40 -50.53
N LEU X 45 -20.34 -12.56 -49.27
CA LEU X 45 -20.06 -13.88 -48.74
C LEU X 45 -21.31 -14.74 -48.68
N ALA X 46 -22.43 -14.14 -48.32
CA ALA X 46 -23.70 -14.86 -48.24
C ALA X 46 -24.16 -15.26 -49.64
N ALA X 47 -23.79 -14.46 -50.63
CA ALA X 47 -24.14 -14.75 -52.01
C ALA X 47 -23.36 -15.96 -52.51
N GLU X 48 -22.09 -16.02 -52.16
CA GLU X 48 -21.26 -17.16 -52.55
C GLU X 48 -21.79 -18.44 -51.94
N ASP X 49 -21.83 -18.48 -50.61
CA ASP X 49 -22.35 -19.63 -49.88
C ASP X 49 -23.21 -19.19 -48.70
N ALA X 50 -24.47 -19.58 -48.70
CA ALA X 50 -25.40 -19.21 -47.62
C ALA X 50 -25.39 -20.23 -46.49
N SER X 51 -24.78 -21.38 -46.70
CA SER X 51 -24.73 -22.43 -45.69
C SER X 51 -23.63 -22.17 -44.67
N LYS X 52 -22.46 -21.78 -45.16
CA LYS X 52 -21.29 -21.60 -44.30
C LYS X 52 -21.38 -20.34 -43.45
N ASP X 53 -20.91 -20.44 -42.21
CA ASP X 53 -20.91 -19.31 -41.29
C ASP X 53 -19.92 -18.26 -41.75
N ILE X 54 -20.14 -17.02 -41.31
CA ILE X 54 -19.17 -15.96 -41.51
C ILE X 54 -18.63 -15.57 -40.14
N SER X 55 -17.31 -15.44 -40.05
CA SER X 55 -16.66 -15.11 -38.80
C SER X 55 -16.20 -13.66 -38.81
N LEU X 56 -16.58 -12.90 -37.78
CA LEU X 56 -16.13 -11.53 -37.62
C LEU X 56 -15.16 -11.40 -36.47
N TYR X 57 -13.90 -11.12 -36.79
CA TYR X 57 -12.90 -10.87 -35.77
C TYR X 57 -12.96 -9.40 -35.38
N ILE X 58 -13.09 -9.16 -34.08
CA ILE X 58 -13.27 -7.81 -33.57
C ILE X 58 -12.16 -7.39 -32.62
N ASN X 59 -11.33 -6.47 -33.07
CA ASN X 59 -10.55 -5.64 -32.14
C ASN X 59 -10.90 -4.20 -32.45
N SER X 60 -11.68 -3.57 -31.57
CA SER X 60 -12.14 -2.21 -31.85
C SER X 60 -12.35 -1.35 -30.61
N PRO X 61 -12.01 -0.05 -30.70
CA PRO X 61 -12.34 0.92 -29.66
C PRO X 61 -13.82 1.28 -29.65
N GLY X 62 -14.52 0.99 -30.74
CA GLY X 62 -15.88 1.43 -30.91
C GLY X 62 -15.99 2.50 -31.98
N GLY X 63 -17.17 3.07 -32.15
CA GLY X 63 -17.37 4.05 -33.19
C GLY X 63 -18.79 4.57 -33.28
N SER X 64 -19.15 5.13 -34.43
CA SER X 64 -20.46 5.72 -34.62
C SER X 64 -21.55 4.65 -34.59
N ILE X 65 -22.71 5.01 -34.06
CA ILE X 65 -23.83 4.09 -33.94
C ILE X 65 -24.46 3.77 -35.29
N SER X 66 -24.73 4.79 -36.09
CA SER X 66 -25.44 4.60 -37.36
C SER X 66 -24.71 3.60 -38.24
N ALA X 67 -23.40 3.77 -38.34
CA ALA X 67 -22.57 2.84 -39.09
C ALA X 67 -22.58 1.49 -38.40
N GLY X 68 -22.59 1.51 -37.08
CA GLY X 68 -22.57 0.29 -36.29
C GLY X 68 -23.83 -0.53 -36.51
N ALA X 70 -25.75 -0.42 -39.06
CA ALA X 70 -25.76 -0.89 -40.44
C ALA X 70 -25.12 -2.27 -40.50
N ILE X 71 -24.03 -2.44 -39.76
CA ILE X 71 -23.36 -3.73 -39.68
C ILE X 71 -24.26 -4.74 -38.97
N TYR X 72 -24.82 -4.33 -37.85
CA TYR X 72 -25.68 -5.21 -37.07
C TYR X 72 -26.87 -5.71 -37.88
N ASP X 73 -27.57 -4.81 -38.54
CA ASP X 73 -28.72 -5.20 -39.35
C ASP X 73 -28.31 -6.22 -40.40
N THR X 74 -27.20 -5.96 -41.08
CA THR X 74 -26.72 -6.85 -42.12
C THR X 74 -26.41 -8.24 -41.56
N VAL X 76 -27.96 -9.79 -38.91
CA VAL X 76 -29.22 -10.48 -38.64
C VAL X 76 -29.86 -10.99 -39.92
N LEU X 77 -29.82 -10.18 -40.97
CA LEU X 77 -30.48 -10.51 -42.22
C LEU X 77 -29.75 -11.62 -42.99
N ALA X 78 -28.46 -11.79 -42.72
CA ALA X 78 -27.68 -12.81 -43.42
C ALA X 78 -28.26 -14.20 -43.13
N PRO X 79 -28.38 -15.04 -44.18
CA PRO X 79 -28.93 -16.38 -43.93
C PRO X 79 -28.04 -17.20 -43.00
N CYS X 80 -26.74 -17.14 -43.23
CA CYS X 80 -25.79 -17.91 -42.44
C CYS X 80 -25.63 -17.31 -41.05
N ASP X 81 -25.14 -18.14 -40.12
CA ASP X 81 -24.82 -17.67 -38.78
C ASP X 81 -23.57 -16.81 -38.82
N ILE X 82 -23.51 -15.82 -37.94
CA ILE X 82 -22.33 -14.97 -37.80
C ILE X 82 -21.63 -15.23 -36.48
N ALA X 83 -20.43 -15.80 -36.56
CA ALA X 83 -19.61 -16.02 -35.38
C ALA X 83 -18.78 -14.78 -35.10
N THR X 84 -18.74 -14.36 -33.85
CA THR X 84 -18.00 -13.17 -33.45
C THR X 84 -16.87 -13.51 -32.50
N TYR X 85 -15.67 -13.05 -32.84
CA TYR X 85 -14.48 -13.27 -32.01
C TYR X 85 -13.93 -11.93 -31.54
N ALA X 86 -13.79 -11.78 -30.23
CA ALA X 86 -13.18 -10.57 -29.67
C ALA X 86 -11.70 -10.81 -29.48
N GLY X 88 -8.39 -8.36 -29.51
CA GLY X 88 -7.76 -7.50 -28.53
C GLY X 88 -8.73 -6.85 -27.57
N ALA X 90 -13.07 -5.14 -27.31
CA ALA X 90 -14.38 -4.83 -27.87
C ALA X 90 -15.05 -3.77 -27.01
N ALA X 91 -15.26 -2.59 -27.59
CA ALA X 91 -15.79 -1.46 -26.83
C ALA X 91 -16.84 -0.71 -27.64
N SER X 92 -17.83 -0.17 -26.94
CA SER X 92 -18.93 0.54 -27.59
C SER X 92 -19.57 -0.38 -28.61
N GLY X 94 -18.01 -2.11 -30.61
CA GLY X 94 -17.20 -3.31 -30.58
C GLY X 94 -17.85 -4.35 -29.68
N GLU X 95 -18.29 -3.92 -28.51
CA GLU X 95 -18.99 -4.81 -27.58
C GLU X 95 -20.34 -5.22 -28.14
N PHE X 96 -21.03 -4.26 -28.74
CA PHE X 96 -22.37 -4.50 -29.25
C PHE X 96 -22.35 -5.52 -30.37
N LEU X 97 -21.46 -5.33 -31.33
CA LEU X 97 -21.35 -6.24 -32.45
C LEU X 97 -20.86 -7.61 -31.98
N LEU X 98 -20.02 -7.61 -30.95
CA LEU X 98 -19.55 -8.86 -30.36
C LEU X 98 -20.73 -9.64 -29.78
N ALA X 99 -21.53 -8.97 -28.98
CA ALA X 99 -22.67 -9.60 -28.33
C ALA X 99 -23.80 -9.88 -29.31
N ALA X 100 -23.81 -9.18 -30.43
CA ALA X 100 -24.85 -9.35 -31.43
C ALA X 100 -24.63 -10.60 -32.25
N GLY X 101 -23.48 -11.24 -32.07
CA GLY X 101 -23.14 -12.45 -32.80
C GLY X 101 -24.12 -13.58 -32.52
N THR X 102 -24.14 -14.57 -33.40
CA THR X 102 -25.01 -15.72 -33.23
C THR X 102 -24.75 -16.39 -31.90
N LYS X 103 -25.81 -16.61 -31.14
CA LYS X 103 -25.69 -17.13 -29.79
C LYS X 103 -25.06 -18.51 -29.77
N GLY X 104 -23.99 -18.64 -28.99
CA GLY X 104 -23.26 -19.88 -28.85
C GLY X 104 -22.01 -19.89 -29.71
N LYS X 105 -22.03 -19.09 -30.76
CA LYS X 105 -20.88 -18.93 -31.65
C LYS X 105 -20.07 -17.66 -31.33
N ARG X 106 -20.43 -16.96 -30.26
CA ARG X 106 -19.68 -15.79 -29.81
C ARG X 106 -18.47 -16.22 -28.98
N TYR X 107 -17.28 -15.83 -29.44
CA TYR X 107 -16.03 -16.23 -28.79
C TYR X 107 -15.23 -15.03 -28.31
N ALA X 108 -14.31 -15.28 -27.39
CA ALA X 108 -13.43 -14.23 -26.88
C ALA X 108 -12.08 -14.82 -26.49
N LEU X 109 -11.01 -14.08 -26.73
CA LEU X 109 -9.68 -14.50 -26.30
C LEU X 109 -9.53 -14.25 -24.80
N PRO X 110 -8.58 -14.94 -24.15
CA PRO X 110 -8.47 -14.87 -22.69
C PRO X 110 -8.25 -13.45 -22.15
N HIS X 111 -7.37 -12.70 -22.78
CA HIS X 111 -7.01 -11.37 -22.30
C HIS X 111 -7.79 -10.27 -23.01
N ALA X 112 -8.73 -10.66 -23.86
CA ALA X 112 -9.63 -9.70 -24.48
C ALA X 112 -10.40 -8.95 -23.39
N ARG X 113 -10.63 -7.67 -23.61
CA ARG X 113 -11.35 -6.84 -22.66
C ARG X 113 -12.57 -6.24 -23.31
N ILE X 114 -13.70 -6.30 -22.63
CA ILE X 114 -14.95 -5.75 -23.14
C ILE X 114 -15.32 -4.51 -22.34
N LEU X 115 -15.69 -3.45 -23.05
CA LEU X 115 -16.16 -2.22 -22.43
C LEU X 115 -17.59 -1.95 -22.82
N HIS X 117 -20.79 0.92 -22.12
CA HIS X 117 -21.17 2.21 -21.55
C HIS X 117 -22.33 2.87 -22.27
N GLN X 118 -22.89 3.88 -21.62
CA GLN X 118 -23.91 4.75 -22.16
C GLN X 118 -23.45 5.40 -23.47
N PRO X 119 -24.39 5.71 -24.39
CA PRO X 119 -24.04 6.42 -25.62
C PRO X 119 -23.48 7.82 -25.37
N LEU X 120 -22.71 8.34 -26.33
CA LEU X 120 -22.15 9.68 -26.22
C LEU X 120 -22.46 10.50 -27.46
N GLY X 121 -23.28 11.54 -27.30
CA GLY X 121 -23.64 12.41 -28.39
C GLY X 121 -23.04 13.81 -28.27
N GLY X 122 -23.68 14.76 -28.91
CA GLY X 122 -23.34 16.17 -28.75
C GLY X 122 -24.51 17.03 -29.18
N VAL X 123 -24.59 18.25 -28.68
CA VAL X 123 -25.69 19.16 -29.03
C VAL X 123 -25.18 20.52 -29.48
N THR X 124 -25.88 21.11 -30.44
CA THR X 124 -25.52 22.41 -30.98
C THR X 124 -26.72 23.09 -31.62
N GLY X 125 -26.62 24.40 -31.84
CA GLY X 125 -27.66 25.15 -32.52
C GLY X 125 -28.61 25.83 -31.56
N SER X 126 -29.77 26.21 -32.06
CA SER X 126 -30.78 26.90 -31.27
C SER X 126 -31.41 25.94 -30.26
N ALA X 127 -32.03 26.51 -29.23
CA ALA X 127 -32.70 25.72 -28.22
C ALA X 127 -33.74 24.81 -28.85
N ALA X 128 -34.33 25.26 -29.95
CA ALA X 128 -35.31 24.47 -30.68
C ALA X 128 -34.65 23.28 -31.34
N ASP X 129 -33.49 23.50 -31.95
CA ASP X 129 -32.75 22.44 -32.61
C ASP X 129 -32.21 21.44 -31.59
N ILE X 130 -31.77 21.93 -30.45
CA ILE X 130 -31.20 21.07 -29.43
C ILE X 130 -32.27 20.20 -28.79
N ALA X 131 -33.46 20.73 -28.64
CA ALA X 131 -34.58 19.97 -28.07
C ALA X 131 -34.85 18.73 -28.91
N ILE X 132 -34.75 18.88 -30.22
CA ILE X 132 -34.98 17.78 -31.15
C ILE X 132 -33.84 16.76 -31.06
N GLN X 133 -32.62 17.24 -30.96
CA GLN X 133 -31.46 16.37 -30.84
C GLN X 133 -31.55 15.52 -29.57
N ALA X 134 -32.15 16.09 -28.54
CA ALA X 134 -32.30 15.39 -27.26
C ALA X 134 -33.37 14.31 -27.36
N GLU X 135 -34.41 14.56 -28.15
CA GLU X 135 -35.46 13.57 -28.36
C GLU X 135 -34.86 12.29 -28.89
N GLN X 136 -33.98 12.42 -29.88
CA GLN X 136 -33.36 11.27 -30.51
C GLN X 136 -32.46 10.53 -29.53
N PHE X 137 -31.77 11.28 -28.67
CA PHE X 137 -30.90 10.67 -27.66
C PHE X 137 -31.69 9.67 -26.83
N ALA X 138 -32.92 10.03 -26.48
CA ALA X 138 -33.79 9.17 -25.69
C ALA X 138 -34.18 7.91 -26.48
N VAL X 139 -34.41 8.09 -27.77
CA VAL X 139 -34.82 7.00 -28.64
C VAL X 139 -33.72 5.95 -28.76
N ILE X 140 -32.52 6.40 -29.12
CA ILE X 140 -31.39 5.49 -29.29
C ILE X 140 -31.05 4.80 -27.98
N LYS X 141 -30.93 5.59 -26.92
CA LYS X 141 -30.52 5.06 -25.61
C LYS X 141 -31.40 3.90 -25.17
N LYS X 142 -32.70 4.05 -25.33
CA LYS X 142 -33.64 2.98 -24.97
C LYS X 142 -33.40 1.77 -25.85
N GLU X 143 -33.20 2.04 -27.14
CA GLU X 143 -33.02 0.98 -28.12
C GLU X 143 -31.71 0.22 -27.91
N PHE X 145 -29.95 -0.05 -25.14
CA PHE X 145 -30.09 -0.80 -23.90
C PHE X 145 -30.98 -2.01 -24.10
N ARG X 146 -31.99 -1.87 -24.94
CA ARG X 146 -32.90 -2.97 -25.21
C ARG X 146 -32.16 -4.15 -25.85
N LEU X 147 -31.39 -3.84 -26.90
CA LEU X 147 -30.68 -4.87 -27.64
C LEU X 147 -29.52 -5.47 -26.83
N ASN X 148 -28.82 -4.62 -26.08
CA ASN X 148 -27.74 -5.10 -25.23
C ASN X 148 -28.28 -6.01 -24.14
N ALA X 149 -29.49 -5.70 -23.68
CA ALA X 149 -30.16 -6.51 -22.67
C ALA X 149 -30.54 -7.86 -23.26
N GLU X 150 -30.92 -7.85 -24.54
CA GLU X 150 -31.33 -9.07 -25.22
C GLU X 150 -30.15 -10.01 -25.47
N PHE X 151 -29.02 -9.44 -25.89
CA PHE X 151 -27.83 -10.22 -26.19
C PHE X 151 -27.29 -10.89 -24.92
N THR X 152 -27.15 -10.08 -23.87
CA THR X 152 -26.54 -10.54 -22.62
C THR X 152 -27.51 -11.37 -21.77
N GLY X 153 -28.79 -11.11 -21.91
CA GLY X 153 -29.80 -11.79 -21.12
C GLY X 153 -30.02 -11.14 -19.76
N GLN X 154 -29.46 -9.95 -19.58
CA GLN X 154 -29.64 -9.21 -18.33
C GLN X 154 -30.90 -8.35 -18.44
N PRO X 155 -31.46 -7.94 -17.29
CA PRO X 155 -32.60 -7.03 -17.32
C PRO X 155 -32.23 -5.65 -17.86
N ILE X 156 -33.16 -4.98 -18.52
CA ILE X 156 -32.90 -3.63 -19.07
C ILE X 156 -32.50 -2.68 -17.94
N GLU X 157 -33.03 -2.90 -16.76
CA GLU X 157 -32.73 -2.03 -15.62
C GLU X 157 -31.25 -2.10 -15.25
N ARG X 158 -30.68 -3.29 -15.32
CA ARG X 158 -29.28 -3.48 -14.92
C ARG X 158 -28.34 -2.96 -16.01
N ILE X 159 -28.75 -3.12 -17.27
CA ILE X 159 -27.98 -2.60 -18.39
C ILE X 159 -27.85 -1.09 -18.29
N GLU X 160 -28.98 -0.43 -18.03
CA GLU X 160 -28.99 1.02 -17.91
C GLU X 160 -28.14 1.47 -16.73
N ALA X 161 -28.22 0.73 -15.63
CA ALA X 161 -27.47 1.07 -14.43
C ALA X 161 -25.98 0.90 -14.64
N ASP X 162 -25.59 -0.23 -15.22
CA ASP X 162 -24.19 -0.53 -15.46
C ASP X 162 -23.58 0.34 -16.55
N SER X 163 -24.40 0.73 -17.52
CA SER X 163 -23.92 1.49 -18.66
C SER X 163 -23.75 2.98 -18.35
N ASP X 164 -24.22 3.39 -17.17
CA ASP X 164 -24.15 4.80 -16.77
C ASP X 164 -22.72 5.33 -16.85
N ARG X 165 -21.79 4.57 -16.29
CA ARG X 165 -20.37 4.87 -16.37
C ARG X 165 -19.69 3.71 -17.05
N ASP X 166 -18.49 3.93 -17.57
CA ASP X 166 -17.76 2.85 -18.22
C ASP X 166 -17.62 1.66 -17.28
N ARG X 167 -18.04 0.50 -17.77
CA ARG X 167 -17.87 -0.74 -17.03
C ARG X 167 -17.08 -1.73 -17.87
N TRP X 168 -15.91 -2.09 -17.37
CA TRP X 168 -15.02 -2.99 -18.07
C TRP X 168 -15.23 -4.43 -17.64
N PHE X 169 -15.14 -5.34 -18.61
CA PHE X 169 -15.23 -6.76 -18.36
C PHE X 169 -14.01 -7.46 -18.90
N THR X 170 -13.46 -8.39 -18.11
CA THR X 170 -12.43 -9.28 -18.62
C THR X 170 -13.14 -10.34 -19.46
N ALA X 171 -12.38 -11.26 -20.05
CA ALA X 171 -12.99 -12.32 -20.84
C ALA X 171 -13.95 -13.13 -19.99
N ALA X 172 -13.51 -13.50 -18.79
CA ALA X 172 -14.32 -14.28 -17.87
C ALA X 172 -15.53 -13.48 -17.39
N GLU X 173 -15.30 -12.23 -17.01
CA GLU X 173 -16.37 -11.39 -16.52
C GLU X 173 -17.40 -11.15 -17.63
N ALA X 174 -16.92 -11.07 -18.86
CA ALA X 174 -17.79 -10.89 -20.01
C ALA X 174 -18.58 -12.16 -20.26
N LEU X 175 -17.93 -13.30 -20.05
CA LEU X 175 -18.57 -14.60 -20.18
C LEU X 175 -19.72 -14.74 -19.19
N GLU X 176 -19.50 -14.28 -17.97
CA GLU X 176 -20.51 -14.37 -16.92
C GLU X 176 -21.66 -13.41 -17.20
N TYR X 177 -21.33 -12.23 -17.71
CA TYR X 177 -22.33 -11.19 -17.95
C TYR X 177 -23.18 -11.53 -19.17
N GLY X 178 -22.66 -12.40 -20.04
CA GLY X 178 -23.42 -12.88 -21.19
C GLY X 178 -23.05 -12.24 -22.52
N PHE X 179 -21.93 -11.52 -22.56
CA PHE X 179 -21.49 -10.91 -23.81
C PHE X 179 -21.04 -11.96 -24.81
N VAL X 180 -20.25 -12.93 -24.34
CA VAL X 180 -19.73 -13.99 -25.19
C VAL X 180 -19.99 -15.35 -24.57
N ASP X 181 -20.20 -16.35 -25.41
CA ASP X 181 -20.51 -17.69 -24.95
C ASP X 181 -19.31 -18.52 -24.57
N HIS X 182 -18.20 -18.33 -25.27
CA HIS X 182 -17.01 -19.16 -25.05
C HIS X 182 -15.72 -18.35 -24.95
N ILE X 183 -14.75 -18.93 -24.25
CA ILE X 183 -13.38 -18.43 -24.24
C ILE X 183 -12.52 -19.51 -24.86
N ILE X 184 -11.49 -19.11 -25.61
CA ILE X 184 -10.76 -20.06 -26.43
C ILE X 184 -9.50 -20.55 -25.75
N THR X 185 -9.53 -21.83 -25.36
CA THR X 185 -8.36 -22.54 -24.86
C THR X 185 -7.79 -23.40 -25.97
N ARG X 186 -6.47 -23.53 -26.01
CA ARG X 186 -5.81 -24.30 -27.08
C ARG X 186 -4.55 -24.97 -26.56
N ASP Y 12 10.97 -3.87 -49.39
CA ASP Y 12 9.69 -4.19 -48.76
C ASP Y 12 9.23 -5.59 -49.12
N SER Y 13 9.70 -6.09 -50.26
CA SER Y 13 9.33 -7.43 -50.75
C SER Y 13 9.97 -8.51 -49.90
N VAL Y 14 10.94 -8.14 -49.08
CA VAL Y 14 11.67 -9.10 -48.25
C VAL Y 14 10.77 -9.68 -47.16
N TYR Y 15 9.82 -8.89 -46.66
CA TYR Y 15 8.90 -9.38 -45.65
C TYR Y 15 8.07 -10.53 -46.21
N GLU Y 16 7.79 -10.45 -47.51
CA GLU Y 16 7.07 -11.52 -48.20
C GLU Y 16 7.93 -12.78 -48.28
N ARG Y 17 9.23 -12.58 -48.49
CA ARG Y 17 10.17 -13.70 -48.56
C ARG Y 17 10.34 -14.39 -47.21
N LEU Y 18 10.26 -13.61 -46.14
CA LEU Y 18 10.37 -14.17 -44.78
C LEU Y 18 9.15 -14.98 -44.41
N LEU Y 19 7.99 -14.55 -44.88
CA LEU Y 19 6.75 -15.23 -44.56
C LEU Y 19 6.76 -16.65 -45.12
N SER Y 20 7.39 -16.81 -46.28
CA SER Y 20 7.55 -18.13 -46.88
C SER Y 20 8.45 -19.01 -46.02
N GLU Y 21 9.34 -18.37 -45.26
CA GLU Y 21 10.26 -19.08 -44.38
C GLU Y 21 9.61 -19.23 -43.00
N ARG Y 22 8.36 -18.83 -42.89
CA ARG Y 22 7.61 -18.86 -41.63
C ARG Y 22 8.25 -17.96 -40.58
N ILE Y 23 8.73 -16.80 -41.02
CA ILE Y 23 9.24 -15.78 -40.12
C ILE Y 23 8.37 -14.53 -40.21
N ILE Y 24 7.81 -14.12 -39.08
CA ILE Y 24 7.07 -12.88 -38.98
C ILE Y 24 7.93 -11.87 -38.21
N PHE Y 25 7.82 -10.60 -38.58
CA PHE Y 25 8.71 -9.58 -38.06
C PHE Y 25 7.92 -8.45 -37.39
N LEU Y 26 8.21 -8.21 -36.11
CA LEU Y 26 7.68 -7.04 -35.43
C LEU Y 26 8.83 -6.03 -35.33
N GLY Y 27 8.77 -5.01 -36.18
CA GLY Y 27 9.87 -4.07 -36.33
C GLY Y 27 9.60 -2.68 -35.78
N SER Y 28 8.38 -2.44 -35.29
CA SER Y 28 7.99 -1.12 -34.87
C SER Y 28 7.18 -1.18 -33.58
N GLU Y 29 6.68 -0.03 -33.14
CA GLU Y 29 5.89 0.03 -31.93
C GLU Y 29 4.61 -0.75 -32.14
N VAL Y 30 4.13 -1.40 -31.08
CA VAL Y 30 2.94 -2.22 -31.15
C VAL Y 30 1.68 -1.36 -31.13
N ASN Y 31 0.86 -1.51 -32.16
CA ASN Y 31 -0.44 -0.85 -32.19
C ASN Y 31 -1.50 -1.82 -32.70
N ASP Y 32 -2.74 -1.37 -32.77
CA ASP Y 32 -3.83 -2.25 -33.18
C ASP Y 32 -3.63 -2.75 -34.61
N GLU Y 33 -3.16 -1.87 -35.49
CA GLU Y 33 -3.01 -2.21 -36.91
C GLU Y 33 -1.99 -3.34 -37.09
N ILE Y 34 -0.84 -3.20 -36.46
CA ILE Y 34 0.22 -4.21 -36.58
C ILE Y 34 -0.21 -5.51 -35.94
N ALA Y 35 -0.86 -5.41 -34.78
CA ALA Y 35 -1.29 -6.60 -34.05
C ALA Y 35 -2.26 -7.44 -34.88
N ASN Y 36 -3.27 -6.78 -35.45
CA ASN Y 36 -4.25 -7.47 -36.28
C ASN Y 36 -3.57 -8.23 -37.42
N ARG Y 37 -2.65 -7.56 -38.09
CA ARG Y 37 -1.92 -8.17 -39.19
C ARG Y 37 -1.07 -9.33 -38.69
N LEU Y 38 -0.43 -9.15 -37.54
CA LEU Y 38 0.43 -10.17 -36.96
C LEU Y 38 -0.40 -11.39 -36.55
N CYS Y 39 -1.53 -11.15 -35.89
CA CYS Y 39 -2.41 -12.24 -35.48
C CYS Y 39 -2.87 -13.05 -36.69
N ALA Y 40 -3.25 -12.34 -37.74
CA ALA Y 40 -3.71 -12.99 -38.97
C ALA Y 40 -2.62 -13.89 -39.54
N GLN Y 41 -1.40 -13.36 -39.65
CA GLN Y 41 -0.28 -14.13 -40.20
C GLN Y 41 -0.06 -15.41 -39.40
N ILE Y 42 -0.17 -15.31 -38.07
CA ILE Y 42 0.00 -16.47 -37.21
C ILE Y 42 -1.07 -17.51 -37.50
N LEU Y 43 -2.32 -17.05 -37.64
CA LEU Y 43 -3.43 -17.95 -37.93
C LEU Y 43 -3.29 -18.58 -39.31
N LEU Y 44 -2.85 -17.81 -40.29
CA LEU Y 44 -2.69 -18.31 -41.64
C LEU Y 44 -1.55 -19.32 -41.73
N LEU Y 45 -0.44 -19.04 -41.05
CA LEU Y 45 0.70 -19.94 -41.04
C LEU Y 45 0.35 -21.24 -40.36
N ALA Y 46 -0.44 -21.17 -39.29
CA ALA Y 46 -0.85 -22.36 -38.56
C ALA Y 46 -1.81 -23.20 -39.40
N ALA Y 47 -2.57 -22.53 -40.25
CA ALA Y 47 -3.54 -23.22 -41.11
C ALA Y 47 -2.83 -24.00 -42.22
N GLU Y 48 -1.81 -23.39 -42.82
CA GLU Y 48 -1.04 -24.04 -43.86
C GLU Y 48 -0.34 -25.28 -43.32
N ASP Y 49 0.50 -25.09 -42.31
CA ASP Y 49 1.21 -26.18 -41.66
C ASP Y 49 1.19 -25.95 -40.15
N ALA Y 50 0.58 -26.87 -39.41
CA ALA Y 50 0.48 -26.74 -37.96
C ALA Y 50 1.65 -27.41 -37.25
N SER Y 51 2.44 -28.18 -37.99
CA SER Y 51 3.59 -28.88 -37.40
C SER Y 51 4.81 -27.98 -37.26
N LYS Y 52 5.07 -27.18 -38.29
CA LYS Y 52 6.27 -26.35 -38.33
C LYS Y 52 6.15 -25.14 -37.41
N ASP Y 53 7.27 -24.79 -36.77
CA ASP Y 53 7.30 -23.64 -35.86
C ASP Y 53 7.16 -22.33 -36.61
N ILE Y 54 6.74 -21.30 -35.87
CA ILE Y 54 6.73 -19.93 -36.38
C ILE Y 54 7.76 -19.11 -35.61
N SER Y 55 8.55 -18.33 -36.33
CA SER Y 55 9.57 -17.49 -35.70
C SER Y 55 9.13 -16.03 -35.71
N LEU Y 56 9.19 -15.40 -34.55
CA LEU Y 56 8.89 -13.98 -34.42
C LEU Y 56 10.14 -13.17 -34.14
N TYR Y 57 10.57 -12.39 -35.12
CA TYR Y 57 11.70 -11.49 -34.95
C TYR Y 57 11.22 -10.17 -34.34
N ILE Y 58 11.85 -9.77 -33.25
CA ILE Y 58 11.42 -8.59 -32.51
C ILE Y 58 12.50 -7.53 -32.43
N ASN Y 59 12.29 -6.42 -33.12
CA ASN Y 59 12.94 -5.17 -32.76
C ASN Y 59 11.84 -4.16 -32.53
N SER Y 60 11.56 -3.83 -31.28
CA SER Y 60 10.45 -2.93 -30.97
C SER Y 60 10.68 -2.10 -29.71
N PRO Y 61 10.22 -0.84 -29.73
CA PRO Y 61 10.19 -0.01 -28.52
C PRO Y 61 9.08 -0.43 -27.57
N GLY Y 62 8.10 -1.16 -28.08
CA GLY Y 62 6.90 -1.47 -27.32
C GLY Y 62 5.69 -0.74 -27.86
N GLY Y 63 4.57 -0.85 -27.16
CA GLY Y 63 3.34 -0.27 -27.64
C GLY Y 63 2.17 -0.52 -26.71
N SER Y 64 0.96 -0.41 -27.24
CA SER Y 64 -0.24 -0.58 -26.44
C SER Y 64 -0.36 -2.00 -25.92
N ILE Y 65 -0.93 -2.13 -24.72
CA ILE Y 65 -1.10 -3.43 -24.09
C ILE Y 65 -2.18 -4.24 -24.79
N SER Y 66 -3.32 -3.61 -25.06
CA SER Y 66 -4.46 -4.30 -25.64
C SER Y 66 -4.09 -4.97 -26.96
N ALA Y 67 -3.37 -4.24 -27.80
CA ALA Y 67 -2.92 -4.79 -29.08
C ALA Y 67 -1.89 -5.89 -28.84
N GLY Y 68 -1.05 -5.71 -27.84
CA GLY Y 68 -0.02 -6.66 -27.53
C GLY Y 68 -0.54 -8.00 -27.06
N ALA Y 70 -3.48 -9.29 -27.79
CA ALA Y 70 -4.09 -9.95 -28.94
C ALA Y 70 -3.05 -10.82 -29.62
N ILE Y 71 -1.84 -10.29 -29.71
CA ILE Y 71 -0.72 -11.04 -30.27
C ILE Y 71 -0.36 -12.20 -29.35
N TYR Y 72 -0.22 -11.91 -28.06
CA TYR Y 72 0.18 -12.91 -27.09
C TYR Y 72 -0.78 -14.09 -27.07
N ASP Y 73 -2.07 -13.80 -26.98
CA ASP Y 73 -3.08 -14.84 -26.96
C ASP Y 73 -2.97 -15.72 -28.20
N THR Y 74 -2.83 -15.09 -29.36
CA THR Y 74 -2.76 -15.81 -30.62
C THR Y 74 -1.54 -16.73 -30.68
N VAL Y 76 -0.18 -18.31 -28.07
CA VAL Y 76 -0.46 -19.44 -27.20
C VAL Y 76 -1.43 -20.41 -27.86
N LEU Y 77 -2.44 -19.87 -28.53
CA LEU Y 77 -3.48 -20.70 -29.14
C LEU Y 77 -2.97 -21.45 -30.35
N ALA Y 78 -1.92 -20.94 -30.97
CA ALA Y 78 -1.36 -21.59 -32.15
C ALA Y 78 -0.88 -22.99 -31.79
N PRO Y 79 -1.20 -23.99 -32.63
CA PRO Y 79 -0.75 -25.35 -32.35
C PRO Y 79 0.77 -25.46 -32.35
N CYS Y 80 1.38 -24.80 -33.32
CA CYS Y 80 2.83 -24.83 -33.48
C CYS Y 80 3.53 -24.00 -32.41
N ASP Y 81 4.80 -24.31 -32.17
CA ASP Y 81 5.61 -23.54 -31.25
C ASP Y 81 5.95 -22.19 -31.86
N ILE Y 82 6.08 -21.16 -31.02
CA ILE Y 82 6.48 -19.84 -31.47
C ILE Y 82 7.85 -19.47 -30.93
N ALA Y 83 8.84 -19.40 -31.82
CA ALA Y 83 10.18 -18.98 -31.44
C ALA Y 83 10.31 -17.46 -31.53
N THR Y 84 10.92 -16.86 -30.52
CA THR Y 84 11.09 -15.40 -30.48
C THR Y 84 12.56 -14.99 -30.48
N TYR Y 85 12.89 -14.09 -31.40
CA TYR Y 85 14.24 -13.56 -31.53
C TYR Y 85 14.25 -12.05 -31.29
N ALA Y 86 15.06 -11.59 -30.36
CA ALA Y 86 15.22 -10.17 -30.09
C ALA Y 86 16.38 -9.64 -30.91
N GLY Y 88 17.25 -5.95 -32.51
CA GLY Y 88 17.85 -4.73 -32.00
C GLY Y 88 17.54 -4.47 -30.54
N ALA Y 90 14.20 -5.09 -27.34
CA ALA Y 90 12.89 -5.55 -26.88
C ALA Y 90 12.49 -4.76 -25.65
N ALA Y 91 11.45 -3.97 -25.76
CA ALA Y 91 11.03 -3.10 -24.66
C ALA Y 91 9.52 -3.09 -24.51
N SER Y 92 9.06 -2.95 -23.28
CA SER Y 92 7.64 -2.97 -22.97
C SER Y 92 7.01 -4.25 -23.52
N GLY Y 94 7.52 -5.43 -26.30
CA GLY Y 94 8.59 -6.11 -26.99
C GLY Y 94 9.26 -7.14 -26.09
N GLU Y 95 9.52 -6.74 -24.86
CA GLU Y 95 10.10 -7.62 -23.86
C GLU Y 95 9.11 -8.72 -23.51
N PHE Y 96 7.84 -8.34 -23.41
CA PHE Y 96 6.79 -9.27 -23.02
C PHE Y 96 6.60 -10.36 -24.07
N LEU Y 97 6.46 -9.97 -25.33
CA LEU Y 97 6.26 -10.93 -26.40
C LEU Y 97 7.51 -11.78 -26.61
N LEU Y 98 8.67 -11.20 -26.36
CA LEU Y 98 9.93 -11.93 -26.44
C LEU Y 98 9.96 -13.08 -25.45
N ALA Y 99 9.65 -12.76 -24.19
CA ALA Y 99 9.69 -13.74 -23.12
C ALA Y 99 8.53 -14.73 -23.20
N ALA Y 100 7.47 -14.32 -23.90
CA ALA Y 100 6.28 -15.15 -24.01
C ALA Y 100 6.47 -16.29 -25.00
N GLY Y 101 7.58 -16.27 -25.72
CA GLY Y 101 7.86 -17.30 -26.70
C GLY Y 101 7.96 -18.67 -26.05
N THR Y 102 7.82 -19.71 -26.86
CA THR Y 102 7.92 -21.08 -26.35
C THR Y 102 9.25 -21.28 -25.64
N LYS Y 103 9.18 -21.81 -24.43
CA LYS Y 103 10.36 -21.92 -23.59
C LYS Y 103 11.42 -22.82 -24.22
N GLY Y 104 12.62 -22.29 -24.32
CA GLY Y 104 13.76 -22.98 -24.91
C GLY Y 104 14.00 -22.53 -26.33
N LYS Y 105 12.95 -22.03 -26.97
CA LYS Y 105 13.04 -21.48 -28.33
C LYS Y 105 13.14 -19.95 -28.35
N ARG Y 106 13.24 -19.33 -27.18
CA ARG Y 106 13.45 -17.88 -27.08
C ARG Y 106 14.92 -17.51 -27.27
N TYR Y 107 15.21 -16.69 -28.28
CA TYR Y 107 16.58 -16.33 -28.64
C TYR Y 107 16.81 -14.82 -28.56
N ALA Y 108 18.08 -14.43 -28.47
CA ALA Y 108 18.46 -13.03 -28.46
C ALA Y 108 19.84 -12.84 -29.11
N LEU Y 109 20.01 -11.74 -29.83
CA LEU Y 109 21.31 -11.42 -30.40
C LEU Y 109 22.22 -10.86 -29.31
N PRO Y 110 23.55 -10.92 -29.53
CA PRO Y 110 24.51 -10.54 -28.48
C PRO Y 110 24.33 -9.12 -27.95
N HIS Y 111 24.14 -8.16 -28.84
CA HIS Y 111 24.06 -6.75 -28.45
C HIS Y 111 22.62 -6.27 -28.29
N ALA Y 112 21.67 -7.18 -28.43
CA ALA Y 112 20.26 -6.86 -28.16
C ALA Y 112 20.10 -6.41 -26.72
N ARG Y 113 19.22 -5.44 -26.51
CA ARG Y 113 18.93 -4.91 -25.18
C ARG Y 113 17.46 -5.08 -24.84
N ILE Y 114 17.19 -5.54 -23.62
CA ILE Y 114 15.83 -5.76 -23.15
C ILE Y 114 15.45 -4.71 -22.10
N LEU Y 115 14.30 -4.09 -22.26
CA LEU Y 115 13.78 -3.14 -21.27
C LEU Y 115 12.46 -3.61 -20.67
N HIS Y 117 9.61 -2.62 -17.68
CA HIS Y 117 9.14 -1.60 -16.77
C HIS Y 117 7.64 -1.66 -16.50
N GLN Y 118 7.23 -0.94 -15.48
CA GLN Y 118 5.82 -0.76 -15.14
C GLN Y 118 5.02 -0.20 -16.31
N PRO Y 119 3.73 -0.54 -16.40
CA PRO Y 119 2.86 0.02 -17.45
C PRO Y 119 2.70 1.54 -17.36
N LEU Y 120 2.38 2.18 -18.48
CA LEU Y 120 2.17 3.63 -18.51
C LEU Y 120 0.85 3.98 -19.15
N GLY Y 121 -0.07 4.51 -18.35
CA GLY Y 121 -1.38 4.92 -18.83
C GLY Y 121 -1.56 6.43 -18.84
N GLY Y 122 -2.82 6.84 -18.76
CA GLY Y 122 -3.17 8.24 -18.57
C GLY Y 122 -4.57 8.33 -18.02
N VAL Y 123 -4.87 9.43 -17.32
CA VAL Y 123 -6.20 9.62 -16.74
C VAL Y 123 -6.79 10.97 -17.13
N THR Y 124 -8.10 10.99 -17.29
CA THR Y 124 -8.81 12.20 -17.64
C THR Y 124 -10.27 12.11 -17.25
N GLY Y 125 -10.96 13.25 -17.19
CA GLY Y 125 -12.38 13.27 -16.92
C GLY Y 125 -12.74 13.53 -15.48
N SER Y 126 -13.97 13.21 -15.11
CA SER Y 126 -14.46 13.43 -13.76
C SER Y 126 -13.81 12.48 -12.77
N ALA Y 127 -13.84 12.85 -11.50
CA ALA Y 127 -13.28 12.03 -10.44
C ALA Y 127 -13.87 10.64 -10.44
N ALA Y 128 -15.13 10.54 -10.83
CA ALA Y 128 -15.80 9.26 -10.94
C ALA Y 128 -15.23 8.43 -12.08
N ASP Y 129 -15.01 9.08 -13.22
CA ASP Y 129 -14.46 8.40 -14.39
C ASP Y 129 -13.03 7.96 -14.15
N ILE Y 130 -12.26 8.78 -13.45
CA ILE Y 130 -10.86 8.49 -13.19
C ILE Y 130 -10.74 7.33 -12.20
N ALA Y 131 -11.68 7.24 -11.28
CA ALA Y 131 -11.69 6.15 -10.31
C ALA Y 131 -11.78 4.80 -11.02
N ILE Y 132 -12.56 4.76 -12.10
CA ILE Y 132 -12.72 3.55 -12.89
C ILE Y 132 -11.45 3.25 -13.67
N GLN Y 133 -10.83 4.29 -14.22
CA GLN Y 133 -9.59 4.13 -14.96
C GLN Y 133 -8.50 3.57 -14.06
N ALA Y 134 -8.55 3.97 -12.79
CA ALA Y 134 -7.58 3.51 -11.81
C ALA Y 134 -7.84 2.06 -11.44
N GLU Y 135 -9.11 1.67 -11.40
CA GLU Y 135 -9.47 0.28 -11.11
C GLU Y 135 -8.81 -0.64 -12.12
N GLN Y 136 -8.92 -0.28 -13.40
CA GLN Y 136 -8.36 -1.08 -14.47
C GLN Y 136 -6.84 -1.11 -14.42
N PHE Y 137 -6.22 0.02 -14.07
CA PHE Y 137 -4.78 0.07 -13.95
C PHE Y 137 -4.31 -1.01 -12.98
N ALA Y 138 -5.06 -1.19 -11.90
CA ALA Y 138 -4.72 -2.19 -10.90
C ALA Y 138 -4.89 -3.59 -11.48
N VAL Y 139 -5.92 -3.78 -12.29
CA VAL Y 139 -6.18 -5.07 -12.91
C VAL Y 139 -5.07 -5.44 -13.89
N ILE Y 140 -4.79 -4.53 -14.82
CA ILE Y 140 -3.76 -4.77 -15.83
C ILE Y 140 -2.41 -4.99 -15.18
N LYS Y 141 -2.04 -4.11 -14.26
CA LYS Y 141 -0.72 -4.15 -13.62
C LYS Y 141 -0.43 -5.50 -12.99
N LYS Y 142 -1.41 -6.05 -12.28
CA LYS Y 142 -1.25 -7.35 -11.63
C LYS Y 142 -1.04 -8.44 -12.67
N GLU Y 143 -1.83 -8.39 -13.74
CA GLU Y 143 -1.79 -9.41 -14.78
C GLU Y 143 -0.46 -9.39 -15.53
N PHE Y 145 2.50 -8.21 -14.49
CA PHE Y 145 3.53 -8.70 -13.59
C PHE Y 145 3.43 -10.21 -13.40
N ARG Y 146 2.21 -10.75 -13.41
CA ARG Y 146 2.01 -12.18 -13.22
C ARG Y 146 2.64 -12.98 -14.35
N LEU Y 147 2.33 -12.60 -15.59
CA LEU Y 147 2.83 -13.32 -16.74
C LEU Y 147 4.33 -13.13 -16.91
N ASN Y 148 4.83 -11.92 -16.64
CA ASN Y 148 6.25 -11.67 -16.73
C ASN Y 148 6.99 -12.52 -15.69
N ALA Y 149 6.35 -12.74 -14.56
CA ALA Y 149 6.91 -13.59 -13.53
C ALA Y 149 6.92 -15.04 -14.00
N GLU Y 150 5.89 -15.42 -14.74
CA GLU Y 150 5.77 -16.78 -15.25
C GLU Y 150 6.79 -17.04 -16.34
N PHE Y 151 7.00 -16.05 -17.21
CA PHE Y 151 7.94 -16.20 -18.31
C PHE Y 151 9.36 -16.32 -17.77
N THR Y 152 9.72 -15.41 -16.88
CA THR Y 152 11.07 -15.34 -16.34
C THR Y 152 11.33 -16.37 -15.25
N GLY Y 153 10.28 -16.78 -14.55
CA GLY Y 153 10.41 -17.72 -13.45
C GLY Y 153 10.79 -17.00 -12.16
N GLN Y 154 10.70 -15.68 -12.18
CA GLN Y 154 11.00 -14.87 -11.01
C GLN Y 154 9.76 -14.73 -10.14
N PRO Y 155 9.93 -14.43 -8.85
CA PRO Y 155 8.78 -14.15 -7.99
C PRO Y 155 8.06 -12.88 -8.39
N ILE Y 156 6.74 -12.83 -8.17
CA ILE Y 156 5.96 -11.66 -8.49
C ILE Y 156 6.47 -10.44 -7.73
N GLU Y 157 7.01 -10.66 -6.54
CA GLU Y 157 7.52 -9.57 -5.71
C GLU Y 157 8.70 -8.87 -6.37
N ARG Y 158 9.57 -9.65 -7.02
CA ARG Y 158 10.77 -9.09 -7.63
C ARG Y 158 10.44 -8.41 -8.96
N ILE Y 159 9.48 -8.96 -9.69
CA ILE Y 159 9.04 -8.35 -10.93
C ILE Y 159 8.47 -6.97 -10.64
N GLU Y 160 7.62 -6.90 -9.63
CA GLU Y 160 6.99 -5.65 -9.26
C GLU Y 160 8.03 -4.63 -8.79
N ALA Y 161 9.01 -5.11 -8.03
CA ALA Y 161 10.03 -4.25 -7.49
C ALA Y 161 10.95 -3.71 -8.58
N ASP Y 162 11.38 -4.60 -9.45
CA ASP Y 162 12.30 -4.24 -10.53
C ASP Y 162 11.62 -3.39 -11.59
N SER Y 163 10.32 -3.61 -11.78
CA SER Y 163 9.57 -2.94 -12.83
C SER Y 163 9.14 -1.52 -12.47
N ASP Y 164 9.36 -1.13 -11.21
CA ASP Y 164 8.96 0.20 -10.74
C ASP Y 164 9.55 1.29 -11.63
N ARG Y 165 10.84 1.17 -11.90
CA ARG Y 165 11.53 2.08 -12.80
C ARG Y 165 12.11 1.26 -13.95
N ASP Y 166 12.44 1.91 -15.06
CA ASP Y 166 13.02 1.22 -16.20
C ASP Y 166 14.24 0.43 -15.78
N ARG Y 167 14.24 -0.85 -16.09
CA ARG Y 167 15.40 -1.70 -15.82
C ARG Y 167 15.86 -2.35 -17.12
N TRP Y 168 17.09 -2.02 -17.53
CA TRP Y 168 17.64 -2.51 -18.78
C TRP Y 168 18.45 -3.78 -18.57
N PHE Y 169 18.32 -4.69 -19.53
CA PHE Y 169 19.09 -5.93 -19.54
C PHE Y 169 19.86 -6.05 -20.83
N THR Y 170 21.12 -6.46 -20.75
CA THR Y 170 21.86 -6.85 -21.93
C THR Y 170 21.40 -8.23 -22.32
N ALA Y 171 21.95 -8.77 -23.41
CA ALA Y 171 21.58 -10.11 -23.84
C ALA Y 171 21.93 -11.12 -22.75
N ALA Y 172 23.12 -10.98 -22.18
CA ALA Y 172 23.57 -11.88 -21.13
C ALA Y 172 22.75 -11.73 -19.86
N GLU Y 173 22.50 -10.49 -19.47
CA GLU Y 173 21.73 -10.21 -18.26
C GLU Y 173 20.29 -10.71 -18.43
N ALA Y 174 19.78 -10.60 -19.65
CA ALA Y 174 18.43 -11.06 -19.96
C ALA Y 174 18.37 -12.57 -19.92
N LEU Y 175 19.45 -13.21 -20.36
CA LEU Y 175 19.56 -14.66 -20.34
C LEU Y 175 19.47 -15.20 -18.92
N GLU Y 176 20.13 -14.52 -17.99
CA GLU Y 176 20.14 -14.94 -16.59
C GLU Y 176 18.81 -14.67 -15.91
N TYR Y 177 18.18 -13.56 -16.26
CA TYR Y 177 16.95 -13.14 -15.62
C TYR Y 177 15.78 -14.01 -16.08
N GLY Y 178 15.95 -14.68 -17.21
CA GLY Y 178 14.96 -15.62 -17.71
C GLY Y 178 14.09 -15.12 -18.83
N PHE Y 179 14.46 -13.99 -19.43
CA PHE Y 179 13.72 -13.47 -20.58
C PHE Y 179 13.89 -14.34 -21.81
N VAL Y 180 15.14 -14.73 -22.08
CA VAL Y 180 15.46 -15.54 -23.24
C VAL Y 180 16.31 -16.74 -22.84
N ASP Y 181 16.13 -17.84 -23.55
CA ASP Y 181 16.83 -19.09 -23.24
C ASP Y 181 18.24 -19.16 -23.83
N HIS Y 182 18.43 -18.57 -25.00
CA HIS Y 182 19.71 -18.66 -25.71
C HIS Y 182 20.20 -17.33 -26.26
N ILE Y 183 21.51 -17.25 -26.43
CA ILE Y 183 22.16 -16.18 -27.18
C ILE Y 183 22.81 -16.82 -28.39
N ILE Y 184 22.83 -16.09 -29.50
CA ILE Y 184 23.20 -16.68 -30.78
C ILE Y 184 24.66 -16.41 -31.11
N THR Y 185 25.45 -17.48 -31.10
CA THR Y 185 26.84 -17.44 -31.53
C THR Y 185 26.97 -17.89 -32.99
N THR Z 11 14.71 4.15 -60.22
CA THR Z 11 15.37 4.45 -58.96
C THR Z 11 15.31 3.25 -58.01
N ASP Z 12 14.13 2.66 -57.89
CA ASP Z 12 13.97 1.47 -57.06
C ASP Z 12 14.43 0.20 -57.78
N SER Z 13 14.39 0.22 -59.11
CA SER Z 13 14.73 -0.96 -59.89
C SER Z 13 16.23 -1.28 -59.91
N VAL Z 14 17.07 -0.29 -59.63
CA VAL Z 14 18.51 -0.52 -59.62
C VAL Z 14 18.91 -1.27 -58.36
N TYR Z 15 18.22 -0.98 -57.26
CA TYR Z 15 18.50 -1.63 -55.98
C TYR Z 15 18.19 -3.12 -56.06
N GLU Z 16 17.18 -3.46 -56.85
CA GLU Z 16 16.83 -4.85 -57.08
C GLU Z 16 17.92 -5.54 -57.90
N ARG Z 17 18.49 -4.81 -58.85
CA ARG Z 17 19.56 -5.33 -59.69
C ARG Z 17 20.83 -5.57 -58.88
N LEU Z 18 21.05 -4.73 -57.88
CA LEU Z 18 22.22 -4.87 -57.00
C LEU Z 18 22.08 -6.09 -56.11
N LEU Z 19 20.85 -6.37 -55.71
CA LEU Z 19 20.57 -7.49 -54.82
C LEU Z 19 20.96 -8.80 -55.49
N SER Z 20 20.78 -8.87 -56.81
CA SER Z 20 21.17 -10.03 -57.58
C SER Z 20 22.69 -10.23 -57.55
N GLU Z 21 23.41 -9.13 -57.34
CA GLU Z 21 24.87 -9.16 -57.28
C GLU Z 21 25.34 -9.37 -55.85
N ARG Z 22 24.40 -9.63 -54.94
CA ARG Z 22 24.69 -9.76 -53.52
C ARG Z 22 25.25 -8.47 -52.96
N ILE Z 23 24.69 -7.36 -53.42
CA ILE Z 23 25.02 -6.03 -52.91
C ILE Z 23 23.82 -5.39 -52.24
N ILE Z 24 23.97 -5.06 -50.96
CA ILE Z 24 22.97 -4.29 -50.23
C ILE Z 24 23.53 -2.89 -50.01
N PHE Z 25 22.65 -1.90 -50.02
CA PHE Z 25 23.08 -0.50 -50.00
C PHE Z 25 22.48 0.24 -48.80
N LEU Z 26 23.35 0.80 -47.96
CA LEU Z 26 22.90 1.68 -46.89
C LEU Z 26 23.18 3.12 -47.32
N GLY Z 27 22.13 3.83 -47.72
CA GLY Z 27 22.26 5.14 -48.33
C GLY Z 27 21.80 6.30 -47.47
N SER Z 28 21.26 6.00 -46.29
CA SER Z 28 20.68 7.02 -45.44
C SER Z 28 21.05 6.78 -43.99
N GLU Z 29 20.50 7.59 -43.09
CA GLU Z 29 20.78 7.46 -41.67
C GLU Z 29 20.24 6.12 -41.18
N VAL Z 30 20.93 5.53 -40.20
CA VAL Z 30 20.54 4.24 -39.67
C VAL Z 30 19.37 4.39 -38.70
N ASN Z 31 18.28 3.69 -39.00
CA ASN Z 31 17.14 3.62 -38.10
C ASN Z 31 16.63 2.19 -38.05
N ASP Z 32 15.59 1.96 -37.25
CA ASP Z 32 15.05 0.62 -37.09
C ASP Z 32 14.53 0.07 -38.41
N GLU Z 33 13.86 0.92 -39.18
CA GLU Z 33 13.22 0.48 -40.43
C GLU Z 33 14.25 -0.05 -41.42
N ILE Z 34 15.32 0.71 -41.63
CA ILE Z 34 16.37 0.29 -42.55
C ILE Z 34 17.08 -0.93 -41.98
N ALA Z 35 17.31 -0.92 -40.67
CA ALA Z 35 18.01 -2.02 -40.01
C ALA Z 35 17.29 -3.34 -40.22
N ASN Z 36 15.99 -3.35 -39.98
CA ASN Z 36 15.19 -4.57 -40.15
C ASN Z 36 15.29 -5.12 -41.57
N ARG Z 37 15.18 -4.23 -42.55
CA ARG Z 37 15.28 -4.63 -43.95
C ARG Z 37 16.67 -5.15 -44.28
N LEU Z 38 17.68 -4.46 -43.76
CA LEU Z 38 19.07 -4.84 -44.02
C LEU Z 38 19.35 -6.20 -43.40
N CYS Z 39 18.93 -6.39 -42.16
CA CYS Z 39 19.11 -7.67 -41.48
C CYS Z 39 18.41 -8.77 -42.24
N ALA Z 40 17.19 -8.51 -42.68
CA ALA Z 40 16.41 -9.47 -43.44
C ALA Z 40 17.14 -9.89 -44.70
N GLN Z 41 17.59 -8.90 -45.48
CA GLN Z 41 18.29 -9.17 -46.73
C GLN Z 41 19.52 -10.04 -46.52
N ILE Z 42 20.28 -9.75 -45.46
CA ILE Z 42 21.48 -10.52 -45.17
C ILE Z 42 21.12 -11.98 -44.91
N LEU Z 43 20.08 -12.19 -44.12
CA LEU Z 43 19.65 -13.54 -43.79
C LEU Z 43 19.16 -14.29 -45.03
N LEU Z 44 18.42 -13.59 -45.88
CA LEU Z 44 17.91 -14.21 -47.10
C LEU Z 44 19.03 -14.53 -48.08
N LEU Z 45 20.01 -13.63 -48.18
CA LEU Z 45 21.15 -13.86 -49.06
C LEU Z 45 21.97 -15.04 -48.56
N ALA Z 46 22.11 -15.15 -47.26
CA ALA Z 46 22.86 -16.26 -46.66
C ALA Z 46 22.11 -17.57 -46.86
N ALA Z 47 20.79 -17.47 -46.95
CA ALA Z 47 19.95 -18.65 -47.16
C ALA Z 47 20.14 -19.19 -48.57
N GLU Z 48 20.17 -18.29 -49.55
CA GLU Z 48 20.38 -18.68 -50.94
C GLU Z 48 21.75 -19.33 -51.12
N ASP Z 49 22.79 -18.57 -50.78
CA ASP Z 49 24.16 -19.06 -50.88
C ASP Z 49 24.98 -18.63 -49.67
N ALA Z 50 25.48 -19.59 -48.92
CA ALA Z 50 26.28 -19.30 -47.74
C ALA Z 50 27.77 -19.20 -48.06
N SER Z 51 28.16 -19.60 -49.27
CA SER Z 51 29.56 -19.55 -49.67
C SER Z 51 29.97 -18.16 -50.17
N LYS Z 52 29.11 -17.53 -50.96
CA LYS Z 52 29.43 -16.24 -51.56
C LYS Z 52 29.35 -15.09 -50.57
N ASP Z 53 30.28 -14.15 -50.68
CA ASP Z 53 30.31 -12.99 -49.80
C ASP Z 53 29.14 -12.06 -50.09
N ILE Z 54 28.80 -11.24 -49.09
CA ILE Z 54 27.82 -10.19 -49.26
C ILE Z 54 28.52 -8.84 -49.17
N SER Z 55 28.19 -7.94 -50.07
CA SER Z 55 28.79 -6.61 -50.11
C SER Z 55 27.83 -5.55 -49.59
N LEU Z 56 28.31 -4.74 -48.65
CA LEU Z 56 27.55 -3.62 -48.13
C LEU Z 56 28.16 -2.29 -48.55
N TYR Z 57 27.45 -1.58 -49.43
CA TYR Z 57 27.86 -0.23 -49.82
C TYR Z 57 27.32 0.77 -48.81
N ILE Z 58 28.21 1.61 -48.27
CA ILE Z 58 27.84 2.55 -47.21
C ILE Z 58 28.06 4.00 -47.60
N ASN Z 59 26.98 4.74 -47.78
CA ASN Z 59 27.01 6.20 -47.66
C ASN Z 59 25.99 6.59 -46.61
N SER Z 60 26.46 6.96 -45.42
CA SER Z 60 25.54 7.26 -44.32
C SER Z 60 26.07 8.30 -43.35
N PRO Z 61 25.17 9.16 -42.82
CA PRO Z 61 25.51 10.08 -41.74
C PRO Z 61 25.64 9.39 -40.38
N GLY Z 62 25.08 8.19 -40.26
CA GLY Z 62 25.00 7.52 -38.97
C GLY Z 62 23.57 7.45 -38.49
N GLY Z 63 23.38 6.96 -37.27
CA GLY Z 63 22.03 6.77 -36.74
C GLY Z 63 22.00 6.17 -35.35
N SER Z 64 20.86 5.60 -34.99
CA SER Z 64 20.69 5.01 -33.66
C SER Z 64 21.59 3.78 -33.48
N ILE Z 65 22.07 3.59 -32.27
CA ILE Z 65 22.93 2.45 -31.96
C ILE Z 65 22.16 1.15 -31.96
N SER Z 66 21.00 1.12 -31.33
CA SER Z 66 20.24 -0.12 -31.20
C SER Z 66 19.97 -0.72 -32.58
N ALA Z 67 19.55 0.12 -33.51
CA ALA Z 67 19.31 -0.30 -34.87
C ALA Z 67 20.60 -0.71 -35.55
N GLY Z 68 21.67 0.01 -35.24
CA GLY Z 68 22.97 -0.26 -35.82
C GLY Z 68 23.53 -1.60 -35.41
N ALA Z 70 21.96 -4.13 -34.42
CA ALA Z 70 21.15 -5.19 -35.01
C ALA Z 70 21.77 -5.60 -36.33
N ILE Z 71 22.22 -4.60 -37.10
CA ILE Z 71 22.89 -4.86 -38.35
C ILE Z 71 24.23 -5.53 -38.10
N TYR Z 72 24.99 -4.99 -37.14
CA TYR Z 72 26.31 -5.54 -36.82
C TYR Z 72 26.24 -7.00 -36.40
N ASP Z 73 25.34 -7.31 -35.47
CA ASP Z 73 25.17 -8.68 -35.00
C ASP Z 73 24.85 -9.61 -36.16
N THR Z 74 23.95 -9.18 -37.04
CA THR Z 74 23.53 -10.01 -38.16
C THR Z 74 24.71 -10.30 -39.09
N VAL Z 76 27.98 -10.55 -38.28
CA VAL Z 76 28.88 -11.50 -37.66
C VAL Z 76 28.32 -12.92 -37.71
N LEU Z 77 27.02 -13.05 -37.48
CA LEU Z 77 26.38 -14.36 -37.42
C LEU Z 77 26.28 -14.99 -38.81
N ALA Z 78 26.28 -14.17 -39.84
CA ALA Z 78 26.19 -14.67 -41.21
C ALA Z 78 27.38 -15.57 -41.52
N PRO Z 79 27.13 -16.72 -42.19
CA PRO Z 79 28.24 -17.61 -42.52
C PRO Z 79 29.26 -16.98 -43.45
N CYS Z 80 28.76 -16.28 -44.47
CA CYS Z 80 29.60 -15.66 -45.48
C CYS Z 80 30.31 -14.42 -44.96
N ASP Z 81 31.41 -14.05 -45.63
CA ASP Z 81 32.11 -12.82 -45.29
C ASP Z 81 31.28 -11.62 -45.74
N ILE Z 82 31.38 -10.53 -44.98
CA ILE Z 82 30.70 -9.29 -45.32
C ILE Z 82 31.71 -8.23 -45.71
N ALA Z 83 31.71 -7.85 -46.98
CA ALA Z 83 32.58 -6.80 -47.48
C ALA Z 83 31.89 -5.45 -47.34
N THR Z 84 32.62 -4.45 -46.84
CA THR Z 84 32.08 -3.12 -46.63
C THR Z 84 32.79 -2.07 -47.49
N TYR Z 85 32.02 -1.29 -48.23
CA TYR Z 85 32.55 -0.23 -49.08
C TYR Z 85 32.03 1.13 -48.63
N ALA Z 86 32.94 2.06 -48.36
CA ALA Z 86 32.56 3.42 -47.98
C ALA Z 86 32.50 4.30 -49.22
N GLY Z 88 30.23 7.60 -50.27
CA GLY Z 88 30.31 9.03 -50.02
C GLY Z 88 30.88 9.38 -48.66
N ALA Z 90 31.07 7.85 -44.27
CA ALA Z 90 30.78 6.91 -43.20
C ALA Z 90 30.97 7.61 -41.87
N ALA Z 91 29.89 7.79 -41.12
CA ALA Z 91 29.94 8.52 -39.86
C ALA Z 91 29.10 7.83 -38.80
N SER Z 92 29.54 7.93 -37.55
CA SER Z 92 28.86 7.29 -36.45
C SER Z 92 28.73 5.79 -36.72
N GLY Z 94 27.81 4.54 -39.45
CA GLY Z 94 28.39 4.37 -40.76
C GLY Z 94 29.84 3.96 -40.67
N GLU Z 95 30.57 4.64 -39.80
CA GLU Z 95 31.96 4.32 -39.54
C GLU Z 95 32.07 2.96 -38.87
N PHE Z 96 31.16 2.70 -37.94
CA PHE Z 96 31.18 1.47 -37.17
C PHE Z 96 30.91 0.27 -38.08
N LEU Z 97 29.86 0.36 -38.88
CA LEU Z 97 29.50 -0.73 -39.78
C LEU Z 97 30.56 -0.90 -40.85
N LEU Z 98 31.18 0.19 -41.27
CA LEU Z 98 32.28 0.14 -42.24
C LEU Z 98 33.45 -0.68 -41.68
N ALA Z 99 33.86 -0.33 -40.47
CA ALA Z 99 35.01 -0.96 -39.83
C ALA Z 99 34.68 -2.38 -39.38
N ALA Z 100 33.39 -2.67 -39.23
CA ALA Z 100 32.96 -3.97 -38.77
C ALA Z 100 33.04 -5.01 -39.87
N GLY Z 101 33.31 -4.57 -41.10
CA GLY Z 101 33.39 -5.47 -42.22
C GLY Z 101 34.49 -6.51 -42.04
N THR Z 102 34.40 -7.60 -42.79
CA THR Z 102 35.39 -8.66 -42.73
C THR Z 102 36.78 -8.10 -42.99
N LYS Z 103 37.73 -8.43 -42.13
CA LYS Z 103 39.06 -7.84 -42.21
C LYS Z 103 39.74 -8.21 -43.52
N GLY Z 104 40.19 -7.18 -44.23
CA GLY Z 104 40.86 -7.32 -45.51
C GLY Z 104 39.91 -7.05 -46.65
N LYS Z 105 38.62 -7.23 -46.39
CA LYS Z 105 37.57 -6.95 -47.37
C LYS Z 105 36.90 -5.59 -47.16
N ARG Z 106 37.41 -4.79 -46.23
CA ARG Z 106 36.91 -3.43 -46.03
C ARG Z 106 37.54 -2.45 -47.03
N TYR Z 107 36.70 -1.79 -47.82
CA TYR Z 107 37.15 -0.90 -48.89
C TYR Z 107 36.66 0.54 -48.71
N ALA Z 108 37.32 1.47 -49.37
CA ALA Z 108 36.92 2.88 -49.34
C ALA Z 108 37.28 3.58 -50.65
N LEU Z 109 36.43 4.49 -51.09
CA LEU Z 109 36.72 5.32 -52.25
C LEU Z 109 37.70 6.42 -51.86
N PRO Z 110 38.41 7.00 -52.85
CA PRO Z 110 39.46 7.98 -52.56
C PRO Z 110 38.98 9.19 -51.77
N HIS Z 111 37.84 9.74 -52.16
CA HIS Z 111 37.32 10.96 -51.54
C HIS Z 111 36.26 10.67 -50.46
N ALA Z 112 36.05 9.39 -50.16
CA ALA Z 112 35.20 9.01 -49.04
C ALA Z 112 35.78 9.58 -47.75
N ARG Z 113 34.91 10.01 -46.86
CA ARG Z 113 35.33 10.58 -45.58
C ARG Z 113 34.73 9.81 -44.42
N ILE Z 114 35.57 9.51 -43.42
CA ILE Z 114 35.15 8.77 -42.24
C ILE Z 114 35.10 9.67 -41.01
N LEU Z 115 34.01 9.60 -40.27
CA LEU Z 115 33.88 10.32 -39.01
C LEU Z 115 33.72 9.34 -37.85
N HIS Z 117 33.18 9.46 -33.54
CA HIS Z 117 32.99 10.27 -32.34
C HIS Z 117 32.27 9.51 -31.23
N GLN Z 118 32.33 10.09 -30.04
CA GLN Z 118 31.61 9.60 -28.87
C GLN Z 118 30.10 9.52 -29.15
N PRO Z 119 29.40 8.57 -28.50
CA PRO Z 119 27.94 8.48 -28.67
C PRO Z 119 27.18 9.71 -28.20
N LEU Z 120 25.98 9.93 -28.74
CA LEU Z 120 25.16 11.07 -28.37
C LEU Z 120 23.75 10.66 -27.98
N GLY Z 121 23.40 10.84 -26.70
CA GLY Z 121 22.08 10.51 -26.21
C GLY Z 121 21.26 11.73 -25.86
N GLY Z 122 20.30 11.53 -24.96
CA GLY Z 122 19.53 12.61 -24.37
C GLY Z 122 18.95 12.12 -23.06
N VAL Z 123 18.65 13.04 -22.16
CA VAL Z 123 18.10 12.68 -20.85
C VAL Z 123 16.83 13.46 -20.54
N THR Z 124 15.90 12.80 -19.86
CA THR Z 124 14.63 13.42 -19.49
C THR Z 124 14.00 12.70 -18.31
N GLY Z 125 13.05 13.38 -17.66
CA GLY Z 125 12.29 12.78 -16.57
C GLY Z 125 12.83 13.15 -15.20
N SER Z 126 12.44 12.38 -14.20
CA SER Z 126 12.85 12.63 -12.82
C SER Z 126 14.32 12.32 -12.64
N ALA Z 127 14.91 12.88 -11.59
CA ALA Z 127 16.31 12.65 -11.27
C ALA Z 127 16.58 11.16 -11.13
N ALA Z 128 15.57 10.42 -10.67
CA ALA Z 128 15.67 8.98 -10.53
C ALA Z 128 15.76 8.29 -11.88
N ASP Z 129 14.92 8.72 -12.81
CA ASP Z 129 14.92 8.16 -14.16
C ASP Z 129 16.20 8.49 -14.90
N ILE Z 130 16.70 9.70 -14.70
CA ILE Z 130 17.90 10.16 -15.38
C ILE Z 130 19.13 9.39 -14.92
N ALA Z 131 19.13 9.03 -13.65
CA ALA Z 131 20.22 8.22 -13.10
C ALA Z 131 20.32 6.90 -13.86
N ILE Z 132 19.17 6.34 -14.20
CA ILE Z 132 19.12 5.08 -14.93
C ILE Z 132 19.58 5.25 -16.36
N GLN Z 133 19.15 6.34 -16.98
CA GLN Z 133 19.55 6.65 -18.35
C GLN Z 133 21.05 6.85 -18.45
N ALA Z 134 21.63 7.41 -17.39
CA ALA Z 134 23.06 7.69 -17.34
C ALA Z 134 23.89 6.41 -17.17
N GLU Z 135 23.36 5.45 -16.41
CA GLU Z 135 24.03 4.17 -16.23
C GLU Z 135 24.27 3.52 -17.57
N GLN Z 136 23.25 3.52 -18.42
CA GLN Z 136 23.33 2.89 -19.72
C GLN Z 136 24.36 3.58 -20.60
N PHE Z 137 24.43 4.91 -20.50
CA PHE Z 137 25.41 5.67 -21.28
C PHE Z 137 26.82 5.14 -21.05
N ALA Z 138 27.13 4.79 -19.81
CA ALA Z 138 28.44 4.26 -19.50
C ALA Z 138 28.64 2.89 -20.13
N VAL Z 139 27.58 2.08 -20.14
CA VAL Z 139 27.64 0.74 -20.70
C VAL Z 139 27.90 0.76 -22.19
N ILE Z 140 27.05 1.50 -22.92
CA ILE Z 140 27.17 1.58 -24.36
C ILE Z 140 28.51 2.14 -24.77
N LYS Z 141 28.90 3.26 -24.16
CA LYS Z 141 30.12 3.95 -24.51
C LYS Z 141 31.34 3.03 -24.45
N LYS Z 142 31.42 2.23 -23.39
CA LYS Z 142 32.53 1.29 -23.23
C LYS Z 142 32.49 0.24 -24.33
N GLU Z 143 31.29 -0.25 -24.63
CA GLU Z 143 31.13 -1.31 -25.62
C GLU Z 143 31.47 -0.82 -27.02
N PHE Z 145 33.41 1.77 -27.87
CA PHE Z 145 34.84 2.00 -27.94
C PHE Z 145 35.61 0.68 -28.02
N ARG Z 146 35.10 -0.35 -27.35
CA ARG Z 146 35.76 -1.65 -27.36
C ARG Z 146 35.81 -2.25 -28.76
N LEU Z 147 34.65 -2.26 -29.42
CA LEU Z 147 34.57 -2.85 -30.75
C LEU Z 147 35.29 -1.99 -31.78
N ASN Z 148 35.19 -0.67 -31.64
CA ASN Z 148 35.90 0.23 -32.54
C ASN Z 148 37.40 0.04 -32.38
N ALA Z 149 37.81 -0.24 -31.15
CA ALA Z 149 39.23 -0.49 -30.87
C ALA Z 149 39.66 -1.81 -31.50
N GLU Z 150 38.76 -2.79 -31.48
CA GLU Z 150 39.05 -4.11 -32.04
C GLU Z 150 39.13 -4.03 -33.56
N PHE Z 151 38.22 -3.27 -34.17
CA PHE Z 151 38.18 -3.11 -35.61
C PHE Z 151 39.43 -2.39 -36.13
N THR Z 152 39.77 -1.28 -35.49
CA THR Z 152 40.88 -0.44 -35.94
C THR Z 152 42.24 -1.01 -35.53
N GLY Z 153 42.26 -1.76 -34.44
CA GLY Z 153 43.50 -2.30 -33.92
C GLY Z 153 44.22 -1.30 -33.04
N GLN Z 154 43.53 -0.21 -32.71
CA GLN Z 154 44.07 0.82 -31.84
C GLN Z 154 43.76 0.48 -30.38
N PRO Z 155 44.54 1.04 -29.45
CA PRO Z 155 44.22 0.87 -28.02
C PRO Z 155 42.92 1.55 -27.65
N ILE Z 156 42.22 1.00 -26.66
CA ILE Z 156 40.96 1.57 -26.20
C ILE Z 156 41.17 3.02 -25.74
N GLU Z 157 42.35 3.31 -25.21
CA GLU Z 157 42.66 4.63 -24.71
C GLU Z 157 42.66 5.69 -25.82
N ARG Z 158 43.17 5.33 -26.99
CA ARG Z 158 43.27 6.29 -28.09
C ARG Z 158 41.91 6.48 -28.76
N ILE Z 159 41.14 5.40 -28.82
CA ILE Z 159 39.80 5.47 -29.37
C ILE Z 159 38.95 6.44 -28.54
N GLU Z 160 39.01 6.29 -27.21
CA GLU Z 160 38.24 7.14 -26.32
C GLU Z 160 38.68 8.59 -26.46
N ALA Z 161 39.98 8.80 -26.57
CA ALA Z 161 40.54 10.14 -26.66
C ALA Z 161 40.16 10.80 -27.99
N ASP Z 162 40.32 10.06 -29.08
CA ASP Z 162 40.02 10.58 -30.40
C ASP Z 162 38.53 10.80 -30.58
N SER Z 163 37.72 9.98 -29.91
CA SER Z 163 36.28 10.02 -30.05
C SER Z 163 35.63 11.12 -29.21
N ASP Z 164 36.42 11.76 -28.34
CA ASP Z 164 35.90 12.80 -27.46
C ASP Z 164 35.18 13.89 -28.26
N ARG Z 165 35.85 14.37 -29.30
CA ARG Z 165 35.28 15.32 -30.23
C ARG Z 165 35.31 14.68 -31.60
N ASP Z 166 34.51 15.19 -32.53
CA ASP Z 166 34.48 14.67 -33.88
C ASP Z 166 35.88 14.64 -34.48
N ARG Z 167 36.29 13.48 -34.96
CA ARG Z 167 37.55 13.34 -35.65
C ARG Z 167 37.31 12.78 -37.05
N TRP Z 168 37.65 13.58 -38.05
CA TRP Z 168 37.43 13.22 -39.44
C TRP Z 168 38.64 12.54 -40.04
N PHE Z 169 38.40 11.53 -40.87
CA PHE Z 169 39.45 10.83 -41.59
C PHE Z 169 39.17 10.86 -43.08
N THR Z 170 40.21 11.13 -43.87
CA THR Z 170 40.12 10.94 -45.31
C THR Z 170 40.27 9.45 -45.59
N ALA Z 171 40.19 9.07 -46.86
CA ALA Z 171 40.35 7.67 -47.22
C ALA Z 171 41.71 7.15 -46.78
N ALA Z 172 42.75 7.96 -47.03
CA ALA Z 172 44.11 7.58 -46.67
C ALA Z 172 44.28 7.51 -45.16
N GLU Z 173 43.77 8.53 -44.47
CA GLU Z 173 43.90 8.60 -43.03
C GLU Z 173 43.17 7.45 -42.36
N ALA Z 174 42.04 7.05 -42.93
CA ALA Z 174 41.25 5.94 -42.38
C ALA Z 174 41.97 4.62 -42.59
N LEU Z 175 42.64 4.49 -43.74
CA LEU Z 175 43.42 3.30 -44.05
C LEU Z 175 44.51 3.10 -43.02
N GLU Z 176 45.16 4.19 -42.64
CA GLU Z 176 46.26 4.13 -41.68
C GLU Z 176 45.73 3.84 -40.29
N TYR Z 177 44.58 4.42 -39.95
CA TYR Z 177 43.99 4.29 -38.62
C TYR Z 177 43.39 2.92 -38.41
N GLY Z 178 43.09 2.22 -39.51
CA GLY Z 178 42.60 0.86 -39.45
C GLY Z 178 41.11 0.67 -39.68
N PHE Z 179 40.42 1.72 -40.15
CA PHE Z 179 39.01 1.61 -40.46
C PHE Z 179 38.76 0.72 -41.67
N VAL Z 180 39.55 0.94 -42.72
CA VAL Z 180 39.41 0.18 -43.96
C VAL Z 180 40.76 -0.38 -44.40
N ASP Z 181 40.72 -1.54 -45.04
CA ASP Z 181 41.93 -2.23 -45.47
C ASP Z 181 42.50 -1.75 -46.80
N HIS Z 182 41.62 -1.36 -47.72
CA HIS Z 182 42.04 -0.99 -49.08
C HIS Z 182 41.37 0.29 -49.57
N ILE Z 183 42.04 0.95 -50.50
CA ILE Z 183 41.47 2.06 -51.26
C ILE Z 183 41.39 1.63 -52.72
N ILE Z 184 40.36 2.08 -53.42
CA ILE Z 184 40.03 1.55 -54.74
C ILE Z 184 40.58 2.43 -55.86
N THR Z 185 41.51 1.85 -56.62
CA THR Z 185 42.06 2.49 -57.79
C THR Z 185 41.33 2.05 -59.06
N ASP AA 12 8.13 9.48 -67.00
CA ASP AA 12 9.06 8.70 -66.20
C ASP AA 12 9.58 7.49 -66.98
N SER AA 13 8.81 7.05 -67.97
CA SER AA 13 9.21 5.91 -68.78
C SER AA 13 10.36 6.26 -69.71
N VAL AA 14 10.59 7.55 -69.90
CA VAL AA 14 11.66 8.01 -70.79
C VAL AA 14 13.02 7.76 -70.16
N TYR AA 15 13.10 7.87 -68.84
CA TYR AA 15 14.35 7.63 -68.12
C TYR AA 15 14.78 6.18 -68.29
N GLU AA 16 13.81 5.29 -68.37
CA GLU AA 16 14.08 3.89 -68.62
C GLU AA 16 14.64 3.72 -70.02
N ARG AA 17 14.09 4.50 -70.95
CA ARG AA 17 14.53 4.47 -72.33
C ARG AA 17 15.96 5.00 -72.47
N LEU AA 18 16.30 5.98 -71.65
CA LEU AA 18 17.63 6.56 -71.67
C LEU AA 18 18.67 5.62 -71.09
N LEU AA 19 18.28 4.88 -70.07
CA LEU AA 19 19.22 3.96 -69.42
C LEU AA 19 19.63 2.85 -70.39
N SER AA 20 18.71 2.44 -71.25
CA SER AA 20 19.00 1.46 -72.28
C SER AA 20 20.01 2.00 -73.28
N GLU AA 21 20.02 3.32 -73.41
CA GLU AA 21 20.93 4.00 -74.32
C GLU AA 21 22.23 4.35 -73.62
N ARG AA 22 22.37 3.87 -72.39
CA ARG AA 22 23.54 4.15 -71.55
C ARG AA 22 23.64 5.65 -71.26
N ILE AA 23 22.48 6.27 -71.06
CA ILE AA 23 22.40 7.66 -70.65
C ILE AA 23 21.79 7.77 -69.26
N ILE AA 24 22.54 8.35 -68.33
CA ILE AA 24 22.02 8.67 -67.00
C ILE AA 24 21.83 10.17 -66.92
N PHE AA 25 20.81 10.61 -66.19
CA PHE AA 25 20.41 12.01 -66.16
C PHE AA 25 20.44 12.58 -64.75
N LEU AA 26 21.22 13.65 -64.56
CA LEU AA 26 21.17 14.41 -63.32
C LEU AA 26 20.39 15.69 -63.55
N GLY AA 27 19.15 15.70 -63.06
CA GLY AA 27 18.22 16.78 -63.35
C GLY AA 27 17.90 17.70 -62.19
N SER AA 28 18.44 17.39 -61.01
CA SER AA 28 18.11 18.12 -59.80
C SER AA 28 19.35 18.33 -58.93
N GLU AA 29 19.15 18.93 -57.76
CA GLU AA 29 20.26 19.18 -56.85
C GLU AA 29 20.86 17.86 -56.38
N VAL AA 30 22.16 17.84 -56.16
CA VAL AA 30 22.85 16.63 -55.75
C VAL AA 30 22.65 16.37 -54.27
N ASN AA 31 22.12 15.20 -53.94
CA ASN AA 31 21.99 14.76 -52.56
C ASN AA 31 22.41 13.30 -52.45
N ASP AA 32 22.37 12.77 -51.23
CA ASP AA 32 22.80 11.39 -51.00
C ASP AA 32 21.96 10.41 -51.79
N GLU AA 33 20.66 10.67 -51.88
CA GLU AA 33 19.73 9.77 -52.54
C GLU AA 33 20.06 9.62 -54.02
N ILE AA 34 20.25 10.76 -54.69
CA ILE AA 34 20.54 10.76 -56.11
C ILE AA 34 21.91 10.16 -56.39
N ALA AA 35 22.88 10.47 -55.55
CA ALA AA 35 24.23 9.97 -55.72
C ALA AA 35 24.24 8.44 -55.69
N ASN AA 36 23.56 7.88 -54.69
CA ASN AA 36 23.49 6.43 -54.56
C ASN AA 36 22.91 5.76 -55.80
N ARG AA 37 21.81 6.31 -56.31
CA ARG AA 37 21.17 5.78 -57.49
C ARG AA 37 22.06 5.91 -58.71
N LEU AA 38 22.71 7.06 -58.85
CA LEU AA 38 23.57 7.31 -59.99
C LEU AA 38 24.79 6.39 -59.97
N CYS AA 39 25.43 6.25 -58.82
CA CYS AA 39 26.58 5.37 -58.68
C CYS AA 39 26.22 3.94 -59.05
N ALA AA 40 25.07 3.49 -58.56
CA ALA AA 40 24.59 2.15 -58.86
C ALA AA 40 24.42 1.94 -60.36
N GLN AA 41 23.74 2.86 -61.01
CA GLN AA 41 23.50 2.76 -62.45
C GLN AA 41 24.81 2.67 -63.23
N ILE AA 42 25.78 3.47 -62.82
CA ILE AA 42 27.09 3.48 -63.47
C ILE AA 42 27.76 2.13 -63.33
N LEU AA 43 27.71 1.56 -62.13
CA LEU AA 43 28.32 0.26 -61.88
C LEU AA 43 27.62 -0.84 -62.66
N LEU AA 44 26.29 -0.77 -62.72
CA LEU AA 44 25.52 -1.76 -63.46
C LEU AA 44 25.75 -1.67 -64.95
N LEU AA 45 25.83 -0.44 -65.47
CA LEU AA 45 26.08 -0.26 -66.89
C LEU AA 45 27.47 -0.76 -67.26
N ALA AA 46 28.43 -0.53 -66.38
CA ALA AA 46 29.80 -0.98 -66.61
C ALA AA 46 29.86 -2.50 -66.54
N ALA AA 47 28.97 -3.08 -65.74
CA ALA AA 47 28.91 -4.53 -65.60
C ALA AA 47 28.35 -5.16 -66.87
N GLU AA 48 27.32 -4.56 -67.44
CA GLU AA 48 26.74 -5.06 -68.68
C GLU AA 48 27.75 -5.03 -69.81
N ASP AA 49 28.24 -3.83 -70.11
CA ASP AA 49 29.25 -3.64 -71.15
C ASP AA 49 30.27 -2.63 -70.66
N ALA AA 50 31.53 -3.05 -70.55
CA ALA AA 50 32.60 -2.18 -70.07
C ALA AA 50 33.29 -1.42 -71.21
N SER AA 51 33.01 -1.81 -72.44
CA SER AA 51 33.62 -1.17 -73.61
C SER AA 51 32.92 0.13 -73.98
N LYS AA 52 31.59 0.12 -73.97
CA LYS AA 52 30.80 1.26 -74.40
C LYS AA 52 30.80 2.39 -73.38
N ASP AA 53 30.84 3.62 -73.88
CA ASP AA 53 30.84 4.80 -73.03
C ASP AA 53 29.51 5.00 -72.30
N ILE AA 54 29.56 5.75 -71.21
CA ILE AA 54 28.36 6.17 -70.49
C ILE AA 54 28.21 7.68 -70.63
N SER AA 55 26.99 8.12 -70.94
CA SER AA 55 26.71 9.54 -71.11
C SER AA 55 25.94 10.08 -69.91
N LEU AA 56 26.43 11.17 -69.34
CA LEU AA 56 25.74 11.85 -68.26
C LEU AA 56 25.19 13.20 -68.72
N TYR AA 57 23.88 13.31 -68.82
CA TYR AA 57 23.23 14.59 -69.13
C TYR AA 57 23.01 15.35 -67.83
N ILE AA 58 23.50 16.59 -67.78
CA ILE AA 58 23.46 17.38 -66.56
C ILE AA 58 22.68 18.68 -66.69
N ASN AA 59 21.54 18.76 -66.02
CA ASN AA 59 20.96 20.03 -65.63
C ASN AA 59 20.80 20.05 -64.12
N SER AA 60 21.64 20.81 -63.42
CA SER AA 60 21.60 20.81 -61.96
C SER AA 60 21.99 22.14 -61.33
N PRO AA 61 21.34 22.52 -60.23
CA PRO AA 61 21.77 23.67 -59.42
C PRO AA 61 23.01 23.38 -58.60
N GLY AA 62 23.32 22.12 -58.42
CA GLY AA 62 24.40 21.72 -57.53
C GLY AA 62 23.89 21.05 -56.28
N GLY AA 63 24.79 20.75 -55.36
CA GLY AA 63 24.39 20.05 -54.14
C GLY AA 63 25.54 19.75 -53.20
N SER AA 64 25.35 18.78 -52.32
CA SER AA 64 26.36 18.45 -51.32
C SER AA 64 27.60 17.88 -51.98
N ILE AA 65 28.74 18.17 -51.39
CA ILE AA 65 30.03 17.73 -51.91
C ILE AA 65 30.20 16.23 -51.72
N SER AA 66 29.89 15.75 -50.52
CA SER AA 66 30.11 14.35 -50.17
C SER AA 66 29.39 13.42 -51.14
N ALA AA 67 28.13 13.74 -51.42
CA ALA AA 67 27.35 12.97 -52.38
C ALA AA 67 27.92 13.14 -53.78
N GLY AA 68 28.39 14.34 -54.07
CA GLY AA 68 28.95 14.64 -55.37
C GLY AA 68 30.22 13.86 -55.63
N ALA AA 70 31.06 11.18 -54.39
CA ALA AA 70 30.74 9.76 -54.51
C ALA AA 70 30.51 9.44 -55.97
N ILE AA 71 29.84 10.35 -56.66
CA ILE AA 71 29.59 10.21 -58.10
C ILE AA 71 30.90 10.31 -58.86
N TYR AA 72 31.69 11.32 -58.53
CA TYR AA 72 32.97 11.55 -59.20
C TYR AA 72 33.89 10.34 -59.10
N ASP AA 73 34.04 9.81 -57.89
CA ASP AA 73 34.89 8.64 -57.67
C ASP AA 73 34.43 7.49 -58.56
N THR AA 74 33.13 7.27 -58.61
CA THR AA 74 32.57 6.19 -59.40
C THR AA 74 32.88 6.37 -60.87
N VAL AA 76 35.57 7.88 -62.25
CA VAL AA 76 36.97 7.59 -62.49
C VAL AA 76 37.25 6.10 -62.47
N LEU AA 77 36.63 5.39 -61.52
CA LEU AA 77 36.88 3.96 -61.36
C LEU AA 77 36.22 3.14 -62.47
N ALA AA 78 35.19 3.70 -63.09
CA ALA AA 78 34.49 3.00 -64.17
C ALA AA 78 35.44 2.72 -65.33
N PRO AA 79 35.40 1.50 -65.90
CA PRO AA 79 36.28 1.19 -67.03
C PRO AA 79 36.01 2.05 -68.25
N CYS AA 80 34.72 2.24 -68.55
CA CYS AA 80 34.29 2.99 -69.72
C CYS AA 80 34.50 4.50 -69.57
N ASP AA 81 34.58 5.19 -70.69
CA ASP AA 81 34.66 6.65 -70.69
C ASP AA 81 33.32 7.26 -70.28
N ILE AA 82 33.38 8.39 -69.61
CA ILE AA 82 32.16 9.11 -69.21
C ILE AA 82 32.03 10.42 -69.98
N ALA AA 83 31.03 10.48 -70.84
CA ALA AA 83 30.73 11.71 -71.56
C ALA AA 83 29.79 12.56 -70.73
N THR AA 84 30.08 13.85 -70.64
CA THR AA 84 29.26 14.77 -69.85
C THR AA 84 28.65 15.84 -70.75
N TYR AA 85 27.33 15.99 -70.66
CA TYR AA 85 26.59 16.97 -71.44
C TYR AA 85 25.90 17.96 -70.52
N ALA AA 86 26.19 19.25 -70.70
CA ALA AA 86 25.53 20.29 -69.92
C ALA AA 86 24.30 20.78 -70.67
N GLY AA 88 20.70 22.32 -69.44
CA GLY AA 88 20.26 23.62 -69.00
C GLY AA 88 21.29 24.43 -68.24
N ALA AA 90 24.85 24.05 -65.24
CA ALA AA 90 25.78 23.31 -64.43
C ALA AA 90 26.39 24.21 -63.37
N ALA AA 91 26.08 23.93 -62.11
CA ALA AA 91 26.52 24.78 -61.00
C ALA AA 91 26.99 23.95 -59.82
N SER AA 92 27.96 24.48 -59.09
CA SER AA 92 28.53 23.78 -57.94
C SER AA 92 29.03 22.41 -58.38
N GLY AA 94 27.40 20.43 -60.11
CA GLY AA 94 26.99 20.32 -61.50
C GLY AA 94 28.14 20.71 -62.40
N GLU AA 95 28.80 21.81 -62.07
CA GLU AA 95 29.97 22.28 -62.82
C GLU AA 95 31.14 21.32 -62.64
N PHE AA 96 31.30 20.81 -61.43
CA PHE AA 96 32.42 19.92 -61.11
C PHE AA 96 32.33 18.61 -61.88
N LEU AA 97 31.16 17.99 -61.83
CA LEU AA 97 30.95 16.72 -62.52
C LEU AA 97 31.01 16.86 -64.03
N LEU AA 98 30.56 18.00 -64.53
CA LEU AA 98 30.64 18.29 -65.96
C LEU AA 98 32.09 18.29 -66.41
N ALA AA 99 32.93 19.01 -65.69
CA ALA AA 99 34.33 19.13 -66.02
C ALA AA 99 35.10 17.85 -65.73
N ALA AA 100 34.55 17.01 -64.85
CA ALA AA 100 35.22 15.77 -64.48
C ALA AA 100 35.09 14.70 -65.56
N GLY AA 101 34.27 14.98 -66.57
CA GLY AA 101 34.04 14.05 -67.66
C GLY AA 101 35.32 13.76 -68.42
N THR AA 102 35.32 12.65 -69.15
CA THR AA 102 36.49 12.25 -69.94
C THR AA 102 36.88 13.36 -70.91
N LYS AA 103 38.16 13.68 -70.93
CA LYS AA 103 38.67 14.81 -71.72
C LYS AA 103 38.37 14.60 -73.20
N GLY AA 104 37.72 15.60 -73.80
CA GLY AA 104 37.38 15.57 -75.21
C GLY AA 104 35.95 15.15 -75.43
N LYS AA 105 35.39 14.43 -74.46
CA LYS AA 105 34.00 13.99 -74.51
C LYS AA 105 33.07 14.89 -73.69
N ARG AA 106 33.60 15.98 -73.14
CA ARG AA 106 32.78 16.96 -72.41
C ARG AA 106 32.08 17.92 -73.36
N TYR AA 107 30.75 17.94 -73.31
CA TYR AA 107 29.94 18.75 -74.22
C TYR AA 107 29.08 19.76 -73.47
N ALA AA 108 28.61 20.77 -74.19
CA ALA AA 108 27.69 21.76 -73.64
C ALA AA 108 26.76 22.28 -74.71
N LEU AA 109 25.51 22.53 -74.36
CA LEU AA 109 24.56 23.14 -75.28
C LEU AA 109 24.85 24.63 -75.36
N PRO AA 110 24.39 25.30 -76.43
CA PRO AA 110 24.71 26.71 -76.68
C PRO AA 110 24.35 27.65 -75.54
N HIS AA 111 23.16 27.51 -74.96
CA HIS AA 111 22.69 28.41 -73.92
C HIS AA 111 22.94 27.87 -72.52
N ALA AA 112 23.63 26.74 -72.43
CA ALA AA 112 24.05 26.22 -71.14
C ALA AA 112 24.89 27.24 -70.41
N ARG AA 113 24.70 27.33 -69.10
CA ARG AA 113 25.45 28.25 -68.25
C ARG AA 113 26.15 27.49 -67.15
N ILE AA 114 27.42 27.81 -66.93
CA ILE AA 114 28.23 27.15 -65.90
C ILE AA 114 28.50 28.11 -64.75
N LEU AA 115 28.27 27.64 -63.53
CA LEU AA 115 28.59 28.41 -62.33
C LEU AA 115 29.66 27.71 -61.50
N HIS AA 117 32.04 28.29 -58.00
CA HIS AA 117 32.25 29.09 -56.80
C HIS AA 117 32.85 28.30 -55.64
N GLN AA 118 33.32 29.05 -54.65
CA GLN AA 118 33.80 28.50 -53.39
C GLN AA 118 32.73 27.65 -52.71
N PRO AA 119 33.14 26.62 -51.95
CA PRO AA 119 32.18 25.81 -51.19
C PRO AA 119 31.42 26.60 -50.14
N LEU AA 120 30.23 26.13 -49.77
CA LEU AA 120 29.42 26.79 -48.73
C LEU AA 120 29.00 25.82 -47.65
N GLY AA 121 29.54 26.00 -46.46
CA GLY AA 121 29.23 25.16 -45.31
C GLY AA 121 28.41 25.87 -44.25
N GLY AA 122 28.54 25.38 -43.02
CA GLY AA 122 27.98 26.03 -41.86
C GLY AA 122 28.70 25.57 -40.60
N VAL AA 123 28.66 26.38 -39.55
CA VAL AA 123 29.32 26.05 -38.29
C VAL AA 123 28.36 26.17 -37.12
N THR AA 124 28.53 25.30 -36.13
CA THR AA 124 27.68 25.29 -34.95
C THR AA 124 28.38 24.60 -33.78
N GLY AA 125 27.87 24.84 -32.57
CA GLY AA 125 28.37 24.17 -31.38
C GLY AA 125 29.39 24.98 -30.60
N SER AA 126 30.14 24.30 -29.75
CA SER AA 126 31.15 24.96 -28.93
C SER AA 126 32.32 25.41 -29.79
N ALA AA 127 33.08 26.38 -29.28
CA ALA AA 127 34.24 26.89 -30.00
C ALA AA 127 35.20 25.76 -30.36
N ALA AA 128 35.23 24.73 -29.52
CA ALA AA 128 36.07 23.56 -29.77
C ALA AA 128 35.57 22.77 -30.97
N ASP AA 129 34.26 22.57 -31.04
CA ASP AA 129 33.66 21.85 -32.16
C ASP AA 129 33.81 22.64 -33.45
N ILE AA 130 33.65 23.96 -33.35
CA ILE AA 130 33.69 24.81 -34.54
C ILE AA 130 35.09 24.84 -35.10
N ALA AA 131 36.09 24.79 -34.22
CA ALA AA 131 37.48 24.77 -34.63
C ALA AA 131 37.73 23.56 -35.52
N ILE AA 132 37.12 22.44 -35.17
CA ILE AA 132 37.25 21.20 -35.92
C ILE AA 132 36.54 21.29 -37.26
N GLN AA 133 35.36 21.89 -37.25
CA GLN AA 133 34.59 22.06 -38.47
C GLN AA 133 35.35 22.94 -39.45
N ALA AA 134 36.10 23.91 -38.91
CA ALA AA 134 36.86 24.84 -39.74
C ALA AA 134 38.07 24.17 -40.36
N GLU AA 135 38.68 23.25 -39.63
CA GLU AA 135 39.81 22.50 -40.15
C GLU AA 135 39.42 21.78 -41.42
N GLN AA 136 38.26 21.15 -41.41
CA GLN AA 136 37.77 20.40 -42.55
C GLN AA 136 37.48 21.29 -43.75
N PHE AA 137 36.96 22.49 -43.48
CA PHE AA 137 36.69 23.45 -44.54
C PHE AA 137 37.95 23.70 -45.35
N ALA AA 138 39.08 23.81 -44.67
CA ALA AA 138 40.36 24.03 -45.33
C ALA AA 138 40.76 22.81 -46.16
N VAL AA 139 40.50 21.63 -45.63
CA VAL AA 139 40.86 20.38 -46.30
C VAL AA 139 40.08 20.22 -47.60
N ILE AA 140 38.76 20.32 -47.50
CA ILE AA 140 37.89 20.19 -48.67
C ILE AA 140 38.20 21.25 -49.71
N LYS AA 141 38.28 22.49 -49.27
CA LYS AA 141 38.48 23.63 -50.16
C LYS AA 141 39.70 23.44 -51.06
N LYS AA 142 40.80 22.98 -50.47
CA LYS AA 142 42.02 22.75 -51.22
C LYS AA 142 41.82 21.66 -52.27
N GLU AA 143 41.13 20.60 -51.88
CA GLU AA 143 40.94 19.47 -52.78
C GLU AA 143 40.04 19.83 -53.94
N PHE AA 145 39.51 22.90 -55.26
CA PHE AA 145 40.24 23.79 -56.15
C PHE AA 145 41.29 23.01 -56.93
N ARG AA 146 41.88 21.99 -56.31
CA ARG AA 146 42.90 21.19 -56.96
C ARG AA 146 42.34 20.45 -58.17
N LEU AA 147 41.22 19.76 -57.98
CA LEU AA 147 40.63 18.98 -59.05
C LEU AA 147 40.03 19.87 -60.14
N ASN AA 148 39.40 20.97 -59.72
CA ASN AA 148 38.84 21.91 -60.69
C ASN AA 148 39.95 22.52 -61.52
N ALA AA 149 41.12 22.71 -60.91
CA ALA AA 149 42.28 23.22 -61.62
C ALA AA 149 42.77 22.17 -62.60
N GLU AA 150 42.68 20.90 -62.20
CA GLU AA 150 43.13 19.81 -63.05
C GLU AA 150 42.21 19.63 -64.25
N PHE AA 151 40.91 19.74 -64.02
CA PHE AA 151 39.94 19.59 -65.11
C PHE AA 151 40.09 20.70 -66.13
N THR AA 152 40.11 21.94 -65.65
CA THR AA 152 40.15 23.10 -66.54
C THR AA 152 41.55 23.35 -67.08
N GLY AA 153 42.57 22.91 -66.35
CA GLY AA 153 43.95 23.12 -66.74
C GLY AA 153 44.46 24.48 -66.32
N GLN AA 154 43.70 25.17 -65.49
CA GLN AA 154 44.09 26.47 -64.98
C GLN AA 154 44.95 26.30 -63.73
N PRO AA 155 45.73 27.32 -63.37
CA PRO AA 155 46.48 27.26 -62.11
C PRO AA 155 45.55 27.26 -60.90
N ILE AA 156 45.97 26.60 -59.82
CA ILE AA 156 45.19 26.55 -58.60
C ILE AA 156 44.93 27.97 -58.09
N GLU AA 157 45.88 28.86 -58.35
CA GLU AA 157 45.77 30.24 -57.91
C GLU AA 157 44.58 30.94 -58.56
N ARG AA 158 44.33 30.64 -59.84
CA ARG AA 158 43.24 31.30 -60.56
C ARG AA 158 41.89 30.72 -60.17
N ILE AA 159 41.86 29.41 -59.92
CA ILE AA 159 40.63 28.76 -59.49
C ILE AA 159 40.17 29.36 -58.17
N GLU AA 160 41.11 29.48 -57.24
CA GLU AA 160 40.81 30.02 -55.92
C GLU AA 160 40.32 31.46 -56.01
N ALA AA 161 40.97 32.24 -56.87
CA ALA AA 161 40.63 33.65 -57.04
C ALA AA 161 39.27 33.82 -57.69
N ASP AA 162 39.02 33.07 -58.75
CA ASP AA 162 37.76 33.15 -59.47
C ASP AA 162 36.60 32.59 -58.66
N SER AA 163 36.89 31.60 -57.81
CA SER AA 163 35.86 30.93 -57.05
C SER AA 163 35.42 31.69 -55.81
N ASP AA 164 36.12 32.77 -55.48
CA ASP AA 164 35.83 33.56 -54.28
C ASP AA 164 34.36 33.99 -54.27
N ARG AA 165 33.92 34.52 -55.41
CA ARG AA 165 32.52 34.90 -55.61
C ARG AA 165 31.98 34.11 -56.78
N ASP AA 166 30.66 34.03 -56.89
CA ASP AA 166 30.04 33.31 -57.99
C ASP AA 166 30.56 33.83 -59.32
N ARG AA 167 31.07 32.93 -60.15
CA ARG AA 167 31.51 33.29 -61.48
C ARG AA 167 30.77 32.47 -62.51
N TRP AA 168 29.98 33.16 -63.33
CA TRP AA 168 29.16 32.51 -64.33
C TRP AA 168 29.90 32.48 -65.66
N PHE AA 169 29.74 31.37 -66.38
CA PHE AA 169 30.32 31.21 -67.70
C PHE AA 169 29.22 30.88 -68.69
N THR AA 170 29.27 31.51 -69.86
CA THR AA 170 28.42 31.10 -70.97
C THR AA 170 29.04 29.86 -71.59
N ALA AA 171 28.39 29.31 -72.61
CA ALA AA 171 28.94 28.15 -73.29
C ALA AA 171 30.31 28.48 -73.86
N ALA AA 172 30.41 29.65 -74.48
CA ALA AA 172 31.66 30.10 -75.09
C ALA AA 172 32.73 30.36 -74.04
N GLU AA 173 32.37 31.04 -72.96
CA GLU AA 173 33.32 31.34 -71.89
C GLU AA 173 33.77 30.05 -71.21
N ALA AA 174 32.87 29.09 -71.10
CA ALA AA 174 33.18 27.81 -70.49
C ALA AA 174 34.12 27.01 -71.37
N LEU AA 175 33.91 27.14 -72.67
CA LEU AA 175 34.76 26.49 -73.65
C LEU AA 175 36.19 27.01 -73.50
N GLU AA 176 36.32 28.30 -73.26
CA GLU AA 176 37.63 28.95 -73.11
C GLU AA 176 38.32 28.58 -71.81
N TYR AA 177 37.55 28.51 -70.74
CA TYR AA 177 38.11 28.28 -69.41
C TYR AA 177 38.55 26.84 -69.21
N GLY AA 178 38.01 25.94 -70.01
CA GLY AA 178 38.41 24.54 -69.99
C GLY AA 178 37.42 23.64 -69.28
N PHE AA 179 36.22 24.13 -69.01
CA PHE AA 179 35.18 23.30 -68.40
C PHE AA 179 34.68 22.23 -69.36
N VAL AA 180 34.40 22.63 -70.60
CA VAL AA 180 33.88 21.71 -71.61
C VAL AA 180 34.67 21.81 -72.90
N ASP AA 181 34.79 20.69 -73.60
CA ASP AA 181 35.58 20.62 -74.83
C ASP AA 181 34.84 21.06 -76.09
N HIS AA 182 33.53 20.82 -76.16
CA HIS AA 182 32.76 21.09 -77.37
C HIS AA 182 31.44 21.81 -77.10
N ILE AA 183 30.95 22.51 -78.13
CA ILE AA 183 29.59 23.05 -78.14
C ILE AA 183 28.84 22.33 -79.25
N ILE AA 184 27.56 22.07 -79.02
CA ILE AA 184 26.77 21.19 -79.88
C ILE AA 184 25.89 21.92 -80.89
N THR AA 185 26.21 21.76 -82.17
CA THR AA 185 25.39 22.26 -83.26
C THR AA 185 23.96 21.74 -83.17
N THR BA 11 -5.98 9.72 -67.81
CA THR BA 11 -5.37 11.03 -67.98
C THR BA 11 -3.91 10.91 -68.39
N ASP BA 12 -3.16 10.04 -67.72
CA ASP BA 12 -1.76 9.82 -68.05
C ASP BA 12 -1.63 8.93 -69.28
N SER BA 13 -2.66 8.10 -69.51
CA SER BA 13 -2.64 7.22 -70.67
C SER BA 13 -2.89 8.02 -71.94
N VAL BA 14 -3.44 9.21 -71.79
CA VAL BA 14 -3.73 10.07 -72.94
C VAL BA 14 -2.45 10.68 -73.52
N TYR BA 15 -1.55 11.09 -72.64
CA TYR BA 15 -0.28 11.67 -73.07
C TYR BA 15 0.59 10.64 -73.78
N GLU BA 16 0.49 9.39 -73.33
CA GLU BA 16 1.21 8.30 -73.97
C GLU BA 16 0.67 8.08 -75.36
N ARG BA 17 -0.64 8.24 -75.52
CA ARG BA 17 -1.28 8.09 -76.83
C ARG BA 17 -0.83 9.20 -77.76
N LEU BA 18 -0.61 10.39 -77.21
CA LEU BA 18 -0.13 11.52 -78.00
C LEU BA 18 1.32 11.32 -78.40
N LEU BA 19 2.11 10.71 -77.52
CA LEU BA 19 3.52 10.49 -77.77
C LEU BA 19 3.71 9.56 -78.95
N SER BA 20 2.80 8.59 -79.10
CA SER BA 20 2.83 7.69 -80.24
C SER BA 20 2.59 8.43 -81.53
N GLU BA 21 1.87 9.56 -81.42
CA GLU BA 21 1.58 10.41 -82.57
C GLU BA 21 2.66 11.48 -82.75
N ARG BA 22 3.74 11.37 -81.97
CA ARG BA 22 4.83 12.33 -81.99
C ARG BA 22 4.34 13.71 -81.58
N ILE BA 23 3.45 13.73 -80.60
CA ILE BA 23 2.98 14.97 -80.00
C ILE BA 23 3.40 15.03 -78.54
N ILE BA 24 4.17 16.06 -78.18
CA ILE BA 24 4.50 16.31 -76.79
C ILE BA 24 3.71 17.53 -76.34
N PHE BA 25 3.31 17.54 -75.08
CA PHE BA 25 2.41 18.57 -74.57
C PHE BA 25 3.03 19.30 -73.39
N LEU BA 26 3.18 20.61 -73.51
CA LEU BA 26 3.59 21.43 -72.38
C LEU BA 26 2.36 22.15 -71.85
N GLY BA 27 1.84 21.68 -70.72
CA GLY BA 27 0.57 22.14 -70.19
C GLY BA 27 0.64 22.99 -68.93
N SER BA 28 1.85 23.16 -68.40
CA SER BA 28 2.03 23.84 -67.13
C SER BA 28 3.23 24.77 -67.18
N GLU BA 29 3.55 25.38 -66.03
CA GLU BA 29 4.68 26.29 -65.97
C GLU BA 29 5.97 25.52 -66.23
N VAL BA 30 6.93 26.18 -66.85
CA VAL BA 30 8.19 25.55 -67.21
C VAL BA 30 9.13 25.48 -66.01
N ASN BA 31 9.56 24.27 -65.67
CA ASN BA 31 10.57 24.08 -64.64
C ASN BA 31 11.58 23.03 -65.07
N ASP BA 32 12.57 22.78 -64.22
CA ASP BA 32 13.62 21.83 -64.53
C ASP BA 32 13.06 20.42 -64.71
N GLU BA 33 12.09 20.07 -63.89
CA GLU BA 33 11.51 18.72 -63.91
C GLU BA 33 10.86 18.44 -65.27
N ILE BA 34 10.02 19.37 -65.72
CA ILE BA 34 9.33 19.22 -66.99
C ILE BA 34 10.31 19.30 -68.15
N ALA BA 35 11.26 20.21 -68.04
CA ALA BA 35 12.23 20.42 -69.12
C ALA BA 35 13.03 19.16 -69.39
N ASN BA 36 13.54 18.53 -68.34
CA ASN BA 36 14.31 17.31 -68.49
C ASN BA 36 13.50 16.23 -69.20
N ARG BA 37 12.24 16.07 -68.80
CA ARG BA 37 11.37 15.09 -69.43
C ARG BA 37 11.11 15.44 -70.88
N LEU BA 38 10.88 16.73 -71.14
CA LEU BA 38 10.61 17.19 -72.50
C LEU BA 38 11.81 17.01 -73.41
N CYS BA 39 12.99 17.38 -72.92
CA CYS BA 39 14.21 17.20 -73.69
C CYS BA 39 14.42 15.73 -74.04
N ALA BA 40 14.21 14.86 -73.06
CA ALA BA 40 14.36 13.43 -73.26
C ALA BA 40 13.41 12.92 -74.34
N GLN BA 41 12.14 13.29 -74.24
CA GLN BA 41 11.14 12.83 -75.21
C GLN BA 41 11.55 13.23 -76.63
N ILE BA 42 12.04 14.44 -76.78
CA ILE BA 42 12.47 14.93 -78.09
C ILE BA 42 13.62 14.09 -78.63
N LEU BA 43 14.59 13.80 -77.77
CA LEU BA 43 15.73 13.01 -78.16
C LEU BA 43 15.30 11.59 -78.52
N LEU BA 44 14.38 11.04 -77.75
CA LEU BA 44 13.89 9.69 -78.00
C LEU BA 44 13.08 9.65 -79.29
N LEU BA 45 12.26 10.67 -79.51
CA LEU BA 45 11.49 10.76 -80.74
C LEU BA 45 12.40 10.92 -81.94
N ALA BA 46 13.47 11.69 -81.76
CA ALA BA 46 14.45 11.90 -82.83
C ALA BA 46 15.21 10.63 -83.12
N ALA BA 47 15.37 9.79 -82.12
CA ALA BA 47 16.06 8.51 -82.28
C ALA BA 47 15.23 7.54 -83.09
N GLU BA 48 13.93 7.48 -82.81
CA GLU BA 48 13.02 6.61 -83.54
C GLU BA 48 12.95 6.99 -85.02
N ASP BA 49 12.54 8.22 -85.28
CA ASP BA 49 12.46 8.73 -86.64
C ASP BA 49 12.98 10.17 -86.69
N ALA BA 50 14.04 10.39 -87.45
CA ALA BA 50 14.63 11.72 -87.56
C ALA BA 50 14.04 12.53 -88.71
N SER BA 51 13.28 11.86 -89.59
CA SER BA 51 12.66 12.53 -90.71
C SER BA 51 11.36 13.22 -90.33
N LYS BA 52 10.54 12.53 -89.53
CA LYS BA 52 9.21 13.01 -89.18
C LYS BA 52 9.26 14.16 -88.18
N ASP BA 53 8.37 15.13 -88.34
CA ASP BA 53 8.31 16.28 -87.46
C ASP BA 53 7.86 15.90 -86.06
N ILE BA 54 8.23 16.75 -85.10
CA ILE BA 54 7.72 16.64 -83.74
C ILE BA 54 6.82 17.83 -83.45
N SER BA 55 5.67 17.58 -82.85
CA SER BA 55 4.71 18.63 -82.54
C SER BA 55 4.73 18.94 -81.05
N LEU BA 56 4.89 20.22 -80.71
CA LEU BA 56 4.82 20.67 -79.33
C LEU BA 56 3.57 21.52 -79.10
N TYR BA 57 2.62 20.98 -78.35
CA TYR BA 57 1.43 21.73 -77.96
C TYR BA 57 1.72 22.53 -76.71
N ILE BA 58 1.45 23.83 -76.75
CA ILE BA 58 1.79 24.72 -75.65
C ILE BA 58 0.59 25.44 -75.06
N ASN BA 59 0.22 25.06 -73.84
CA ASN BA 59 -0.55 25.93 -72.96
C ASN BA 59 0.23 26.13 -71.68
N SER BA 60 0.81 27.31 -71.49
CA SER BA 60 1.66 27.55 -70.32
C SER BA 60 1.63 29.00 -69.84
N PRO BA 61 1.71 29.21 -68.51
CA PRO BA 61 1.90 30.53 -67.94
C PRO BA 61 3.33 31.05 -68.13
N GLY BA 62 4.25 30.15 -68.43
CA GLY BA 62 5.66 30.47 -68.48
C GLY BA 62 6.40 29.84 -67.33
N GLY BA 63 7.69 30.15 -67.19
CA GLY BA 63 8.49 29.52 -66.17
C GLY BA 63 9.95 29.96 -66.18
N SER BA 64 10.82 29.15 -65.58
CA SER BA 64 12.22 29.49 -65.47
C SER BA 64 12.91 29.50 -66.84
N ILE BA 65 13.88 30.39 -66.98
CA ILE BA 65 14.61 30.53 -68.24
C ILE BA 65 15.55 29.35 -68.46
N SER BA 66 16.31 28.98 -67.43
CA SER BA 66 17.32 27.94 -67.57
C SER BA 66 16.70 26.64 -68.07
N ALA BA 67 15.58 26.26 -67.47
CA ALA BA 67 14.87 25.06 -67.90
C ALA BA 67 14.29 25.25 -69.29
N GLY BA 68 13.83 26.47 -69.56
CA GLY BA 68 13.22 26.78 -70.84
C GLY BA 68 14.21 26.67 -71.98
N ALA BA 70 16.83 24.97 -72.05
CA ALA BA 70 17.21 23.57 -72.20
C ALA BA 70 16.31 22.94 -73.25
N ILE BA 71 15.03 23.29 -73.20
CA ILE BA 71 14.07 22.83 -74.19
C ILE BA 71 14.39 23.43 -75.55
N TYR BA 72 14.64 24.73 -75.58
CA TYR BA 72 14.91 25.43 -76.83
C TYR BA 72 16.08 24.84 -77.59
N ASP BA 73 17.20 24.63 -76.90
CA ASP BA 73 18.39 24.07 -77.52
C ASP BA 73 18.09 22.71 -78.14
N THR BA 74 17.37 21.87 -77.39
CA THR BA 74 17.04 20.54 -77.85
C THR BA 74 16.15 20.57 -79.10
N VAL BA 76 16.17 22.96 -81.42
CA VAL BA 76 17.06 23.36 -82.49
C VAL BA 76 18.00 22.23 -82.86
N LEU BA 77 18.46 21.49 -81.86
CA LEU BA 77 19.41 20.42 -82.07
C LEU BA 77 18.77 19.23 -82.78
N ALA BA 78 17.45 19.11 -82.65
CA ALA BA 78 16.73 18.01 -83.27
C ALA BA 78 16.85 18.04 -84.79
N PRO BA 79 17.12 16.89 -85.44
CA PRO BA 79 17.20 16.88 -86.90
C PRO BA 79 15.88 17.24 -87.55
N CYS BA 80 14.80 16.70 -87.00
CA CYS BA 80 13.47 16.93 -87.53
C CYS BA 80 12.96 18.33 -87.18
N ASP BA 81 12.00 18.81 -87.96
CA ASP BA 81 11.37 20.09 -87.70
C ASP BA 81 10.48 19.99 -86.46
N ILE BA 82 10.38 21.09 -85.72
CA ILE BA 82 9.51 21.15 -84.56
C ILE BA 82 8.37 22.13 -84.80
N ALA BA 83 7.16 21.61 -84.93
CA ALA BA 83 5.98 22.45 -85.07
C ALA BA 83 5.43 22.80 -83.70
N THR BA 84 5.12 24.07 -83.48
CA THR BA 84 4.64 24.53 -82.19
C THR BA 84 3.21 25.06 -82.30
N TYR BA 85 2.34 24.57 -81.42
CA TYR BA 85 0.94 24.97 -81.40
C TYR BA 85 0.60 25.65 -80.07
N ALA BA 86 0.06 26.85 -80.14
CA ALA BA 86 -0.37 27.56 -78.94
C ALA BA 86 -1.84 27.25 -78.68
N GLY BA 88 -4.17 27.09 -75.31
CA GLY BA 88 -4.83 28.09 -74.49
C GLY BA 88 -4.09 29.41 -74.41
N ALA BA 90 0.22 31.25 -74.35
CA ALA BA 90 1.68 31.16 -74.39
C ALA BA 90 2.28 32.43 -73.81
N ALA BA 91 2.98 32.29 -72.68
CA ALA BA 91 3.53 33.44 -71.97
C ALA BA 91 4.93 33.15 -71.47
N SER BA 92 5.75 34.18 -71.42
CA SER BA 92 7.15 34.04 -71.02
C SER BA 92 7.82 32.99 -71.90
N GLY BA 94 6.61 30.27 -72.59
CA GLY BA 94 5.54 29.78 -73.43
C GLY BA 94 5.53 30.48 -74.77
N GLU BA 95 5.64 31.81 -74.71
CA GLU BA 95 5.69 32.62 -75.92
C GLU BA 95 6.98 32.36 -76.67
N PHE BA 96 8.07 32.22 -75.91
CA PHE BA 96 9.39 32.03 -76.50
C PHE BA 96 9.49 30.71 -77.24
N LEU BA 97 9.08 29.63 -76.59
CA LEU BA 97 9.14 28.31 -77.21
C LEU BA 97 8.17 28.21 -78.37
N LEU BA 98 7.06 28.93 -78.28
CA LEU BA 98 6.11 28.99 -79.37
C LEU BA 98 6.77 29.57 -80.60
N ALA BA 99 7.42 30.71 -80.42
CA ALA BA 99 8.07 31.42 -81.50
C ALA BA 99 9.35 30.73 -81.97
N ALA BA 100 9.92 29.89 -81.10
CA ALA BA 100 11.16 29.20 -81.42
C ALA BA 100 10.92 28.03 -82.36
N GLY BA 101 9.66 27.70 -82.58
CA GLY BA 101 9.30 26.60 -83.47
C GLY BA 101 9.78 26.84 -84.88
N THR BA 102 9.87 25.78 -85.67
CA THR BA 102 10.30 25.89 -87.06
C THR BA 102 9.43 26.87 -87.83
N LYS BA 103 10.07 27.78 -88.55
CA LYS BA 103 9.35 28.85 -89.22
C LYS BA 103 8.40 28.30 -90.28
N GLY BA 104 7.14 28.71 -90.17
CA GLY BA 104 6.09 28.28 -91.08
C GLY BA 104 5.26 27.16 -90.48
N LYS BA 105 5.85 26.44 -89.55
CA LYS BA 105 5.17 25.37 -88.82
C LYS BA 105 4.68 25.83 -87.44
N ARG BA 106 4.81 27.12 -87.14
CA ARG BA 106 4.28 27.68 -85.91
C ARG BA 106 2.79 27.99 -86.07
N TYR BA 107 1.96 27.37 -85.22
CA TYR BA 107 0.51 27.50 -85.31
C TYR BA 107 -0.10 28.08 -84.03
N ALA BA 108 -1.31 28.60 -84.13
CA ALA BA 108 -2.03 29.12 -82.98
C ALA BA 108 -3.53 28.94 -83.14
N LEU BA 109 -4.22 28.65 -82.04
CA LEU BA 109 -5.67 28.56 -82.07
C LEU BA 109 -6.24 29.98 -82.08
N PRO BA 110 -7.48 30.13 -82.53
CA PRO BA 110 -8.08 31.46 -82.69
C PRO BA 110 -8.09 32.30 -81.42
N HIS BA 111 -8.49 31.71 -80.31
CA HIS BA 111 -8.63 32.43 -79.05
C HIS BA 111 -7.41 32.30 -78.15
N ALA BA 112 -6.37 31.62 -78.64
CA ALA BA 112 -5.11 31.57 -77.91
C ALA BA 112 -4.56 32.98 -77.74
N ARG BA 113 -3.95 33.24 -76.59
CA ARG BA 113 -3.38 34.55 -76.29
C ARG BA 113 -1.90 34.43 -75.99
N ILE BA 114 -1.10 35.33 -76.57
CA ILE BA 114 0.34 35.33 -76.37
C ILE BA 114 0.74 36.52 -75.52
N LEU BA 115 1.57 36.27 -74.51
CA LEU BA 115 2.11 37.32 -73.66
C LEU BA 115 3.63 37.39 -73.80
N HIS BA 117 6.98 39.64 -72.27
CA HIS BA 117 7.48 40.63 -71.35
C HIS BA 117 8.94 40.42 -70.98
N GLN BA 118 9.51 41.44 -70.38
CA GLN BA 118 10.84 41.40 -69.80
C GLN BA 118 10.98 40.29 -68.75
N PRO BA 119 12.18 39.72 -68.59
CA PRO BA 119 12.43 38.70 -67.56
C PRO BA 119 12.27 39.22 -66.13
N LEU BA 120 11.99 38.32 -65.19
CA LEU BA 120 11.84 38.69 -63.78
C LEU BA 120 12.70 37.84 -62.86
N GLY BA 121 13.69 38.46 -62.23
CA GLY BA 121 14.58 37.78 -61.29
C GLY BA 121 14.37 38.22 -59.85
N GLY BA 122 15.42 38.05 -59.05
CA GLY BA 122 15.46 38.57 -57.70
C GLY BA 122 16.91 38.69 -57.25
N VAL BA 123 17.16 39.57 -56.28
CA VAL BA 123 18.52 39.80 -55.78
C VAL BA 123 18.61 39.71 -54.27
N THR BA 124 19.74 39.20 -53.80
CA THR BA 124 19.99 39.04 -52.36
C THR BA 124 21.48 38.96 -52.08
N GLY BA 125 21.85 39.17 -50.82
CA GLY BA 125 23.22 39.03 -50.39
C GLY BA 125 23.98 40.34 -50.32
N SER BA 126 25.30 40.24 -50.30
CA SER BA 126 26.16 41.41 -50.21
C SER BA 126 26.11 42.20 -51.51
N ALA BA 127 26.49 43.48 -51.42
CA ALA BA 127 26.50 44.34 -52.60
C ALA BA 127 27.38 43.75 -53.69
N ALA BA 128 28.41 43.02 -53.28
CA ALA BA 128 29.31 42.37 -54.22
C ALA BA 128 28.60 41.25 -54.96
N ASP BA 129 27.83 40.45 -54.22
CA ASP BA 129 27.09 39.35 -54.80
C ASP BA 129 25.98 39.85 -55.71
N ILE BA 130 25.35 40.95 -55.32
CA ILE BA 130 24.24 41.52 -56.09
C ILE BA 130 24.76 42.10 -57.39
N ALA BA 131 25.97 42.66 -57.34
CA ALA BA 131 26.60 43.22 -58.53
C ALA BA 131 26.74 42.16 -59.60
N ILE BA 132 27.08 40.95 -59.18
CA ILE BA 132 27.23 39.82 -60.08
C ILE BA 132 25.87 39.38 -60.60
N GLN BA 133 24.88 39.38 -59.72
CA GLN BA 133 23.53 39.00 -60.10
C GLN BA 133 23.00 39.98 -61.15
N ALA BA 134 23.41 41.24 -61.04
CA ALA BA 134 22.98 42.26 -61.98
C ALA BA 134 23.67 42.08 -63.32
N GLU BA 135 24.92 41.63 -63.31
CA GLU BA 135 25.63 41.36 -64.54
C GLU BA 135 24.89 40.32 -65.36
N GLN BA 136 24.46 39.26 -64.70
CA GLN BA 136 23.77 38.16 -65.37
C GLN BA 136 22.42 38.58 -65.92
N PHE BA 137 21.72 39.42 -65.17
CA PHE BA 137 20.43 39.94 -65.62
C PHE BA 137 20.58 40.59 -66.99
N ALA BA 138 21.66 41.34 -67.17
CA ALA BA 138 21.94 42.01 -68.43
C ALA BA 138 22.24 41.00 -69.52
N VAL BA 139 22.94 39.93 -69.18
CA VAL BA 139 23.30 38.91 -70.14
C VAL BA 139 22.05 38.22 -70.66
N ILE BA 140 21.23 37.74 -69.74
CA ILE BA 140 20.00 37.05 -70.11
C ILE BA 140 19.07 37.96 -70.90
N LYS BA 141 18.84 39.17 -70.38
CA LYS BA 141 17.91 40.10 -70.99
C LYS BA 141 18.25 40.38 -72.46
N LYS BA 142 19.54 40.59 -72.73
CA LYS BA 142 19.99 40.84 -74.10
C LYS BA 142 19.75 39.62 -74.98
N GLU BA 143 20.08 38.45 -74.45
CA GLU BA 143 19.97 37.21 -75.22
C GLU BA 143 18.52 36.85 -75.50
N PHE BA 145 15.94 39.03 -75.70
CA PHE BA 145 15.44 39.99 -76.67
C PHE BA 145 16.01 39.70 -78.05
N ARG BA 146 17.24 39.22 -78.10
CA ARG BA 146 17.89 38.91 -79.37
C ARG BA 146 17.15 37.80 -80.11
N LEU BA 147 16.90 36.69 -79.41
CA LEU BA 147 16.25 35.54 -80.01
C LEU BA 147 14.78 35.82 -80.32
N ASN BA 148 14.12 36.54 -79.43
CA ASN BA 148 12.72 36.90 -79.66
C ASN BA 148 12.62 37.81 -80.88
N ALA BA 149 13.65 38.63 -81.08
CA ALA BA 149 13.71 39.50 -82.25
C ALA BA 149 13.93 38.69 -83.53
N GLU BA 150 14.73 37.64 -83.43
CA GLU BA 150 15.01 36.79 -84.58
C GLU BA 150 13.79 35.99 -84.96
N PHE BA 151 13.07 35.48 -83.96
CA PHE BA 151 11.87 34.69 -84.21
C PHE BA 151 10.78 35.55 -84.86
N THR BA 152 10.51 36.71 -84.27
CA THR BA 152 9.43 37.57 -84.73
C THR BA 152 9.82 38.38 -85.95
N GLY BA 153 11.12 38.63 -86.10
CA GLY BA 153 11.62 39.42 -87.22
C GLY BA 153 11.53 40.91 -86.97
N GLN BA 154 11.22 41.28 -85.73
CA GLN BA 154 11.16 42.69 -85.34
C GLN BA 154 12.54 43.19 -84.93
N PRO BA 155 12.74 44.51 -84.95
CA PRO BA 155 14.00 45.05 -84.45
C PRO BA 155 14.18 44.82 -82.95
N ILE BA 156 15.42 44.63 -82.52
CA ILE BA 156 15.71 44.44 -81.10
C ILE BA 156 15.23 45.63 -80.29
N GLU BA 157 15.28 46.81 -80.89
CA GLU BA 157 14.87 48.03 -80.22
C GLU BA 157 13.40 47.96 -79.85
N ARG BA 158 12.59 47.39 -80.74
CA ARG BA 158 11.15 47.32 -80.53
C ARG BA 158 10.78 46.22 -79.53
N ILE BA 159 11.52 45.12 -79.57
CA ILE BA 159 11.30 44.03 -78.62
C ILE BA 159 11.54 44.53 -77.21
N GLU BA 160 12.65 45.23 -77.02
CA GLU BA 160 13.02 45.74 -75.72
C GLU BA 160 11.96 46.72 -75.22
N ALA BA 161 11.46 47.55 -76.14
CA ALA BA 161 10.47 48.55 -75.80
C ALA BA 161 9.13 47.90 -75.44
N ASP BA 162 8.71 46.94 -76.25
CA ASP BA 162 7.44 46.26 -76.03
C ASP BA 162 7.49 45.35 -74.81
N SER BA 163 8.67 44.79 -74.54
CA SER BA 163 8.82 43.84 -73.44
C SER BA 163 8.95 44.53 -72.09
N ASP BA 164 9.10 45.85 -72.10
CA ASP BA 164 9.27 46.62 -70.87
C ASP BA 164 8.11 46.32 -69.92
N ARG BA 165 6.90 46.38 -70.45
CA ARG BA 165 5.69 46.02 -69.71
C ARG BA 165 5.00 44.88 -70.44
N ASP BA 166 4.11 44.18 -69.72
CA ASP BA 166 3.37 43.08 -70.30
C ASP BA 166 2.64 43.53 -71.55
N ARG BA 167 2.85 42.83 -72.66
CA ARG BA 167 2.12 43.11 -73.89
C ARG BA 167 1.42 41.85 -74.39
N TRP BA 168 0.10 41.91 -74.43
CA TRP BA 168 -0.71 40.77 -74.83
C TRP BA 168 -1.04 40.80 -76.32
N PHE BA 169 -1.02 39.62 -76.94
CA PHE BA 169 -1.39 39.46 -78.34
C PHE BA 169 -2.49 38.43 -78.49
N THR BA 170 -3.50 38.72 -79.30
CA THR BA 170 -4.47 37.72 -79.71
C THR BA 170 -3.82 36.86 -80.79
N ALA BA 171 -4.55 35.86 -81.27
CA ALA BA 171 -4.03 35.01 -82.33
C ALA BA 171 -3.70 35.85 -83.55
N ALA BA 172 -4.59 36.78 -83.88
CA ALA BA 172 -4.41 37.64 -85.03
C ALA BA 172 -3.24 38.60 -84.83
N GLU BA 173 -3.19 39.22 -83.65
CA GLU BA 173 -2.13 40.16 -83.32
C GLU BA 173 -0.78 39.46 -83.27
N ALA BA 174 -0.77 38.22 -82.79
CA ALA BA 174 0.46 37.44 -82.70
C ALA BA 174 0.92 37.04 -84.09
N LEU BA 175 -0.03 36.74 -84.96
CA LEU BA 175 0.25 36.40 -86.34
C LEU BA 175 0.95 37.53 -87.07
N GLU BA 176 0.46 38.75 -86.84
CA GLU BA 176 1.00 39.93 -87.48
C GLU BA 176 2.36 40.30 -86.90
N TYR BA 177 2.52 40.12 -85.59
CA TYR BA 177 3.75 40.51 -84.91
C TYR BA 177 4.89 39.53 -85.23
N GLY BA 178 4.53 38.33 -85.67
CA GLY BA 178 5.51 37.34 -86.10
C GLY BA 178 5.79 36.22 -85.12
N PHE BA 179 4.95 36.08 -84.09
CA PHE BA 179 5.09 34.99 -83.14
C PHE BA 179 4.73 33.66 -83.78
N VAL BA 180 3.62 33.63 -84.50
CA VAL BA 180 3.13 32.42 -85.14
C VAL BA 180 2.83 32.65 -86.62
N ASP BA 181 3.05 31.63 -87.43
CA ASP BA 181 2.85 31.73 -88.88
C ASP BA 181 1.41 31.54 -89.34
N HIS BA 182 0.66 30.67 -88.66
CA HIS BA 182 -0.69 30.33 -89.08
C HIS BA 182 -1.68 30.33 -87.92
N ILE BA 183 -2.96 30.52 -88.26
CA ILE BA 183 -4.05 30.32 -87.32
C ILE BA 183 -4.91 29.17 -87.85
N ILE BA 184 -5.43 28.36 -86.94
CA ILE BA 184 -6.09 27.11 -87.31
C ILE BA 184 -7.61 27.23 -87.32
N THR BA 185 -8.20 27.13 -88.51
CA THR BA 185 -9.65 27.06 -88.66
C THR BA 185 -10.06 25.78 -89.37
N THR CA 2 32.00 -24.26 -0.34
CA THR CA 2 33.30 -23.83 -0.83
C THR CA 2 33.39 -24.12 -2.33
N PRO CA 3 33.79 -23.13 -3.14
CA PRO CA 3 34.12 -21.77 -2.67
C PRO CA 3 32.85 -21.03 -2.22
N ALA CA 5 33.09 -20.25 1.36
CA ALA CA 5 32.75 -20.17 2.77
C ALA CA 5 32.42 -21.55 3.38
N PRO CA 6 33.47 -22.37 3.46
CA PRO CA 6 34.80 -22.06 2.93
C PRO CA 6 35.00 -22.62 1.53
N THR DA 2 20.62 -51.63 -2.37
CA THR DA 2 21.55 -51.64 -3.48
C THR DA 2 21.39 -53.01 -4.17
N PRO DA 3 21.24 -53.04 -5.51
CA PRO DA 3 21.23 -51.85 -6.37
C PRO DA 3 19.92 -51.07 -6.20
N ALA DA 5 20.71 -47.91 -4.70
CA ALA DA 5 20.65 -46.81 -3.74
C ALA DA 5 20.85 -47.27 -2.30
N PRO DA 6 22.11 -47.66 -2.01
CA PRO DA 6 23.18 -47.74 -2.99
C PRO DA 6 23.27 -49.14 -3.57
N THR EA 2 42.66 -10.50 24.42
CA THR EA 2 44.05 -10.19 24.72
C THR EA 2 44.60 -9.46 23.48
N PRO EA 3 45.24 -8.28 23.66
CA PRO EA 3 45.45 -7.64 24.96
C PRO EA 3 44.14 -7.10 25.53
N ALA EA 5 43.20 -9.01 28.43
CA ALA EA 5 42.37 -9.81 29.32
C ALA EA 5 41.83 -11.07 28.63
N PRO EA 6 42.75 -12.01 28.39
CA PRO EA 6 44.18 -11.84 28.64
C PRO EA 6 44.89 -11.34 27.41
N THR FA 2 44.37 -21.16 52.02
CA THR FA 2 45.60 -21.52 52.72
C THR FA 2 46.54 -20.32 52.57
N PRO FA 3 47.12 -19.80 53.68
CA PRO FA 3 46.94 -20.33 55.03
C PRO FA 3 45.53 -20.03 55.57
N ALA FA 5 43.62 -22.96 55.89
CA ALA FA 5 42.47 -23.85 55.71
C ALA FA 5 42.13 -24.07 54.23
N PRO FA 6 43.04 -24.81 53.56
CA PRO FA 6 44.29 -25.29 54.14
C PRO FA 6 45.43 -24.34 53.82
N THR GA 2 36.23 -47.78 62.64
CA THR GA 2 37.08 -48.88 63.08
C THR GA 2 38.08 -48.29 64.06
N PRO GA 3 38.23 -48.88 65.27
CA PRO GA 3 37.50 -50.09 65.68
C PRO GA 3 36.02 -49.77 65.93
N ALA GA 5 33.99 -51.37 63.44
CA ALA GA 5 32.99 -51.50 62.41
C ALA GA 5 33.24 -50.56 61.21
N PRO GA 6 34.31 -50.89 60.46
CA PRO GA 6 35.22 -51.98 60.78
C PRO GA 6 36.42 -51.47 61.57
N THR HA 2 23.95 -70.46 47.90
CA THR HA 2 24.57 -71.72 47.57
C THR HA 2 25.17 -72.28 48.86
N PRO HA 3 24.93 -73.55 49.20
CA PRO HA 3 24.09 -74.46 48.40
C PRO HA 3 22.62 -74.09 48.51
N ALA HA 5 21.48 -72.92 45.35
CA ALA HA 5 20.87 -72.03 44.38
C ALA HA 5 21.53 -70.65 44.33
N PRO HA 6 22.77 -70.63 43.82
CA PRO HA 6 23.51 -71.84 43.44
C PRO HA 6 24.38 -72.33 44.58
N THR IA 2 17.09 -72.21 18.98
CA THR IA 2 17.74 -73.01 17.97
C THR IA 2 17.81 -74.44 18.51
N PRO IA 3 17.36 -75.46 17.75
CA PRO IA 3 16.85 -75.29 16.39
C PRO IA 3 15.46 -74.63 16.43
N ALA IA 5 15.64 -71.37 14.96
CA ALA IA 5 15.50 -69.93 14.84
C ALA IA 5 16.15 -69.17 15.99
N PRO IA 6 17.49 -69.20 15.97
CA PRO IA 6 18.27 -69.98 15.01
C PRO IA 6 18.64 -71.33 15.58
N THR JA 2 -11.05 77.32 -40.62
CA THR JA 2 -11.89 78.47 -40.35
C THR JA 2 -11.29 79.65 -41.12
N PRO JA 3 -12.10 80.40 -41.89
CA PRO JA 3 -13.54 80.18 -42.02
C PRO JA 3 -13.82 78.96 -42.92
N ALA JA 5 -15.27 76.42 -40.83
CA ALA JA 5 -15.46 75.11 -40.19
C ALA JA 5 -14.20 74.65 -39.42
N PRO JA 6 -13.97 75.35 -38.30
CA PRO JA 6 -14.75 76.52 -37.89
C PRO JA 6 -14.10 77.80 -38.35
N THR KA 2 -32.02 64.53 -23.79
CA THR KA 2 -32.92 65.16 -22.85
C THR KA 2 -33.60 66.30 -23.61
N PRO KA 3 -34.94 66.41 -23.56
CA PRO KA 3 -35.80 65.50 -22.80
C PRO KA 3 -35.88 64.13 -23.49
N ALA KA 5 -34.31 61.69 -21.45
CA ALA KA 5 -33.42 60.59 -21.10
C ALA KA 5 -31.94 60.94 -21.35
N PRO KA 6 -31.45 61.87 -20.52
CA PRO KA 6 -32.26 62.59 -19.53
C PRO KA 6 -32.75 63.92 -20.08
N THR LA 2 -28.47 46.50 -0.25
CA THR LA 2 -28.73 46.80 1.15
C THR LA 2 -30.16 47.35 1.23
N PRO LA 3 -31.01 46.82 2.11
CA PRO LA 3 -30.66 45.74 3.04
C PRO LA 3 -30.52 44.41 2.31
N ALA LA 5 -27.11 43.38 2.38
CA ALA LA 5 -25.83 42.92 1.86
C ALA LA 5 -25.24 43.89 0.83
N PRO LA 6 -24.82 45.06 1.33
CA PRO LA 6 -24.99 45.48 2.71
C PRO LA 6 -26.27 46.30 2.88
N THR MA 2 -3.38 36.97 12.27
CA THR MA 2 -2.89 37.41 13.56
C THR MA 2 -3.99 37.16 14.59
N PRO MA 3 -3.68 36.51 15.72
CA PRO MA 3 -2.33 36.02 16.04
C PRO MA 3 -1.99 34.81 15.17
N ALA MA 5 0.73 35.65 13.00
CA ALA MA 5 1.49 35.78 11.76
C ALA MA 5 0.80 36.67 10.73
N PRO MA 6 0.69 37.96 11.09
CA PRO MA 6 1.10 38.50 12.38
C PRO MA 6 -0.06 38.57 13.36
N THR NA 2 24.87 42.80 4.59
CA THR NA 2 25.78 43.67 5.31
C THR NA 2 25.88 43.15 6.75
N PRO NA 3 27.12 42.92 7.26
CA PRO NA 3 28.36 43.14 6.50
C PRO NA 3 28.50 42.07 5.40
N ALA NA 5 28.48 43.62 2.15
CA ALA NA 5 28.10 43.92 0.78
C ALA NA 5 26.58 44.09 0.64
N PRO NA 6 26.10 45.22 1.20
CA PRO NA 6 26.93 46.15 1.98
C PRO NA 6 26.82 45.87 3.47
N THR OA 2 34.63 60.03 -18.01
CA THR OA 2 35.31 61.32 -17.91
C THR OA 2 36.46 61.14 -16.93
N PRO OA 3 37.69 61.55 -17.28
CA PRO OA 3 38.00 62.19 -18.57
C PRO OA 3 37.95 61.17 -19.71
N ALA OA 5 35.19 61.94 -21.86
CA ALA OA 5 33.98 61.73 -22.63
C ALA OA 5 32.84 61.15 -21.77
N PRO OA 6 32.31 62.04 -20.91
CA PRO OA 6 32.83 63.38 -20.71
C PRO OA 6 33.83 63.42 -19.56
N THR PA 2 19.13 75.42 -38.11
CA THR PA 2 18.97 76.86 -38.18
C THR PA 2 20.37 77.48 -38.22
N PRO PA 3 20.65 78.37 -39.21
CA PRO PA 3 19.70 78.78 -40.25
C PRO PA 3 19.37 77.62 -41.21
N ALA PA 5 15.89 76.57 -40.92
CA ALA PA 5 14.73 75.70 -40.77
C ALA PA 5 14.80 74.83 -39.51
N PRO PA 6 14.69 75.52 -38.36
CA PRO PA 6 14.61 76.98 -38.29
C PRO PA 6 15.97 77.62 -38.08
#